data_6MGK
#
_entry.id   6MGK
#
_cell.length_a   239.263
_cell.length_b   212.471
_cell.length_c   91.647
_cell.angle_alpha   90.00
_cell.angle_beta   105.50
_cell.angle_gamma   90.00
#
_symmetry.space_group_name_H-M   'C 1 2 1'
#
loop_
_entity.id
_entity.type
_entity.pdbx_description
1 polymer Xyloglucanase
2 branched beta-D-galactopyranose-(1-2)-alpha-D-xylopyranose-(1-6)-beta-D-glucopyranose-(1-4)-[alpha-D-xylopyranose-(1-6)]beta-D-glucopyranose
3 branched alpha-D-xylopyranose-(1-6)-beta-D-glucopyranose-(1-4)-[beta-D-galactopyranose-(1-2)-alpha-D-xylopyranose-(1-6)]beta-D-glucopyranose-(1-4)-[alpha-D-xylopyranose-(1-6)]beta-D-glucopyranose
4 non-polymer GLYCEROL
5 non-polymer 3,6,9,12,15,18,21,24,27,30,33,36,39-TRIDECAOXAHENTETRACONTANE-1,41-DIOL
6 non-polymer 'CHLORIDE ION'
7 water water
#
_entity_poly.entity_id   1
_entity_poly.type   'polypeptide(L)'
_entity_poly.pdbx_seq_one_letter_code
;G(MSE)SEPYTWKSVVTGAGGGFVPGIIFNQTEPNLIYARTDIGGAYRWNQATSSWVSISDSVGWVDWNKNGVDALATDP
IDPNKVY(MSE)ATGTYTNHWDNNGQI(MSE)RSNDRGNTWQTTPLPFKVGGN(MSE)PGRSAGERLVIDPNKNNILYFG
ARSGNGLWKSIDSGVTWSKVTSFPNVGTYIQNPTLDYGNDLVGLSWITFDKSTGTLGNATQTIYVGVADTASSVYRSTDG
GVTWTALAGQPTGFLPHHGELSSTGDLYITYSNGVGPYDGSKGEVWKYNKTSGAWTNISPTTGTDNWYGFGGLALDAQHP
NTL(MSE)VSSLNAWWPDEVIFRSTNGGATWSRIWDWGNYPERTYKFS(MSE)DITAAPWLDHGTTSTSLDPSPKLGW
(MSE)(MSE)GDLEIDPFNSNR(MSE)(MSE)YGTGATIYGSNNLTSWDTGGKVNISV(MSE)AKGVEETAVLGLISPPT
GTSHLITALGDVSGFRHEDLSVAPTKFQTSPSWATT(MSE)SIDYAELSPSY(MSE)VRVGSADKEKTPS(MSE)KSIGI
SNDGGVNWY(MSE)PNSEPSNGTKTTVGHGQVAVSASGNSILWSTSDIGVYYSKTSGNSWTASAGLPAGAKIASDRVNPN
KYYGFYAGTFYVSVDGGATFTATGASGFPTNNVAGLQPNEAQIS(MSE)KAVPGIEGDIWFAGGNTVENKYGLWHSTNSG
ASFTKLTNVEEADLIGYGKAAPGQTY(MSE)SLYTVAKIDGVRGVFRSDDVGATWVRINDDAHQYAKIN(MSE)AITGDP
RIYGRVYLGTNGRGTLYADPV
;
_entity_poly.pdbx_strand_id   A,B,C,D
#
# COMPACT_ATOMS: atom_id res chain seq x y z
N GLY A 1 -26.95 61.99 3.90
CA GLY A 1 -26.51 60.65 3.62
C GLY A 1 -25.36 60.21 4.51
N SER A 3 -23.34 57.12 7.13
CA SER A 3 -22.96 55.71 7.25
C SER A 3 -22.14 55.53 8.51
N GLU A 4 -22.22 54.33 9.09
CA GLU A 4 -21.50 53.98 10.30
C GLU A 4 -20.75 52.68 10.04
N PRO A 5 -19.45 52.62 10.37
CA PRO A 5 -18.67 51.42 10.06
C PRO A 5 -19.09 50.24 10.93
N TYR A 6 -19.37 49.11 10.28
CA TYR A 6 -19.80 47.88 10.93
C TYR A 6 -18.85 46.74 10.58
N THR A 7 -18.83 45.74 11.45
CA THR A 7 -18.13 44.49 11.19
C THR A 7 -19.15 43.43 10.77
N TRP A 8 -19.04 42.93 9.55
CA TRP A 8 -19.99 41.98 9.02
C TRP A 8 -19.39 40.57 9.03
N LYS A 9 -20.09 39.63 9.64
CA LYS A 9 -19.63 38.27 9.80
C LYS A 9 -20.74 37.29 9.43
N SER A 10 -20.34 36.11 9.00
CA SER A 10 -21.30 35.05 8.67
C SER A 10 -21.72 34.31 9.93
N VAL A 11 -23.02 34.03 10.02
CA VAL A 11 -23.48 33.01 10.95
C VAL A 11 -23.03 31.66 10.43
N VAL A 12 -22.23 30.95 11.23
CA VAL A 12 -21.48 29.81 10.73
C VAL A 12 -22.38 28.59 10.67
N THR A 13 -22.43 27.94 9.50
CA THR A 13 -23.04 26.61 9.38
C THR A 13 -22.03 25.51 9.16
N GLY A 14 -20.78 25.84 8.83
CA GLY A 14 -19.74 24.84 8.67
C GLY A 14 -19.74 24.17 7.31
N ALA A 15 -20.93 23.83 6.80
CA ALA A 15 -21.03 23.11 5.53
C ALA A 15 -21.34 24.00 4.34
N GLY A 16 -21.87 25.19 4.56
CA GLY A 16 -22.34 26.02 3.47
C GLY A 16 -23.82 25.84 3.20
N GLY A 17 -24.26 24.59 3.06
CA GLY A 17 -25.66 24.29 2.94
C GLY A 17 -26.25 24.41 1.55
N GLY A 18 -25.44 24.63 0.53
CA GLY A 18 -25.94 24.78 -0.82
C GLY A 18 -25.22 23.94 -1.85
N PHE A 19 -25.59 24.11 -3.12
CA PHE A 19 -25.03 23.34 -4.22
C PHE A 19 -23.77 24.02 -4.75
N VAL A 20 -22.68 23.26 -4.87
CA VAL A 20 -21.46 23.78 -5.46
C VAL A 20 -21.22 23.06 -6.78
N PRO A 21 -21.70 23.59 -7.91
CA PRO A 21 -21.57 22.88 -9.19
C PRO A 21 -20.17 22.92 -9.79
N GLY A 22 -19.29 23.81 -9.31
CA GLY A 22 -17.97 23.92 -9.91
C GLY A 22 -16.85 24.23 -8.94
N ILE A 23 -15.77 23.47 -9.05
CA ILE A 23 -14.51 23.75 -8.35
C ILE A 23 -13.41 23.77 -9.39
N ILE A 24 -12.62 24.84 -9.40
CA ILE A 24 -11.72 25.15 -10.49
C ILE A 24 -10.32 25.35 -9.93
N PHE A 25 -9.41 24.43 -10.25
CA PHE A 25 -8.01 24.55 -9.86
C PHE A 25 -7.23 25.29 -10.94
N ASN A 26 -6.37 26.21 -10.52
CA ASN A 26 -5.43 26.81 -11.45
C ASN A 26 -4.38 25.78 -11.86
N GLN A 27 -4.03 25.78 -13.14
CA GLN A 27 -3.13 24.78 -13.69
C GLN A 27 -1.66 25.13 -13.51
N THR A 28 -1.35 26.30 -12.95
CA THR A 28 0.04 26.77 -12.86
C THR A 28 0.47 27.03 -11.43
N GLU A 29 -0.33 27.75 -10.65
CA GLU A 29 0.06 28.09 -9.29
C GLU A 29 -0.55 27.11 -8.32
N PRO A 30 0.27 26.38 -7.55
CA PRO A 30 -0.29 25.43 -6.58
C PRO A 30 -1.13 26.15 -5.52
N ASN A 31 -2.21 25.48 -5.10
CA ASN A 31 -3.12 25.92 -4.05
C ASN A 31 -3.97 27.13 -4.44
N LEU A 32 -4.01 27.49 -5.72
CA LEU A 32 -4.94 28.50 -6.20
C LEU A 32 -6.21 27.80 -6.67
N ILE A 33 -7.29 27.92 -5.89
CA ILE A 33 -8.53 27.22 -6.16
C ILE A 33 -9.69 28.20 -6.05
N TYR A 34 -10.67 28.05 -6.94
CA TYR A 34 -11.91 28.82 -6.89
C TYR A 34 -13.09 27.87 -6.84
N ALA A 35 -14.18 28.33 -6.22
CA ALA A 35 -15.44 27.60 -6.19
C ALA A 35 -16.56 28.53 -6.64
N ARG A 36 -17.45 28.02 -7.48
CA ARG A 36 -18.59 28.79 -7.98
C ARG A 36 -19.89 28.11 -7.55
N THR A 37 -20.88 28.93 -7.21
CA THR A 37 -22.17 28.48 -6.74
C THR A 37 -23.26 28.96 -7.71
N ASP A 38 -24.47 28.44 -7.52
CA ASP A 38 -25.55 28.79 -8.43
C ASP A 38 -26.30 30.05 -8.03
N ILE A 39 -26.30 30.45 -6.76
CA ILE A 39 -27.03 31.62 -6.33
C ILE A 39 -26.23 32.46 -5.34
N GLY A 40 -25.03 32.03 -5.01
CA GLY A 40 -24.27 32.70 -3.96
C GLY A 40 -22.89 33.18 -4.35
N GLY A 41 -22.69 33.48 -5.64
CA GLY A 41 -21.40 34.01 -6.05
C GLY A 41 -20.33 32.95 -6.08
N ALA A 42 -19.08 33.39 -5.89
CA ALA A 42 -17.92 32.52 -5.98
C ALA A 42 -16.99 32.76 -4.80
N TYR A 43 -16.04 31.85 -4.63
CA TYR A 43 -15.08 31.90 -3.53
C TYR A 43 -13.68 31.62 -4.06
N ARG A 44 -12.68 32.10 -3.32
CA ARG A 44 -11.29 31.75 -3.55
C ARG A 44 -10.73 31.06 -2.31
N TRP A 45 -9.93 30.03 -2.54
CA TRP A 45 -9.36 29.22 -1.46
C TRP A 45 -8.21 29.95 -0.78
N ASN A 46 -8.13 29.81 0.53
CA ASN A 46 -7.01 30.33 1.32
C ASN A 46 -6.28 29.15 1.95
N GLN A 47 -5.11 28.83 1.41
CA GLN A 47 -4.38 27.65 1.85
C GLN A 47 -3.89 27.77 3.29
N ALA A 48 -3.56 28.99 3.74
CA ALA A 48 -3.01 29.17 5.08
C ALA A 48 -4.02 28.91 6.18
N THR A 49 -5.32 28.95 5.87
CA THR A 49 -6.35 28.72 6.89
C THR A 49 -7.33 27.63 6.48
N SER A 50 -7.11 26.96 5.35
CA SER A 50 -8.02 25.93 4.85
C SER A 50 -9.46 26.41 4.85
N SER A 51 -9.68 27.58 4.25
CA SER A 51 -10.99 28.18 4.23
C SER A 51 -11.20 28.92 2.91
N TRP A 52 -12.46 29.22 2.62
CA TRP A 52 -12.84 29.92 1.40
C TRP A 52 -13.15 31.37 1.72
N VAL A 53 -12.78 32.25 0.79
CA VAL A 53 -13.05 33.68 0.91
C VAL A 53 -13.95 34.08 -0.24
N SER A 54 -15.07 34.74 0.08
CA SER A 54 -16.00 35.16 -0.95
C SER A 54 -15.41 36.27 -1.79
N ILE A 55 -15.53 36.16 -3.11
CA ILE A 55 -15.08 37.20 -4.02
C ILE A 55 -16.29 37.83 -4.70
N SER A 56 -17.45 37.76 -4.04
CA SER A 56 -18.69 38.21 -4.64
C SER A 56 -19.55 39.12 -3.76
N ASP A 57 -19.07 39.50 -2.57
CA ASP A 57 -19.94 40.22 -1.66
C ASP A 57 -20.16 41.68 -2.05
N SER A 58 -19.43 42.19 -3.05
CA SER A 58 -19.73 43.50 -3.59
C SER A 58 -20.92 43.50 -4.54
N VAL A 59 -21.36 42.32 -4.98
CA VAL A 59 -22.59 42.24 -5.78
C VAL A 59 -23.74 42.77 -4.96
N GLY A 60 -24.51 43.68 -5.55
CA GLY A 60 -25.55 44.38 -4.81
C GLY A 60 -26.96 44.18 -5.32
N TRP A 61 -27.82 45.17 -5.04
CA TRP A 61 -29.25 45.04 -5.26
C TRP A 61 -29.60 45.00 -6.74
N VAL A 62 -29.09 45.96 -7.51
CA VAL A 62 -29.48 46.07 -8.92
C VAL A 62 -28.83 44.97 -9.75
N ASP A 63 -27.55 44.69 -9.49
CA ASP A 63 -26.80 43.68 -10.24
C ASP A 63 -26.81 42.32 -9.54
N TRP A 64 -27.90 42.01 -8.84
CA TRP A 64 -27.99 40.79 -8.04
C TRP A 64 -27.71 39.53 -8.83
N ASN A 65 -27.99 39.54 -10.14
CA ASN A 65 -27.90 38.29 -10.89
C ASN A 65 -26.46 37.86 -11.12
N LYS A 66 -25.48 38.68 -10.72
CA LYS A 66 -24.08 38.31 -10.83
C LYS A 66 -23.71 37.18 -9.89
N ASN A 67 -24.53 36.89 -8.88
CA ASN A 67 -24.22 35.81 -7.96
C ASN A 67 -24.61 34.44 -8.50
N GLY A 68 -25.23 34.39 -9.67
CA GLY A 68 -25.38 33.15 -10.39
C GLY A 68 -24.17 32.93 -11.26
N VAL A 69 -23.25 32.07 -10.82
CA VAL A 69 -21.96 31.92 -11.50
C VAL A 69 -21.98 30.65 -12.34
N ASP A 70 -22.32 30.80 -13.62
CA ASP A 70 -22.44 29.67 -14.53
C ASP A 70 -21.09 29.11 -14.95
N ALA A 71 -20.02 29.91 -14.90
CA ALA A 71 -18.72 29.46 -15.35
C ALA A 71 -17.64 30.35 -14.75
N LEU A 72 -16.45 29.78 -14.57
CA LEU A 72 -15.32 30.50 -14.01
C LEU A 72 -14.05 29.95 -14.64
N ALA A 73 -13.11 30.84 -14.96
CA ALA A 73 -11.83 30.47 -15.54
C ALA A 73 -10.71 31.21 -14.82
N THR A 74 -9.66 30.50 -14.45
CA THR A 74 -8.49 31.08 -13.79
C THR A 74 -7.29 30.97 -14.72
N ASP A 75 -6.53 32.06 -14.83
CA ASP A 75 -5.56 32.24 -15.90
C ASP A 75 -4.28 31.47 -15.59
N PRO A 76 -3.87 30.51 -16.43
CA PRO A 76 -2.64 29.75 -16.15
C PRO A 76 -1.36 30.51 -16.47
N ILE A 77 -1.42 31.55 -17.29
CA ILE A 77 -0.23 32.33 -17.62
C ILE A 77 -0.02 33.46 -16.61
N ASP A 78 -1.08 34.16 -16.22
CA ASP A 78 -1.06 35.15 -15.15
C ASP A 78 -2.09 34.73 -14.11
N PRO A 79 -1.69 33.99 -13.07
CA PRO A 79 -2.66 33.48 -12.10
C PRO A 79 -3.38 34.57 -11.31
N ASN A 80 -3.01 35.84 -11.46
CA ASN A 80 -3.76 36.90 -10.80
C ASN A 80 -5.10 37.17 -11.46
N LYS A 81 -5.30 36.67 -12.68
CA LYS A 81 -6.48 36.97 -13.47
C LYS A 81 -7.50 35.85 -13.36
N VAL A 82 -8.77 36.22 -13.19
CA VAL A 82 -9.87 35.27 -13.12
C VAL A 82 -11.08 35.91 -13.78
N TYR A 83 -11.92 35.06 -14.38
CA TYR A 83 -13.09 35.52 -15.12
C TYR A 83 -14.30 34.69 -14.72
N ALA A 85 -18.59 33.98 -15.95
CA ALA A 85 -19.80 34.20 -16.72
C ALA A 85 -20.97 34.13 -15.74
N THR A 86 -21.62 35.27 -15.52
CA THR A 86 -22.63 35.36 -14.47
C THR A 86 -23.96 35.85 -15.02
N GLY A 87 -24.99 35.65 -14.22
CA GLY A 87 -26.38 35.70 -14.64
C GLY A 87 -27.05 34.46 -14.08
N THR A 88 -28.29 34.57 -13.63
CA THR A 88 -28.91 33.50 -12.85
C THR A 88 -29.91 32.67 -13.64
N TYR A 89 -30.83 33.31 -14.38
CA TYR A 89 -31.84 32.58 -15.12
C TYR A 89 -31.87 33.03 -16.56
N THR A 90 -32.24 32.10 -17.44
CA THR A 90 -32.42 32.38 -18.86
C THR A 90 -33.88 32.51 -19.25
N ASN A 91 -34.81 32.33 -18.32
CA ASN A 91 -36.23 32.53 -18.58
C ASN A 91 -36.61 33.95 -18.17
N HIS A 92 -37.90 34.22 -18.04
CA HIS A 92 -38.36 35.58 -17.76
C HIS A 92 -38.04 36.04 -16.34
N TRP A 93 -37.38 35.23 -15.52
CA TRP A 93 -37.06 35.60 -14.15
C TRP A 93 -35.85 36.51 -14.04
N ASP A 94 -35.12 36.74 -15.14
CA ASP A 94 -33.84 37.44 -15.06
C ASP A 94 -33.65 38.26 -16.32
N ASN A 95 -32.67 39.16 -16.28
CA ASN A 95 -32.23 39.92 -17.43
C ASN A 95 -30.94 39.32 -17.98
N ASN A 96 -30.33 40.00 -18.94
CA ASN A 96 -29.12 39.48 -19.59
C ASN A 96 -28.00 39.30 -18.58
N GLY A 97 -27.08 38.40 -18.90
CA GLY A 97 -25.91 38.14 -18.09
C GLY A 97 -24.72 39.00 -18.48
N GLN A 98 -23.55 38.59 -18.02
CA GLN A 98 -22.34 39.35 -18.27
C GLN A 98 -21.12 38.46 -18.07
N ILE A 99 -19.99 38.91 -18.60
CA ILE A 99 -18.68 38.33 -18.31
C ILE A 99 -17.95 39.29 -17.39
N ARG A 101 -14.43 40.23 -15.10
CA ARG A 101 -13.00 40.03 -15.17
C ARG A 101 -12.31 40.70 -14.00
N SER A 102 -11.22 40.08 -13.54
CA SER A 102 -10.48 40.56 -12.38
C SER A 102 -8.99 40.35 -12.59
N ASN A 103 -8.20 41.33 -12.15
CA ASN A 103 -6.74 41.25 -12.20
C ASN A 103 -6.13 40.97 -10.84
N ASP A 104 -6.96 40.76 -9.82
CA ASP A 104 -6.49 40.60 -8.44
C ASP A 104 -7.19 39.44 -7.76
N ARG A 105 -7.40 38.35 -8.51
CA ARG A 105 -7.91 37.09 -7.97
C ARG A 105 -9.30 37.25 -7.36
N GLY A 106 -10.06 38.22 -7.85
CA GLY A 106 -11.43 38.42 -7.41
C GLY A 106 -11.63 39.49 -6.36
N ASN A 107 -10.57 40.22 -6.00
CA ASN A 107 -10.74 41.31 -5.03
C ASN A 107 -11.56 42.44 -5.62
N THR A 108 -11.29 42.82 -6.87
CA THR A 108 -12.10 43.79 -7.59
C THR A 108 -12.47 43.23 -8.95
N TRP A 109 -13.54 43.76 -9.53
CA TRP A 109 -14.09 43.24 -10.77
C TRP A 109 -14.42 44.37 -11.73
N GLN A 110 -14.31 44.06 -13.02
CA GLN A 110 -14.93 44.83 -14.08
C GLN A 110 -15.88 43.91 -14.83
N THR A 111 -16.91 44.51 -15.44
CA THR A 111 -17.98 43.72 -16.03
C THR A 111 -18.24 44.15 -17.46
N THR A 112 -18.56 43.17 -18.31
CA THR A 112 -18.95 43.42 -19.70
C THR A 112 -20.32 42.81 -19.93
N PRO A 113 -21.36 43.60 -20.16
CA PRO A 113 -22.69 43.02 -20.40
C PRO A 113 -22.71 42.21 -21.68
N LEU A 114 -23.43 41.09 -21.63
CA LEU A 114 -23.70 40.20 -22.74
C LEU A 114 -25.08 40.47 -23.32
N PRO A 115 -25.28 40.27 -24.62
CA PRO A 115 -26.59 40.54 -25.22
C PRO A 115 -27.57 39.38 -25.07
N PHE A 116 -27.36 38.54 -24.07
CA PHE A 116 -28.25 37.40 -23.82
C PHE A 116 -28.11 36.99 -22.36
N LYS A 117 -28.90 36.01 -21.96
CA LYS A 117 -28.99 35.62 -20.56
C LYS A 117 -28.01 34.49 -20.23
N VAL A 118 -27.51 34.53 -19.01
CA VAL A 118 -26.63 33.49 -18.46
C VAL A 118 -27.41 32.75 -17.38
N GLY A 119 -27.16 31.45 -17.25
CA GLY A 119 -28.00 30.62 -16.40
C GLY A 119 -27.33 29.93 -15.24
N GLY A 120 -26.77 30.73 -14.31
CA GLY A 120 -26.10 30.16 -13.15
C GLY A 120 -26.96 29.26 -12.29
N ASN A 121 -28.28 29.41 -12.35
CA ASN A 121 -29.20 28.57 -11.60
C ASN A 121 -30.17 27.83 -12.51
N PRO A 123 -30.75 24.39 -15.38
CA PRO A 123 -30.27 23.01 -15.57
C PRO A 123 -28.92 22.96 -16.27
N GLY A 124 -28.16 21.91 -15.97
CA GLY A 124 -26.86 21.71 -16.55
C GLY A 124 -25.75 22.57 -16.02
N ARG A 125 -25.95 23.21 -14.86
CA ARG A 125 -24.97 24.18 -14.38
C ARG A 125 -23.70 23.52 -13.83
N SER A 126 -23.72 22.23 -13.56
CA SER A 126 -22.49 21.54 -13.16
C SER A 126 -21.71 20.99 -14.34
N ALA A 127 -22.29 20.99 -15.54
CA ALA A 127 -21.50 20.75 -16.74
C ALA A 127 -20.56 21.92 -16.97
N GLY A 128 -19.36 21.63 -17.43
CA GLY A 128 -18.39 22.68 -17.69
C GLY A 128 -16.97 22.12 -17.71
N GLU A 129 -16.02 23.05 -17.70
CA GLU A 129 -16.29 24.48 -17.65
C GLU A 129 -16.62 25.05 -19.01
N ARG A 130 -17.54 26.02 -19.04
CA ARG A 130 -17.99 26.64 -20.27
C ARG A 130 -17.33 27.99 -20.52
N LEU A 131 -16.34 28.35 -19.71
CA LEU A 131 -15.53 29.54 -19.90
C LEU A 131 -14.07 29.13 -19.70
N VAL A 132 -13.23 29.36 -20.72
CA VAL A 132 -11.85 28.89 -20.69
C VAL A 132 -10.93 29.93 -21.30
N ILE A 133 -9.68 29.94 -20.82
CA ILE A 133 -8.63 30.83 -21.29
C ILE A 133 -7.63 30.00 -22.09
N ASP A 134 -7.21 30.52 -23.24
CA ASP A 134 -6.19 29.85 -24.05
C ASP A 134 -4.90 29.75 -23.23
N PRO A 135 -4.41 28.55 -22.93
CA PRO A 135 -3.25 28.41 -22.04
C PRO A 135 -1.93 28.80 -22.69
N ASN A 136 -1.90 29.07 -23.99
CA ASN A 136 -0.72 29.58 -24.65
C ASN A 136 -0.83 31.05 -25.03
N LYS A 137 -2.04 31.63 -24.97
CA LYS A 137 -2.30 32.98 -25.45
C LYS A 137 -3.48 33.52 -24.63
N ASN A 138 -3.16 34.05 -23.44
CA ASN A 138 -4.19 34.26 -22.43
C ASN A 138 -5.07 35.47 -22.67
N ASN A 139 -4.87 36.22 -23.75
CA ASN A 139 -5.86 37.23 -24.13
C ASN A 139 -7.05 36.61 -24.85
N ILE A 140 -7.01 35.31 -25.13
CA ILE A 140 -8.07 34.61 -25.84
C ILE A 140 -8.89 33.82 -24.85
N LEU A 141 -10.22 33.98 -24.91
CA LEU A 141 -11.15 33.21 -24.10
C LEU A 141 -12.31 32.76 -24.97
N TYR A 142 -12.90 31.62 -24.61
CA TYR A 142 -14.10 31.11 -25.26
C TYR A 142 -15.18 30.88 -24.21
N PHE A 143 -16.43 31.16 -24.58
CA PHE A 143 -17.58 30.96 -23.72
C PHE A 143 -18.65 30.19 -24.47
N GLY A 144 -19.12 29.09 -23.88
CA GLY A 144 -20.20 28.31 -24.46
C GLY A 144 -21.53 28.66 -23.82
N ALA A 145 -22.44 29.24 -24.60
CA ALA A 145 -23.63 29.90 -24.09
C ALA A 145 -24.84 28.97 -24.11
N ARG A 146 -25.92 29.45 -23.49
CA ARG A 146 -27.18 28.73 -23.39
C ARG A 146 -28.17 29.22 -24.43
N SER A 147 -29.31 28.53 -24.49
CA SER A 147 -30.53 28.96 -25.18
C SER A 147 -30.39 29.06 -26.69
N GLY A 148 -29.32 28.52 -27.27
CA GLY A 148 -29.08 28.64 -28.70
C GLY A 148 -28.16 29.78 -29.09
N ASN A 149 -27.60 30.50 -28.13
CA ASN A 149 -26.68 31.58 -28.44
C ASN A 149 -25.29 31.07 -28.85
N GLY A 150 -25.01 29.79 -28.65
CA GLY A 150 -23.86 29.17 -29.30
C GLY A 150 -22.53 29.48 -28.62
N LEU A 151 -21.51 29.58 -29.45
CA LEU A 151 -20.13 29.76 -29.00
C LEU A 151 -19.70 31.21 -29.18
N TRP A 152 -19.12 31.79 -28.14
CA TRP A 152 -18.64 33.16 -28.16
C TRP A 152 -17.17 33.18 -27.76
N LYS A 153 -16.46 34.21 -28.21
CA LYS A 153 -15.03 34.30 -27.95
C LYS A 153 -14.61 35.74 -27.72
N SER A 154 -13.46 35.89 -27.05
CA SER A 154 -12.81 37.16 -26.80
C SER A 154 -11.35 37.03 -27.15
N ILE A 155 -10.77 38.10 -27.73
CA ILE A 155 -9.35 38.16 -28.00
C ILE A 155 -8.70 39.36 -27.35
N ASP A 156 -9.41 40.05 -26.47
CA ASP A 156 -8.87 41.19 -25.74
C ASP A 156 -9.04 40.98 -24.23
N SER A 157 -8.75 39.76 -23.77
CA SER A 157 -8.79 39.43 -22.34
C SER A 157 -10.17 39.69 -21.73
N GLY A 158 -11.22 39.29 -22.47
CA GLY A 158 -12.58 39.30 -21.94
C GLY A 158 -13.28 40.64 -21.95
N VAL A 159 -12.67 41.69 -22.50
CA VAL A 159 -13.32 43.00 -22.48
C VAL A 159 -14.48 43.03 -23.47
N THR A 160 -14.30 42.46 -24.65
CA THR A 160 -15.35 42.39 -25.66
C THR A 160 -15.51 40.97 -26.14
N TRP A 161 -16.71 40.63 -26.59
CA TRP A 161 -17.06 39.27 -26.95
C TRP A 161 -17.80 39.24 -28.28
N SER A 162 -17.51 38.23 -29.09
CA SER A 162 -18.08 38.08 -30.41
C SER A 162 -18.55 36.64 -30.61
N LYS A 163 -19.61 36.48 -31.41
CA LYS A 163 -20.16 35.17 -31.70
C LYS A 163 -19.28 34.44 -32.70
N VAL A 164 -19.00 33.17 -32.41
CA VAL A 164 -18.29 32.30 -33.35
C VAL A 164 -19.36 31.71 -34.26
N THR A 165 -19.69 32.44 -35.34
CA THR A 165 -20.80 32.06 -36.20
C THR A 165 -20.53 30.77 -36.97
N SER A 166 -19.28 30.33 -37.03
CA SER A 166 -18.95 29.09 -37.74
C SER A 166 -19.17 27.84 -36.89
N PHE A 167 -19.54 27.99 -35.62
CA PHE A 167 -19.81 26.81 -34.80
C PHE A 167 -21.14 26.19 -35.23
N PRO A 168 -21.18 24.90 -35.53
CA PRO A 168 -22.33 24.33 -36.24
C PRO A 168 -23.50 23.84 -35.40
N ASN A 169 -23.38 23.76 -34.08
CA ASN A 169 -24.43 23.14 -33.26
C ASN A 169 -24.58 23.94 -31.97
N VAL A 170 -25.72 24.65 -31.83
CA VAL A 170 -25.97 25.44 -30.63
C VAL A 170 -26.70 24.64 -29.55
N GLY A 171 -27.02 23.39 -29.81
CA GLY A 171 -27.71 22.55 -28.87
C GLY A 171 -29.10 22.17 -29.36
N THR A 172 -29.55 20.98 -28.96
CA THR A 172 -30.92 20.54 -29.22
C THR A 172 -31.67 20.10 -27.98
N TYR A 173 -30.98 19.73 -26.89
CA TYR A 173 -31.66 19.19 -25.72
C TYR A 173 -32.33 20.29 -24.90
N ILE A 174 -33.55 20.01 -24.47
CA ILE A 174 -34.32 20.86 -23.58
C ILE A 174 -34.82 20.02 -22.42
N GLN A 175 -34.54 20.45 -21.19
CA GLN A 175 -34.90 19.62 -20.04
C GLN A 175 -36.41 19.59 -19.83
N ASN A 176 -37.05 20.77 -19.76
CA ASN A 176 -38.48 20.87 -19.46
C ASN A 176 -39.18 21.69 -20.52
N PRO A 177 -39.45 21.08 -21.69
CA PRO A 177 -40.09 21.86 -22.77
C PRO A 177 -41.49 22.35 -22.44
N THR A 178 -42.15 21.80 -21.43
CA THR A 178 -43.53 22.17 -21.12
C THR A 178 -43.66 23.01 -19.86
N LEU A 179 -42.55 23.38 -19.22
CA LEU A 179 -42.57 24.23 -18.04
C LEU A 179 -42.07 25.62 -18.40
N ASP A 180 -42.23 26.55 -17.46
CA ASP A 180 -41.65 27.88 -17.61
C ASP A 180 -40.24 27.96 -17.05
N TYR A 181 -39.72 26.86 -16.50
CA TYR A 181 -38.34 26.78 -16.03
C TYR A 181 -37.62 25.70 -16.82
N GLY A 182 -36.60 26.09 -17.57
CA GLY A 182 -35.83 25.14 -18.33
C GLY A 182 -36.46 24.70 -19.64
N ASN A 183 -37.26 25.56 -20.27
CA ASN A 183 -37.86 25.25 -21.56
C ASN A 183 -36.99 25.68 -22.73
N ASP A 184 -35.82 26.27 -22.46
CA ASP A 184 -34.90 26.69 -23.50
C ASP A 184 -33.83 25.64 -23.73
N LEU A 185 -33.07 25.81 -24.81
CA LEU A 185 -31.93 24.94 -25.06
C LEU A 185 -30.92 25.06 -23.92
N VAL A 186 -30.45 23.91 -23.43
CA VAL A 186 -29.35 23.93 -22.47
C VAL A 186 -28.12 24.55 -23.13
N GLY A 187 -27.85 24.18 -24.38
CA GLY A 187 -26.79 24.80 -25.15
C GLY A 187 -25.48 24.05 -25.08
N LEU A 188 -24.38 24.80 -24.98
CA LEU A 188 -23.06 24.20 -24.96
C LEU A 188 -22.72 23.75 -23.54
N SER A 189 -21.87 22.72 -23.45
CA SER A 189 -21.65 22.00 -22.19
C SER A 189 -20.27 22.19 -21.59
N TRP A 190 -19.22 22.24 -22.42
CA TRP A 190 -17.87 22.42 -21.92
C TRP A 190 -16.95 22.72 -23.10
N ILE A 191 -15.79 23.30 -22.78
CA ILE A 191 -14.77 23.64 -23.77
C ILE A 191 -13.41 23.21 -23.21
N THR A 192 -12.56 22.65 -24.08
CA THR A 192 -11.27 22.15 -23.65
C THR A 192 -10.23 22.44 -24.72
N PHE A 193 -9.21 23.21 -24.36
CA PHE A 193 -8.06 23.43 -25.22
C PHE A 193 -7.15 22.21 -25.19
N ASP A 194 -6.43 21.99 -26.29
CA ASP A 194 -5.31 21.04 -26.33
C ASP A 194 -4.04 21.88 -26.30
N LYS A 195 -3.47 22.03 -25.10
CA LYS A 195 -2.34 22.94 -24.92
C LYS A 195 -1.16 22.57 -25.80
N SER A 196 -1.03 21.28 -26.16
CA SER A 196 0.10 20.85 -26.99
C SER A 196 0.04 21.39 -28.41
N THR A 197 -1.11 21.93 -28.84
CA THR A 197 -1.25 22.49 -30.17
C THR A 197 -1.01 24.00 -30.19
N GLY A 198 -0.33 24.52 -29.18
CA GLY A 198 0.15 25.88 -29.19
C GLY A 198 1.47 25.97 -28.43
N THR A 199 2.09 27.14 -28.52
CA THR A 199 3.26 27.46 -27.72
C THR A 199 3.06 28.84 -27.10
N LEU A 200 3.82 29.11 -26.05
CA LEU A 200 3.66 30.36 -25.30
C LEU A 200 3.76 31.56 -26.23
N GLY A 201 2.67 32.31 -26.34
CA GLY A 201 2.60 33.44 -27.24
C GLY A 201 1.94 33.16 -28.57
N ASN A 202 1.44 31.95 -28.79
CA ASN A 202 0.78 31.58 -30.03
C ASN A 202 -0.52 30.86 -29.73
N ALA A 203 -1.60 31.30 -30.36
CA ALA A 203 -2.93 30.78 -30.08
C ALA A 203 -2.98 29.27 -30.22
N THR A 204 -3.65 28.63 -29.27
CA THR A 204 -3.83 27.18 -29.31
C THR A 204 -4.74 26.80 -30.48
N GLN A 205 -4.30 25.83 -31.28
CA GLN A 205 -4.97 25.54 -32.54
C GLN A 205 -6.09 24.52 -32.42
N THR A 206 -6.01 23.58 -31.48
CA THR A 206 -7.04 22.55 -31.34
C THR A 206 -7.89 22.84 -30.12
N ILE A 207 -9.21 22.92 -30.32
CA ILE A 207 -10.19 23.19 -29.27
C ILE A 207 -11.28 22.14 -29.37
N TYR A 208 -11.64 21.53 -28.23
CA TYR A 208 -12.76 20.62 -28.15
C TYR A 208 -13.93 21.31 -27.46
N VAL A 209 -15.15 21.02 -27.94
CA VAL A 209 -16.36 21.62 -27.38
C VAL A 209 -17.42 20.53 -27.25
N GLY A 210 -18.03 20.44 -26.07
CA GLY A 210 -19.17 19.56 -25.84
C GLY A 210 -20.47 20.35 -25.95
N VAL A 211 -21.48 19.69 -26.53
CA VAL A 211 -22.76 20.32 -26.83
C VAL A 211 -23.89 19.42 -26.32
N ALA A 212 -24.92 20.03 -25.75
CA ALA A 212 -26.07 19.28 -25.22
C ALA A 212 -26.98 18.90 -26.39
N ASP A 213 -26.61 17.80 -27.04
CA ASP A 213 -27.36 17.29 -28.19
C ASP A 213 -27.06 15.80 -28.25
N THR A 214 -28.07 14.97 -27.97
CA THR A 214 -27.85 13.53 -27.87
C THR A 214 -27.37 12.93 -29.18
N ALA A 215 -27.67 13.57 -30.32
CA ALA A 215 -27.29 13.00 -31.62
C ALA A 215 -25.88 13.38 -32.05
N SER A 216 -25.34 14.49 -31.54
CA SER A 216 -24.02 14.96 -31.98
C SER A 216 -23.53 15.97 -30.94
N SER A 217 -22.67 15.51 -30.03
CA SER A 217 -22.37 16.27 -28.82
C SER A 217 -20.94 16.75 -28.70
N VAL A 218 -19.97 16.13 -29.38
CA VAL A 218 -18.56 16.47 -29.20
C VAL A 218 -18.02 17.00 -30.51
N TYR A 219 -17.44 18.20 -30.46
CA TYR A 219 -16.93 18.89 -31.64
C TYR A 219 -15.48 19.27 -31.42
N ARG A 220 -14.79 19.54 -32.53
CA ARG A 220 -13.39 19.93 -32.50
C ARG A 220 -13.10 20.94 -33.60
N SER A 221 -12.24 21.90 -33.30
CA SER A 221 -11.59 22.74 -34.30
C SER A 221 -10.09 22.48 -34.25
N THR A 222 -9.47 22.34 -35.41
CA THR A 222 -8.02 22.16 -35.47
C THR A 222 -7.30 23.35 -36.10
N ASP A 223 -8.03 24.41 -36.45
CA ASP A 223 -7.41 25.61 -37.02
C ASP A 223 -7.74 26.84 -36.18
N GLY A 224 -7.71 26.68 -34.85
CA GLY A 224 -7.85 27.81 -33.97
C GLY A 224 -9.24 28.38 -33.82
N GLY A 225 -10.27 27.59 -34.11
CA GLY A 225 -11.64 28.03 -33.94
C GLY A 225 -12.32 28.51 -35.21
N VAL A 226 -11.66 28.46 -36.36
CA VAL A 226 -12.27 28.92 -37.60
C VAL A 226 -13.26 27.89 -38.12
N THR A 227 -12.84 26.63 -38.26
CA THR A 227 -13.69 25.58 -38.76
C THR A 227 -13.88 24.50 -37.70
N TRP A 228 -15.08 23.94 -37.66
CA TRP A 228 -15.48 22.98 -36.63
C TRP A 228 -16.13 21.75 -37.28
N THR A 229 -15.85 20.58 -36.71
CA THR A 229 -16.48 19.34 -37.15
C THR A 229 -16.84 18.50 -35.94
N ALA A 230 -17.84 17.65 -36.11
CA ALA A 230 -18.17 16.64 -35.11
C ALA A 230 -17.16 15.50 -35.21
N LEU A 231 -16.75 15.00 -34.04
CA LEU A 231 -15.82 13.88 -34.01
C LEU A 231 -16.45 12.63 -34.60
N ALA A 232 -15.77 12.04 -35.57
CA ALA A 232 -16.30 10.85 -36.23
C ALA A 232 -16.40 9.69 -35.26
N GLY A 233 -17.49 8.93 -35.37
CA GLY A 233 -17.66 7.72 -34.58
C GLY A 233 -18.01 7.93 -33.13
N GLN A 234 -18.35 9.14 -32.72
CA GLN A 234 -18.66 9.39 -31.33
C GLN A 234 -19.96 8.70 -30.93
N PRO A 235 -20.12 8.33 -29.65
CA PRO A 235 -21.37 7.70 -29.22
C PRO A 235 -22.50 8.72 -29.20
N THR A 236 -23.72 8.19 -29.30
CA THR A 236 -24.91 9.02 -29.33
C THR A 236 -25.89 8.55 -28.26
N GLY A 237 -26.87 9.40 -27.98
CA GLY A 237 -27.93 9.10 -27.03
C GLY A 237 -27.77 9.74 -25.67
N PHE A 238 -26.60 10.28 -25.35
CA PHE A 238 -26.34 10.82 -24.01
C PHE A 238 -25.82 12.25 -24.13
N LEU A 239 -25.62 12.88 -22.97
CA LEU A 239 -25.23 14.28 -22.89
C LEU A 239 -23.91 14.38 -22.13
N PRO A 240 -22.83 14.85 -22.77
CA PRO A 240 -21.52 14.86 -22.11
C PRO A 240 -21.43 15.97 -21.06
N HIS A 241 -21.09 15.57 -19.83
CA HIS A 241 -21.03 16.49 -18.70
C HIS A 241 -19.68 17.20 -18.60
N HIS A 242 -18.58 16.47 -18.77
CA HIS A 242 -17.25 17.04 -18.82
C HIS A 242 -16.45 16.37 -19.91
N GLY A 243 -15.48 17.10 -20.46
CA GLY A 243 -14.49 16.55 -21.37
C GLY A 243 -13.10 16.99 -20.97
N GLU A 244 -12.27 16.06 -20.50
CA GLU A 244 -10.97 16.37 -19.96
C GLU A 244 -9.89 15.66 -20.77
N LEU A 245 -8.86 16.41 -21.16
CA LEU A 245 -7.80 15.90 -22.03
C LEU A 245 -6.57 15.58 -21.20
N SER A 246 -6.22 14.30 -21.14
CA SER A 246 -5.02 13.86 -20.47
C SER A 246 -3.78 14.20 -21.30
N SER A 247 -2.63 14.28 -20.62
CA SER A 247 -1.39 14.53 -21.33
C SER A 247 -0.96 13.35 -22.20
N THR A 248 -1.57 12.18 -22.03
CA THR A 248 -1.31 11.05 -22.92
C THR A 248 -2.03 11.18 -24.25
N GLY A 249 -2.77 12.27 -24.48
CA GLY A 249 -3.51 12.46 -25.71
C GLY A 249 -4.90 11.86 -25.71
N ASP A 250 -5.40 11.42 -24.57
CA ASP A 250 -6.72 10.81 -24.48
C ASP A 250 -7.71 11.80 -23.90
N LEU A 251 -8.85 11.96 -24.56
CA LEU A 251 -9.92 12.83 -24.10
C LEU A 251 -10.96 11.96 -23.40
N TYR A 252 -11.16 12.22 -22.11
CA TYR A 252 -12.13 11.47 -21.30
C TYR A 252 -13.42 12.27 -21.16
N ILE A 253 -14.55 11.59 -21.30
CA ILE A 253 -15.85 12.25 -21.35
C ILE A 253 -16.84 11.45 -20.51
N THR A 254 -17.49 12.11 -19.55
CA THR A 254 -18.60 11.52 -18.80
C THR A 254 -19.91 11.91 -19.47
N TYR A 255 -20.85 10.95 -19.51
CA TYR A 255 -22.15 11.15 -20.14
C TYR A 255 -23.28 10.82 -19.17
N SER A 256 -24.36 11.58 -19.25
CA SER A 256 -25.61 11.26 -18.58
C SER A 256 -26.73 11.41 -19.58
N ASN A 257 -27.86 10.75 -19.31
CA ASN A 257 -29.04 10.94 -20.15
C ASN A 257 -29.84 12.16 -19.73
N GLY A 258 -29.33 12.95 -18.79
CA GLY A 258 -29.84 14.28 -18.51
C GLY A 258 -28.67 15.22 -18.30
N VAL A 259 -28.99 16.51 -18.15
CA VAL A 259 -27.94 17.50 -17.88
C VAL A 259 -27.78 17.78 -16.40
N GLY A 260 -28.64 17.24 -15.55
CA GLY A 260 -28.53 17.43 -14.12
C GLY A 260 -29.05 18.79 -13.70
N PRO A 261 -28.90 19.12 -12.40
CA PRO A 261 -28.17 18.33 -11.41
C PRO A 261 -28.97 17.23 -10.72
N TYR A 262 -30.28 17.14 -10.95
CA TYR A 262 -31.13 16.25 -10.17
C TYR A 262 -31.41 14.90 -10.84
N ASP A 263 -31.31 14.81 -12.16
CA ASP A 263 -31.71 13.61 -12.87
C ASP A 263 -30.47 12.79 -13.28
N GLY A 264 -30.62 11.95 -14.28
CA GLY A 264 -29.56 11.05 -14.69
C GLY A 264 -29.84 9.61 -14.28
N SER A 265 -30.49 8.85 -15.17
CA SER A 265 -30.84 7.47 -14.90
C SER A 265 -30.13 6.48 -15.82
N LYS A 266 -29.27 6.96 -16.70
CA LYS A 266 -28.38 6.14 -17.52
C LYS A 266 -27.15 6.98 -17.84
N GLY A 267 -26.01 6.31 -17.97
CA GLY A 267 -24.79 7.04 -18.23
C GLY A 267 -23.72 6.18 -18.86
N GLU A 268 -22.74 6.86 -19.45
CA GLU A 268 -21.57 6.21 -20.04
C GLU A 268 -20.34 7.05 -19.76
N VAL A 269 -19.18 6.41 -19.85
CA VAL A 269 -17.89 7.10 -19.87
C VAL A 269 -17.13 6.57 -21.08
N TRP A 270 -16.58 7.49 -21.87
CA TRP A 270 -15.82 7.14 -23.05
C TRP A 270 -14.46 7.81 -23.00
N LYS A 271 -13.49 7.23 -23.69
CA LYS A 271 -12.23 7.89 -23.97
C LYS A 271 -12.00 7.91 -25.48
N TYR A 272 -11.52 9.05 -25.97
CA TYR A 272 -11.26 9.27 -27.38
C TYR A 272 -9.79 9.58 -27.53
N ASN A 273 -9.09 8.82 -28.36
CA ASN A 273 -7.67 9.08 -28.61
C ASN A 273 -7.56 10.12 -29.73
N LYS A 274 -6.88 11.22 -29.44
CA LYS A 274 -6.80 12.33 -30.40
C LYS A 274 -5.97 11.99 -31.63
N THR A 275 -5.10 10.99 -31.54
CA THR A 275 -4.24 10.63 -32.67
C THR A 275 -4.93 9.65 -33.62
N SER A 276 -5.45 8.54 -33.09
CA SER A 276 -6.10 7.53 -33.91
C SER A 276 -7.57 7.83 -34.18
N GLY A 277 -8.17 8.72 -33.40
CA GLY A 277 -9.61 8.91 -33.48
C GLY A 277 -10.40 7.77 -32.87
N ALA A 278 -9.76 6.84 -32.19
CA ALA A 278 -10.45 5.68 -31.65
C ALA A 278 -11.27 6.06 -30.43
N TRP A 279 -12.49 5.53 -30.38
CA TRP A 279 -13.38 5.67 -29.24
C TRP A 279 -13.39 4.36 -28.45
N THR A 280 -13.27 4.47 -27.13
CA THR A 280 -13.31 3.31 -26.25
C THR A 280 -14.29 3.55 -25.13
N ASN A 281 -15.26 2.63 -24.98
CA ASN A 281 -16.22 2.69 -23.89
C ASN A 281 -15.55 2.20 -22.62
N ILE A 282 -15.46 3.07 -21.60
CA ILE A 282 -14.82 2.71 -20.35
C ILE A 282 -15.80 2.92 -19.19
N SER A 283 -17.10 2.75 -19.47
CA SER A 283 -18.11 2.95 -18.44
C SER A 283 -17.89 1.97 -17.30
N PRO A 284 -17.80 2.45 -16.05
CA PRO A 284 -17.62 1.50 -14.92
C PRO A 284 -18.75 0.49 -14.79
N THR A 285 -19.98 0.87 -15.09
CA THR A 285 -21.11 -0.05 -15.09
C THR A 285 -21.91 0.12 -16.38
N THR A 286 -22.45 -0.98 -16.87
CA THR A 286 -23.25 -0.98 -18.10
C THR A 286 -24.50 -1.82 -17.90
N GLY A 287 -25.44 -1.67 -18.81
CA GLY A 287 -26.64 -2.49 -18.79
C GLY A 287 -27.48 -2.26 -17.55
N THR A 288 -27.97 -3.34 -16.97
CA THR A 288 -28.76 -3.25 -15.74
C THR A 288 -27.92 -2.96 -14.52
N ASP A 289 -26.59 -3.07 -14.61
CA ASP A 289 -25.72 -2.63 -13.53
C ASP A 289 -25.64 -1.12 -13.41
N ASN A 290 -26.14 -0.38 -14.41
CA ASN A 290 -26.07 1.07 -14.43
C ASN A 290 -27.49 1.64 -14.47
N TRP A 291 -27.79 2.57 -13.55
CA TRP A 291 -29.07 3.23 -13.48
C TRP A 291 -28.90 4.71 -13.19
N TYR A 292 -27.78 5.28 -13.61
CA TYR A 292 -27.41 6.63 -13.23
C TYR A 292 -26.49 7.20 -14.30
N GLY A 293 -26.54 8.50 -14.48
CA GLY A 293 -25.57 9.16 -15.32
C GLY A 293 -24.21 9.21 -14.65
N PHE A 294 -23.21 9.60 -15.42
CA PHE A 294 -21.89 9.90 -14.90
C PHE A 294 -21.67 11.40 -15.03
N GLY A 295 -21.26 12.02 -13.93
CA GLY A 295 -21.13 13.46 -13.89
C GLY A 295 -19.71 13.93 -13.66
N GLY A 296 -19.29 13.96 -12.40
CA GLY A 296 -17.95 14.46 -12.10
C GLY A 296 -16.88 13.64 -12.77
N LEU A 297 -15.83 14.31 -13.22
CA LEU A 297 -14.71 13.67 -13.90
C LEU A 297 -13.43 14.37 -13.48
N ALA A 298 -12.50 13.63 -12.89
CA ALA A 298 -11.27 14.20 -12.36
C ALA A 298 -10.08 13.44 -12.93
N LEU A 299 -9.19 14.14 -13.60
CA LEU A 299 -7.92 13.58 -14.03
C LEU A 299 -6.85 13.92 -13.00
N ASP A 300 -5.91 12.99 -12.83
CA ASP A 300 -4.75 13.19 -11.98
C ASP A 300 -3.62 13.74 -12.84
N ALA A 301 -3.29 15.02 -12.65
CA ALA A 301 -2.28 15.66 -13.50
C ALA A 301 -0.91 15.02 -13.30
N GLN A 302 -0.57 14.65 -12.06
CA GLN A 302 0.73 14.07 -11.78
C GLN A 302 0.83 12.61 -12.19
N HIS A 303 -0.30 11.94 -12.44
CA HIS A 303 -0.32 10.54 -12.86
C HIS A 303 -1.37 10.40 -13.96
N PRO A 304 -0.98 10.70 -15.21
CA PRO A 304 -1.97 10.95 -16.27
C PRO A 304 -2.83 9.75 -16.66
N ASN A 305 -2.59 8.55 -16.13
CA ASN A 305 -3.49 7.43 -16.39
C ASN A 305 -4.42 7.15 -15.22
N THR A 306 -4.45 8.04 -14.24
CA THR A 306 -5.36 7.94 -13.10
C THR A 306 -6.50 8.93 -13.29
N LEU A 307 -7.73 8.45 -13.14
CA LEU A 307 -8.90 9.32 -13.25
C LEU A 307 -10.00 8.78 -12.35
N VAL A 309 -14.49 9.18 -11.69
CA VAL A 309 -15.80 9.66 -12.11
C VAL A 309 -16.78 9.42 -10.97
N SER A 310 -17.83 10.24 -10.92
CA SER A 310 -18.86 10.11 -9.91
C SER A 310 -20.21 9.86 -10.59
N SER A 311 -21.10 9.18 -9.86
CA SER A 311 -22.44 8.94 -10.36
C SER A 311 -23.30 10.19 -10.21
N LEU A 312 -24.32 10.29 -11.07
CA LEU A 312 -25.20 11.47 -11.08
C LEU A 312 -26.49 11.07 -11.81
N ASN A 313 -27.45 10.52 -11.06
CA ASN A 313 -27.33 10.24 -9.64
C ASN A 313 -27.76 8.80 -9.35
N ALA A 314 -26.98 8.08 -8.54
CA ALA A 314 -27.33 6.71 -8.20
C ALA A 314 -28.34 6.63 -7.07
N TRP A 315 -28.28 7.57 -6.12
CA TRP A 315 -29.24 7.73 -5.03
C TRP A 315 -29.15 6.64 -3.96
N TRP A 316 -29.32 5.38 -4.34
CA TRP A 316 -29.45 4.33 -3.33
C TRP A 316 -28.39 3.25 -3.52
N PRO A 317 -27.70 2.83 -2.45
CA PRO A 317 -27.85 3.37 -1.09
C PRO A 317 -27.11 4.70 -0.94
N ASP A 318 -26.18 4.94 -1.85
CA ASP A 318 -25.41 6.18 -1.88
C ASP A 318 -24.89 6.35 -3.30
N GLU A 319 -24.26 7.49 -3.55
CA GLU A 319 -23.54 7.67 -4.80
C GLU A 319 -22.27 6.83 -4.78
N VAL A 320 -21.59 6.79 -5.91
CA VAL A 320 -20.37 6.00 -6.07
C VAL A 320 -19.32 6.86 -6.75
N ILE A 321 -18.11 6.85 -6.22
CA ILE A 321 -16.93 7.35 -6.92
C ILE A 321 -16.15 6.15 -7.43
N PHE A 322 -15.82 6.16 -8.72
CA PHE A 322 -15.03 5.11 -9.35
C PHE A 322 -13.64 5.67 -9.63
N ARG A 323 -12.61 4.90 -9.29
CA ARG A 323 -11.24 5.30 -9.52
C ARG A 323 -10.54 4.29 -10.43
N SER A 324 -9.82 4.80 -11.41
CA SER A 324 -9.00 3.97 -12.30
C SER A 324 -7.59 4.51 -12.31
N THR A 325 -6.62 3.59 -12.29
CA THR A 325 -5.21 3.95 -12.42
C THR A 325 -4.59 3.42 -13.70
N ASN A 326 -5.41 2.89 -14.61
CA ASN A 326 -4.93 2.35 -15.88
C ASN A 326 -5.73 2.91 -17.05
N GLY A 327 -6.09 4.20 -16.98
CA GLY A 327 -6.76 4.85 -18.08
C GLY A 327 -8.17 4.38 -18.34
N GLY A 328 -8.85 3.82 -17.34
CA GLY A 328 -10.21 3.37 -17.51
C GLY A 328 -10.38 1.94 -17.93
N ALA A 329 -9.30 1.16 -18.00
CA ALA A 329 -9.43 -0.25 -18.34
C ALA A 329 -10.16 -1.01 -17.24
N THR A 330 -9.85 -0.73 -15.97
CA THR A 330 -10.56 -1.29 -14.84
C THR A 330 -10.83 -0.18 -13.83
N TRP A 331 -11.89 -0.36 -13.04
CA TRP A 331 -12.30 0.64 -12.06
C TRP A 331 -12.39 0.01 -10.67
N SER A 332 -12.06 0.81 -9.67
CA SER A 332 -12.24 0.45 -8.27
C SER A 332 -13.29 1.38 -7.66
N ARG A 333 -14.27 0.80 -6.98
CA ARG A 333 -15.33 1.57 -6.35
C ARG A 333 -14.89 2.06 -4.98
N ILE A 334 -15.43 3.21 -4.57
CA ILE A 334 -15.12 3.73 -3.25
C ILE A 334 -15.86 2.96 -2.15
N TRP A 335 -16.93 2.24 -2.50
CA TRP A 335 -17.53 1.28 -1.60
C TRP A 335 -18.01 0.07 -2.39
N ASP A 336 -18.20 -1.04 -1.68
CA ASP A 336 -18.64 -2.28 -2.31
C ASP A 336 -19.64 -2.96 -1.39
N TRP A 337 -20.43 -3.85 -1.99
CA TRP A 337 -21.26 -4.74 -1.19
C TRP A 337 -20.39 -5.82 -0.58
N GLY A 338 -20.61 -6.09 0.71
CA GLY A 338 -20.01 -7.26 1.32
C GLY A 338 -21.01 -8.38 1.28
N ASN A 339 -21.38 -8.90 2.45
CA ASN A 339 -22.51 -9.82 2.56
C ASN A 339 -23.77 -8.97 2.75
N TYR A 340 -24.61 -8.93 1.73
CA TYR A 340 -25.78 -8.05 1.73
C TYR A 340 -26.56 -8.21 3.03
N PRO A 341 -27.08 -7.11 3.61
CA PRO A 341 -26.97 -5.73 3.10
C PRO A 341 -25.73 -4.98 3.59
N GLU A 342 -24.78 -5.69 4.19
CA GLU A 342 -23.56 -5.03 4.65
C GLU A 342 -22.71 -4.57 3.48
N ARG A 343 -22.05 -3.43 3.68
CA ARG A 343 -21.18 -2.85 2.67
C ARG A 343 -19.76 -2.74 3.21
N THR A 344 -18.82 -2.65 2.29
CA THR A 344 -17.43 -2.34 2.58
C THR A 344 -17.13 -0.93 2.08
N TYR A 345 -16.21 -0.25 2.76
CA TYR A 345 -15.93 1.15 2.45
C TYR A 345 -14.44 1.37 2.30
N LYS A 346 -14.06 2.12 1.28
CA LYS A 346 -12.70 2.62 1.13
C LYS A 346 -12.58 4.08 1.58
N PHE A 347 -13.59 4.59 2.27
CA PHE A 347 -13.59 5.97 2.72
C PHE A 347 -14.21 6.06 4.10
N SER A 348 -13.90 7.17 4.79
CA SER A 348 -14.48 7.51 6.07
C SER A 348 -15.00 8.94 5.99
N ASP A 350 -16.12 12.50 7.71
CA ASP A 350 -15.83 13.35 8.85
C ASP A 350 -16.66 14.62 8.68
N ILE A 351 -17.70 14.78 9.50
CA ILE A 351 -18.52 15.97 9.44
C ILE A 351 -18.47 16.69 10.78
N THR A 352 -17.32 16.62 11.45
CA THR A 352 -17.15 17.37 12.70
C THR A 352 -17.21 18.87 12.48
N ALA A 353 -16.92 19.34 11.25
CA ALA A 353 -17.06 20.76 10.94
C ALA A 353 -18.51 21.18 10.80
N ALA A 354 -19.43 20.24 10.61
CA ALA A 354 -20.86 20.54 10.50
C ALA A 354 -21.64 19.31 10.94
N PRO A 355 -21.70 19.05 12.25
CA PRO A 355 -22.32 17.82 12.73
C PRO A 355 -23.78 17.64 12.33
N TRP A 356 -24.49 18.73 12.00
CA TRP A 356 -25.88 18.62 11.58
C TRP A 356 -26.05 17.90 10.26
N LEU A 357 -24.96 17.61 9.55
CA LEU A 357 -25.07 16.91 8.27
C LEU A 357 -25.55 15.47 8.41
N ASP A 358 -25.70 14.96 9.63
CA ASP A 358 -26.30 13.64 9.81
C ASP A 358 -27.82 13.70 9.85
N HIS A 359 -28.40 14.90 9.73
CA HIS A 359 -29.85 15.11 9.69
C HIS A 359 -30.55 14.49 10.90
N GLY A 360 -29.82 14.33 12.01
CA GLY A 360 -30.38 13.77 13.22
C GLY A 360 -30.66 12.29 13.17
N THR A 361 -30.24 11.58 12.12
CA THR A 361 -30.54 10.17 11.96
C THR A 361 -29.28 9.34 12.09
N THR A 362 -29.40 8.20 12.77
CA THR A 362 -28.31 7.25 12.85
C THR A 362 -28.08 6.59 11.48
N SER A 363 -26.84 6.23 11.22
CA SER A 363 -26.46 5.71 9.93
C SER A 363 -26.62 4.19 9.88
N THR A 364 -27.11 3.70 8.74
CA THR A 364 -27.13 2.28 8.43
C THR A 364 -26.48 2.07 7.06
N SER A 365 -26.20 0.82 6.73
CA SER A 365 -25.55 0.52 5.46
C SER A 365 -26.46 0.88 4.28
N LEU A 366 -27.77 0.66 4.41
CA LEU A 366 -28.71 0.98 3.36
C LEU A 366 -29.19 2.42 3.41
N ASP A 367 -29.01 3.11 4.54
CA ASP A 367 -29.36 4.53 4.67
C ASP A 367 -28.22 5.24 5.37
N PRO A 368 -27.11 5.48 4.66
CA PRO A 368 -25.98 6.16 5.29
C PRO A 368 -26.34 7.56 5.76
N SER A 369 -25.66 8.00 6.80
CA SER A 369 -25.87 9.32 7.38
C SER A 369 -24.58 9.75 8.09
N PRO A 370 -23.80 10.68 7.50
CA PRO A 370 -24.05 11.38 6.23
C PRO A 370 -23.80 10.53 4.99
N LYS A 371 -24.51 10.82 3.91
CA LYS A 371 -24.21 10.20 2.63
C LYS A 371 -22.88 10.74 2.09
N LEU A 372 -22.24 9.93 1.25
CA LEU A 372 -21.08 10.41 0.50
C LEU A 372 -21.43 11.68 -0.26
N GLY A 373 -22.63 11.76 -0.79
CA GLY A 373 -23.09 12.99 -1.42
C GLY A 373 -24.30 12.72 -2.30
N TRP A 374 -24.57 13.71 -3.16
CA TRP A 374 -25.63 13.70 -4.15
C TRP A 374 -25.41 14.94 -5.00
N GLY A 377 -21.80 16.61 -9.46
CA GLY A 377 -21.49 16.94 -10.84
C GLY A 377 -20.07 17.39 -11.07
N ASP A 378 -19.35 17.74 -10.01
CA ASP A 378 -17.96 18.21 -10.13
C ASP A 378 -17.08 17.45 -9.17
N LEU A 379 -16.07 16.78 -9.71
CA LEU A 379 -15.09 16.01 -8.96
C LEU A 379 -13.71 16.47 -9.38
N GLU A 380 -12.83 16.74 -8.41
CA GLU A 380 -11.54 17.34 -8.69
C GLU A 380 -10.41 16.61 -7.98
N ILE A 381 -9.27 16.49 -8.67
CA ILE A 381 -8.00 16.11 -8.07
C ILE A 381 -7.05 17.30 -8.22
N ASP A 382 -6.43 17.69 -7.12
CA ASP A 382 -5.46 18.78 -7.11
C ASP A 382 -4.36 18.49 -8.13
N PRO A 383 -4.17 19.34 -9.16
CA PRO A 383 -3.13 19.07 -10.16
C PRO A 383 -1.71 19.10 -9.59
N PHE A 384 -1.51 19.62 -8.39
CA PHE A 384 -0.20 19.65 -7.76
C PHE A 384 -0.12 18.74 -6.54
N ASN A 385 -1.17 17.96 -6.27
CA ASN A 385 -1.17 17.05 -5.13
C ASN A 385 -2.19 15.95 -5.42
N SER A 386 -1.70 14.80 -5.89
CA SER A 386 -2.57 13.67 -6.18
C SER A 386 -3.32 13.18 -4.94
N ASN A 387 -2.87 13.55 -3.75
CA ASN A 387 -3.53 13.13 -2.52
C ASN A 387 -4.70 14.02 -2.14
N ARG A 388 -4.91 15.16 -2.80
CA ARG A 388 -5.99 16.07 -2.46
C ARG A 388 -7.12 15.95 -3.47
N TYR A 391 -14.80 17.73 -3.97
CA TYR A 391 -15.99 17.60 -4.79
C TYR A 391 -17.15 18.33 -4.14
N GLY A 392 -18.08 18.78 -4.97
CA GLY A 392 -19.26 19.48 -4.51
C GLY A 392 -20.47 18.57 -4.49
N THR A 393 -21.33 18.76 -3.50
CA THR A 393 -22.62 18.12 -3.43
C THR A 393 -23.70 19.19 -3.40
N GLY A 394 -24.95 18.74 -3.28
CA GLY A 394 -26.03 19.70 -3.10
C GLY A 394 -26.00 20.44 -1.80
N ALA A 395 -25.09 20.09 -0.87
CA ALA A 395 -25.08 20.68 0.45
C ALA A 395 -23.75 21.29 0.87
N THR A 396 -22.62 20.84 0.32
CA THR A 396 -21.33 21.27 0.85
C THR A 396 -20.23 20.99 -0.15
N ILE A 397 -19.00 21.27 0.27
CA ILE A 397 -17.79 20.82 -0.41
C ILE A 397 -17.12 19.79 0.49
N TYR A 398 -16.89 18.60 -0.06
CA TYR A 398 -16.16 17.54 0.63
C TYR A 398 -14.78 17.42 0.03
N GLY A 399 -13.86 16.82 0.77
CA GLY A 399 -12.51 16.68 0.28
C GLY A 399 -11.70 15.71 1.11
N SER A 400 -10.51 15.40 0.59
CA SER A 400 -9.57 14.53 1.28
C SER A 400 -8.15 15.02 1.04
N ASN A 401 -7.27 14.70 1.98
CA ASN A 401 -5.84 14.98 1.85
C ASN A 401 -5.00 13.71 1.78
N ASN A 402 -5.64 12.54 1.72
CA ASN A 402 -4.91 11.27 1.58
C ASN A 402 -5.61 10.38 0.54
N LEU A 403 -5.91 10.97 -0.62
CA LEU A 403 -6.67 10.23 -1.64
C LEU A 403 -5.98 8.95 -2.07
N THR A 404 -4.64 8.97 -2.21
CA THR A 404 -3.97 7.78 -2.72
C THR A 404 -3.93 6.64 -1.71
N SER A 405 -4.40 6.84 -0.48
CA SER A 405 -4.66 5.71 0.41
C SER A 405 -5.59 4.70 -0.26
N TRP A 406 -6.44 5.17 -1.16
CA TRP A 406 -7.26 4.30 -1.99
C TRP A 406 -6.43 3.22 -2.66
N ASP A 407 -5.25 3.59 -3.19
CA ASP A 407 -4.46 2.68 -4.00
C ASP A 407 -3.62 1.71 -3.18
N THR A 408 -3.41 1.97 -1.89
CA THR A 408 -2.47 1.19 -1.09
C THR A 408 -3.16 0.45 0.06
N GLY A 409 -4.46 0.15 -0.11
CA GLY A 409 -5.18 -0.63 0.89
C GLY A 409 -5.65 0.15 2.10
N GLY A 410 -5.61 1.47 2.05
CA GLY A 410 -6.08 2.30 3.15
C GLY A 410 -7.47 2.85 2.90
N LYS A 411 -7.86 3.81 3.74
CA LYS A 411 -9.15 4.46 3.64
C LYS A 411 -8.96 5.94 3.35
N VAL A 412 -9.73 6.45 2.38
CA VAL A 412 -9.75 7.87 2.08
C VAL A 412 -10.53 8.59 3.17
N ASN A 413 -9.87 9.51 3.86
CA ASN A 413 -10.53 10.30 4.90
C ASN A 413 -11.16 11.51 4.24
N ILE A 414 -12.50 11.50 4.15
CA ILE A 414 -13.27 12.57 3.53
C ILE A 414 -13.82 13.47 4.62
N SER A 415 -13.63 14.77 4.48
CA SER A 415 -14.10 15.73 5.48
C SER A 415 -14.73 16.93 4.79
N VAL A 416 -15.54 17.65 5.56
CA VAL A 416 -16.10 18.91 5.10
C VAL A 416 -14.98 19.89 4.81
N ALA A 418 -15.67 23.10 3.45
CA ALA A 418 -16.46 24.26 3.07
C ALA A 418 -16.37 25.38 4.09
N LYS A 419 -15.27 25.46 4.84
CA LYS A 419 -15.13 26.52 5.83
C LYS A 419 -15.12 27.88 5.16
N GLY A 420 -15.95 28.79 5.67
CA GLY A 420 -16.11 30.10 5.08
C GLY A 420 -17.20 30.19 4.05
N VAL A 421 -17.71 29.06 3.56
CA VAL A 421 -18.80 29.06 2.59
C VAL A 421 -20.12 29.17 3.35
N GLU A 422 -20.97 30.11 2.94
CA GLU A 422 -22.36 30.15 3.38
C GLU A 422 -23.22 30.38 2.14
N GLU A 423 -24.13 29.44 1.87
CA GLU A 423 -24.86 29.42 0.61
C GLU A 423 -26.36 29.25 0.78
N THR A 424 -26.88 29.24 2.00
CA THR A 424 -28.29 28.97 2.16
C THR A 424 -29.15 30.17 1.77
N ALA A 425 -30.39 29.88 1.40
CA ALA A 425 -31.42 30.90 1.21
C ALA A 425 -32.20 31.02 2.51
N VAL A 426 -32.32 32.24 3.01
CA VAL A 426 -32.93 32.50 4.31
C VAL A 426 -34.38 32.93 4.09
N LEU A 427 -35.31 32.14 4.62
CA LEU A 427 -36.72 32.46 4.48
C LEU A 427 -37.30 33.13 5.71
N GLY A 428 -36.64 33.04 6.86
CA GLY A 428 -37.09 33.71 8.06
C GLY A 428 -36.02 33.75 9.14
N LEU A 429 -36.09 34.77 10.00
CA LEU A 429 -35.19 34.90 11.14
C LEU A 429 -35.98 35.38 12.34
N ILE A 430 -35.65 34.85 13.52
CA ILE A 430 -36.15 35.40 14.77
C ILE A 430 -34.98 35.46 15.75
N SER A 431 -34.93 36.55 16.51
CA SER A 431 -33.95 36.73 17.58
C SER A 431 -34.67 36.63 18.92
N PRO A 432 -34.64 35.49 19.58
CA PRO A 432 -35.42 35.31 20.82
C PRO A 432 -34.97 36.28 21.91
N PRO A 433 -35.91 36.90 22.61
CA PRO A 433 -35.53 37.90 23.62
C PRO A 433 -34.95 37.29 24.88
N THR A 434 -34.97 35.97 25.02
CA THR A 434 -34.51 35.32 26.24
C THR A 434 -33.93 33.96 25.87
N GLY A 435 -33.14 33.40 26.78
CA GLY A 435 -32.49 32.13 26.55
C GLY A 435 -31.12 32.28 25.93
N THR A 436 -30.46 31.12 25.73
CA THR A 436 -29.09 31.11 25.26
C THR A 436 -28.95 31.36 23.77
N SER A 437 -30.04 31.30 23.00
CA SER A 437 -30.00 31.50 21.55
C SER A 437 -30.45 32.90 21.21
N HIS A 438 -29.63 33.60 20.42
CA HIS A 438 -29.98 34.92 19.91
C HIS A 438 -30.51 34.88 18.49
N LEU A 439 -30.56 33.69 17.87
CA LEU A 439 -30.94 33.62 16.46
C LEU A 439 -31.43 32.22 16.14
N ILE A 440 -32.63 32.13 15.58
CA ILE A 440 -33.14 30.90 14.99
C ILE A 440 -33.49 31.21 13.54
N THR A 441 -33.03 30.37 12.63
CA THR A 441 -33.18 30.63 11.20
C THR A 441 -34.16 29.65 10.58
N ALA A 442 -34.83 30.11 9.53
CA ALA A 442 -35.66 29.29 8.67
C ALA A 442 -35.01 29.28 7.30
N LEU A 443 -34.54 28.11 6.86
CA LEU A 443 -33.69 28.02 5.68
C LEU A 443 -34.27 27.03 4.68
N GLY A 444 -33.91 27.24 3.41
CA GLY A 444 -34.20 26.24 2.41
C GLY A 444 -33.21 25.08 2.49
N ASP A 445 -33.68 23.91 2.07
CA ASP A 445 -32.87 22.71 1.92
C ASP A 445 -32.42 22.08 3.24
N VAL A 446 -31.96 22.90 4.19
CA VAL A 446 -31.44 22.37 5.44
C VAL A 446 -32.26 22.84 6.64
N SER A 447 -33.51 23.28 6.39
CA SER A 447 -34.52 23.54 7.41
C SER A 447 -34.23 24.79 8.25
N GLY A 448 -33.02 24.89 8.81
CA GLY A 448 -32.69 25.97 9.71
C GLY A 448 -32.19 25.45 11.04
N PHE A 449 -31.72 26.38 11.86
CA PHE A 449 -31.03 26.02 13.09
C PHE A 449 -31.33 26.99 14.20
N ARG A 450 -31.27 26.48 15.43
CA ARG A 450 -31.20 27.30 16.63
C ARG A 450 -29.72 27.52 16.95
N HIS A 451 -29.24 28.74 16.75
CA HIS A 451 -27.84 29.05 16.96
C HIS A 451 -27.60 29.52 18.38
N GLU A 452 -26.42 29.19 18.90
CA GLU A 452 -25.98 29.75 20.18
C GLU A 452 -24.71 30.55 19.97
N ASP A 453 -23.58 29.86 19.79
CA ASP A 453 -22.36 30.55 19.37
C ASP A 453 -22.42 30.71 17.85
N LEU A 454 -22.57 31.94 17.40
CA LEU A 454 -22.71 32.22 15.97
C LEU A 454 -21.46 31.90 15.16
N SER A 455 -20.36 31.54 15.82
CA SER A 455 -19.14 31.13 15.14
C SER A 455 -18.95 29.63 15.12
N VAL A 456 -19.87 28.86 15.69
CA VAL A 456 -19.76 27.42 15.77
C VAL A 456 -20.92 26.81 14.99
N ALA A 457 -20.62 25.81 14.18
CA ALA A 457 -21.65 25.16 13.39
C ALA A 457 -22.66 24.48 14.31
N PRO A 458 -23.95 24.53 13.97
CA PRO A 458 -24.95 23.80 14.77
C PRO A 458 -24.67 22.31 14.78
N THR A 459 -24.97 21.68 15.91
CA THR A 459 -24.80 20.23 16.04
C THR A 459 -26.09 19.47 15.77
N LYS A 460 -27.24 20.15 15.76
CA LYS A 460 -28.54 19.49 15.74
C LYS A 460 -29.32 19.93 14.50
N PHE A 461 -29.71 18.96 13.69
CA PHE A 461 -30.67 19.21 12.63
C PHE A 461 -32.09 19.22 13.20
N GLN A 462 -32.95 20.01 12.58
CA GLN A 462 -34.33 20.14 13.06
C GLN A 462 -35.13 18.90 12.66
N THR A 463 -35.60 18.17 13.66
CA THR A 463 -36.34 16.93 13.43
C THR A 463 -37.66 16.95 14.21
N SER A 464 -38.50 15.95 13.94
CA SER A 464 -39.84 15.76 14.46
C SER A 464 -40.57 17.09 14.62
N PRO A 465 -40.94 17.76 13.51
CA PRO A 465 -40.82 17.30 12.12
C PRO A 465 -39.46 17.54 11.48
N SER A 466 -39.12 16.71 10.50
CA SER A 466 -37.93 16.87 9.67
C SER A 466 -38.37 17.12 8.24
N TRP A 467 -37.90 18.21 7.66
CA TRP A 467 -38.20 18.53 6.26
C TRP A 467 -37.02 19.29 5.69
N ALA A 468 -37.13 19.62 4.40
CA ALA A 468 -36.03 20.32 3.72
C ALA A 468 -36.07 21.82 4.01
N THR A 469 -37.24 22.44 3.90
CA THR A 469 -37.33 23.89 3.83
C THR A 469 -38.35 24.41 4.85
N THR A 470 -37.88 25.23 5.79
CA THR A 470 -38.77 25.96 6.68
C THR A 470 -39.12 27.28 6.01
N SER A 472 -41.43 29.60 7.25
CA SER A 472 -41.69 30.68 8.19
CA SER A 472 -41.75 30.67 8.19
C SER A 472 -41.64 30.14 9.61
N ILE A 473 -41.29 31.03 10.54
CA ILE A 473 -41.18 30.70 11.95
C ILE A 473 -41.55 31.94 12.77
N ASP A 474 -42.26 31.72 13.87
CA ASP A 474 -42.66 32.80 14.76
C ASP A 474 -42.69 32.27 16.19
N TYR A 475 -42.71 33.19 17.15
CA TYR A 475 -42.73 32.82 18.56
C TYR A 475 -43.72 33.72 19.29
N ALA A 476 -44.18 33.23 20.44
CA ALA A 476 -45.09 34.00 21.29
C ALA A 476 -44.27 35.05 22.03
N GLU A 477 -44.48 36.33 21.70
CA GLU A 477 -43.68 37.39 22.28
C GLU A 477 -43.72 37.36 23.81
N LEU A 478 -44.89 37.11 24.39
CA LEU A 478 -45.04 37.09 25.84
C LEU A 478 -44.63 35.77 26.47
N SER A 479 -44.41 34.73 25.67
CA SER A 479 -43.90 33.44 26.15
C SER A 479 -42.95 32.91 25.10
N PRO A 480 -41.74 33.47 25.02
CA PRO A 480 -40.88 33.22 23.85
C PRO A 480 -40.36 31.80 23.75
N SER A 481 -40.55 30.96 24.78
CA SER A 481 -40.20 29.55 24.64
C SER A 481 -41.16 28.83 23.70
N TYR A 482 -42.36 29.37 23.50
CA TYR A 482 -43.35 28.77 22.62
C TYR A 482 -43.14 29.27 21.20
N VAL A 484 -43.29 28.17 16.71
CA VAL A 484 -43.92 27.39 15.65
C VAL A 484 -43.22 27.65 14.32
N ARG A 485 -42.96 26.59 13.58
CA ARG A 485 -42.40 26.67 12.24
C ARG A 485 -43.25 25.84 11.29
N VAL A 486 -43.31 26.26 10.03
CA VAL A 486 -44.05 25.53 9.00
C VAL A 486 -43.15 25.36 7.78
N GLY A 487 -43.22 24.17 7.19
CA GLY A 487 -42.53 23.87 5.96
C GLY A 487 -43.38 22.98 5.07
N SER A 488 -42.77 22.00 4.42
CA SER A 488 -43.50 21.07 3.57
C SER A 488 -42.93 19.68 3.80
N ALA A 489 -43.70 18.82 4.46
CA ALA A 489 -43.24 17.48 4.76
C ALA A 489 -43.25 16.62 3.50
N ASP A 490 -42.30 15.68 3.43
CA ASP A 490 -42.26 14.67 2.38
C ASP A 490 -43.08 13.49 2.86
N LYS A 491 -44.37 13.49 2.52
CA LYS A 491 -45.28 12.44 2.96
C LYS A 491 -45.22 11.20 2.07
N GLU A 492 -44.49 11.24 0.96
CA GLU A 492 -44.25 9.99 0.25
C GLU A 492 -43.14 9.18 0.92
N LYS A 493 -42.17 9.84 1.54
CA LYS A 493 -41.17 9.13 2.33
C LYS A 493 -41.69 8.80 3.72
N THR A 494 -42.27 9.79 4.41
CA THR A 494 -42.84 9.60 5.74
C THR A 494 -44.27 10.13 5.74
N PRO A 495 -45.25 9.30 5.39
CA PRO A 495 -46.63 9.78 5.30
C PRO A 495 -47.20 10.29 6.60
N SER A 496 -46.57 9.99 7.74
CA SER A 496 -47.01 10.52 9.02
C SER A 496 -46.39 11.87 9.36
N LYS A 498 -45.73 15.79 9.40
CA LYS A 498 -46.55 16.98 9.25
C LYS A 498 -45.70 18.18 8.85
N SER A 499 -46.36 19.17 8.24
CA SER A 499 -45.70 20.36 7.73
C SER A 499 -45.64 21.49 8.75
N ILE A 500 -45.88 21.20 10.04
CA ILE A 500 -45.80 22.19 11.09
C ILE A 500 -45.09 21.59 12.29
N GLY A 501 -44.22 22.38 12.90
CA GLY A 501 -43.49 21.98 14.09
C GLY A 501 -43.69 22.98 15.21
N ILE A 502 -43.84 22.47 16.43
CA ILE A 502 -44.09 23.28 17.61
C ILE A 502 -43.03 22.97 18.65
N SER A 503 -42.55 24.00 19.35
CA SER A 503 -41.59 23.84 20.43
C SER A 503 -42.10 24.55 21.67
N ASN A 504 -41.84 23.94 22.83
CA ASN A 504 -42.11 24.55 24.12
C ASN A 504 -40.86 25.05 24.83
N ASP A 505 -39.67 24.72 24.33
CA ASP A 505 -38.41 25.05 25.00
C ASP A 505 -37.53 25.93 24.12
N GLY A 506 -38.14 26.84 23.36
CA GLY A 506 -37.37 27.77 22.56
C GLY A 506 -36.63 27.15 21.39
N GLY A 507 -37.17 26.09 20.81
CA GLY A 507 -36.58 25.51 19.62
C GLY A 507 -35.48 24.50 19.84
N VAL A 508 -35.27 24.06 21.07
CA VAL A 508 -34.33 22.97 21.30
C VAL A 508 -34.95 21.64 20.90
N ASN A 509 -36.24 21.47 21.18
CA ASN A 509 -36.98 20.26 20.84
C ASN A 509 -38.29 20.64 20.18
N TRP A 510 -38.63 19.96 19.08
CA TRP A 510 -39.88 20.19 18.38
C TRP A 510 -40.76 18.95 18.47
N TYR A 511 -42.05 19.15 18.23
CA TYR A 511 -42.98 18.04 18.11
C TYR A 511 -43.99 18.37 17.01
N PRO A 513 -47.88 18.36 15.70
CA PRO A 513 -49.26 18.29 16.20
C PRO A 513 -50.05 17.24 15.44
N ASN A 514 -51.30 17.04 15.87
CA ASN A 514 -52.09 15.90 15.44
C ASN A 514 -52.76 16.11 14.09
N SER A 515 -53.04 17.36 13.70
CA SER A 515 -53.75 17.61 12.46
C SER A 515 -53.18 18.85 11.78
N GLU A 516 -53.60 19.05 10.54
CA GLU A 516 -53.19 20.16 9.69
C GLU A 516 -54.43 20.76 9.05
N PRO A 517 -54.33 22.02 8.59
CA PRO A 517 -55.44 22.61 7.84
C PRO A 517 -55.92 21.71 6.72
N SER A 518 -57.23 21.60 6.58
CA SER A 518 -57.85 20.76 5.56
C SER A 518 -59.16 21.42 5.15
N ASN A 519 -59.45 21.39 3.84
CA ASN A 519 -60.71 21.91 3.31
C ASN A 519 -61.70 20.79 2.98
N GLY A 520 -61.62 19.68 3.71
CA GLY A 520 -62.46 18.50 3.45
C GLY A 520 -62.03 17.68 2.27
N THR A 521 -61.64 18.32 1.19
CA THR A 521 -61.20 17.62 -0.01
C THR A 521 -59.71 17.30 -0.02
N LYS A 522 -58.91 18.04 0.74
CA LYS A 522 -57.47 17.98 0.59
C LYS A 522 -56.81 18.64 1.80
N THR A 523 -55.78 17.99 2.32
CA THR A 523 -54.97 18.55 3.39
C THR A 523 -53.82 19.33 2.78
N THR A 524 -53.48 20.45 3.43
CA THR A 524 -52.46 21.35 2.90
C THR A 524 -51.13 20.63 2.72
N VAL A 525 -50.39 21.03 1.67
CA VAL A 525 -49.01 20.58 1.53
C VAL A 525 -48.07 21.37 2.44
N GLY A 526 -48.54 22.50 2.97
CA GLY A 526 -47.74 23.27 3.91
C GLY A 526 -47.23 24.58 3.36
N HIS A 527 -46.02 24.96 3.77
CA HIS A 527 -45.38 26.22 3.37
C HIS A 527 -46.29 27.38 3.80
N GLY A 528 -46.21 28.50 3.11
CA GLY A 528 -46.96 29.67 3.52
C GLY A 528 -46.29 30.39 4.67
N GLN A 529 -47.10 31.05 5.49
CA GLN A 529 -46.62 31.89 6.58
C GLN A 529 -47.36 31.52 7.87
N VAL A 530 -46.64 31.60 8.99
CA VAL A 530 -47.21 31.29 10.30
C VAL A 530 -47.00 32.49 11.23
N ALA A 531 -47.98 32.74 12.09
CA ALA A 531 -47.91 33.77 13.11
C ALA A 531 -48.47 33.22 14.41
N VAL A 532 -47.83 33.57 15.52
CA VAL A 532 -48.18 33.02 16.83
C VAL A 532 -48.66 34.17 17.71
N SER A 533 -49.82 33.97 18.35
CA SER A 533 -50.41 35.00 19.19
C SER A 533 -49.43 35.43 20.29
N ALA A 534 -49.63 36.66 20.78
CA ALA A 534 -48.71 37.25 21.74
C ALA A 534 -48.48 36.33 22.93
N SER A 535 -49.53 35.66 23.39
CA SER A 535 -49.45 34.80 24.57
C SER A 535 -49.21 33.34 24.23
N GLY A 536 -49.28 32.95 22.95
CA GLY A 536 -49.14 31.56 22.57
C GLY A 536 -50.41 30.77 22.65
N ASN A 537 -51.57 31.41 22.84
CA ASN A 537 -52.83 30.68 22.95
C ASN A 537 -53.47 30.40 21.59
N SER A 538 -52.84 30.77 20.48
CA SER A 538 -53.39 30.48 19.17
C SER A 538 -52.31 30.57 18.12
N ILE A 539 -52.57 29.94 16.98
CA ILE A 539 -51.66 29.90 15.83
C ILE A 539 -52.44 30.28 14.58
N LEU A 540 -51.86 31.13 13.74
CA LEU A 540 -52.43 31.48 12.44
C LEU A 540 -51.51 30.97 11.35
N TRP A 541 -52.07 30.19 10.42
CA TRP A 541 -51.31 29.55 9.35
C TRP A 541 -51.92 29.94 8.01
N SER A 542 -51.24 30.82 7.28
CA SER A 542 -51.62 31.18 5.91
C SER A 542 -50.95 30.18 4.98
N THR A 543 -51.67 29.09 4.66
CA THR A 543 -51.07 28.02 3.87
C THR A 543 -50.82 28.47 2.44
N SER A 544 -49.97 27.71 1.75
CA SER A 544 -49.64 28.03 0.38
C SER A 544 -50.71 27.60 -0.61
N ASP A 545 -51.66 26.76 -0.22
CA ASP A 545 -52.55 26.18 -1.21
C ASP A 545 -54.04 26.30 -0.88
N ILE A 546 -54.42 26.29 0.41
CA ILE A 546 -55.84 26.25 0.73
C ILE A 546 -56.26 27.41 1.64
N GLY A 547 -55.44 28.44 1.77
CA GLY A 547 -55.87 29.63 2.48
C GLY A 547 -55.48 29.66 3.94
N VAL A 548 -56.14 30.56 4.67
CA VAL A 548 -55.76 30.92 6.03
C VAL A 548 -56.55 30.07 7.03
N TYR A 549 -55.83 29.47 7.97
CA TYR A 549 -56.43 28.66 9.02
C TYR A 549 -55.86 29.07 10.36
N TYR A 550 -56.66 28.90 11.41
CA TYR A 550 -56.23 29.22 12.77
C TYR A 550 -56.46 28.00 13.67
N SER A 551 -55.70 27.96 14.76
CA SER A 551 -55.84 26.91 15.75
C SER A 551 -55.77 27.50 17.14
N LYS A 552 -56.74 27.14 17.97
CA LYS A 552 -56.78 27.55 19.36
C LYS A 552 -56.46 26.32 20.23
N THR A 553 -56.00 25.24 19.59
CA THR A 553 -55.72 23.98 20.27
C THR A 553 -54.28 23.54 20.09
N SER A 554 -53.36 24.47 19.82
CA SER A 554 -51.94 24.16 19.59
C SER A 554 -51.78 23.11 18.49
N GLY A 555 -52.57 23.24 17.43
CA GLY A 555 -52.46 22.37 16.28
C GLY A 555 -53.21 21.06 16.38
N ASN A 556 -53.97 20.81 17.44
CA ASN A 556 -54.82 19.62 17.49
C ASN A 556 -56.01 19.75 16.56
N SER A 557 -56.34 20.96 16.12
CA SER A 557 -57.47 21.18 15.22
C SER A 557 -57.27 22.51 14.52
N TRP A 558 -57.76 22.59 13.29
CA TRP A 558 -57.64 23.81 12.50
C TRP A 558 -59.00 24.17 11.91
N THR A 559 -59.31 25.46 11.92
CA THR A 559 -60.56 25.98 11.37
C THR A 559 -60.23 27.12 10.43
N ALA A 560 -60.91 27.15 9.28
CA ALA A 560 -60.63 28.15 8.28
C ALA A 560 -61.02 29.53 8.78
N SER A 561 -60.11 30.49 8.61
CA SER A 561 -60.43 31.87 8.92
C SER A 561 -61.34 32.45 7.85
N ALA A 562 -62.17 33.41 8.24
CA ALA A 562 -63.09 34.07 7.34
C ALA A 562 -62.65 35.50 7.10
N GLY A 563 -62.91 35.99 5.88
CA GLY A 563 -62.65 37.37 5.54
C GLY A 563 -61.25 37.70 5.08
N LEU A 564 -60.32 36.75 5.14
CA LEU A 564 -58.95 36.98 4.71
C LEU A 564 -58.63 36.08 3.51
N PRO A 565 -58.32 36.65 2.34
CA PRO A 565 -58.16 35.81 1.15
C PRO A 565 -56.91 34.94 1.22
N ALA A 566 -56.96 33.81 0.50
CA ALA A 566 -55.85 32.88 0.45
C ALA A 566 -54.61 33.54 -0.15
N GLY A 567 -53.45 33.24 0.45
CA GLY A 567 -52.21 33.85 0.05
C GLY A 567 -51.84 35.11 0.82
N ALA A 568 -52.67 35.51 1.79
CA ALA A 568 -52.41 36.75 2.51
C ALA A 568 -51.19 36.61 3.40
N LYS A 569 -50.43 37.70 3.50
CA LYS A 569 -49.40 37.80 4.53
C LYS A 569 -50.07 38.06 5.87
N ILE A 570 -49.51 37.49 6.93
CA ILE A 570 -50.12 37.57 8.26
C ILE A 570 -49.04 37.95 9.27
N ALA A 571 -49.51 38.50 10.39
CA ALA A 571 -48.64 38.89 11.48
C ALA A 571 -49.50 39.00 12.74
N SER A 572 -48.92 38.63 13.88
CA SER A 572 -49.62 38.72 15.15
C SER A 572 -49.22 40.00 15.87
N ASP A 573 -50.18 40.57 16.60
CA ASP A 573 -49.84 41.61 17.56
C ASP A 573 -48.99 41.00 18.66
N ARG A 574 -47.98 41.74 19.09
CA ARG A 574 -47.03 41.23 20.07
C ARG A 574 -47.47 41.46 21.50
N VAL A 575 -48.65 42.06 21.72
CA VAL A 575 -49.14 42.38 23.04
C VAL A 575 -50.53 41.80 23.24
N ASN A 576 -51.43 42.08 22.30
CA ASN A 576 -52.83 41.65 22.42
C ASN A 576 -52.97 40.29 21.75
N PRO A 577 -53.16 39.20 22.49
CA PRO A 577 -53.23 37.88 21.86
C PRO A 577 -54.45 37.69 20.97
N ASN A 578 -55.46 38.55 21.08
CA ASN A 578 -56.63 38.46 20.23
C ASN A 578 -56.41 39.06 18.86
N LYS A 579 -55.28 39.74 18.63
CA LYS A 579 -55.11 40.63 17.50
C LYS A 579 -54.15 40.01 16.48
N TYR A 580 -54.65 39.77 15.27
CA TYR A 580 -53.86 39.38 14.12
C TYR A 580 -54.06 40.40 13.00
N TYR A 581 -53.07 40.49 12.12
CA TYR A 581 -53.13 41.40 10.98
C TYR A 581 -52.91 40.63 9.69
N GLY A 582 -53.52 41.12 8.61
CA GLY A 582 -53.40 40.47 7.32
C GLY A 582 -53.22 41.50 6.21
N PHE A 583 -52.68 41.02 5.10
CA PHE A 583 -52.47 41.86 3.92
C PHE A 583 -52.55 41.01 2.67
N TYR A 584 -53.31 41.49 1.68
CA TYR A 584 -53.36 40.82 0.38
C TYR A 584 -53.78 41.81 -0.69
N ALA A 585 -52.96 41.90 -1.73
CA ALA A 585 -53.30 42.65 -2.96
C ALA A 585 -53.66 44.10 -2.66
N GLY A 586 -52.89 44.74 -1.78
CA GLY A 586 -53.08 46.15 -1.48
C GLY A 586 -54.03 46.43 -0.33
N THR A 587 -54.75 45.44 0.18
CA THR A 587 -55.71 45.62 1.25
C THR A 587 -55.15 45.08 2.56
N PHE A 588 -55.20 45.90 3.60
CA PHE A 588 -54.82 45.51 4.94
C PHE A 588 -56.04 45.03 5.71
N TYR A 589 -55.83 44.03 6.57
CA TYR A 589 -56.91 43.44 7.35
C TYR A 589 -56.50 43.36 8.82
N VAL A 590 -57.52 43.30 9.69
CA VAL A 590 -57.30 43.11 11.12
C VAL A 590 -58.30 42.10 11.63
N SER A 591 -57.85 41.24 12.55
CA SER A 591 -58.69 40.33 13.29
C SER A 591 -58.55 40.64 14.78
N VAL A 592 -59.68 40.65 15.49
CA VAL A 592 -59.68 40.85 16.93
C VAL A 592 -60.25 39.65 17.68
N ASP A 593 -60.49 38.54 16.99
CA ASP A 593 -60.98 37.33 17.65
C ASP A 593 -60.03 36.16 17.44
N GLY A 594 -58.74 36.38 17.65
CA GLY A 594 -57.77 35.31 17.55
C GLY A 594 -57.60 34.72 16.16
N GLY A 595 -57.90 35.50 15.13
CA GLY A 595 -57.72 35.04 13.77
C GLY A 595 -58.90 34.31 13.16
N ALA A 596 -60.05 34.28 13.84
CA ALA A 596 -61.20 33.56 13.30
C ALA A 596 -61.88 34.36 12.20
N THR A 597 -61.93 35.69 12.32
CA THR A 597 -62.53 36.55 11.32
C THR A 597 -61.67 37.78 11.12
N PHE A 598 -61.55 38.23 9.88
CA PHE A 598 -60.78 39.42 9.54
C PHE A 598 -61.69 40.44 8.85
N THR A 599 -61.41 41.72 9.09
CA THR A 599 -62.08 42.80 8.39
C THR A 599 -61.04 43.75 7.81
N ALA A 600 -61.30 44.23 6.60
CA ALA A 600 -60.38 45.15 5.95
C ALA A 600 -60.41 46.51 6.64
N THR A 601 -59.26 47.15 6.71
CA THR A 601 -59.15 48.52 7.17
C THR A 601 -59.06 49.47 5.97
N GLY A 602 -59.14 50.76 6.25
CA GLY A 602 -59.11 51.78 5.23
C GLY A 602 -57.72 52.23 4.80
N ALA A 603 -56.67 51.57 5.28
CA ALA A 603 -55.31 51.91 4.88
C ALA A 603 -55.18 51.93 3.37
N SER A 604 -54.66 53.02 2.83
CA SER A 604 -54.65 53.26 1.40
C SER A 604 -53.22 53.45 0.89
N GLY A 605 -53.04 53.24 -0.41
CA GLY A 605 -51.76 53.43 -1.05
C GLY A 605 -50.82 52.25 -0.98
N PHE A 606 -51.21 51.16 -0.32
CA PHE A 606 -50.33 50.01 -0.22
C PHE A 606 -50.17 49.35 -1.59
N PRO A 607 -48.97 48.87 -1.91
CA PRO A 607 -48.78 48.25 -3.22
C PRO A 607 -49.58 46.96 -3.35
N THR A 608 -50.12 46.75 -4.54
CA THR A 608 -50.61 45.43 -4.95
C THR A 608 -49.49 44.82 -5.76
N ASN A 609 -48.66 43.99 -5.11
CA ASN A 609 -47.55 43.37 -5.81
C ASN A 609 -48.33 42.36 -6.65
N ASN A 610 -49.01 42.85 -7.67
CA ASN A 610 -49.71 42.06 -8.67
C ASN A 610 -49.19 42.29 -10.07
N VAL A 611 -48.19 43.17 -10.24
CA VAL A 611 -47.85 43.65 -11.58
C VAL A 611 -47.31 42.52 -12.45
N ALA A 612 -47.35 42.75 -13.76
CA ALA A 612 -46.99 41.74 -14.74
C ALA A 612 -45.48 41.59 -14.88
N GLY A 613 -44.77 42.71 -15.06
CA GLY A 613 -43.34 42.64 -15.32
C GLY A 613 -42.46 42.66 -14.08
N LEU A 614 -42.66 41.70 -13.18
CA LEU A 614 -41.91 41.60 -11.94
C LEU A 614 -41.28 40.22 -11.82
N GLN A 615 -39.97 40.18 -11.63
CA GLN A 615 -39.21 38.96 -11.46
C GLN A 615 -39.43 38.40 -10.04
N PRO A 616 -39.30 37.07 -9.86
CA PRO A 616 -39.71 36.45 -8.60
C PRO A 616 -39.11 37.07 -7.33
N ASN A 617 -37.91 37.63 -7.40
CA ASN A 617 -37.25 38.20 -6.23
C ASN A 617 -37.16 39.72 -6.28
N GLU A 618 -38.02 40.37 -7.07
CA GLU A 618 -37.90 41.81 -7.25
C GLU A 618 -38.67 42.61 -6.19
N ALA A 619 -39.85 42.15 -5.80
CA ALA A 619 -40.68 42.84 -4.82
C ALA A 619 -40.85 41.97 -3.58
N GLN A 620 -41.36 42.60 -2.52
CA GLN A 620 -41.43 41.95 -1.21
C GLN A 620 -42.48 42.67 -0.38
N ILE A 621 -43.01 41.98 0.63
CA ILE A 621 -43.89 42.55 1.64
C ILE A 621 -43.37 42.14 3.01
N SER A 622 -43.05 43.13 3.84
CA SER A 622 -42.48 42.90 5.17
C SER A 622 -43.35 43.62 6.19
N LYS A 624 -44.67 43.66 10.30
CA LYS A 624 -44.36 43.19 11.65
C LYS A 624 -44.93 44.15 12.68
N ALA A 625 -45.63 43.62 13.68
CA ALA A 625 -46.01 44.42 14.83
C ALA A 625 -44.83 44.54 15.80
N VAL A 626 -44.83 45.61 16.58
CA VAL A 626 -43.70 45.96 17.43
C VAL A 626 -43.84 45.28 18.80
N PRO A 627 -42.79 44.62 19.30
CA PRO A 627 -42.85 44.08 20.66
C PRO A 627 -43.12 45.17 21.67
N GLY A 628 -44.04 44.89 22.60
CA GLY A 628 -44.32 45.77 23.71
C GLY A 628 -45.28 46.91 23.44
N ILE A 629 -45.75 47.07 22.20
CA ILE A 629 -46.67 48.15 21.83
C ILE A 629 -47.81 47.54 21.01
N GLU A 630 -48.99 47.44 21.61
CA GLU A 630 -50.14 46.90 20.89
C GLU A 630 -50.56 47.84 19.77
N GLY A 631 -50.83 47.26 18.61
CA GLY A 631 -51.33 48.02 17.49
C GLY A 631 -50.30 48.86 16.76
N ASP A 632 -49.01 48.68 17.06
CA ASP A 632 -47.93 49.40 16.40
C ASP A 632 -47.35 48.47 15.33
N ILE A 633 -47.52 48.84 14.06
CA ILE A 633 -47.12 48.00 12.93
C ILE A 633 -46.25 48.81 11.99
N TRP A 634 -45.16 48.19 11.54
CA TRP A 634 -44.36 48.72 10.43
C TRP A 634 -44.53 47.84 9.21
N PHE A 635 -44.48 48.47 8.04
CA PHE A 635 -44.81 47.82 6.77
C PHE A 635 -43.82 48.31 5.73
N ALA A 636 -43.13 47.38 5.08
CA ALA A 636 -42.15 47.71 4.05
C ALA A 636 -42.39 46.85 2.82
N GLY A 637 -42.21 47.44 1.65
CA GLY A 637 -42.36 46.72 0.40
C GLY A 637 -42.87 47.62 -0.69
N GLY A 638 -43.12 47.01 -1.83
CA GLY A 638 -43.66 47.68 -3.01
C GLY A 638 -42.77 47.50 -4.21
N ASN A 639 -43.02 48.34 -5.21
CA ASN A 639 -42.28 48.27 -6.47
C ASN A 639 -42.39 49.61 -7.17
N THR A 640 -41.47 49.82 -8.13
CA THR A 640 -41.43 51.07 -8.87
C THR A 640 -42.49 51.15 -9.96
N VAL A 641 -43.02 50.01 -10.41
CA VAL A 641 -44.10 50.06 -11.39
C VAL A 641 -45.26 50.90 -10.88
N GLU A 642 -45.84 50.48 -9.75
CA GLU A 642 -46.99 51.14 -9.18
C GLU A 642 -46.66 52.46 -8.50
N ASN A 643 -45.37 52.77 -8.32
CA ASN A 643 -44.95 53.92 -7.53
C ASN A 643 -45.54 53.85 -6.12
N LYS A 644 -45.65 52.64 -5.59
CA LYS A 644 -46.07 52.38 -4.21
C LYS A 644 -44.95 51.52 -3.61
N TYR A 645 -44.05 52.17 -2.88
CA TYR A 645 -42.77 51.55 -2.53
C TYR A 645 -42.17 52.35 -1.39
N GLY A 646 -41.88 51.68 -0.27
CA GLY A 646 -41.28 52.36 0.86
C GLY A 646 -41.56 51.74 2.21
N LEU A 647 -41.71 52.59 3.23
CA LEU A 647 -41.86 52.14 4.61
C LEU A 647 -43.03 52.89 5.24
N TRP A 648 -44.01 52.14 5.73
CA TRP A 648 -45.20 52.69 6.37
C TRP A 648 -45.16 52.39 7.87
N HIS A 649 -45.90 53.20 8.64
CA HIS A 649 -46.01 53.00 10.08
C HIS A 649 -47.43 53.27 10.53
N SER A 650 -47.99 52.32 11.27
CA SER A 650 -49.30 52.47 11.90
C SER A 650 -49.17 52.33 13.41
N THR A 651 -49.92 53.15 14.15
CA THR A 651 -50.03 53.01 15.59
C THR A 651 -51.47 52.86 16.05
N ASN A 652 -52.39 52.57 15.13
CA ASN A 652 -53.81 52.36 15.46
C ASN A 652 -54.28 51.00 14.98
N SER A 653 -53.42 49.99 15.13
CA SER A 653 -53.73 48.62 14.72
C SER A 653 -54.09 48.51 13.24
N GLY A 654 -53.45 49.33 12.40
CA GLY A 654 -53.62 49.23 10.96
C GLY A 654 -54.79 49.99 10.39
N ALA A 655 -55.51 50.77 11.20
CA ALA A 655 -56.59 51.58 10.65
C ALA A 655 -56.08 52.57 9.61
N SER A 656 -54.86 53.08 9.81
CA SER A 656 -54.24 54.00 8.87
C SER A 656 -52.73 53.98 9.11
N PHE A 657 -51.98 54.24 8.04
CA PHE A 657 -50.53 54.26 8.09
C PHE A 657 -50.02 55.62 7.63
N THR A 658 -48.84 55.98 8.14
CA THR A 658 -48.08 57.11 7.62
C THR A 658 -46.91 56.58 6.79
N LYS A 659 -46.83 57.00 5.54
CA LYS A 659 -45.69 56.64 4.71
C LYS A 659 -44.54 57.60 4.98
N LEU A 660 -43.38 57.06 5.37
CA LEU A 660 -42.23 57.88 5.68
C LEU A 660 -41.71 58.54 4.40
N THR A 661 -41.66 59.87 4.40
CA THR A 661 -41.28 60.61 3.21
C THR A 661 -39.78 60.57 2.94
N ASN A 662 -38.97 60.17 3.92
CA ASN A 662 -37.52 60.13 3.75
C ASN A 662 -37.00 58.76 3.35
N VAL A 663 -37.88 57.86 2.92
CA VAL A 663 -37.51 56.49 2.54
C VAL A 663 -38.03 56.27 1.12
N GLU A 664 -37.13 56.36 0.13
CA GLU A 664 -37.56 56.24 -1.26
C GLU A 664 -38.05 54.83 -1.57
N GLU A 665 -37.33 53.81 -1.09
CA GLU A 665 -37.70 52.42 -1.32
C GLU A 665 -37.38 51.64 -0.06
N ALA A 666 -38.20 50.63 0.24
CA ALA A 666 -37.92 49.74 1.36
C ALA A 666 -38.52 48.37 1.06
N ASP A 667 -37.83 47.34 1.53
CA ASP A 667 -38.22 45.96 1.24
C ASP A 667 -38.35 45.07 2.47
N LEU A 668 -37.68 45.41 3.57
CA LEU A 668 -37.77 44.64 4.81
C LEU A 668 -37.70 45.61 5.98
N ILE A 669 -38.28 45.19 7.10
CA ILE A 669 -38.22 45.96 8.34
C ILE A 669 -38.01 44.99 9.50
N GLY A 670 -37.26 45.45 10.49
CA GLY A 670 -36.99 44.64 11.66
C GLY A 670 -36.67 45.53 12.84
N TYR A 671 -36.75 44.96 14.03
CA TYR A 671 -36.59 45.71 15.28
C TYR A 671 -35.46 45.13 16.12
N GLY A 672 -34.75 46.03 16.80
CA GLY A 672 -33.69 45.66 17.72
C GLY A 672 -33.71 46.56 18.94
N LYS A 673 -32.81 46.26 19.87
CA LYS A 673 -32.81 46.96 21.16
C LYS A 673 -32.63 48.47 20.98
N ALA A 674 -33.32 49.23 21.82
CA ALA A 674 -33.28 50.68 21.74
C ALA A 674 -31.89 51.20 22.04
N ALA A 675 -31.51 52.27 21.33
CA ALA A 675 -30.23 52.92 21.58
C ALA A 675 -30.22 53.53 22.98
N PRO A 676 -29.04 53.69 23.58
CA PRO A 676 -28.97 54.35 24.88
C PRO A 676 -29.62 55.73 24.84
N GLY A 677 -30.39 56.04 25.89
CA GLY A 677 -31.12 57.28 25.94
C GLY A 677 -32.38 57.34 25.10
N GLN A 678 -32.68 56.28 24.35
CA GLN A 678 -33.90 56.18 23.56
C GLN A 678 -34.83 55.16 24.21
N THR A 679 -36.13 55.34 23.97
CA THR A 679 -37.15 54.41 24.46
C THR A 679 -37.68 53.48 23.38
N TYR A 680 -37.81 53.98 22.15
CA TYR A 680 -38.30 53.18 21.04
C TYR A 680 -37.19 52.29 20.49
N SER A 682 -34.73 50.25 17.99
CA SER A 682 -34.07 50.65 16.75
C SER A 682 -34.69 49.92 15.57
N LEU A 683 -34.76 50.62 14.44
CA LEU A 683 -35.31 50.05 13.22
C LEU A 683 -34.18 49.59 12.30
N TYR A 684 -34.38 48.45 11.65
CA TYR A 684 -33.43 47.93 10.68
C TYR A 684 -34.19 47.68 9.38
N THR A 685 -33.63 48.17 8.27
CA THR A 685 -34.37 48.14 7.03
C THR A 685 -33.42 47.90 5.86
N VAL A 686 -33.91 47.17 4.87
CA VAL A 686 -33.29 47.07 3.56
C VAL A 686 -34.03 48.05 2.66
N ALA A 687 -33.30 49.02 2.12
CA ALA A 687 -33.97 50.20 1.61
C ALA A 687 -33.07 50.97 0.67
N LYS A 688 -33.67 51.95 -0.02
CA LYS A 688 -32.96 52.98 -0.75
C LYS A 688 -33.26 54.31 -0.07
N ILE A 689 -32.24 54.89 0.57
CA ILE A 689 -32.40 56.11 1.37
CA ILE A 689 -32.42 56.11 1.34
C ILE A 689 -31.38 57.13 0.87
N ASP A 690 -31.87 58.32 0.50
CA ASP A 690 -31.01 59.41 0.02
C ASP A 690 -30.13 58.96 -1.14
N GLY A 691 -30.71 58.17 -2.04
CA GLY A 691 -30.04 57.71 -3.23
C GLY A 691 -29.13 56.52 -3.07
N VAL A 692 -29.06 55.92 -1.87
CA VAL A 692 -28.12 54.84 -1.59
C VAL A 692 -28.91 53.59 -1.25
N ARG A 693 -28.66 52.51 -1.98
CA ARG A 693 -29.20 51.20 -1.64
C ARG A 693 -28.32 50.54 -0.60
N GLY A 694 -28.94 49.93 0.40
CA GLY A 694 -28.17 49.22 1.41
C GLY A 694 -29.03 48.85 2.62
N VAL A 695 -28.34 48.62 3.74
CA VAL A 695 -28.95 48.29 5.02
C VAL A 695 -28.82 49.50 5.93
N PHE A 696 -29.92 49.90 6.55
CA PHE A 696 -29.97 51.13 7.33
C PHE A 696 -30.53 50.87 8.72
N ARG A 697 -30.05 51.65 9.69
CA ARG A 697 -30.55 51.63 11.05
C ARG A 697 -31.06 53.00 11.43
N SER A 698 -32.17 53.05 12.17
CA SER A 698 -32.69 54.28 12.72
C SER A 698 -32.91 54.12 14.22
N ASP A 699 -32.36 55.04 15.00
CA ASP A 699 -32.54 55.04 16.44
C ASP A 699 -33.56 56.08 16.90
N ASP A 700 -34.25 56.74 15.97
CA ASP A 700 -35.19 57.81 16.29
C ASP A 700 -36.49 57.64 15.52
N VAL A 701 -37.02 56.41 15.53
CA VAL A 701 -38.33 56.08 14.95
C VAL A 701 -38.40 56.50 13.49
N GLY A 702 -37.29 56.36 12.77
CA GLY A 702 -37.29 56.63 11.34
C GLY A 702 -37.07 58.07 10.96
N ALA A 703 -36.79 58.96 11.92
CA ALA A 703 -36.51 60.35 11.57
C ALA A 703 -35.22 60.46 10.75
N THR A 704 -34.17 59.76 11.18
CA THR A 704 -32.90 59.74 10.49
C THR A 704 -32.41 58.30 10.33
N TRP A 705 -31.64 58.07 9.28
CA TRP A 705 -31.18 56.73 8.91
C TRP A 705 -29.69 56.74 8.65
N VAL A 706 -29.01 55.71 9.13
CA VAL A 706 -27.57 55.54 8.91
C VAL A 706 -27.35 54.19 8.23
N ARG A 707 -26.51 54.19 7.20
CA ARG A 707 -26.18 52.95 6.50
C ARG A 707 -25.20 52.14 7.34
N ILE A 708 -25.53 50.87 7.58
CA ILE A 708 -24.70 50.02 8.41
C ILE A 708 -23.99 48.91 7.64
N ASN A 709 -24.26 48.77 6.35
CA ASN A 709 -23.42 47.98 5.48
C ASN A 709 -22.59 48.93 4.61
N ASP A 710 -21.88 48.37 3.62
CA ASP A 710 -21.06 49.17 2.73
C ASP A 710 -20.99 48.45 1.39
N ASP A 711 -20.32 49.08 0.43
CA ASP A 711 -20.27 48.57 -0.94
C ASP A 711 -19.54 47.23 -1.05
N ALA A 712 -18.78 46.83 -0.04
CA ALA A 712 -18.11 45.53 -0.04
C ALA A 712 -18.92 44.45 0.65
N HIS A 713 -20.09 44.78 1.20
CA HIS A 713 -20.93 43.83 1.94
C HIS A 713 -22.39 44.14 1.57
N GLN A 714 -22.79 43.66 0.40
CA GLN A 714 -24.12 43.90 -0.14
C GLN A 714 -24.97 42.63 -0.28
N TYR A 715 -24.39 41.54 -0.78
CA TYR A 715 -25.01 40.20 -0.76
C TYR A 715 -26.22 40.11 -1.69
N ALA A 716 -26.19 40.84 -2.79
CA ALA A 716 -27.10 40.64 -3.94
C ALA A 716 -28.52 41.03 -3.49
N LYS A 717 -29.55 40.24 -3.81
CA LYS A 717 -30.94 40.64 -3.57
C LYS A 717 -31.34 40.26 -2.15
N ILE A 718 -31.13 41.19 -1.22
CA ILE A 718 -31.32 40.94 0.21
C ILE A 718 -32.73 41.35 0.62
N ASN A 719 -33.74 40.77 -0.04
CA ASN A 719 -35.13 40.99 0.32
C ASN A 719 -35.73 39.79 1.05
N ALA A 721 -34.94 38.45 4.70
CA ALA A 721 -35.29 38.56 6.12
C ALA A 721 -34.30 39.49 6.80
N ILE A 722 -34.81 40.22 7.79
CA ILE A 722 -33.97 41.08 8.62
C ILE A 722 -34.62 41.19 10.00
N THR A 723 -33.77 41.29 11.03
CA THR A 723 -34.22 41.58 12.38
C THR A 723 -33.03 42.09 13.18
N GLY A 724 -33.32 42.96 14.14
CA GLY A 724 -32.35 43.32 15.15
C GLY A 724 -32.37 42.30 16.27
N ASP A 725 -31.68 42.65 17.35
CA ASP A 725 -31.58 41.80 18.53
C ASP A 725 -32.14 42.56 19.73
N PRO A 726 -33.21 42.07 20.36
CA PRO A 726 -33.81 42.83 21.48
C PRO A 726 -32.91 42.95 22.69
N ARG A 727 -31.81 42.20 22.76
CA ARG A 727 -30.89 42.29 23.89
C ARG A 727 -29.58 42.99 23.56
N ILE A 728 -29.32 43.31 22.29
CA ILE A 728 -28.03 43.85 21.87
C ILE A 728 -28.29 45.03 20.95
N TYR A 729 -28.07 46.25 21.45
CA TYR A 729 -28.20 47.41 20.58
C TYR A 729 -27.15 47.38 19.49
N GLY A 730 -27.55 47.79 18.28
CA GLY A 730 -26.65 47.87 17.15
C GLY A 730 -26.53 46.59 16.35
N ARG A 731 -26.92 45.45 16.92
CA ARG A 731 -26.78 44.17 16.25
C ARG A 731 -27.88 43.99 15.21
N VAL A 732 -27.51 43.54 14.01
CA VAL A 732 -28.46 43.23 12.96
C VAL A 732 -28.17 41.82 12.44
N TYR A 733 -29.24 41.09 12.13
CA TYR A 733 -29.14 39.81 11.43
C TYR A 733 -29.79 39.97 10.07
N LEU A 734 -29.06 39.59 9.02
CA LEU A 734 -29.50 39.81 7.64
C LEU A 734 -29.53 38.49 6.90
N GLY A 735 -30.72 38.11 6.42
CA GLY A 735 -30.83 36.99 5.53
C GLY A 735 -30.45 37.36 4.10
N THR A 736 -30.08 36.33 3.34
CA THR A 736 -29.74 36.50 1.94
C THR A 736 -30.35 35.34 1.14
N ASN A 737 -30.22 35.43 -0.19
CA ASN A 737 -30.66 34.37 -1.09
C ASN A 737 -29.40 33.80 -1.75
N GLY A 738 -28.66 33.00 -1.00
CA GLY A 738 -27.46 32.36 -1.49
C GLY A 738 -26.19 32.67 -0.73
N ARG A 739 -26.21 33.57 0.25
CA ARG A 739 -25.04 33.86 1.06
C ARG A 739 -25.29 33.57 2.54
N GLY A 740 -26.30 32.74 2.85
CA GLY A 740 -26.57 32.41 4.22
C GLY A 740 -27.07 33.60 5.02
N THR A 741 -26.74 33.60 6.31
CA THR A 741 -27.13 34.65 7.23
C THR A 741 -25.90 35.41 7.70
N LEU A 742 -26.01 36.73 7.75
CA LEU A 742 -24.97 37.60 8.28
C LEU A 742 -25.43 38.18 9.61
N TYR A 743 -24.46 38.52 10.45
CA TYR A 743 -24.71 39.35 11.62
C TYR A 743 -23.60 40.40 11.71
N ALA A 744 -23.96 41.57 12.22
CA ALA A 744 -23.05 42.70 12.19
C ALA A 744 -23.30 43.62 13.37
N ASP A 745 -22.22 44.22 13.86
CA ASP A 745 -22.22 45.18 14.95
C ASP A 745 -21.32 46.35 14.54
N PRO A 746 -21.46 47.50 15.20
CA PRO A 746 -20.46 48.56 15.03
C PRO A 746 -19.07 48.02 15.33
N VAL A 747 -18.08 48.56 14.63
CA VAL A 747 -16.71 48.03 14.71
C VAL A 747 -16.19 48.05 16.14
N GLY B 1 26.41 -39.36 -47.72
CA GLY B 1 25.55 -38.49 -46.94
C GLY B 1 24.50 -39.25 -46.16
N SER B 3 22.59 -39.52 -42.09
CA SER B 3 22.33 -38.88 -40.82
C SER B 3 21.45 -39.78 -39.97
N GLU B 4 21.45 -39.50 -38.66
CA GLU B 4 20.70 -40.28 -37.70
C GLU B 4 20.05 -39.30 -36.73
N PRO B 5 18.74 -39.41 -36.48
CA PRO B 5 18.05 -38.42 -35.63
C PRO B 5 18.57 -38.45 -34.20
N TYR B 6 18.84 -37.26 -33.67
CA TYR B 6 19.33 -37.09 -32.31
C TYR B 6 18.44 -36.10 -31.58
N THR B 7 18.45 -36.18 -30.26
CA THR B 7 17.79 -35.21 -29.40
C THR B 7 18.86 -34.32 -28.78
N TRP B 8 18.82 -33.04 -29.08
CA TRP B 8 19.82 -32.09 -28.60
C TRP B 8 19.24 -31.28 -27.46
N LYS B 9 19.98 -31.21 -26.35
CA LYS B 9 19.55 -30.50 -25.16
C LYS B 9 20.73 -29.73 -24.58
N SER B 10 20.41 -28.64 -23.90
CA SER B 10 21.42 -27.85 -23.22
C SER B 10 21.84 -28.52 -21.91
N VAL B 11 23.14 -28.48 -21.63
CA VAL B 11 23.59 -28.70 -20.26
C VAL B 11 23.21 -27.47 -19.46
N VAL B 12 22.42 -27.68 -18.40
CA VAL B 12 21.76 -26.58 -17.72
C VAL B 12 22.73 -25.90 -16.76
N THR B 13 22.86 -24.58 -16.89
CA THR B 13 23.54 -23.77 -15.89
C THR B 13 22.59 -22.87 -15.11
N GLY B 14 21.34 -22.75 -15.53
CA GLY B 14 20.35 -21.98 -14.79
C GLY B 14 20.41 -20.49 -15.03
N ALA B 15 21.62 -19.93 -15.14
CA ALA B 15 21.78 -18.49 -15.25
C ALA B 15 22.13 -18.01 -16.65
N GLY B 16 22.61 -18.90 -17.52
CA GLY B 16 23.07 -18.47 -18.83
C GLY B 16 24.57 -18.26 -18.88
N GLY B 17 25.08 -17.40 -18.01
CA GLY B 17 26.51 -17.23 -17.87
C GLY B 17 27.15 -16.19 -18.76
N GLY B 18 26.37 -15.43 -19.53
CA GLY B 18 26.90 -14.48 -20.47
C GLY B 18 26.20 -13.13 -20.37
N PHE B 19 26.61 -12.22 -21.25
CA PHE B 19 26.11 -10.85 -21.26
C PHE B 19 24.82 -10.78 -22.08
N VAL B 20 23.78 -10.20 -21.50
CA VAL B 20 22.54 -9.94 -22.24
C VAL B 20 22.40 -8.44 -22.42
N PRO B 21 22.85 -7.88 -23.54
CA PRO B 21 22.80 -6.43 -23.72
C PRO B 21 21.43 -5.88 -24.09
N GLY B 22 20.49 -6.73 -24.48
CA GLY B 22 19.19 -6.24 -24.91
C GLY B 22 18.02 -7.14 -24.59
N ILE B 23 16.98 -6.57 -24.00
CA ILE B 23 15.70 -7.24 -23.78
C ILE B 23 14.62 -6.36 -24.38
N ILE B 24 13.78 -6.94 -25.24
CA ILE B 24 12.89 -6.18 -26.10
C ILE B 24 11.47 -6.71 -25.90
N PHE B 25 10.60 -5.87 -25.36
CA PHE B 25 9.18 -6.20 -25.20
C PHE B 25 8.41 -5.73 -26.43
N ASN B 26 7.50 -6.57 -26.91
CA ASN B 26 6.55 -6.12 -27.91
C ASN B 26 5.60 -5.11 -27.27
N GLN B 27 5.31 -4.05 -28.01
CA GLN B 27 4.49 -2.95 -27.47
C GLN B 27 3.01 -3.21 -27.59
N THR B 28 2.59 -4.32 -28.20
CA THR B 28 1.18 -4.60 -28.48
C THR B 28 0.70 -5.90 -27.87
N GLU B 29 1.49 -6.97 -27.95
CA GLU B 29 1.05 -8.27 -27.47
C GLU B 29 1.64 -8.54 -26.09
N PRO B 30 0.82 -8.65 -25.04
CA PRO B 30 1.36 -8.96 -23.72
C PRO B 30 2.15 -10.26 -23.73
N ASN B 31 3.25 -10.26 -22.98
CA ASN B 31 4.11 -11.42 -22.74
C ASN B 31 4.89 -11.86 -23.98
N LEU B 32 4.94 -11.05 -25.03
CA LEU B 32 5.83 -11.31 -26.16
C LEU B 32 7.14 -10.57 -25.89
N ILE B 33 8.20 -11.33 -25.61
CA ILE B 33 9.50 -10.77 -25.23
C ILE B 33 10.60 -11.48 -26.00
N TYR B 34 11.62 -10.72 -26.39
CA TYR B 34 12.83 -11.27 -26.99
C TYR B 34 14.04 -10.82 -26.19
N ALA B 35 15.09 -11.62 -26.24
CA ALA B 35 16.39 -11.25 -25.67
C ALA B 35 17.45 -11.47 -26.73
N ARG B 36 18.39 -10.53 -26.83
CA ARG B 36 19.50 -10.64 -27.77
C ARG B 36 20.81 -10.70 -26.99
N THR B 37 21.75 -11.49 -27.51
CA THR B 37 23.07 -11.67 -26.91
C THR B 37 24.15 -11.23 -27.89
N ASP B 38 25.37 -11.11 -27.39
CA ASP B 38 26.48 -10.62 -28.22
C ASP B 38 27.17 -11.72 -29.00
N ILE B 39 27.18 -12.96 -28.51
CA ILE B 39 27.83 -14.06 -29.20
C ILE B 39 26.96 -15.31 -29.29
N GLY B 40 25.75 -15.29 -28.74
CA GLY B 40 24.96 -16.51 -28.67
C GLY B 40 23.56 -16.43 -29.24
N GLY B 41 23.34 -15.56 -30.23
CA GLY B 41 22.04 -15.48 -30.87
C GLY B 41 21.01 -14.76 -30.03
N ALA B 42 19.75 -15.09 -30.27
CA ALA B 42 18.62 -14.45 -29.60
C ALA B 42 17.65 -15.50 -29.08
N TYR B 43 16.75 -15.05 -28.19
CA TYR B 43 15.77 -15.91 -27.55
C TYR B 43 14.40 -15.27 -27.60
N ARG B 44 13.36 -16.10 -27.55
CA ARG B 44 11.98 -15.65 -27.38
C ARG B 44 11.44 -16.21 -26.07
N TRP B 45 10.76 -15.36 -25.31
CA TRP B 45 10.19 -15.75 -24.03
C TRP B 45 8.99 -16.66 -24.24
N ASN B 46 8.85 -17.66 -23.36
CA ASN B 46 7.69 -18.55 -23.34
C ASN B 46 6.99 -18.34 -22.01
N GLN B 47 5.89 -17.56 -22.03
CA GLN B 47 5.21 -17.19 -20.79
C GLN B 47 4.62 -18.41 -20.08
N ALA B 48 4.27 -19.46 -20.82
CA ALA B 48 3.66 -20.63 -20.20
C ALA B 48 4.63 -21.41 -19.32
N THR B 49 5.94 -21.27 -19.55
CA THR B 49 6.93 -22.03 -18.80
C THR B 49 7.97 -21.14 -18.13
N SER B 50 7.82 -19.81 -18.21
CA SER B 50 8.78 -18.86 -17.63
C SER B 50 10.21 -19.18 -18.08
N SER B 51 10.36 -19.43 -19.38
CA SER B 51 11.64 -19.83 -19.92
C SER B 51 11.85 -19.19 -21.29
N TRP B 52 13.11 -19.16 -21.71
CA TRP B 52 13.51 -18.60 -23.00
C TRP B 52 13.74 -19.71 -24.00
N VAL B 53 13.37 -19.45 -25.25
CA VAL B 53 13.54 -20.39 -26.35
C VAL B 53 14.48 -19.75 -27.36
N SER B 54 15.57 -20.45 -27.68
CA SER B 54 16.50 -19.93 -28.67
C SER B 54 15.85 -19.90 -30.04
N ILE B 55 16.07 -18.81 -30.76
CA ILE B 55 15.61 -18.67 -32.14
C ILE B 55 16.78 -18.57 -33.10
N SER B 56 17.95 -19.09 -32.71
CA SER B 56 19.17 -18.90 -33.48
C SER B 56 19.97 -20.17 -33.73
N ASP B 57 19.51 -21.33 -33.27
CA ASP B 57 20.32 -22.53 -33.36
C ASP B 57 20.47 -23.06 -34.78
N SER B 58 19.72 -22.51 -35.75
CA SER B 58 19.94 -22.85 -37.15
C SER B 58 21.15 -22.15 -37.74
N VAL B 59 21.67 -21.13 -37.06
CA VAL B 59 22.92 -20.50 -37.50
C VAL B 59 24.03 -21.53 -37.46
N GLY B 60 24.80 -21.60 -38.55
CA GLY B 60 25.80 -22.63 -38.68
C GLY B 60 27.23 -22.16 -38.82
N TRP B 61 28.05 -23.01 -39.43
CA TRP B 61 29.50 -22.81 -39.46
C TRP B 61 29.86 -21.60 -40.32
N VAL B 62 29.42 -21.58 -41.58
CA VAL B 62 29.81 -20.52 -42.50
C VAL B 62 29.20 -19.19 -42.10
N ASP B 63 27.92 -19.19 -41.69
CA ASP B 63 27.22 -17.97 -41.31
C ASP B 63 27.23 -17.75 -39.80
N TRP B 64 28.31 -18.14 -39.14
CA TRP B 64 28.39 -18.08 -37.68
C TRP B 64 28.17 -16.67 -37.15
N ASN B 65 28.51 -15.63 -37.92
CA ASN B 65 28.46 -14.28 -37.38
C ASN B 65 27.04 -13.79 -37.13
N LYS B 66 26.03 -14.57 -37.57
CA LYS B 66 24.65 -14.23 -37.28
C LYS B 66 24.32 -14.32 -35.79
N ASN B 67 25.14 -15.00 -34.99
CA ASN B 67 24.85 -15.11 -33.57
C ASN B 67 25.32 -13.89 -32.77
N GLY B 68 25.92 -12.90 -33.42
CA GLY B 68 26.11 -11.61 -32.81
C GLY B 68 24.93 -10.71 -33.14
N VAL B 69 24.05 -10.49 -32.17
CA VAL B 69 22.77 -9.83 -32.40
C VAL B 69 22.90 -8.41 -31.85
N ASP B 70 23.28 -7.49 -32.75
CA ASP B 70 23.49 -6.10 -32.37
C ASP B 70 22.21 -5.34 -32.14
N ALA B 71 21.09 -5.82 -32.69
CA ALA B 71 19.82 -5.11 -32.56
C ALA B 71 18.68 -6.06 -32.94
N LEU B 72 17.51 -5.82 -32.34
CA LEU B 72 16.33 -6.64 -32.58
C LEU B 72 15.10 -5.76 -32.47
N ALA B 73 14.15 -5.97 -33.38
CA ALA B 73 12.88 -5.24 -33.39
C ALA B 73 11.73 -6.21 -33.57
N THR B 74 10.69 -6.05 -32.75
CA THR B 74 9.49 -6.87 -32.82
C THR B 74 8.31 -6.01 -33.23
N ASP B 75 7.53 -6.50 -34.18
CA ASP B 75 6.55 -5.69 -34.91
C ASP B 75 5.32 -5.44 -34.04
N PRO B 76 4.95 -4.19 -33.77
CA PRO B 76 3.76 -3.92 -32.95
C PRO B 76 2.44 -3.97 -33.72
N ILE B 77 2.49 -4.02 -35.05
CA ILE B 77 1.26 -4.16 -35.83
C ILE B 77 0.96 -5.63 -36.14
N ASP B 78 1.98 -6.39 -36.53
CA ASP B 78 1.88 -7.85 -36.69
C ASP B 78 2.93 -8.49 -35.79
N PRO B 79 2.55 -8.86 -34.56
CA PRO B 79 3.55 -9.43 -33.62
C PRO B 79 4.13 -10.77 -34.04
N ASN B 80 3.70 -11.35 -35.17
CA ASN B 80 4.39 -12.52 -35.70
C ASN B 80 5.74 -12.17 -36.29
N LYS B 81 5.98 -10.90 -36.59
CA LYS B 81 7.15 -10.47 -37.32
C LYS B 81 8.23 -9.97 -36.36
N VAL B 82 9.47 -10.36 -36.65
CA VAL B 82 10.61 -9.98 -35.82
C VAL B 82 11.82 -9.88 -36.74
N TYR B 83 12.73 -8.96 -36.41
CA TYR B 83 13.89 -8.68 -37.24
C TYR B 83 15.13 -8.57 -36.36
N ALA B 85 19.45 -7.30 -36.58
CA ALA B 85 20.68 -6.85 -37.21
C ALA B 85 21.80 -7.69 -36.60
N THR B 86 22.41 -8.54 -37.42
CA THR B 86 23.40 -9.50 -36.95
C THR B 86 24.70 -9.36 -37.72
N GLY B 87 25.74 -9.97 -37.16
CA GLY B 87 27.12 -9.69 -37.51
C GLY B 87 27.85 -9.41 -36.22
N THR B 88 29.06 -9.95 -36.05
CA THR B 88 29.65 -9.98 -34.72
C THR B 88 30.72 -8.89 -34.51
N TYR B 89 31.63 -8.70 -35.46
CA TYR B 89 32.68 -7.70 -35.30
C TYR B 89 32.74 -6.79 -36.52
N THR B 90 33.26 -5.59 -36.28
CA THR B 90 33.46 -4.59 -37.33
C THR B 90 34.93 -4.38 -37.66
N ASN B 91 35.82 -5.21 -37.12
CA ASN B 91 37.22 -5.20 -37.49
C ASN B 91 37.49 -6.37 -38.42
N HIS B 92 38.77 -6.74 -38.57
CA HIS B 92 39.15 -7.78 -39.51
C HIS B 92 38.72 -9.18 -39.07
N TRP B 93 38.18 -9.33 -37.86
CA TRP B 93 37.74 -10.63 -37.38
C TRP B 93 36.49 -11.14 -38.08
N ASP B 94 35.82 -10.31 -38.88
CA ASP B 94 34.50 -10.63 -39.37
C ASP B 94 34.28 -9.93 -40.70
N ASN B 95 33.31 -10.43 -41.46
CA ASN B 95 32.90 -9.75 -42.69
C ASN B 95 31.56 -9.07 -42.45
N ASN B 96 30.91 -8.66 -43.54
CA ASN B 96 29.71 -7.84 -43.45
C ASN B 96 28.60 -8.56 -42.69
N GLY B 97 27.66 -7.76 -42.18
CA GLY B 97 26.52 -8.28 -41.45
C GLY B 97 25.30 -8.45 -42.33
N GLN B 98 24.14 -8.47 -41.68
CA GLN B 98 22.90 -8.74 -42.40
C GLN B 98 21.73 -8.33 -41.53
N ILE B 99 20.60 -8.05 -42.18
CA ILE B 99 19.31 -7.91 -41.52
C ILE B 99 18.54 -9.20 -41.72
N ARG B 101 14.98 -11.41 -41.11
CA ARG B 101 13.55 -11.18 -40.96
C ARG B 101 12.83 -12.51 -40.78
N SER B 102 11.86 -12.53 -39.88
CA SER B 102 11.05 -13.71 -39.61
C SER B 102 9.59 -13.32 -39.55
N ASN B 103 8.73 -14.17 -40.11
CA ASN B 103 7.29 -13.99 -40.04
C ASN B 103 6.64 -14.98 -39.07
N ASP B 104 7.42 -15.73 -38.31
CA ASP B 104 6.89 -16.69 -37.35
C ASP B 104 7.63 -16.61 -36.03
N ARG B 105 7.90 -15.38 -35.56
CA ARG B 105 8.46 -15.12 -34.24
C ARG B 105 9.81 -15.81 -34.04
N GLY B 106 10.57 -15.97 -35.12
CA GLY B 106 11.92 -16.49 -35.03
C GLY B 106 12.08 -17.96 -35.30
N ASN B 107 11.00 -18.67 -35.66
CA ASN B 107 11.15 -20.09 -35.99
C ASN B 107 11.92 -20.28 -37.28
N THR B 108 11.65 -19.47 -38.29
CA THR B 108 12.39 -19.49 -39.55
C THR B 108 12.81 -18.07 -39.92
N TRP B 109 13.86 -17.97 -40.72
CA TRP B 109 14.50 -16.70 -41.01
C TRP B 109 14.79 -16.57 -42.51
N GLN B 110 14.74 -15.33 -42.98
CA GLN B 110 15.34 -14.95 -44.26
C GLN B 110 16.36 -13.86 -43.99
N THR B 111 17.30 -13.71 -44.91
CA THR B 111 18.47 -12.85 -44.68
C THR B 111 18.66 -11.88 -45.83
N THR B 112 18.90 -10.62 -45.50
CA THR B 112 19.35 -9.63 -46.46
C THR B 112 20.75 -9.18 -46.10
N PRO B 113 21.77 -9.51 -46.90
CA PRO B 113 23.13 -9.07 -46.57
C PRO B 113 23.27 -7.55 -46.65
N LEU B 114 23.98 -6.99 -45.68
CA LEU B 114 24.32 -5.58 -45.71
C LEU B 114 25.71 -5.39 -46.30
N PRO B 115 26.00 -4.23 -46.90
CA PRO B 115 27.32 -4.02 -47.50
C PRO B 115 28.34 -3.48 -46.51
N PHE B 116 28.10 -3.69 -45.21
CA PHE B 116 29.03 -3.27 -44.18
C PHE B 116 28.90 -4.21 -42.99
N LYS B 117 29.79 -4.05 -42.03
CA LYS B 117 29.88 -4.95 -40.89
C LYS B 117 28.96 -4.50 -39.76
N VAL B 118 28.44 -5.49 -39.04
CA VAL B 118 27.60 -5.27 -37.86
C VAL B 118 28.40 -5.74 -36.65
N GLY B 119 28.14 -5.10 -35.51
CA GLY B 119 28.98 -5.33 -34.34
C GLY B 119 28.31 -5.90 -33.11
N GLY B 120 27.79 -7.13 -33.21
CA GLY B 120 27.11 -7.73 -32.09
C GLY B 120 27.97 -7.89 -30.85
N ASN B 121 29.29 -8.06 -31.03
CA ASN B 121 30.21 -8.18 -29.92
C ASN B 121 31.22 -7.04 -29.90
N PRO B 123 32.07 -2.75 -28.82
CA PRO B 123 31.70 -1.79 -27.78
C PRO B 123 30.38 -1.10 -28.09
N GLY B 124 29.65 -0.77 -27.02
CA GLY B 124 28.37 -0.10 -27.16
C GLY B 124 27.21 -0.98 -27.56
N ARG B 125 27.36 -2.30 -27.47
CA ARG B 125 26.32 -3.20 -27.94
C ARG B 125 25.07 -3.20 -27.07
N SER B 126 25.10 -2.58 -25.90
CA SER B 126 23.91 -2.47 -25.06
C SER B 126 23.17 -1.15 -25.25
N ALA B 127 23.76 -0.19 -25.94
CA ALA B 127 22.99 0.96 -26.41
C ALA B 127 21.99 0.49 -27.47
N GLY B 128 20.81 1.11 -27.49
CA GLY B 128 19.83 0.81 -28.49
C GLY B 128 18.43 1.13 -28.00
N GLU B 129 17.44 0.60 -28.72
CA GLU B 129 17.68 -0.28 -29.86
C GLU B 129 18.01 0.51 -31.14
N ARG B 130 18.86 -0.07 -31.98
CA ARG B 130 19.29 0.56 -33.21
C ARG B 130 18.60 -0.01 -34.44
N LEU B 131 17.62 -0.89 -34.24
CA LEU B 131 16.76 -1.39 -35.31
C LEU B 131 15.33 -1.27 -34.85
N VAL B 132 14.50 -0.55 -35.62
CA VAL B 132 13.15 -0.23 -35.19
C VAL B 132 12.18 -0.35 -36.35
N ILE B 133 10.92 -0.63 -36.02
CA ILE B 133 9.83 -0.76 -36.97
C ILE B 133 8.88 0.41 -36.75
N ASP B 134 8.47 1.06 -37.83
CA ASP B 134 7.50 2.14 -37.75
C ASP B 134 6.21 1.61 -37.12
N PRO B 135 5.79 2.12 -35.96
CA PRO B 135 4.60 1.58 -35.30
C PRO B 135 3.29 1.94 -35.99
N ASN B 136 3.32 2.74 -37.06
CA ASN B 136 2.13 3.06 -37.83
C ASN B 136 2.17 2.50 -39.25
N LYS B 137 3.33 2.05 -39.72
CA LYS B 137 3.45 1.48 -41.06
C LYS B 137 4.61 0.48 -41.01
N ASN B 138 4.28 -0.76 -40.67
CA ASN B 138 5.30 -1.74 -40.28
C ASN B 138 6.11 -2.29 -41.45
N ASN B 139 5.88 -1.82 -42.68
CA ASN B 139 6.80 -2.13 -43.76
C ASN B 139 8.04 -1.25 -43.73
N ILE B 140 8.07 -0.24 -42.87
CA ILE B 140 9.19 0.69 -42.76
C ILE B 140 10.03 0.30 -41.56
N LEU B 141 11.34 0.19 -41.77
CA LEU B 141 12.30 -0.04 -40.70
C LEU B 141 13.46 0.92 -40.84
N TYR B 142 14.08 1.25 -39.71
CA TYR B 142 15.29 2.06 -39.67
C TYR B 142 16.37 1.31 -38.92
N PHE B 143 17.62 1.50 -39.36
CA PHE B 143 18.77 0.85 -38.72
C PHE B 143 19.91 1.84 -38.62
N GLY B 144 20.41 2.06 -37.41
CA GLY B 144 21.55 2.91 -37.17
C GLY B 144 22.81 2.08 -37.07
N ALA B 145 23.77 2.36 -37.94
CA ALA B 145 24.89 1.47 -38.17
C ALA B 145 26.16 1.98 -37.49
N ARG B 146 27.18 1.14 -37.50
CA ARG B 146 28.47 1.40 -36.87
C ARG B 146 29.48 1.92 -37.88
N SER B 147 30.64 2.33 -37.37
CA SER B 147 31.87 2.55 -38.15
C SER B 147 31.74 3.68 -39.17
N GLY B 148 30.74 4.55 -39.02
CA GLY B 148 30.55 5.63 -39.97
C GLY B 148 29.59 5.31 -41.09
N ASN B 149 28.91 4.17 -41.06
CA ASN B 149 28.00 3.80 -42.12
C ASN B 149 26.64 4.49 -42.01
N GLY B 150 26.37 5.16 -40.90
CA GLY B 150 25.25 6.09 -40.85
C GLY B 150 23.91 5.42 -40.62
N LEU B 151 22.87 6.05 -41.16
CA LEU B 151 21.48 5.63 -40.97
C LEU B 151 20.98 4.94 -42.24
N TRP B 152 20.33 3.79 -42.07
CA TRP B 152 19.81 3.02 -43.18
C TRP B 152 18.31 2.76 -42.98
N LYS B 153 17.61 2.57 -44.09
CA LYS B 153 16.16 2.49 -44.08
C LYS B 153 15.69 1.42 -45.05
N SER B 154 14.58 0.77 -44.70
CA SER B 154 13.89 -0.15 -45.58
C SER B 154 12.41 0.21 -45.60
N ILE B 155 11.78 0.11 -46.77
CA ILE B 155 10.35 0.34 -46.89
C ILE B 155 9.63 -0.88 -47.44
N ASP B 156 10.31 -2.02 -47.56
CA ASP B 156 9.69 -3.26 -48.02
C ASP B 156 9.87 -4.36 -46.98
N SER B 157 9.65 -4.02 -45.70
CA SER B 157 9.71 -4.97 -44.60
C SER B 157 11.07 -5.65 -44.50
N GLY B 158 12.13 -4.87 -44.70
CA GLY B 158 13.48 -5.36 -44.47
C GLY B 158 14.08 -6.16 -45.60
N VAL B 159 13.39 -6.29 -46.74
CA VAL B 159 13.95 -7.06 -47.85
C VAL B 159 15.12 -6.32 -48.49
N THR B 160 14.96 -5.03 -48.74
CA THR B 160 16.03 -4.21 -49.29
C THR B 160 16.26 -3.00 -48.40
N TRP B 161 17.50 -2.53 -48.38
CA TRP B 161 17.93 -1.45 -47.50
C TRP B 161 18.74 -0.43 -48.28
N SER B 162 18.61 0.84 -47.89
CA SER B 162 19.35 1.90 -48.55
C SER B 162 19.74 2.95 -47.52
N LYS B 163 20.82 3.67 -47.83
CA LYS B 163 21.37 4.66 -46.91
C LYS B 163 20.52 5.92 -46.89
N VAL B 164 20.22 6.41 -45.69
CA VAL B 164 19.56 7.70 -45.53
C VAL B 164 20.62 8.79 -45.62
N THR B 165 20.93 9.23 -46.85
CA THR B 165 22.05 10.13 -47.06
C THR B 165 21.84 11.49 -46.41
N SER B 166 20.62 11.83 -46.02
CA SER B 166 20.37 13.12 -45.40
C SER B 166 20.70 13.16 -43.91
N PHE B 167 21.04 12.03 -43.31
CA PHE B 167 21.38 12.05 -41.88
C PHE B 167 22.75 12.71 -41.71
N PRO B 168 22.87 13.70 -40.83
CA PRO B 168 24.03 14.59 -40.85
C PRO B 168 25.22 14.15 -40.00
N ASN B 169 25.11 13.12 -39.17
CA ASN B 169 26.16 12.80 -38.21
C ASN B 169 26.27 11.28 -38.08
N VAL B 170 27.32 10.70 -38.67
CA VAL B 170 27.53 9.25 -38.59
C VAL B 170 28.28 8.85 -37.33
N GLY B 171 28.60 9.79 -36.46
CA GLY B 171 29.31 9.52 -35.22
C GLY B 171 30.73 10.07 -35.24
N THR B 172 31.26 10.31 -34.04
CA THR B 172 32.65 10.70 -33.87
C THR B 172 33.39 9.94 -32.78
N TYR B 173 32.69 9.34 -31.81
CA TYR B 173 33.37 8.71 -30.70
C TYR B 173 33.98 7.37 -31.11
N ILE B 174 35.21 7.14 -30.65
CA ILE B 174 35.94 5.90 -30.87
C ILE B 174 36.45 5.45 -29.51
N GLN B 175 36.12 4.21 -29.12
CA GLN B 175 36.47 3.76 -27.78
C GLN B 175 37.97 3.49 -27.66
N ASN B 176 38.54 2.75 -28.59
CA ASN B 176 39.95 2.31 -28.52
C ASN B 176 40.68 2.68 -29.80
N PRO B 177 40.94 3.96 -30.03
CA PRO B 177 41.57 4.36 -31.30
C PRO B 177 42.96 3.77 -31.53
N THR B 178 43.66 3.33 -30.49
CA THR B 178 45.01 2.80 -30.65
C THR B 178 45.07 1.28 -30.65
N LEU B 179 43.94 0.60 -30.47
CA LEU B 179 43.91 -0.86 -30.51
C LEU B 179 43.32 -1.33 -31.83
N ASP B 180 43.45 -2.63 -32.09
CA ASP B 180 42.83 -3.23 -33.26
C ASP B 180 41.41 -3.70 -33.00
N TYR B 181 40.90 -3.51 -31.79
CA TYR B 181 39.53 -3.85 -31.42
C TYR B 181 38.84 -2.57 -30.95
N GLY B 182 37.85 -2.11 -31.71
CA GLY B 182 37.14 -0.91 -31.34
C GLY B 182 37.84 0.38 -31.70
N ASN B 183 38.63 0.38 -32.77
CA ASN B 183 39.22 1.61 -33.28
C ASN B 183 38.37 2.28 -34.35
N ASP B 184 37.20 1.72 -34.65
CA ASP B 184 36.26 2.34 -35.57
C ASP B 184 35.25 3.16 -34.79
N LEU B 185 34.49 3.97 -35.53
CA LEU B 185 33.43 4.76 -34.91
C LEU B 185 32.37 3.85 -34.33
N VAL B 186 31.93 4.15 -33.11
CA VAL B 186 30.81 3.41 -32.54
C VAL B 186 29.57 3.61 -33.39
N GLY B 187 29.33 4.84 -33.84
CA GLY B 187 28.26 5.12 -34.78
C GLY B 187 26.99 5.60 -34.13
N LEU B 188 25.85 5.15 -34.63
CA LEU B 188 24.56 5.55 -34.10
C LEU B 188 24.19 4.69 -32.90
N SER B 189 23.38 5.25 -32.00
CA SER B 189 23.19 4.67 -30.67
C SER B 189 21.78 4.12 -30.43
N TRP B 190 20.75 4.77 -30.95
CA TRP B 190 19.37 4.31 -30.79
C TRP B 190 18.47 5.13 -31.71
N ILE B 191 17.29 4.57 -31.98
CA ILE B 191 16.27 5.23 -32.81
C ILE B 191 14.93 5.08 -32.11
N THR B 192 14.17 6.17 -32.04
CA THR B 192 12.89 6.16 -31.33
C THR B 192 11.84 6.92 -32.14
N PHE B 193 10.74 6.24 -32.46
CA PHE B 193 9.61 6.87 -33.12
C PHE B 193 8.73 7.60 -32.12
N ASP B 194 8.03 8.62 -32.60
CA ASP B 194 6.90 9.23 -31.88
C ASP B 194 5.64 8.75 -32.58
N LYS B 195 5.03 7.69 -32.04
CA LYS B 195 3.89 7.06 -32.69
C LYS B 195 2.73 8.04 -32.88
N SER B 196 2.64 9.07 -32.04
CA SER B 196 1.57 10.05 -32.15
C SER B 196 1.67 10.89 -33.41
N THR B 197 2.80 10.85 -34.13
CA THR B 197 2.99 11.61 -35.35
C THR B 197 2.72 10.79 -36.60
N GLY B 198 2.03 9.67 -36.45
CA GLY B 198 1.52 8.91 -37.58
C GLY B 198 0.18 8.31 -37.23
N THR B 199 -0.41 7.63 -38.21
CA THR B 199 -1.62 6.85 -38.02
C THR B 199 -1.47 5.55 -38.78
N LEU B 200 -2.34 4.58 -38.45
CA LEU B 200 -2.24 3.27 -39.09
C LEU B 200 -2.28 3.40 -40.60
N GLY B 201 -1.26 2.85 -41.27
CA GLY B 201 -1.16 2.96 -42.71
C GLY B 201 -0.51 4.23 -43.20
N ASN B 202 0.01 5.07 -42.31
CA ASN B 202 0.67 6.32 -42.72
C ASN B 202 1.94 6.48 -41.89
N ALA B 203 3.05 6.66 -42.59
CA ALA B 203 4.37 6.62 -41.96
C ALA B 203 4.48 7.62 -40.81
N THR B 204 5.16 7.20 -39.75
CA THR B 204 5.40 8.07 -38.61
C THR B 204 6.36 9.18 -39.00
N GLN B 205 6.02 10.42 -38.65
CA GLN B 205 6.73 11.58 -39.17
C GLN B 205 7.87 12.06 -38.28
N THR B 206 7.76 11.92 -36.96
CA THR B 206 8.82 12.35 -36.06
C THR B 206 9.65 11.16 -35.62
N ILE B 207 10.96 11.26 -35.79
CA ILE B 207 11.91 10.21 -35.44
C ILE B 207 13.08 10.84 -34.69
N TYR B 208 13.44 10.25 -33.56
CA TYR B 208 14.62 10.65 -32.80
C TYR B 208 15.73 9.64 -33.00
N VAL B 209 16.96 10.13 -33.14
CA VAL B 209 18.12 9.27 -33.32
C VAL B 209 19.23 9.74 -32.38
N GLY B 210 19.79 8.79 -31.64
CA GLY B 210 20.97 9.05 -30.82
C GLY B 210 22.24 8.67 -31.55
N VAL B 211 23.29 9.45 -31.32
CA VAL B 211 24.56 9.32 -32.04
C VAL B 211 25.70 9.38 -31.04
N ALA B 212 26.67 8.48 -31.17
CA ALA B 212 27.85 8.47 -30.32
C ALA B 212 28.77 9.62 -30.73
N ASP B 213 28.43 10.81 -30.24
CA ASP B 213 29.20 12.02 -30.49
C ASP B 213 28.96 12.95 -29.32
N THR B 214 30.01 13.20 -28.53
CA THR B 214 29.84 13.97 -27.29
C THR B 214 29.47 15.43 -27.56
N ALA B 215 29.73 15.94 -28.77
CA ALA B 215 29.45 17.33 -29.07
C ALA B 215 28.01 17.57 -29.51
N SER B 216 27.39 16.58 -30.17
CA SER B 216 25.98 16.70 -30.57
C SER B 216 25.46 15.30 -30.86
N SER B 217 24.63 14.78 -29.97
CA SER B 217 24.30 13.37 -29.95
C SER B 217 22.85 13.03 -30.23
N VAL B 218 21.93 13.99 -30.23
CA VAL B 218 20.51 13.72 -30.38
C VAL B 218 19.99 14.49 -31.59
N TYR B 219 19.38 13.75 -32.52
CA TYR B 219 18.85 14.33 -33.76
C TYR B 219 17.38 13.97 -33.90
N ARG B 220 16.67 14.78 -34.66
CA ARG B 220 15.24 14.57 -34.87
C ARG B 220 14.86 14.92 -36.30
N SER B 221 14.02 14.09 -36.90
CA SER B 221 13.28 14.42 -38.11
C SER B 221 11.82 14.58 -37.75
N THR B 222 11.16 15.56 -38.37
CA THR B 222 9.73 15.75 -38.21
C THR B 222 8.97 15.55 -39.51
N ASP B 223 9.66 15.15 -40.58
CA ASP B 223 9.05 14.94 -41.89
C ASP B 223 9.27 13.52 -42.38
N GLY B 224 9.34 12.55 -41.46
CA GLY B 224 9.50 11.16 -41.84
C GLY B 224 10.88 10.76 -42.29
N GLY B 225 11.91 11.46 -41.82
CA GLY B 225 13.28 11.13 -42.20
C GLY B 225 13.79 11.79 -43.45
N VAL B 226 13.05 12.76 -44.00
CA VAL B 226 13.55 13.50 -45.16
C VAL B 226 14.69 14.42 -44.75
N THR B 227 14.48 15.22 -43.70
CA THR B 227 15.49 16.12 -43.19
C THR B 227 15.70 15.88 -41.70
N TRP B 228 16.89 16.21 -41.23
CA TRP B 228 17.28 15.96 -39.85
C TRP B 228 17.90 17.20 -39.24
N THR B 229 17.73 17.34 -37.93
CA THR B 229 18.23 18.51 -37.22
C THR B 229 18.64 18.08 -35.81
N ALA B 230 19.82 18.52 -35.37
CA ALA B 230 20.22 18.29 -34.00
C ALA B 230 19.27 19.00 -33.05
N LEU B 231 18.86 18.30 -31.99
CA LEU B 231 17.91 18.86 -31.03
C LEU B 231 18.52 20.05 -30.32
N ALA B 232 17.89 21.21 -30.46
CA ALA B 232 18.42 22.43 -29.88
C ALA B 232 18.45 22.34 -28.36
N GLY B 233 19.53 22.86 -27.77
CA GLY B 233 19.66 22.93 -26.34
C GLY B 233 20.06 21.65 -25.64
N GLN B 234 20.41 20.61 -26.39
CA GLN B 234 20.77 19.34 -25.78
C GLN B 234 22.06 19.47 -25.00
N PRO B 235 22.27 18.62 -23.99
CA PRO B 235 23.54 18.62 -23.26
C PRO B 235 24.65 17.98 -24.06
N THR B 236 25.87 18.39 -23.75
CA THR B 236 27.06 17.88 -24.43
C THR B 236 28.03 17.30 -23.41
N GLY B 237 28.99 16.52 -23.92
CA GLY B 237 30.04 15.92 -23.12
C GLY B 237 29.87 14.45 -22.85
N PHE B 238 28.70 13.87 -23.15
CA PHE B 238 28.42 12.49 -22.82
C PHE B 238 27.85 11.76 -24.04
N LEU B 239 27.59 10.47 -23.87
CA LEU B 239 27.13 9.60 -24.94
C LEU B 239 25.82 8.96 -24.54
N PRO B 240 24.73 9.19 -25.28
CA PRO B 240 23.40 8.70 -24.87
C PRO B 240 23.25 7.21 -25.12
N HIS B 241 22.94 6.47 -24.05
CA HIS B 241 22.79 5.01 -24.13
C HIS B 241 21.40 4.63 -24.63
N HIS B 242 20.36 5.26 -24.09
CA HIS B 242 18.99 5.03 -24.50
C HIS B 242 18.26 6.35 -24.58
N GLY B 243 17.30 6.43 -25.50
CA GLY B 243 16.35 7.52 -25.53
C GLY B 243 14.96 6.96 -25.69
N GLU B 244 14.12 7.12 -24.67
CA GLU B 244 12.79 6.52 -24.64
CA GLU B 244 12.78 6.53 -24.67
C GLU B 244 11.74 7.61 -24.48
N LEU B 245 10.69 7.56 -25.30
CA LEU B 245 9.63 8.55 -25.32
C LEU B 245 8.43 8.02 -24.56
N SER B 246 8.02 8.74 -23.51
CA SER B 246 6.84 8.36 -22.76
C SER B 246 5.57 8.72 -23.55
N SER B 247 4.44 8.19 -23.08
CA SER B 247 3.17 8.50 -23.70
C SER B 247 2.76 9.96 -23.49
N THR B 248 3.45 10.69 -22.62
CA THR B 248 3.16 12.10 -22.36
C THR B 248 4.10 13.04 -23.10
N GLY B 249 4.87 12.52 -24.05
CA GLY B 249 5.72 13.38 -24.85
C GLY B 249 7.00 13.83 -24.19
N ASP B 250 7.47 13.11 -23.17
CA ASP B 250 8.77 13.38 -22.56
C ASP B 250 9.77 12.34 -23.06
N LEU B 251 10.87 12.82 -23.63
CA LEU B 251 11.94 11.96 -24.10
C LEU B 251 13.00 11.85 -23.01
N TYR B 252 13.17 10.64 -22.46
CA TYR B 252 14.12 10.39 -21.40
C TYR B 252 15.39 9.78 -21.98
N ILE B 253 16.54 10.27 -21.52
CA ILE B 253 17.83 9.88 -22.11
C ILE B 253 18.84 9.63 -21.00
N THR B 254 19.42 8.43 -20.98
CA THR B 254 20.55 8.12 -20.11
C THR B 254 21.85 8.39 -20.84
N TYR B 255 22.84 8.93 -20.11
CA TYR B 255 24.13 9.29 -20.68
C TYR B 255 25.26 8.65 -19.88
N SER B 256 26.30 8.24 -20.58
CA SER B 256 27.55 7.80 -19.97
C SER B 256 28.71 8.45 -20.71
N ASN B 257 29.84 8.60 -20.03
CA ASN B 257 31.03 9.10 -20.70
C ASN B 257 31.75 8.02 -21.48
N GLY B 258 31.23 6.78 -21.47
CA GLY B 258 31.62 5.77 -22.41
C GLY B 258 30.40 5.15 -23.06
N VAL B 259 30.64 4.22 -23.98
CA VAL B 259 29.56 3.49 -24.62
C VAL B 259 29.34 2.12 -24.00
N GLY B 260 30.23 1.66 -23.13
CA GLY B 260 30.05 0.39 -22.47
C GLY B 260 30.57 -0.77 -23.29
N PRO B 261 30.38 -1.99 -22.78
CA PRO B 261 29.65 -2.27 -21.54
C PRO B 261 30.50 -2.23 -20.25
N TYR B 262 31.81 -2.09 -20.38
CA TYR B 262 32.68 -2.22 -19.21
C TYR B 262 33.03 -0.90 -18.55
N ASP B 263 32.93 0.23 -19.25
CA ASP B 263 33.40 1.49 -18.71
C ASP B 263 32.21 2.35 -18.25
N GLY B 264 32.41 3.67 -18.20
CA GLY B 264 31.42 4.56 -17.66
C GLY B 264 31.77 5.04 -16.27
N SER B 265 32.42 6.21 -16.17
CA SER B 265 32.85 6.76 -14.91
C SER B 265 32.21 8.11 -14.60
N LYS B 266 31.33 8.61 -15.47
CA LYS B 266 30.51 9.78 -15.22
C LYS B 266 29.24 9.61 -16.03
N GLY B 267 28.14 10.19 -15.54
CA GLY B 267 26.87 9.99 -16.20
C GLY B 267 25.88 11.08 -15.90
N GLU B 268 24.87 11.17 -16.76
CA GLU B 268 23.78 12.12 -16.61
C GLU B 268 22.49 11.46 -17.11
N VAL B 269 21.37 11.96 -16.62
CA VAL B 269 20.05 11.60 -17.14
C VAL B 269 19.29 12.90 -17.42
N TRP B 270 18.74 13.02 -18.61
CA TRP B 270 18.02 14.21 -19.03
C TRP B 270 16.63 13.82 -19.52
N LYS B 271 15.72 14.77 -19.46
CA LYS B 271 14.42 14.64 -20.10
C LYS B 271 14.20 15.84 -21.01
N TYR B 272 13.61 15.58 -22.17
CA TYR B 272 13.31 16.60 -23.16
C TYR B 272 11.81 16.59 -23.42
N ASN B 273 11.19 17.75 -23.32
CA ASN B 273 9.75 17.87 -23.54
C ASN B 273 9.49 18.25 -24.99
N LYS B 274 8.74 17.40 -25.69
CA LYS B 274 8.57 17.59 -27.13
C LYS B 274 7.73 18.83 -27.45
N THR B 275 6.87 19.26 -26.52
CA THR B 275 6.04 20.43 -26.78
C THR B 275 6.84 21.72 -26.59
N SER B 276 7.36 21.92 -25.37
CA SER B 276 8.06 23.15 -25.06
C SER B 276 9.50 23.16 -25.58
N GLY B 277 10.08 21.99 -25.82
CA GLY B 277 11.49 21.92 -26.13
C GLY B 277 12.40 22.10 -24.95
N ALA B 278 11.85 22.10 -23.73
CA ALA B 278 12.64 22.32 -22.53
C ALA B 278 13.44 21.07 -22.16
N TRP B 279 14.71 21.27 -21.82
CA TRP B 279 15.57 20.21 -21.30
C TRP B 279 15.63 20.32 -19.79
N THR B 280 15.63 19.17 -19.11
CA THR B 280 15.73 19.15 -17.66
C THR B 280 16.73 18.08 -17.23
N ASN B 281 17.73 18.48 -16.46
CA ASN B 281 18.66 17.53 -15.86
C ASN B 281 17.98 16.81 -14.71
N ILE B 282 17.79 15.49 -14.85
CA ILE B 282 17.13 14.69 -13.81
C ILE B 282 18.08 13.61 -13.32
N SER B 283 19.39 13.88 -13.40
CA SER B 283 20.39 12.90 -13.01
C SER B 283 20.20 12.50 -11.55
N PRO B 284 20.06 11.21 -11.25
CA PRO B 284 19.93 10.79 -9.84
C PRO B 284 21.09 11.24 -8.97
N THR B 285 22.32 11.22 -9.49
CA THR B 285 23.48 11.69 -8.75
C THR B 285 24.33 12.61 -9.62
N THR B 286 24.99 13.56 -8.97
CA THR B 286 25.80 14.57 -9.63
C THR B 286 27.07 14.81 -8.83
N GLY B 287 28.03 15.48 -9.48
CA GLY B 287 29.26 15.85 -8.80
C GLY B 287 30.03 14.65 -8.30
N THR B 288 30.61 14.78 -7.10
CA THR B 288 31.38 13.69 -6.52
C THR B 288 30.51 12.51 -6.12
N ASP B 289 29.19 12.69 -6.04
CA ASP B 289 28.30 11.56 -5.80
C ASP B 289 28.10 10.69 -7.03
N ASN B 290 28.60 11.11 -8.19
CA ASN B 290 28.48 10.35 -9.43
C ASN B 290 29.87 9.97 -9.92
N TRP B 291 30.11 8.67 -10.07
CA TRP B 291 31.37 8.15 -10.60
C TRP B 291 31.11 7.06 -11.63
N TYR B 292 29.96 7.15 -12.31
CA TYR B 292 29.54 6.07 -13.19
C TYR B 292 28.58 6.64 -14.21
N GLY B 293 28.55 6.00 -15.38
CA GLY B 293 27.53 6.34 -16.35
C GLY B 293 26.17 5.81 -15.92
N PHE B 294 25.14 6.27 -16.63
CA PHE B 294 23.80 5.72 -16.52
C PHE B 294 23.51 4.94 -17.79
N GLY B 295 23.11 3.68 -17.63
CA GLY B 295 22.91 2.82 -18.78
C GLY B 295 21.46 2.45 -19.01
N GLY B 296 21.00 1.41 -18.32
CA GLY B 296 19.64 0.94 -18.53
C GLY B 296 18.62 2.03 -18.26
N LEU B 297 17.56 2.04 -19.06
CA LEU B 297 16.49 3.03 -18.94
C LEU B 297 15.18 2.31 -19.16
N ALA B 298 14.30 2.36 -18.16
CA ALA B 298 13.03 1.64 -18.21
C ALA B 298 11.90 2.60 -17.93
N LEU B 299 11.04 2.83 -18.92
CA LEU B 299 9.80 3.58 -18.74
C LEU B 299 8.66 2.63 -18.43
N ASP B 300 7.77 3.07 -17.54
CA ASP B 300 6.56 2.32 -17.20
C ASP B 300 5.45 2.77 -18.14
N ALA B 301 5.10 1.91 -19.11
CA ALA B 301 4.12 2.30 -20.11
C ALA B 301 2.76 2.58 -19.48
N GLN B 302 2.38 1.79 -18.47
CA GLN B 302 1.08 1.99 -17.83
C GLN B 302 1.04 3.24 -16.95
N HIS B 303 2.19 3.74 -16.51
CA HIS B 303 2.25 4.89 -15.61
C HIS B 303 3.37 5.80 -16.08
N PRO B 304 3.07 6.73 -16.99
CA PRO B 304 4.13 7.40 -17.78
C PRO B 304 5.08 8.29 -16.98
N ASN B 305 4.77 8.67 -15.74
CA ASN B 305 5.73 9.41 -14.95
C ASN B 305 6.61 8.51 -14.09
N THR B 306 6.51 7.20 -14.27
CA THR B 306 7.36 6.24 -13.57
C THR B 306 8.45 5.76 -14.51
N LEU B 307 9.69 5.77 -14.04
CA LEU B 307 10.81 5.29 -14.83
C LEU B 307 11.93 4.85 -13.90
N VAL B 309 16.39 3.89 -13.90
CA VAL B 309 17.68 3.90 -14.58
C VAL B 309 18.66 3.09 -13.73
N SER B 310 19.69 2.57 -14.38
CA SER B 310 20.71 1.79 -13.71
C SER B 310 22.09 2.37 -13.97
N SER B 311 22.98 2.19 -12.99
CA SER B 311 24.35 2.66 -13.12
C SER B 311 25.13 1.77 -14.09
N LEU B 312 26.17 2.36 -14.69
CA LEU B 312 26.98 1.64 -15.67
C LEU B 312 28.31 2.40 -15.83
N ASN B 313 29.28 2.07 -14.98
CA ASN B 313 29.18 1.05 -13.93
C ASN B 313 29.66 1.63 -12.61
N ALA B 314 28.91 1.41 -11.52
CA ALA B 314 29.34 1.93 -10.23
C ALA B 314 30.32 0.99 -9.53
N TRP B 315 30.21 -0.32 -9.78
CA TRP B 315 31.13 -1.35 -9.32
C TRP B 315 31.11 -1.59 -7.81
N TRP B 316 31.23 -0.54 -7.00
CA TRP B 316 31.41 -0.74 -5.56
C TRP B 316 30.45 0.12 -4.75
N PRO B 317 29.76 -0.47 -3.75
CA PRO B 317 29.85 -1.90 -3.41
C PRO B 317 29.02 -2.76 -4.35
N ASP B 318 28.20 -2.10 -5.15
CA ASP B 318 27.31 -2.77 -6.11
C ASP B 318 26.79 -1.70 -7.06
N GLU B 319 26.11 -2.16 -8.11
CA GLU B 319 25.39 -1.23 -8.96
C GLU B 319 24.18 -0.69 -8.21
N VAL B 320 23.55 0.34 -8.78
CA VAL B 320 22.36 0.93 -8.21
C VAL B 320 21.29 1.00 -9.29
N ILE B 321 20.05 0.70 -8.90
CA ILE B 321 18.87 1.02 -9.69
C ILE B 321 18.15 2.17 -9.01
N PHE B 322 17.85 3.21 -9.77
CA PHE B 322 17.10 4.37 -9.27
C PHE B 322 15.71 4.34 -9.87
N ARG B 323 14.70 4.56 -9.02
CA ARG B 323 13.30 4.57 -9.44
C ARG B 323 12.70 5.93 -9.13
N SER B 324 11.98 6.48 -10.09
CA SER B 324 11.24 7.73 -9.91
C SER B 324 9.80 7.52 -10.34
N THR B 325 8.87 8.08 -9.58
CA THR B 325 7.46 8.06 -9.93
C THR B 325 6.92 9.44 -10.25
N ASN B 326 7.80 10.45 -10.36
CA ASN B 326 7.40 11.82 -10.66
C ASN B 326 8.21 12.38 -11.81
N GLY B 327 8.48 11.56 -12.82
CA GLY B 327 9.14 12.03 -14.03
C GLY B 327 10.58 12.45 -13.85
N GLY B 328 11.27 11.90 -12.85
CA GLY B 328 12.66 12.23 -12.59
C GLY B 328 12.88 13.37 -11.63
N ALA B 329 11.81 13.94 -11.06
CA ALA B 329 11.98 15.03 -10.11
C ALA B 329 12.74 14.58 -8.87
N THR B 330 12.39 13.41 -8.33
CA THR B 330 13.12 12.80 -7.21
C THR B 330 13.29 11.32 -7.51
N TRP B 331 14.32 10.72 -6.91
CA TRP B 331 14.65 9.33 -7.15
C TRP B 331 14.74 8.57 -5.83
N SER B 332 14.42 7.28 -5.89
CA SER B 332 14.60 6.35 -4.78
C SER B 332 15.64 5.32 -5.19
N ARG B 333 16.62 5.09 -4.31
CA ARG B 333 17.65 4.09 -4.57
C ARG B 333 17.16 2.71 -4.17
N ILE B 334 17.59 1.69 -4.91
CA ILE B 334 17.21 0.33 -4.56
C ILE B 334 17.97 -0.16 -3.34
N TRP B 335 19.05 0.50 -2.96
CA TRP B 335 19.71 0.25 -1.68
C TRP B 335 20.34 1.54 -1.19
N ASP B 336 20.57 1.60 0.12
CA ASP B 336 21.09 2.80 0.76
C ASP B 336 22.11 2.41 1.82
N TRP B 337 22.94 3.38 2.19
CA TRP B 337 23.87 3.19 3.30
C TRP B 337 23.13 3.34 4.62
N GLY B 338 23.38 2.41 5.54
CA GLY B 338 22.95 2.60 6.90
C GLY B 338 24.04 3.32 7.66
N ASN B 339 24.47 2.75 8.79
CA ASN B 339 25.69 3.21 9.46
C ASN B 339 26.86 2.46 8.83
N TYR B 340 27.70 3.18 8.10
CA TYR B 340 28.76 2.57 7.32
C TYR B 340 29.57 1.61 8.20
N PRO B 341 29.90 0.40 7.70
CA PRO B 341 29.66 -0.05 6.32
C PRO B 341 28.34 -0.79 6.10
N GLU B 342 27.38 -0.66 7.02
CA GLU B 342 26.11 -1.36 6.86
C GLU B 342 25.27 -0.71 5.77
N ARG B 343 24.46 -1.53 5.10
CA ARG B 343 23.57 -1.07 4.05
C ARG B 343 22.15 -1.54 4.36
N THR B 344 21.18 -0.86 3.72
CA THR B 344 19.79 -1.26 3.75
C THR B 344 19.32 -1.52 2.33
N TYR B 345 18.37 -2.45 2.18
CA TYR B 345 18.02 -2.98 0.88
C TYR B 345 16.52 -2.90 0.66
N LYS B 346 16.12 -2.42 -0.52
CA LYS B 346 14.75 -2.49 -1.00
C LYS B 346 14.54 -3.68 -1.93
N PHE B 347 15.46 -4.64 -1.93
CA PHE B 347 15.35 -5.80 -2.79
C PHE B 347 15.91 -7.02 -2.07
N SER B 348 15.56 -8.18 -2.61
CA SER B 348 16.05 -9.47 -2.11
C SER B 348 16.43 -10.31 -3.31
N ASP B 350 17.27 -13.90 -5.20
CA ASP B 350 16.94 -15.33 -5.23
C ASP B 350 17.73 -15.95 -6.37
N ILE B 351 18.78 -16.72 -6.03
CA ILE B 351 19.55 -17.42 -7.05
C ILE B 351 19.39 -18.92 -6.87
N THR B 352 18.22 -19.36 -6.39
CA THR B 352 17.97 -20.78 -6.25
C THR B 352 17.99 -21.51 -7.59
N ALA B 353 17.75 -20.79 -8.69
CA ALA B 353 17.81 -21.40 -10.01
C ALA B 353 19.23 -21.54 -10.54
N ALA B 354 20.20 -20.91 -9.91
CA ALA B 354 21.61 -21.02 -10.28
C ALA B 354 22.45 -20.70 -9.06
N PRO B 355 22.51 -21.61 -8.08
CA PRO B 355 23.15 -21.27 -6.79
C PRO B 355 24.63 -20.96 -6.90
N TRP B 356 25.29 -21.38 -7.99
CA TRP B 356 26.70 -21.06 -8.16
C TRP B 356 26.96 -19.58 -8.36
N LEU B 357 25.91 -18.76 -8.53
CA LEU B 357 26.10 -17.33 -8.72
C LEU B 357 26.63 -16.63 -7.48
N ASP B 358 26.67 -17.30 -6.32
CA ASP B 358 27.36 -16.71 -5.18
C ASP B 358 28.88 -16.86 -5.27
N HIS B 359 29.37 -17.45 -6.33
CA HIS B 359 30.80 -17.65 -6.52
C HIS B 359 31.51 -18.33 -5.36
N GLY B 360 30.78 -19.08 -4.58
CA GLY B 360 31.36 -19.77 -3.45
C GLY B 360 31.87 -18.88 -2.33
N THR B 361 31.45 -17.62 -2.29
CA THR B 361 31.86 -16.71 -1.24
C THR B 361 30.65 -16.27 -0.43
N THR B 362 30.86 -16.00 0.85
CA THR B 362 29.79 -15.52 1.70
C THR B 362 29.59 -14.02 1.52
N SER B 363 28.34 -13.59 1.54
CA SER B 363 28.00 -12.21 1.24
C SER B 363 28.26 -11.30 2.42
N THR B 364 28.81 -10.13 2.14
CA THR B 364 28.93 -9.03 3.10
C THR B 364 28.34 -7.79 2.47
N SER B 365 28.13 -6.75 3.29
CA SER B 365 27.55 -5.53 2.75
C SER B 365 28.48 -4.84 1.77
N LEU B 366 29.80 -4.91 2.00
CA LEU B 366 30.76 -4.27 1.11
C LEU B 366 31.16 -5.16 -0.07
N ASP B 367 31.01 -6.47 0.04
CA ASP B 367 31.22 -7.39 -1.08
C ASP B 367 30.02 -8.32 -1.17
N PRO B 368 28.90 -7.82 -1.72
CA PRO B 368 27.69 -8.64 -1.82
C PRO B 368 27.90 -9.84 -2.73
N SER B 369 27.23 -10.93 -2.40
CA SER B 369 27.32 -12.15 -3.18
C SER B 369 26.00 -12.92 -3.06
N PRO B 370 25.19 -12.97 -4.12
CA PRO B 370 25.46 -12.38 -5.44
C PRO B 370 25.25 -10.87 -5.50
N LYS B 371 25.98 -10.21 -6.40
CA LYS B 371 25.73 -8.80 -6.64
C LYS B 371 24.38 -8.60 -7.32
N LEU B 372 23.83 -7.40 -7.14
CA LEU B 372 22.67 -6.99 -7.93
C LEU B 372 22.95 -7.15 -9.41
N GLY B 373 24.16 -6.83 -9.83
CA GLY B 373 24.55 -7.03 -11.21
C GLY B 373 25.77 -6.20 -11.55
N TRP B 374 26.05 -6.18 -12.86
CA TRP B 374 27.11 -5.38 -13.45
C TRP B 374 26.88 -5.40 -14.95
N GLY B 377 23.29 -2.54 -18.88
CA GLY B 377 22.99 -1.60 -19.94
C GLY B 377 21.54 -1.62 -20.37
N ASP B 378 20.81 -2.68 -20.01
CA ASP B 378 19.41 -2.83 -20.41
C ASP B 378 18.56 -3.10 -19.18
N LEU B 379 17.59 -2.23 -18.95
CA LEU B 379 16.64 -2.33 -17.83
C LEU B 379 15.25 -2.15 -18.39
N GLU B 380 14.32 -3.05 -18.02
CA GLU B 380 13.00 -3.07 -18.64
C GLU B 380 11.90 -3.16 -17.60
N ILE B 381 10.80 -2.47 -17.89
CA ILE B 381 9.52 -2.69 -17.22
C ILE B 381 8.54 -3.21 -18.26
N ASP B 382 7.87 -4.32 -17.94
CA ASP B 382 6.83 -4.88 -18.77
C ASP B 382 5.79 -3.81 -19.12
N PRO B 383 5.59 -3.48 -20.40
CA PRO B 383 4.61 -2.45 -20.76
C PRO B 383 3.17 -2.85 -20.43
N PHE B 384 2.91 -4.11 -20.11
CA PHE B 384 1.58 -4.57 -19.75
C PHE B 384 1.49 -5.02 -18.30
N ASN B 385 2.57 -4.89 -17.52
CA ASN B 385 2.56 -5.26 -16.11
C ASN B 385 3.61 -4.43 -15.41
N SER B 386 3.18 -3.36 -14.72
CA SER B 386 4.10 -2.51 -13.99
C SER B 386 4.86 -3.26 -12.92
N ASN B 387 4.39 -4.45 -12.52
CA ASN B 387 5.05 -5.21 -11.47
C ASN B 387 6.18 -6.08 -11.97
N ARG B 388 6.36 -6.22 -13.29
CA ARG B 388 7.38 -7.10 -13.84
C ARG B 388 8.55 -6.28 -14.36
N TYR B 391 16.22 -7.27 -16.32
CA TYR B 391 17.43 -6.58 -16.75
C TYR B 391 18.52 -7.61 -17.00
N GLY B 392 19.42 -7.25 -17.91
CA GLY B 392 20.56 -8.09 -18.23
C GLY B 392 21.79 -7.64 -17.47
N THR B 393 22.60 -8.60 -17.08
CA THR B 393 23.92 -8.35 -16.52
C THR B 393 24.95 -9.07 -17.38
N GLY B 394 26.21 -8.98 -16.97
CA GLY B 394 27.25 -9.72 -17.65
C GLY B 394 27.17 -11.22 -17.49
N ALA B 395 26.24 -11.71 -16.66
CA ALA B 395 26.16 -13.13 -16.36
C ALA B 395 24.79 -13.75 -16.52
N THR B 396 23.69 -12.99 -16.50
CA THR B 396 22.37 -13.61 -16.49
C THR B 396 21.31 -12.58 -16.83
N ILE B 397 20.05 -13.02 -16.75
CA ILE B 397 18.88 -12.14 -16.78
C ILE B 397 18.23 -12.21 -15.41
N TYR B 398 18.11 -11.06 -14.75
CA TYR B 398 17.42 -10.95 -13.48
C TYR B 398 16.07 -10.27 -13.70
N GLY B 399 15.13 -10.54 -12.80
CA GLY B 399 13.82 -9.95 -12.92
C GLY B 399 13.02 -10.06 -11.64
N SER B 400 11.88 -9.39 -11.64
CA SER B 400 10.97 -9.42 -10.51
C SER B 400 9.53 -9.42 -11.03
N ASN B 401 8.62 -9.94 -10.19
CA ASN B 401 7.20 -9.91 -10.47
C ASN B 401 6.42 -9.09 -9.45
N ASN B 402 7.09 -8.36 -8.57
CA ASN B 402 6.42 -7.53 -7.57
C ASN B 402 7.13 -6.18 -7.47
N LEU B 403 7.42 -5.58 -8.63
CA LEU B 403 8.22 -4.36 -8.67
C LEU B 403 7.59 -3.23 -7.87
N THR B 404 6.25 -3.11 -7.90
CA THR B 404 5.64 -1.97 -7.22
C THR B 404 5.68 -2.08 -5.70
N SER B 405 6.12 -3.21 -5.15
CA SER B 405 6.40 -3.26 -3.72
C SER B 405 7.39 -2.19 -3.31
N TRP B 406 8.29 -1.81 -4.23
CA TRP B 406 9.20 -0.68 -4.03
C TRP B 406 8.44 0.56 -3.59
N ASP B 407 7.30 0.85 -4.22
CA ASP B 407 6.57 2.08 -3.95
C ASP B 407 5.79 2.05 -2.65
N THR B 408 5.42 0.87 -2.14
CA THR B 408 4.62 0.77 -0.93
C THR B 408 5.44 0.37 0.28
N GLY B 409 6.75 0.61 0.25
CA GLY B 409 7.61 0.31 1.39
C GLY B 409 7.98 -1.14 1.54
N GLY B 410 7.84 -1.95 0.50
CA GLY B 410 8.18 -3.35 0.55
C GLY B 410 9.53 -3.63 -0.08
N LYS B 411 9.78 -4.93 -0.31
CA LYS B 411 11.02 -5.38 -0.92
C LYS B 411 10.73 -6.00 -2.28
N VAL B 412 11.48 -5.57 -3.29
CA VAL B 412 11.39 -6.17 -4.62
C VAL B 412 12.10 -7.52 -4.58
N ASN B 413 11.37 -8.58 -4.90
CA ASN B 413 11.94 -9.93 -4.95
C ASN B 413 12.53 -10.16 -6.33
N ILE B 414 13.86 -10.14 -6.42
CA ILE B 414 14.59 -10.35 -7.67
C ILE B 414 15.04 -11.80 -7.73
N SER B 415 14.88 -12.43 -8.89
CA SER B 415 15.31 -13.81 -9.08
C SER B 415 15.88 -13.99 -10.49
N VAL B 416 16.56 -15.12 -10.67
CA VAL B 416 17.07 -15.47 -11.98
C VAL B 416 15.90 -15.71 -12.92
N ALA B 418 16.53 -16.45 -16.36
CA ALA B 418 17.26 -16.86 -17.54
C ALA B 418 17.08 -18.35 -17.85
N LYS B 419 15.97 -18.94 -17.43
CA LYS B 419 15.71 -20.34 -17.72
C LYS B 419 15.69 -20.57 -19.23
N GLY B 420 16.41 -21.60 -19.67
CA GLY B 420 16.54 -21.88 -21.09
C GLY B 420 17.70 -21.19 -21.76
N VAL B 421 18.30 -20.19 -21.13
CA VAL B 421 19.42 -19.45 -21.71
C VAL B 421 20.72 -20.18 -21.39
N GLU B 422 21.53 -20.42 -22.42
CA GLU B 422 22.89 -20.91 -22.24
C GLU B 422 23.78 -20.08 -23.14
N GLU B 423 24.75 -19.37 -22.55
CA GLU B 423 25.50 -18.36 -23.28
C GLU B 423 27.01 -18.44 -23.07
N THR B 424 27.50 -19.47 -22.40
CA THR B 424 28.93 -19.50 -22.10
C THR B 424 29.74 -19.89 -23.33
N ALA B 425 31.01 -19.48 -23.32
CA ALA B 425 31.99 -19.96 -24.26
C ALA B 425 32.73 -21.14 -23.64
N VAL B 426 32.78 -22.26 -24.36
CA VAL B 426 33.31 -23.51 -23.82
C VAL B 426 34.72 -23.69 -24.35
N LEU B 427 35.70 -23.66 -23.45
CA LEU B 427 37.09 -23.83 -23.84
C LEU B 427 37.60 -25.25 -23.67
N GLY B 428 36.90 -26.09 -22.91
CA GLY B 428 37.31 -27.46 -22.74
C GLY B 428 36.20 -28.30 -22.14
N LEU B 429 36.26 -29.60 -22.41
CA LEU B 429 35.30 -30.57 -21.89
C LEU B 429 36.02 -31.87 -21.60
N ILE B 430 35.70 -32.50 -20.48
CA ILE B 430 36.09 -33.87 -20.21
C ILE B 430 34.88 -34.63 -19.69
N SER B 431 34.73 -35.87 -20.16
CA SER B 431 33.69 -36.78 -19.67
C SER B 431 34.37 -37.84 -18.81
N PRO B 432 34.38 -37.71 -17.49
CA PRO B 432 35.11 -38.65 -16.64
C PRO B 432 34.58 -40.06 -16.82
N PRO B 433 35.46 -41.05 -16.88
CA PRO B 433 34.99 -42.44 -17.06
C PRO B 433 34.44 -43.08 -15.78
N THR B 434 34.64 -42.47 -14.62
CA THR B 434 34.14 -43.00 -13.35
C THR B 434 33.68 -41.83 -12.48
N GLY B 435 32.91 -42.16 -11.45
CA GLY B 435 32.33 -41.14 -10.58
C GLY B 435 30.93 -40.75 -11.03
N THR B 436 30.31 -39.89 -10.23
CA THR B 436 28.93 -39.49 -10.49
C THR B 436 28.82 -38.40 -11.55
N SER B 437 29.92 -37.80 -11.98
CA SER B 437 29.90 -36.75 -12.98
C SER B 437 30.28 -37.32 -14.34
N HIS B 438 29.43 -37.08 -15.33
CA HIS B 438 29.71 -37.46 -16.71
C HIS B 438 30.29 -36.30 -17.51
N LEU B 439 30.40 -35.12 -16.93
CA LEU B 439 30.85 -33.95 -17.68
C LEU B 439 31.40 -32.90 -16.72
N ILE B 440 32.63 -32.47 -16.98
CA ILE B 440 33.21 -31.31 -16.33
C ILE B 440 33.60 -30.33 -17.42
N THR B 441 33.28 -29.06 -17.23
CA THR B 441 33.46 -28.06 -18.26
C THR B 441 34.52 -27.05 -17.85
N ALA B 442 35.19 -26.48 -18.86
CA ALA B 442 36.07 -25.34 -18.71
C ALA B 442 35.48 -24.19 -19.49
N LEU B 443 35.06 -23.14 -18.81
CA LEU B 443 34.27 -22.09 -19.41
C LEU B 443 34.95 -20.74 -19.22
N GLY B 444 34.61 -19.80 -20.10
CA GLY B 444 34.98 -18.42 -19.88
C GLY B 444 34.09 -17.74 -18.86
N ASP B 445 34.66 -16.75 -18.18
CA ASP B 445 33.94 -15.85 -17.28
C ASP B 445 33.47 -16.52 -15.99
N VAL B 446 32.96 -17.75 -16.07
CA VAL B 446 32.42 -18.44 -14.91
C VAL B 446 33.15 -19.75 -14.63
N SER B 447 34.39 -19.88 -15.12
CA SER B 447 35.32 -20.94 -14.75
C SER B 447 34.94 -22.31 -15.29
N GLY B 448 33.74 -22.79 -14.98
CA GLY B 448 33.32 -24.12 -15.33
C GLY B 448 32.70 -24.85 -14.15
N PHE B 449 32.13 -26.01 -14.45
CA PHE B 449 31.35 -26.74 -13.46
C PHE B 449 31.53 -28.24 -13.61
N ARG B 450 31.47 -28.92 -12.47
CA ARG B 450 31.34 -30.38 -12.42
C ARG B 450 29.85 -30.69 -12.38
N HIS B 451 29.33 -31.26 -13.46
CA HIS B 451 27.91 -31.53 -13.58
C HIS B 451 27.60 -32.95 -13.14
N GLU B 452 26.43 -33.12 -12.51
CA GLU B 452 25.94 -34.46 -12.20
C GLU B 452 24.65 -34.68 -12.99
N ASP B 453 23.53 -34.14 -12.49
CA ASP B 453 22.31 -34.10 -13.27
C ASP B 453 22.42 -32.97 -14.28
N LEU B 454 22.44 -33.32 -15.57
CA LEU B 454 22.65 -32.33 -16.62
C LEU B 454 21.47 -31.38 -16.79
N SER B 455 20.35 -31.64 -16.13
CA SER B 455 19.20 -30.76 -16.18
C SER B 455 19.08 -29.85 -14.96
N VAL B 456 20.01 -29.96 -14.02
CA VAL B 456 19.96 -29.21 -12.76
C VAL B 456 21.16 -28.27 -12.73
N ALA B 457 20.92 -27.03 -12.34
CA ALA B 457 21.99 -26.04 -12.28
C ALA B 457 23.03 -26.46 -11.25
N PRO B 458 24.32 -26.27 -11.54
CA PRO B 458 25.34 -26.55 -10.53
C PRO B 458 25.15 -25.66 -9.31
N THR B 459 25.53 -26.18 -8.15
CA THR B 459 25.42 -25.44 -6.91
C THR B 459 26.76 -24.87 -6.43
N LYS B 460 27.87 -25.27 -7.06
CA LYS B 460 29.19 -24.97 -6.54
C LYS B 460 30.02 -24.30 -7.63
N PHE B 461 30.49 -23.08 -7.34
CA PHE B 461 31.49 -22.44 -8.19
C PHE B 461 32.86 -23.03 -7.89
N GLN B 462 33.70 -23.08 -8.92
CA GLN B 462 35.04 -23.62 -8.75
C GLN B 462 35.92 -22.64 -7.97
N THR B 463 36.41 -23.07 -6.82
CA THR B 463 37.20 -22.23 -5.93
C THR B 463 38.49 -22.93 -5.54
N SER B 464 39.39 -22.14 -4.94
CA SER B 464 40.72 -22.54 -4.48
C SER B 464 41.40 -23.49 -5.46
N PRO B 465 41.78 -23.02 -6.66
CA PRO B 465 41.74 -21.64 -7.11
C PRO B 465 40.39 -21.18 -7.66
N SER B 466 40.12 -19.89 -7.51
CA SER B 466 38.95 -19.25 -8.10
C SER B 466 39.43 -18.27 -9.15
N TRP B 467 38.88 -18.35 -10.36
CA TRP B 467 39.23 -17.45 -11.44
C TRP B 467 38.07 -17.34 -12.40
N ALA B 468 38.23 -16.44 -13.37
CA ALA B 468 37.16 -16.20 -14.34
C ALA B 468 37.07 -17.32 -15.37
N THR B 469 38.20 -17.69 -15.97
CA THR B 469 38.20 -18.47 -17.20
C THR B 469 39.16 -19.65 -17.08
N THR B 470 38.64 -20.86 -17.23
CA THR B 470 39.47 -22.05 -17.34
C THR B 470 39.77 -22.31 -18.81
N SER B 472 41.88 -24.79 -20.00
CA SER B 472 42.05 -26.19 -20.31
CA SER B 472 42.12 -26.19 -20.29
C SER B 472 41.95 -27.01 -19.03
N ILE B 473 41.59 -28.28 -19.20
CA ILE B 473 41.44 -29.21 -18.10
C ILE B 473 41.71 -30.61 -18.65
N ASP B 474 42.36 -31.44 -17.84
CA ASP B 474 42.68 -32.81 -18.24
C ASP B 474 42.66 -33.68 -16.99
N TYR B 475 42.64 -35.00 -17.21
CA TYR B 475 42.61 -35.96 -16.12
C TYR B 475 43.53 -37.12 -16.45
N ALA B 476 43.99 -37.80 -15.40
CA ALA B 476 44.82 -38.99 -15.57
C ALA B 476 43.95 -40.18 -15.93
N GLU B 477 44.15 -40.73 -17.12
CA GLU B 477 43.29 -41.80 -17.61
C GLU B 477 43.31 -43.02 -16.70
N LEU B 478 44.46 -43.31 -16.08
CA LEU B 478 44.59 -44.51 -15.27
C LEU B 478 44.06 -44.35 -13.86
N SER B 479 44.01 -43.12 -13.35
CA SER B 479 43.34 -42.81 -12.08
C SER B 479 42.52 -41.55 -12.30
N PRO B 480 41.30 -41.69 -12.84
CA PRO B 480 40.55 -40.52 -13.33
C PRO B 480 40.12 -39.54 -12.25
N SER B 481 40.34 -39.84 -10.96
CA SER B 481 40.04 -38.87 -9.91
CA SER B 481 40.04 -38.87 -9.92
C SER B 481 41.07 -37.75 -9.85
N TYR B 482 42.25 -37.95 -10.43
CA TYR B 482 43.28 -36.93 -10.45
C TYR B 482 43.05 -35.99 -11.62
N VAL B 484 43.45 -31.73 -13.28
CA VAL B 484 44.18 -30.46 -13.31
C VAL B 484 43.49 -29.51 -14.27
N ARG B 485 43.36 -28.24 -13.85
CA ARG B 485 42.84 -27.18 -14.68
C ARG B 485 43.73 -25.96 -14.56
N VAL B 486 43.83 -25.18 -15.64
CA VAL B 486 44.62 -23.96 -15.66
C VAL B 486 43.76 -22.82 -16.17
N GLY B 487 43.94 -21.65 -15.56
CA GLY B 487 43.25 -20.44 -15.95
C GLY B 487 44.16 -19.25 -15.77
N SER B 488 43.61 -18.13 -15.34
CA SER B 488 44.39 -16.92 -15.09
C SER B 488 43.91 -16.30 -13.79
N ALA B 489 44.71 -16.44 -12.74
CA ALA B 489 44.35 -15.89 -11.44
C ALA B 489 44.48 -14.37 -11.44
N ASP B 490 43.61 -13.72 -10.66
CA ASP B 490 43.64 -12.27 -10.46
C ASP B 490 44.52 -12.00 -9.25
N LYS B 491 45.83 -11.90 -9.48
CA LYS B 491 46.76 -11.67 -8.39
C LYS B 491 46.74 -10.23 -7.90
N GLU B 492 46.21 -9.29 -8.69
CA GLU B 492 45.99 -7.95 -8.18
C GLU B 492 44.92 -7.95 -7.09
N LYS B 493 43.95 -8.86 -7.19
CA LYS B 493 42.92 -9.02 -6.16
C LYS B 493 43.32 -10.03 -5.09
N THR B 494 44.05 -11.07 -5.47
CA THR B 494 44.49 -12.10 -4.53
C THR B 494 45.89 -12.56 -4.94
N PRO B 495 46.93 -11.92 -4.41
CA PRO B 495 48.30 -12.27 -4.85
C PRO B 495 48.71 -13.69 -4.55
N SER B 496 48.05 -14.37 -3.61
CA SER B 496 48.38 -15.76 -3.31
C SER B 496 47.71 -16.73 -4.28
N LYS B 498 46.76 -18.97 -7.43
CA LYS B 498 47.51 -19.61 -8.51
C LYS B 498 46.61 -19.82 -9.72
N SER B 499 47.23 -19.87 -10.90
CA SER B 499 46.51 -20.06 -12.15
C SER B 499 46.44 -21.53 -12.56
N ILE B 500 46.65 -22.45 -11.63
CA ILE B 500 46.50 -23.88 -11.88
C ILE B 500 45.82 -24.50 -10.68
N GLY B 501 44.86 -25.38 -10.94
CA GLY B 501 44.12 -26.06 -9.88
C GLY B 501 44.21 -27.57 -10.04
N ILE B 502 44.34 -28.27 -8.92
CA ILE B 502 44.47 -29.72 -8.91
C ILE B 502 43.38 -30.31 -8.02
N SER B 503 42.86 -31.45 -8.43
CA SER B 503 41.84 -32.18 -7.68
C SER B 503 42.23 -33.65 -7.57
N ASN B 504 42.06 -34.22 -6.38
CA ASN B 504 42.26 -35.64 -6.17
C ASN B 504 40.95 -36.40 -5.97
N ASP B 505 39.80 -35.73 -6.04
CA ASP B 505 38.50 -36.37 -5.84
C ASP B 505 37.57 -36.13 -7.03
N GLY B 506 38.12 -36.08 -8.23
CA GLY B 506 37.31 -35.98 -9.43
C GLY B 506 36.62 -34.65 -9.62
N GLY B 507 37.26 -33.55 -9.25
CA GLY B 507 36.71 -32.24 -9.49
C GLY B 507 35.75 -31.73 -8.44
N VAL B 508 35.53 -32.46 -7.36
CA VAL B 508 34.67 -31.97 -6.29
C VAL B 508 35.38 -30.88 -5.50
N ASN B 509 36.63 -31.11 -5.13
CA ASN B 509 37.43 -30.15 -4.39
C ASN B 509 38.76 -29.93 -5.10
N TRP B 510 39.21 -28.68 -5.12
CA TRP B 510 40.44 -28.28 -5.76
C TRP B 510 41.41 -27.70 -4.73
N TYR B 511 42.70 -27.77 -5.06
CA TYR B 511 43.73 -27.13 -4.26
C TYR B 511 44.80 -26.57 -5.18
N PRO B 513 48.88 -25.70 -6.00
CA PRO B 513 50.27 -26.10 -5.71
C PRO B 513 51.06 -24.92 -5.17
N ASN B 514 52.30 -25.22 -4.76
CA ASN B 514 53.11 -24.24 -4.06
C ASN B 514 53.83 -23.28 -4.98
N SER B 515 54.01 -23.64 -6.26
CA SER B 515 54.72 -22.78 -7.19
C SER B 515 54.08 -22.88 -8.57
N GLU B 516 54.55 -22.03 -9.48
CA GLU B 516 54.08 -21.98 -10.85
C GLU B 516 55.30 -21.85 -11.76
N PRO B 517 55.15 -22.20 -13.04
CA PRO B 517 56.26 -22.00 -13.99
C PRO B 517 56.77 -20.57 -13.95
N SER B 518 58.09 -20.43 -13.89
CA SER B 518 58.74 -19.14 -13.84
C SER B 518 60.09 -19.25 -14.55
N ASN B 519 60.40 -18.24 -15.37
CA ASN B 519 61.64 -18.21 -16.13
C ASN B 519 62.75 -17.41 -15.43
N GLY B 520 62.71 -17.36 -14.11
CA GLY B 520 63.67 -16.57 -13.35
C GLY B 520 63.28 -15.11 -13.16
N THR B 521 62.94 -14.43 -14.26
CA THR B 521 62.61 -13.02 -14.20
C THR B 521 61.11 -12.74 -14.10
N LYS B 522 60.26 -13.75 -14.29
CA LYS B 522 58.83 -13.50 -14.38
C LYS B 522 58.07 -14.80 -14.20
N THR B 523 57.00 -14.76 -13.41
CA THR B 523 56.13 -15.91 -13.21
C THR B 523 54.98 -15.85 -14.22
N THR B 524 54.61 -17.01 -14.73
CA THR B 524 53.59 -17.08 -15.79
C THR B 524 52.28 -16.47 -15.31
N VAL B 525 51.59 -15.80 -16.24
CA VAL B 525 50.25 -15.29 -15.95
C VAL B 525 49.20 -16.39 -16.03
N GLY B 526 49.55 -17.55 -16.57
CA GLY B 526 48.64 -18.67 -16.65
C GLY B 526 48.13 -18.96 -18.05
N HIS B 527 46.86 -19.35 -18.14
CA HIS B 527 46.22 -19.70 -19.40
C HIS B 527 46.96 -20.82 -20.11
N GLY B 528 46.75 -20.96 -21.41
CA GLY B 528 47.43 -22.01 -22.16
C GLY B 528 46.69 -23.35 -22.06
N GLN B 529 47.46 -24.43 -22.19
CA GLN B 529 46.93 -25.78 -22.23
C GLN B 529 47.65 -26.65 -21.21
N VAL B 530 46.95 -27.64 -20.68
CA VAL B 530 47.50 -28.55 -19.68
C VAL B 530 47.20 -29.99 -20.10
N ALA B 531 48.13 -30.89 -19.77
CA ALA B 531 47.99 -32.32 -20.02
C ALA B 531 48.51 -33.09 -18.82
N VAL B 532 47.74 -34.09 -18.40
CA VAL B 532 48.07 -34.92 -17.24
C VAL B 532 48.48 -36.29 -17.74
N SER B 533 49.62 -36.78 -17.25
CA SER B 533 50.11 -38.09 -17.65
C SER B 533 49.09 -39.18 -17.33
N ALA B 534 49.24 -40.31 -18.02
CA ALA B 534 48.29 -41.42 -17.88
C ALA B 534 48.08 -41.79 -16.41
N SER B 535 49.17 -41.87 -15.64
CA SER B 535 49.11 -42.23 -14.24
C SER B 535 48.87 -41.04 -13.32
N GLY B 536 49.02 -39.83 -13.83
CA GLY B 536 48.92 -38.64 -13.00
C GLY B 536 50.22 -38.23 -12.34
N ASN B 537 51.29 -38.99 -12.51
CA ASN B 537 52.57 -38.64 -11.89
C ASN B 537 53.26 -37.46 -12.55
N SER B 538 52.63 -36.75 -13.48
CA SER B 538 53.31 -35.69 -14.21
C SER B 538 52.28 -34.72 -14.78
N ILE B 539 52.59 -33.43 -14.76
CA ILE B 539 51.76 -32.39 -15.32
C ILE B 539 52.58 -31.61 -16.34
N LEU B 540 52.03 -31.45 -17.54
CA LEU B 540 52.65 -30.66 -18.59
C LEU B 540 51.79 -29.42 -18.84
N TRP B 541 52.39 -28.24 -18.66
CA TRP B 541 51.68 -26.97 -18.77
C TRP B 541 52.32 -26.14 -19.88
N SER B 542 51.63 -26.03 -21.01
CA SER B 542 52.05 -25.16 -22.11
C SER B 542 51.49 -23.78 -21.80
N THR B 543 52.28 -22.97 -21.10
CA THR B 543 51.81 -21.67 -20.66
C THR B 543 51.67 -20.72 -21.85
N SER B 544 50.84 -19.69 -21.65
CA SER B 544 50.56 -18.74 -22.73
C SER B 544 51.69 -17.75 -22.96
N ASP B 545 52.56 -17.53 -21.98
CA ASP B 545 53.54 -16.46 -22.07
C ASP B 545 55.00 -16.90 -21.98
N ILE B 546 55.32 -17.92 -21.20
CA ILE B 546 56.72 -18.29 -21.02
C ILE B 546 57.00 -19.74 -21.43
N GLY B 547 56.13 -20.32 -22.25
CA GLY B 547 56.43 -21.60 -22.86
C GLY B 547 55.97 -22.80 -22.06
N VAL B 548 56.52 -23.95 -22.45
CA VAL B 548 56.06 -25.24 -21.94
C VAL B 548 56.89 -25.61 -20.70
N TYR B 549 56.19 -26.01 -19.64
CA TYR B 549 56.82 -26.42 -18.39
C TYR B 549 56.21 -27.74 -17.93
N TYR B 550 56.99 -28.49 -17.16
CA TYR B 550 56.55 -29.76 -16.60
C TYR B 550 56.85 -29.80 -15.12
N SER B 551 56.05 -30.58 -14.39
CA SER B 551 56.27 -30.82 -12.97
C SER B 551 56.04 -32.30 -12.69
N LYS B 552 57.04 -32.93 -12.08
CA LYS B 552 56.91 -34.29 -11.57
C LYS B 552 56.74 -34.30 -10.06
N THR B 553 56.47 -33.15 -9.45
CA THR B 553 56.50 -32.97 -8.01
C THR B 553 55.21 -32.33 -7.50
N SER B 554 54.08 -32.69 -8.10
CA SER B 554 52.77 -32.15 -7.72
C SER B 554 52.78 -30.63 -7.69
N GLY B 555 53.54 -30.01 -8.59
CA GLY B 555 53.57 -28.56 -8.70
C GLY B 555 54.42 -27.86 -7.67
N ASN B 556 55.22 -28.58 -6.88
CA ASN B 556 56.12 -27.91 -5.95
C ASN B 556 57.28 -27.24 -6.69
N SER B 557 57.67 -27.79 -7.82
CA SER B 557 58.67 -27.19 -8.69
C SER B 557 58.19 -27.31 -10.13
N TRP B 558 58.66 -26.40 -10.97
CA TRP B 558 58.36 -26.43 -12.40
C TRP B 558 59.64 -26.23 -13.18
N THR B 559 59.82 -27.05 -14.22
CA THR B 559 61.02 -27.01 -15.03
C THR B 559 60.64 -26.89 -16.49
N ALA B 560 61.37 -26.03 -17.21
CA ALA B 560 61.09 -25.81 -18.62
C ALA B 560 61.37 -27.07 -19.43
N SER B 561 60.48 -27.38 -20.35
CA SER B 561 60.70 -28.47 -21.29
C SER B 561 61.64 -28.02 -22.40
N ALA B 562 62.42 -28.96 -22.91
CA ALA B 562 63.35 -28.71 -23.99
C ALA B 562 62.83 -29.31 -25.28
N GLY B 563 63.10 -28.62 -26.40
CA GLY B 563 62.76 -29.12 -27.71
C GLY B 563 61.32 -28.88 -28.14
N LEU B 564 60.50 -28.23 -27.32
CA LEU B 564 59.11 -27.94 -27.68
C LEU B 564 58.90 -26.44 -27.71
N PRO B 565 58.64 -25.85 -28.88
CA PRO B 565 58.53 -24.39 -28.96
C PRO B 565 57.34 -23.86 -28.17
N ALA B 566 57.51 -22.65 -27.65
CA ALA B 566 56.47 -22.04 -26.84
C ALA B 566 55.20 -21.84 -27.66
N GLY B 567 54.06 -22.05 -27.01
CA GLY B 567 52.78 -21.99 -27.68
C GLY B 567 52.33 -23.29 -28.28
N ALA B 568 53.08 -24.37 -28.11
CA ALA B 568 52.72 -25.65 -28.71
C ALA B 568 51.47 -26.22 -28.06
N LYS B 569 50.65 -26.88 -28.88
CA LYS B 569 49.57 -27.69 -28.34
C LYS B 569 50.15 -28.99 -27.79
N ILE B 570 49.60 -29.45 -26.68
CA ILE B 570 50.14 -30.61 -25.98
C ILE B 570 49.02 -31.60 -25.70
N ALA B 571 49.39 -32.88 -25.63
CA ALA B 571 48.46 -33.94 -25.28
C ALA B 571 49.24 -35.09 -24.67
N SER B 572 48.66 -35.72 -23.66
CA SER B 572 49.30 -36.82 -22.95
C SER B 572 48.84 -38.15 -23.53
N ASP B 573 49.76 -39.10 -23.61
CA ASP B 573 49.36 -40.47 -23.88
C ASP B 573 48.55 -41.01 -22.72
N ARG B 574 47.49 -41.75 -23.02
CA ARG B 574 46.57 -42.19 -21.99
C ARG B 574 46.96 -43.53 -21.38
N VAL B 575 48.03 -44.17 -21.87
CA VAL B 575 48.49 -45.44 -21.36
C VAL B 575 49.90 -45.33 -20.78
N ASN B 576 50.83 -44.77 -21.55
CA ASN B 576 52.22 -44.65 -21.13
C ASN B 576 52.42 -43.31 -20.45
N PRO B 577 52.57 -43.26 -19.13
CA PRO B 577 52.73 -41.96 -18.44
C PRO B 577 54.03 -41.24 -18.76
N ASN B 578 54.90 -41.81 -19.58
CA ASN B 578 56.12 -41.14 -20.01
C ASN B 578 55.97 -40.45 -21.36
N LYS B 579 54.88 -40.70 -22.08
CA LYS B 579 54.71 -40.18 -23.43
C LYS B 579 53.82 -38.94 -23.40
N TYR B 580 54.37 -37.81 -23.84
CA TYR B 580 53.62 -36.61 -24.14
C TYR B 580 53.80 -36.26 -25.62
N TYR B 581 52.81 -35.63 -26.20
CA TYR B 581 52.86 -35.22 -27.60
C TYR B 581 52.70 -33.71 -27.72
N GLY B 582 53.35 -33.12 -28.73
CA GLY B 582 53.29 -31.70 -28.96
C GLY B 582 53.08 -31.40 -30.43
N PHE B 583 52.74 -30.14 -30.70
CA PHE B 583 52.52 -29.70 -32.07
C PHE B 583 52.60 -28.19 -32.14
N TYR B 584 53.34 -27.68 -33.13
CA TYR B 584 53.46 -26.25 -33.35
C TYR B 584 53.90 -26.00 -34.78
N ALA B 585 53.14 -25.15 -35.49
CA ALA B 585 53.53 -24.65 -36.81
C ALA B 585 53.74 -25.79 -37.82
N GLY B 586 52.94 -26.85 -37.69
CA GLY B 586 53.00 -27.95 -38.63
C GLY B 586 53.88 -29.11 -38.22
N THR B 587 54.68 -28.96 -37.16
CA THR B 587 55.62 -29.99 -36.75
C THR B 587 55.09 -30.72 -35.52
N PHE B 588 55.14 -32.05 -35.56
CA PHE B 588 54.72 -32.89 -34.44
C PHE B 588 55.92 -33.23 -33.58
N TYR B 589 55.71 -33.23 -32.26
CA TYR B 589 56.76 -33.52 -31.30
C TYR B 589 56.34 -34.66 -30.39
N VAL B 590 57.34 -35.33 -29.82
CA VAL B 590 57.10 -36.46 -28.93
C VAL B 590 58.08 -36.39 -27.77
N SER B 591 57.63 -36.84 -26.60
CA SER B 591 58.45 -36.96 -25.42
C SER B 591 58.27 -38.34 -24.82
N VAL B 592 59.37 -38.97 -24.42
CA VAL B 592 59.33 -40.28 -23.78
C VAL B 592 59.89 -40.23 -22.36
N ASP B 593 60.15 -39.03 -21.84
CA ASP B 593 60.70 -38.85 -20.51
C ASP B 593 59.78 -37.98 -19.65
N GLY B 594 58.46 -38.08 -19.87
CA GLY B 594 57.51 -37.34 -19.07
C GLY B 594 57.49 -35.84 -19.28
N GLY B 595 57.92 -35.37 -20.44
CA GLY B 595 57.85 -33.96 -20.76
C GLY B 595 59.09 -33.14 -20.51
N ALA B 596 60.22 -33.78 -20.19
CA ALA B 596 61.44 -33.03 -19.97
C ALA B 596 62.07 -32.57 -21.29
N THR B 597 62.05 -33.44 -22.30
CA THR B 597 62.61 -33.14 -23.60
C THR B 597 61.66 -33.63 -24.68
N PHE B 598 61.55 -32.87 -25.77
CA PHE B 598 60.70 -33.21 -26.89
C PHE B 598 61.54 -33.31 -28.17
N THR B 599 61.11 -34.18 -29.06
CA THR B 599 61.82 -34.44 -30.31
C THR B 599 60.85 -34.36 -31.47
N ALA B 600 61.24 -33.62 -32.51
CA ALA B 600 60.40 -33.50 -33.70
C ALA B 600 60.20 -34.87 -34.35
N THR B 601 59.16 -34.96 -35.17
CA THR B 601 58.73 -36.21 -35.75
C THR B 601 58.56 -36.05 -37.26
N GLY B 602 58.77 -37.14 -37.99
CA GLY B 602 58.64 -37.13 -39.44
C GLY B 602 57.24 -36.95 -39.99
N ALA B 603 56.23 -36.81 -39.13
CA ALA B 603 54.87 -36.59 -39.60
C ALA B 603 54.79 -35.31 -40.40
N SER B 604 54.22 -35.40 -41.60
CA SER B 604 54.19 -34.28 -42.54
C SER B 604 52.76 -34.03 -43.01
N GLY B 605 52.58 -32.91 -43.70
CA GLY B 605 51.29 -32.53 -44.24
C GLY B 605 50.40 -31.75 -43.30
N PHE B 606 50.79 -31.61 -42.04
CA PHE B 606 49.98 -30.86 -41.09
C PHE B 606 49.96 -29.37 -41.45
N PRO B 607 48.90 -28.65 -41.08
CA PRO B 607 48.88 -27.21 -41.35
C PRO B 607 49.89 -26.47 -40.49
N THR B 608 50.51 -25.45 -41.08
CA THR B 608 51.50 -24.67 -40.37
C THR B 608 50.92 -23.43 -39.70
N ASN B 609 49.78 -22.91 -40.20
CA ASN B 609 49.22 -21.66 -39.74
C ASN B 609 50.28 -20.55 -39.74
N ASN B 610 51.11 -20.54 -40.79
CA ASN B 610 52.26 -19.64 -40.85
C ASN B 610 52.37 -19.02 -42.24
N VAL B 611 51.25 -18.47 -42.72
CA VAL B 611 51.22 -17.85 -44.05
C VAL B 611 50.00 -16.96 -44.10
N ALA B 612 50.12 -15.85 -44.85
CA ALA B 612 48.99 -14.96 -45.15
C ALA B 612 48.34 -14.44 -43.87
N GLY B 613 49.15 -14.10 -42.87
CA GLY B 613 48.65 -13.55 -41.65
C GLY B 613 48.22 -14.55 -40.60
N LEU B 614 48.19 -15.85 -40.93
CA LEU B 614 47.98 -16.86 -39.92
C LEU B 614 49.20 -16.96 -39.02
N GLN B 615 48.97 -17.06 -37.71
CA GLN B 615 50.07 -17.24 -36.79
C GLN B 615 49.98 -18.61 -36.12
N PRO B 616 51.11 -19.31 -35.99
CA PRO B 616 51.06 -20.68 -35.45
C PRO B 616 50.55 -20.75 -34.01
N ASN B 617 50.86 -19.75 -33.19
CA ASN B 617 50.35 -19.75 -31.82
C ASN B 617 48.86 -19.45 -31.76
N GLU B 618 48.25 -18.98 -32.85
CA GLU B 618 46.82 -18.74 -32.94
C GLU B 618 46.08 -19.84 -33.69
N ALA B 619 46.68 -21.02 -33.81
CA ALA B 619 46.08 -22.12 -34.54
C ALA B 619 45.07 -22.86 -33.68
N GLN B 620 43.96 -23.28 -34.29
CA GLN B 620 42.93 -24.05 -33.62
C GLN B 620 43.12 -25.52 -34.02
N ILE B 621 43.56 -26.34 -33.07
CA ILE B 621 44.00 -27.70 -33.32
C ILE B 621 43.39 -28.62 -32.29
N SER B 622 42.83 -29.75 -32.75
CA SER B 622 42.26 -30.76 -31.87
C SER B 622 43.11 -32.03 -31.98
N LYS B 624 44.25 -35.53 -29.65
CA LYS B 624 43.99 -36.32 -28.44
C LYS B 624 44.48 -37.74 -28.63
N ALA B 625 45.17 -38.25 -27.60
CA ALA B 625 45.50 -39.66 -27.55
C ALA B 625 44.27 -40.47 -27.15
N VAL B 626 44.22 -41.71 -27.61
CA VAL B 626 43.07 -42.58 -27.41
C VAL B 626 43.23 -43.29 -26.07
N PRO B 627 42.27 -43.17 -25.15
CA PRO B 627 42.31 -43.98 -23.93
C PRO B 627 42.46 -45.47 -24.24
N GLY B 628 43.34 -46.13 -23.49
CA GLY B 628 43.50 -47.56 -23.56
C GLY B 628 44.38 -48.08 -24.67
N ILE B 629 44.84 -47.23 -25.58
CA ILE B 629 45.69 -47.64 -26.71
C ILE B 629 46.88 -46.68 -26.75
N GLU B 630 48.04 -47.16 -26.32
CA GLU B 630 49.25 -46.34 -26.39
C GLU B 630 49.58 -46.01 -27.85
N GLY B 631 50.03 -44.78 -28.07
CA GLY B 631 50.50 -44.37 -29.37
C GLY B 631 49.44 -44.16 -30.42
N ASP B 632 48.15 -44.28 -30.09
CA ASP B 632 47.06 -43.99 -31.02
C ASP B 632 46.61 -42.56 -30.77
N ILE B 633 46.78 -41.70 -31.78
CA ILE B 633 46.52 -40.28 -31.68
C ILE B 633 45.67 -39.86 -32.88
N TRP B 634 44.64 -39.04 -32.62
CA TRP B 634 43.84 -38.45 -33.68
C TRP B 634 44.08 -36.95 -33.70
N PHE B 635 44.14 -36.38 -34.90
CA PHE B 635 44.47 -34.98 -35.14
C PHE B 635 43.41 -34.40 -36.06
N ALA B 636 42.83 -33.26 -35.65
CA ALA B 636 41.82 -32.58 -36.45
C ALA B 636 42.12 -31.09 -36.49
N GLY B 637 42.06 -30.51 -37.67
CA GLY B 637 42.27 -29.09 -37.81
C GLY B 637 42.76 -28.73 -39.20
N GLY B 638 43.04 -27.44 -39.37
CA GLY B 638 43.60 -26.94 -40.60
C GLY B 638 42.80 -25.78 -41.15
N ASN B 639 43.08 -25.45 -42.41
CA ASN B 639 42.48 -24.31 -43.08
C ASN B 639 42.58 -24.49 -44.58
N THR B 640 41.79 -23.71 -45.31
CA THR B 640 41.76 -23.80 -46.77
C THR B 640 42.84 -22.97 -47.43
N VAL B 641 43.49 -22.05 -46.71
CA VAL B 641 44.57 -21.27 -47.30
C VAL B 641 45.74 -22.18 -47.65
N GLU B 642 46.12 -23.07 -46.73
CA GLU B 642 47.19 -24.03 -46.97
C GLU B 642 46.72 -25.28 -47.68
N ASN B 643 45.40 -25.48 -47.79
CA ASN B 643 44.83 -26.73 -48.32
C ASN B 643 45.34 -27.92 -47.53
N LYS B 644 45.47 -27.74 -46.21
CA LYS B 644 45.86 -28.78 -45.26
C LYS B 644 44.80 -28.77 -44.17
N TYR B 645 43.77 -29.59 -44.34
CA TYR B 645 42.55 -29.48 -43.54
C TYR B 645 41.91 -30.85 -43.46
N GLY B 646 41.65 -31.34 -42.23
CA GLY B 646 40.98 -32.60 -42.08
C GLY B 646 41.27 -33.36 -40.81
N LEU B 647 41.32 -34.69 -40.91
CA LEU B 647 41.45 -35.58 -39.76
C LEU B 647 42.57 -36.57 -40.02
N TRP B 648 43.57 -36.58 -39.15
CA TRP B 648 44.71 -37.48 -39.26
C TRP B 648 44.68 -38.51 -38.14
N HIS B 649 45.28 -39.67 -38.41
CA HIS B 649 45.29 -40.77 -37.46
C HIS B 649 46.68 -41.40 -37.41
N SER B 650 47.25 -41.51 -36.22
CA SER B 650 48.52 -42.17 -36.01
C SER B 650 48.34 -43.31 -35.03
N THR B 651 48.99 -44.45 -35.32
CA THR B 651 49.01 -45.59 -34.42
C THR B 651 50.42 -45.94 -33.98
N ASN B 652 51.41 -45.12 -34.34
CA ASN B 652 52.80 -45.37 -33.96
C ASN B 652 53.36 -44.20 -33.16
N SER B 653 52.60 -43.72 -32.18
CA SER B 653 53.03 -42.64 -31.29
C SER B 653 53.40 -41.38 -32.08
N GLY B 654 52.69 -41.12 -33.16
CA GLY B 654 52.89 -39.92 -33.94
C GLY B 654 54.00 -39.98 -34.97
N ALA B 655 54.71 -41.11 -35.08
CA ALA B 655 55.77 -41.24 -36.07
C ALA B 655 55.27 -40.90 -37.46
N SER B 656 54.04 -41.29 -37.77
CA SER B 656 53.42 -40.98 -39.04
C SER B 656 51.90 -41.06 -38.87
N PHE B 657 51.20 -40.22 -39.61
CA PHE B 657 49.75 -40.20 -39.61
C PHE B 657 49.23 -40.61 -40.98
N THR B 658 48.02 -41.14 -41.00
CA THR B 658 47.28 -41.36 -42.25
C THR B 658 46.13 -40.36 -42.27
N LYS B 659 46.07 -39.55 -43.33
CA LYS B 659 45.00 -38.58 -43.47
C LYS B 659 43.77 -39.28 -44.06
N LEU B 660 42.64 -39.19 -43.36
CA LEU B 660 41.43 -39.85 -43.81
C LEU B 660 40.92 -39.15 -45.07
N THR B 661 40.82 -39.93 -46.17
CA THR B 661 40.45 -39.36 -47.46
C THR B 661 38.97 -39.01 -47.55
N ASN B 662 38.15 -39.54 -46.64
CA ASN B 662 36.71 -39.31 -46.68
C ASN B 662 36.26 -38.14 -45.82
N VAL B 663 37.19 -37.36 -45.28
CA VAL B 663 36.88 -36.20 -44.45
C VAL B 663 37.48 -34.99 -45.13
N GLU B 664 36.63 -34.15 -45.72
CA GLU B 664 37.12 -32.99 -46.46
C GLU B 664 37.70 -31.94 -45.51
N GLU B 665 36.98 -31.62 -44.45
CA GLU B 665 37.44 -30.71 -43.41
C GLU B 665 37.07 -31.30 -42.06
N ALA B 666 37.91 -31.04 -41.06
CA ALA B 666 37.60 -31.43 -39.69
C ALA B 666 38.28 -30.45 -38.74
N ASP B 667 37.63 -30.20 -37.61
CA ASP B 667 38.13 -29.22 -36.66
C ASP B 667 38.19 -29.72 -35.22
N LEU B 668 37.40 -30.74 -34.85
CA LEU B 668 37.45 -31.31 -33.52
C LEU B 668 37.35 -32.82 -33.62
N ILE B 669 37.96 -33.51 -32.65
CA ILE B 669 37.86 -34.96 -32.54
C ILE B 669 37.61 -35.31 -31.08
N GLY B 670 36.82 -36.36 -30.87
CA GLY B 670 36.49 -36.81 -29.52
C GLY B 670 36.10 -38.26 -29.53
N TYR B 671 36.13 -38.88 -28.36
CA TYR B 671 35.94 -40.32 -28.21
C TYR B 671 34.82 -40.62 -27.23
N GLY B 672 34.04 -41.67 -27.54
CA GLY B 672 32.98 -42.13 -26.67
C GLY B 672 32.94 -43.65 -26.64
N LYS B 673 32.01 -44.17 -25.84
CA LYS B 673 31.93 -45.61 -25.63
C LYS B 673 31.69 -46.34 -26.96
N ALA B 674 32.34 -47.50 -27.10
CA ALA B 674 32.27 -48.26 -28.33
C ALA B 674 30.84 -48.71 -28.62
N ALA B 675 30.53 -48.82 -29.90
CA ALA B 675 29.22 -49.29 -30.31
C ALA B 675 29.04 -50.76 -29.91
N PRO B 676 27.80 -51.22 -29.73
CA PRO B 676 27.58 -52.63 -29.38
C PRO B 676 28.08 -53.53 -30.49
N GLY B 677 28.89 -54.52 -30.12
CA GLY B 677 29.55 -55.39 -31.05
C GLY B 677 30.87 -54.86 -31.55
N GLN B 678 31.05 -53.55 -31.56
CA GLN B 678 32.34 -52.97 -31.93
C GLN B 678 33.28 -52.95 -30.73
N THR B 679 34.57 -52.88 -31.02
CA THR B 679 35.61 -52.84 -30.00
C THR B 679 36.29 -51.48 -29.89
N TYR B 680 36.50 -50.81 -31.01
CA TYR B 680 37.09 -49.48 -31.01
C TYR B 680 36.06 -48.45 -30.60
N SER B 682 33.82 -45.05 -30.28
CA SER B 682 33.15 -44.24 -31.29
C SER B 682 33.85 -42.90 -31.44
N LEU B 683 33.93 -42.43 -32.68
CA LEU B 683 34.54 -41.14 -32.98
C LEU B 683 33.46 -40.08 -33.14
N TYR B 684 33.72 -38.91 -32.59
CA TYR B 684 32.84 -37.76 -32.74
C TYR B 684 33.66 -36.60 -33.25
N THR B 685 33.17 -35.95 -34.31
CA THR B 685 33.96 -34.94 -34.99
C THR B 685 33.09 -33.79 -35.46
N VAL B 686 33.66 -32.58 -35.40
CA VAL B 686 33.11 -31.41 -36.06
C VAL B 686 33.85 -31.30 -37.39
N ALA B 687 33.12 -31.43 -38.50
CA ALA B 687 33.78 -31.68 -39.76
C ALA B 687 32.89 -31.25 -40.92
N LYS B 688 33.47 -31.27 -42.12
CA LYS B 688 32.75 -31.21 -43.37
C LYS B 688 32.96 -32.55 -44.07
N ILE B 689 31.90 -33.35 -44.16
CA ILE B 689 32.00 -34.72 -44.66
C ILE B 689 30.97 -34.91 -45.76
N ASP B 690 31.43 -35.32 -46.94
CA ASP B 690 30.59 -35.53 -48.11
C ASP B 690 29.75 -34.29 -48.40
N GLY B 691 30.41 -33.13 -48.35
CA GLY B 691 29.79 -31.86 -48.68
C GLY B 691 28.91 -31.26 -47.63
N VAL B 692 28.86 -31.84 -46.42
CA VAL B 692 27.94 -31.42 -45.38
C VAL B 692 28.74 -31.00 -44.15
N ARG B 693 28.50 -29.77 -43.68
CA ARG B 693 29.06 -29.29 -42.43
C ARG B 693 28.16 -29.74 -41.28
N GLY B 694 28.74 -30.29 -40.22
CA GLY B 694 27.95 -30.70 -39.08
C GLY B 694 28.78 -31.44 -38.05
N VAL B 695 28.08 -32.20 -37.22
CA VAL B 695 28.68 -33.05 -36.19
C VAL B 695 28.44 -34.50 -36.59
N PHE B 696 29.50 -35.29 -36.62
CA PHE B 696 29.44 -36.64 -37.15
C PHE B 696 29.96 -37.66 -36.15
N ARG B 697 29.37 -38.85 -36.20
CA ARG B 697 29.81 -39.99 -35.40
C ARG B 697 30.26 -41.11 -36.34
N SER B 698 31.32 -41.80 -35.95
CA SER B 698 31.77 -43.00 -36.65
C SER B 698 31.95 -44.12 -35.65
N ASP B 699 31.41 -45.30 -35.97
CA ASP B 699 31.56 -46.47 -35.14
C ASP B 699 32.52 -47.49 -35.72
N ASP B 700 33.19 -47.17 -36.83
CA ASP B 700 34.11 -48.10 -37.49
C ASP B 700 35.44 -47.42 -37.80
N VAL B 701 36.01 -46.76 -36.78
CA VAL B 701 37.35 -46.18 -36.83
C VAL B 701 37.47 -45.19 -37.99
N GLY B 702 36.38 -44.51 -38.32
CA GLY B 702 36.40 -43.50 -39.35
C GLY B 702 36.12 -43.99 -40.75
N ALA B 703 35.69 -45.24 -40.92
CA ALA B 703 35.41 -45.76 -42.26
C ALA B 703 34.14 -45.14 -42.83
N THR B 704 33.09 -45.05 -42.01
CA THR B 704 31.86 -44.36 -42.39
C THR B 704 31.50 -43.37 -41.29
N TRP B 705 30.84 -42.29 -41.69
CA TRP B 705 30.43 -41.24 -40.76
C TRP B 705 28.93 -41.00 -40.92
N VAL B 706 28.27 -40.68 -39.81
CA VAL B 706 26.86 -40.35 -39.79
C VAL B 706 26.69 -39.00 -39.10
N ARG B 707 25.87 -38.13 -39.69
CA ARG B 707 25.61 -36.82 -39.10
C ARG B 707 24.63 -36.98 -37.94
N ILE B 708 25.01 -36.48 -36.76
CA ILE B 708 24.18 -36.61 -35.57
C ILE B 708 23.60 -35.29 -35.13
N ASN B 709 23.93 -34.19 -35.78
CA ASN B 709 23.19 -32.94 -35.63
C ASN B 709 22.35 -32.72 -36.88
N ASP B 710 21.67 -31.58 -36.94
CA ASP B 710 20.88 -31.24 -38.12
C ASP B 710 20.89 -29.73 -38.32
N ASP B 711 20.20 -29.28 -39.37
CA ASP B 711 20.24 -27.87 -39.74
C ASP B 711 19.57 -26.97 -38.72
N ALA B 712 18.72 -27.52 -37.86
CA ALA B 712 18.09 -26.74 -36.81
C ALA B 712 18.92 -26.70 -35.53
N HIS B 713 20.02 -27.47 -35.46
CA HIS B 713 20.87 -27.53 -34.27
C HIS B 713 22.33 -27.50 -34.74
N GLN B 714 22.81 -26.29 -35.03
CA GLN B 714 24.17 -26.11 -35.56
C GLN B 714 25.07 -25.32 -34.62
N TYR B 715 24.55 -24.27 -34.00
CA TYR B 715 25.22 -23.53 -32.93
C TYR B 715 26.45 -22.76 -33.43
N ALA B 716 26.39 -22.24 -34.66
CA ALA B 716 27.41 -21.35 -35.20
C ALA B 716 28.80 -21.98 -35.28
N LYS B 717 29.81 -21.24 -34.83
CA LYS B 717 31.20 -21.69 -35.00
C LYS B 717 31.54 -22.63 -33.86
N ILE B 718 31.26 -23.91 -34.07
CA ILE B 718 31.49 -24.94 -33.06
C ILE B 718 32.89 -25.54 -33.21
N ASN B 719 33.92 -24.70 -33.08
CA ASN B 719 35.31 -25.13 -33.16
C ASN B 719 35.97 -25.16 -31.77
N ALA B 721 35.10 -27.44 -28.55
CA ALA B 721 35.37 -28.67 -27.82
C ALA B 721 34.30 -29.71 -28.16
N ILE B 722 34.72 -30.97 -28.16
CA ILE B 722 33.81 -32.09 -28.34
C ILE B 722 34.38 -33.30 -27.63
N THR B 723 33.48 -34.10 -27.05
CA THR B 723 33.85 -35.40 -26.51
C THR B 723 32.61 -36.27 -26.45
N GLY B 724 32.82 -37.58 -26.60
CA GLY B 724 31.79 -38.55 -26.29
C GLY B 724 31.83 -38.93 -24.82
N ASP B 725 31.01 -39.91 -24.47
CA ASP B 725 30.95 -40.39 -23.10
C ASP B 725 31.52 -41.81 -23.05
N PRO B 726 32.58 -42.06 -22.28
CA PRO B 726 33.15 -43.42 -22.22
C PRO B 726 32.20 -44.44 -21.61
N ARG B 727 31.11 -44.02 -20.97
CA ARG B 727 30.17 -44.92 -20.31
C ARG B 727 28.82 -44.98 -20.99
N ILE B 728 28.57 -44.16 -22.02
CA ILE B 728 27.27 -44.10 -22.69
C ILE B 728 27.52 -44.06 -24.18
N TYR B 729 27.14 -45.12 -24.90
CA TYR B 729 27.26 -45.11 -26.35
C TYR B 729 26.27 -44.12 -26.97
N GLY B 730 26.69 -43.47 -28.05
CA GLY B 730 25.85 -42.53 -28.76
C GLY B 730 25.83 -41.13 -28.18
N ARG B 731 26.28 -40.96 -26.94
CA ARG B 731 26.23 -39.66 -26.29
C ARG B 731 27.38 -38.77 -26.74
N VAL B 732 27.07 -37.51 -27.03
CA VAL B 732 28.06 -36.52 -27.41
C VAL B 732 27.86 -35.28 -26.55
N TYR B 733 28.96 -34.67 -26.12
CA TYR B 733 28.97 -33.37 -25.47
C TYR B 733 29.66 -32.38 -26.39
N LEU B 734 28.99 -31.27 -26.70
CA LEU B 734 29.48 -30.34 -27.70
C LEU B 734 29.57 -28.94 -27.10
N GLY B 735 30.79 -28.38 -27.11
CA GLY B 735 30.97 -27.00 -26.72
C GLY B 735 30.64 -26.04 -27.86
N THR B 736 30.35 -24.81 -27.47
CA THR B 736 30.06 -23.73 -28.42
C THR B 736 30.72 -22.45 -27.95
N ASN B 737 30.63 -21.42 -28.78
CA ASN B 737 31.12 -20.09 -28.45
C ASN B 737 29.92 -19.16 -28.33
N GLY B 738 29.24 -19.24 -27.19
CA GLY B 738 28.07 -18.40 -26.92
C GLY B 738 26.77 -19.15 -26.72
N ARG B 739 26.72 -20.48 -26.88
CA ARG B 739 25.50 -21.24 -26.63
C ARG B 739 25.72 -22.30 -25.55
N GLY B 740 26.76 -22.13 -24.72
CA GLY B 740 27.01 -23.08 -23.66
C GLY B 740 27.37 -24.45 -24.20
N THR B 741 27.05 -25.47 -23.42
CA THR B 741 27.34 -26.85 -23.76
C THR B 741 26.06 -27.60 -24.08
N LEU B 742 26.11 -28.40 -25.14
CA LEU B 742 25.02 -29.28 -25.54
C LEU B 742 25.39 -30.71 -25.25
N TYR B 743 24.38 -31.55 -25.01
CA TYR B 743 24.55 -32.99 -25.06
C TYR B 743 23.40 -33.59 -25.86
N ALA B 744 23.68 -34.73 -26.48
CA ALA B 744 22.73 -35.31 -27.41
C ALA B 744 22.89 -36.82 -27.44
N ASP B 745 21.77 -37.50 -27.62
CA ASP B 745 21.68 -38.95 -27.78
C ASP B 745 20.79 -39.23 -28.98
N PRO B 746 20.87 -40.43 -29.55
CA PRO B 746 19.86 -40.85 -30.51
C PRO B 746 18.47 -40.70 -29.91
N VAL B 747 17.51 -40.27 -30.73
CA VAL B 747 16.17 -39.94 -30.27
C VAL B 747 15.56 -41.06 -29.42
N GLY C 1 22.20 -64.08 -4.47
CA GLY C 1 21.71 -62.72 -4.31
C GLY C 1 22.72 -61.68 -4.79
N SER C 3 23.41 -57.78 -6.94
CA SER C 3 22.85 -56.46 -7.16
C SER C 3 23.81 -55.65 -8.02
N GLU C 4 23.27 -54.61 -8.67
CA GLU C 4 24.02 -53.76 -9.57
C GLU C 4 23.62 -52.32 -9.28
N PRO C 5 24.57 -51.43 -9.04
CA PRO C 5 24.23 -50.05 -8.67
C PRO C 5 23.53 -49.31 -9.81
N TYR C 6 22.51 -48.54 -9.45
CA TYR C 6 21.72 -47.77 -10.39
C TYR C 6 21.57 -46.35 -9.89
N THR C 7 21.27 -45.45 -10.81
CA THR C 7 20.94 -44.06 -10.49
C THR C 7 19.43 -43.88 -10.60
N TRP C 8 18.78 -43.60 -9.48
CA TRP C 8 17.33 -43.50 -9.42
C TRP C 8 16.90 -42.05 -9.36
N LYS C 9 16.01 -41.65 -10.27
CA LYS C 9 15.54 -40.28 -10.36
C LYS C 9 14.04 -40.27 -10.62
N SER C 10 13.40 -39.17 -10.21
CA SER C 10 11.97 -38.99 -10.45
C SER C 10 11.71 -38.51 -11.87
N VAL C 11 10.67 -39.06 -12.48
CA VAL C 11 10.07 -38.42 -13.65
C VAL C 11 9.33 -37.18 -13.16
N VAL C 12 9.69 -36.02 -13.70
CA VAL C 12 9.24 -34.75 -13.14
C VAL C 12 7.84 -34.43 -13.63
N THR C 13 6.92 -34.17 -12.69
CA THR C 13 5.62 -33.60 -13.02
C THR C 13 5.48 -32.15 -12.59
N GLY C 14 6.41 -31.63 -11.78
CA GLY C 14 6.42 -30.25 -11.33
C GLY C 14 5.49 -29.89 -10.18
N ALA C 15 4.30 -30.47 -10.15
CA ALA C 15 3.31 -30.14 -9.13
C ALA C 15 3.18 -31.19 -8.05
N GLY C 16 3.67 -32.41 -8.28
CA GLY C 16 3.46 -33.48 -7.32
C GLY C 16 2.25 -34.32 -7.69
N GLY C 17 1.08 -33.67 -7.79
CA GLY C 17 -0.12 -34.33 -8.28
C GLY C 17 -0.98 -34.99 -7.22
N GLY C 18 -0.63 -34.86 -5.94
CA GLY C 18 -1.36 -35.51 -4.88
C GLY C 18 -1.75 -34.55 -3.78
N PHE C 19 -2.42 -35.10 -2.77
CA PHE C 19 -2.93 -34.32 -1.65
C PHE C 19 -1.83 -34.11 -0.61
N VAL C 20 -1.63 -32.86 -0.21
CA VAL C 20 -0.68 -32.56 0.86
C VAL C 20 -1.46 -32.07 2.07
N PRO C 21 -1.82 -32.96 3.00
CA PRO C 21 -2.65 -32.54 4.14
C PRO C 21 -1.90 -31.71 5.16
N GLY C 22 -0.58 -31.76 5.20
CA GLY C 22 0.16 -31.06 6.23
C GLY C 22 1.49 -30.46 5.79
N ILE C 23 1.72 -29.21 6.20
CA ILE C 23 3.00 -28.53 6.03
C ILE C 23 3.40 -28.00 7.40
N ILE C 24 4.62 -28.31 7.83
CA ILE C 24 5.03 -28.06 9.22
C ILE C 24 6.32 -27.25 9.22
N PHE C 25 6.25 -26.01 9.71
CA PHE C 25 7.40 -25.15 9.88
C PHE C 25 8.01 -25.37 11.27
N ASN C 26 9.34 -25.45 11.31
CA ASN C 26 10.02 -25.46 12.60
C ASN C 26 9.91 -24.07 13.23
N GLN C 27 9.63 -24.04 14.54
CA GLN C 27 9.37 -22.79 15.23
C GLN C 27 10.63 -22.06 15.68
N THR C 28 11.81 -22.64 15.46
CA THR C 28 13.06 -22.06 15.94
C THR C 28 14.07 -21.81 14.84
N GLU C 29 14.18 -22.70 13.85
CA GLU C 29 15.18 -22.55 12.81
C GLU C 29 14.53 -22.06 11.53
N PRO C 30 14.90 -20.88 11.02
CA PRO C 30 14.30 -20.39 9.77
C PRO C 30 14.56 -21.35 8.62
N ASN C 31 13.56 -21.51 7.76
CA ASN C 31 13.60 -22.27 6.51
C ASN C 31 13.64 -23.77 6.72
N LEU C 32 13.39 -24.25 7.94
CA LEU C 32 13.21 -25.67 8.19
C LEU C 32 11.73 -25.98 8.04
N ILE C 33 11.37 -26.66 6.95
CA ILE C 33 9.99 -26.99 6.65
C ILE C 33 9.88 -28.47 6.29
N TYR C 34 8.77 -29.09 6.70
CA TYR C 34 8.44 -30.44 6.31
C TYR C 34 7.06 -30.46 5.68
N ALA C 35 6.81 -31.45 4.84
CA ALA C 35 5.51 -31.69 4.25
C ALA C 35 5.17 -33.17 4.37
N ARG C 36 3.94 -33.47 4.74
CA ARG C 36 3.49 -34.85 4.87
C ARG C 36 2.35 -35.11 3.91
N THR C 37 2.31 -36.34 3.39
CA THR C 37 1.31 -36.76 2.41
C THR C 37 0.55 -37.96 2.95
N ASP C 38 -0.54 -38.31 2.27
CA ASP C 38 -1.41 -39.37 2.77
C ASP C 38 -1.00 -40.75 2.29
N ILE C 39 -0.32 -40.87 1.15
CA ILE C 39 0.12 -42.17 0.65
C ILE C 39 1.57 -42.17 0.20
N GLY C 40 2.27 -41.03 0.25
CA GLY C 40 3.59 -40.97 -0.34
C GLY C 40 4.70 -40.44 0.55
N GLY C 41 4.64 -40.73 1.84
CA GLY C 41 5.71 -40.34 2.74
C GLY C 41 5.74 -38.85 3.05
N ALA C 42 6.92 -38.38 3.43
CA ALA C 42 7.12 -37.00 3.83
C ALA C 42 8.33 -36.40 3.11
N TYR C 43 8.46 -35.08 3.22
CA TYR C 43 9.51 -34.34 2.53
C TYR C 43 10.12 -33.31 3.48
N ARG C 44 11.35 -32.89 3.16
CA ARG C 44 12.00 -31.78 3.84
C ARG C 44 12.41 -30.74 2.82
N TRP C 45 12.17 -29.47 3.16
CA TRP C 45 12.46 -28.35 2.28
C TRP C 45 13.97 -28.09 2.21
N ASN C 46 14.45 -27.70 1.03
CA ASN C 46 15.82 -27.25 0.85
C ASN C 46 15.77 -25.81 0.37
N GLN C 47 16.10 -24.87 1.27
CA GLN C 47 15.99 -23.46 0.95
C GLN C 47 16.94 -23.03 -0.16
N ALA C 48 18.10 -23.67 -0.26
CA ALA C 48 19.11 -23.26 -1.23
C ALA C 48 18.68 -23.51 -2.68
N THR C 49 17.76 -24.44 -2.91
CA THR C 49 17.32 -24.76 -4.26
C THR C 49 15.81 -24.64 -4.44
N SER C 50 15.10 -24.17 -3.42
CA SER C 50 13.64 -24.04 -3.45
C SER C 50 12.98 -25.35 -3.90
N SER C 51 13.37 -26.44 -3.25
CA SER C 51 12.87 -27.75 -3.63
C SER C 51 12.74 -28.64 -2.41
N TRP C 52 11.98 -29.72 -2.57
CA TRP C 52 11.70 -30.67 -1.50
C TRP C 52 12.53 -31.94 -1.70
N VAL C 53 12.96 -32.53 -0.60
CA VAL C 53 13.71 -33.77 -0.59
C VAL C 53 12.88 -34.82 0.15
N SER C 54 12.66 -35.96 -0.49
CA SER C 54 11.93 -37.04 0.16
C SER C 54 12.76 -37.61 1.32
N ILE C 55 12.10 -37.85 2.45
CA ILE C 55 12.72 -38.51 3.58
C ILE C 55 12.09 -39.87 3.84
N SER C 56 11.44 -40.45 2.83
CA SER C 56 10.67 -41.68 3.02
C SER C 56 11.03 -42.79 2.05
N ASP C 57 11.98 -42.59 1.14
CA ASP C 57 12.17 -43.55 0.06
C ASP C 57 12.73 -44.89 0.53
N SER C 58 13.20 -44.98 1.78
CA SER C 58 13.64 -46.26 2.32
CA SER C 58 13.64 -46.25 2.32
C SER C 58 12.48 -47.13 2.78
N VAL C 59 11.27 -46.58 2.83
CA VAL C 59 10.09 -47.39 3.15
C VAL C 59 9.89 -48.42 2.05
N GLY C 60 9.76 -49.69 2.44
CA GLY C 60 9.74 -50.76 1.48
C GLY C 60 8.44 -51.54 1.38
N TRP C 61 8.56 -52.80 0.95
CA TRP C 61 7.41 -53.61 0.58
C TRP C 61 6.60 -54.02 1.80
N VAL C 62 7.26 -54.52 2.84
CA VAL C 62 6.54 -55.04 4.00
C VAL C 62 6.02 -53.91 4.88
N ASP C 63 6.85 -52.87 5.10
CA ASP C 63 6.46 -51.72 5.90
C ASP C 63 5.87 -50.59 5.07
N TRP C 64 5.18 -50.94 3.98
CA TRP C 64 4.65 -49.94 3.05
C TRP C 64 3.77 -48.91 3.74
N ASN C 65 3.07 -49.30 4.81
CA ASN C 65 2.09 -48.39 5.40
C ASN C 65 2.74 -47.19 6.08
N LYS C 66 4.08 -47.19 6.21
CA LYS C 66 4.78 -46.02 6.73
C LYS C 66 4.64 -44.80 5.83
N ASN C 67 4.24 -44.98 4.57
CA ASN C 67 4.10 -43.83 3.69
C ASN C 67 2.78 -43.11 3.87
N GLY C 68 1.91 -43.58 4.76
CA GLY C 68 0.79 -42.78 5.21
C GLY C 68 1.20 -41.97 6.42
N VAL C 69 1.46 -40.69 6.25
CA VAL C 69 2.00 -39.84 7.30
C VAL C 69 0.84 -39.04 7.88
N ASP C 70 0.25 -39.57 8.95
CA ASP C 70 -0.90 -38.96 9.59
C ASP C 70 -0.52 -37.73 10.41
N ALA C 71 0.73 -37.61 10.82
CA ALA C 71 1.17 -36.51 11.67
C ALA C 71 2.69 -36.42 11.63
N LEU C 72 3.20 -35.21 11.87
CA LEU C 72 4.64 -34.94 11.84
C LEU C 72 4.93 -33.81 12.80
N ALA C 73 6.03 -33.94 13.55
CA ALA C 73 6.46 -32.93 14.50
C ALA C 73 7.96 -32.69 14.36
N THR C 74 8.36 -31.43 14.37
CA THR C 74 9.76 -31.03 14.24
C THR C 74 10.19 -30.27 15.49
N ASP C 75 11.33 -30.66 16.04
CA ASP C 75 11.72 -30.29 17.40
C ASP C 75 12.19 -28.83 17.44
N PRO C 76 11.58 -27.96 18.25
CA PRO C 76 12.02 -26.57 18.32
C PRO C 76 13.23 -26.36 19.22
N ILE C 77 13.59 -27.32 20.05
CA ILE C 77 14.77 -27.21 20.89
C ILE C 77 16.00 -27.77 20.18
N ASP C 78 15.86 -28.93 19.54
CA ASP C 78 16.92 -29.52 18.70
C ASP C 78 16.34 -29.76 17.32
N PRO C 79 16.51 -28.83 16.37
CA PRO C 79 15.86 -28.97 15.06
C PRO C 79 16.38 -30.14 14.23
N ASN C 80 17.42 -30.84 14.66
CA ASN C 80 17.82 -32.06 13.96
C ASN C 80 16.80 -33.17 14.13
N LYS C 81 15.95 -33.09 15.15
CA LYS C 81 15.03 -34.16 15.49
C LYS C 81 13.66 -33.92 14.87
N VAL C 82 13.08 -34.98 14.32
CA VAL C 82 11.78 -34.93 13.67
C VAL C 82 11.10 -36.28 13.90
N TYR C 83 9.77 -36.25 14.03
CA TYR C 83 9.00 -37.44 14.35
C TYR C 83 7.79 -37.53 13.42
N ALA C 85 3.95 -39.88 12.90
CA ALA C 85 2.99 -40.94 13.14
C ALA C 85 2.54 -41.47 11.78
N THR C 86 2.88 -42.73 11.50
CA THR C 86 2.66 -43.29 10.18
C THR C 86 1.85 -44.57 10.28
N GLY C 87 1.30 -44.97 9.13
CA GLY C 87 0.24 -45.96 9.06
C GLY C 87 -0.85 -45.39 8.19
N THR C 88 -1.40 -46.20 7.27
CA THR C 88 -2.22 -45.65 6.21
C THR C 88 -3.72 -45.77 6.46
N TYR C 89 -4.19 -46.93 6.83
CA TYR C 89 -5.60 -47.11 7.07
C TYR C 89 -5.92 -47.72 8.45
N THR C 90 -7.10 -47.44 8.97
CA THR C 90 -7.56 -47.97 10.24
C THR C 90 -8.66 -49.02 10.10
N ASN C 91 -9.01 -49.39 8.87
CA ASN C 91 -9.95 -50.47 8.63
C ASN C 91 -9.16 -51.75 8.31
N HIS C 92 -9.82 -52.73 7.67
CA HIS C 92 -9.17 -54.00 7.37
C HIS C 92 -8.10 -53.90 6.30
N TRP C 93 -7.92 -52.74 5.67
CA TRP C 93 -6.92 -52.61 4.61
C TRP C 93 -5.49 -52.53 5.13
N ASP C 94 -5.29 -52.44 6.44
CA ASP C 94 -3.97 -52.12 6.97
C ASP C 94 -3.78 -52.80 8.32
N ASN C 95 -2.51 -52.86 8.74
CA ASN C 95 -2.14 -53.33 10.07
C ASN C 95 -1.86 -52.12 10.95
N ASN C 96 -1.31 -52.37 12.15
CA ASN C 96 -1.06 -51.30 13.10
C ASN C 96 -0.03 -50.30 12.57
N GLY C 97 -0.10 -49.08 13.08
CA GLY C 97 0.84 -48.03 12.73
C GLY C 97 2.06 -48.01 13.63
N GLN C 98 2.74 -46.87 13.63
CA GLN C 98 4.00 -46.75 14.37
C GLN C 98 4.36 -45.27 14.50
N ILE C 99 5.22 -44.99 15.47
CA ILE C 99 5.82 -43.67 15.64
C ILE C 99 7.28 -43.77 15.20
N ARG C 101 11.06 -41.92 14.45
CA ARG C 101 11.87 -40.85 15.02
C ARG C 101 13.21 -40.77 14.31
N SER C 102 13.70 -39.55 14.14
CA SER C 102 14.95 -39.30 13.44
C SER C 102 15.75 -38.24 14.17
N ASN C 103 17.08 -38.40 14.16
CA ASN C 103 18.01 -37.44 14.74
C ASN C 103 18.74 -36.63 13.69
N ASP C 104 18.47 -36.87 12.41
CA ASP C 104 19.18 -36.23 11.31
C ASP C 104 18.20 -35.73 10.26
N ARG C 105 17.12 -35.09 10.72
CA ARG C 105 16.16 -34.38 9.87
C ARG C 105 15.52 -35.29 8.82
N GLY C 106 15.48 -36.59 9.09
CA GLY C 106 14.78 -37.52 8.24
C GLY C 106 15.64 -38.37 7.33
N ASN C 107 16.98 -38.31 7.45
CA ASN C 107 17.82 -39.14 6.62
C ASN C 107 17.80 -40.60 7.05
N THR C 108 17.73 -40.85 8.37
CA THR C 108 17.58 -42.19 8.91
C THR C 108 16.49 -42.17 9.98
N TRP C 109 15.89 -43.33 10.21
CA TRP C 109 14.72 -43.44 11.07
C TRP C 109 14.83 -44.65 11.98
N GLN C 110 14.27 -44.50 13.18
CA GLN C 110 13.96 -45.62 14.05
C GLN C 110 12.45 -45.66 14.28
N THR C 111 11.94 -46.86 14.53
CA THR C 111 10.50 -47.09 14.56
C THR C 111 10.10 -47.72 15.89
N THR C 112 9.01 -47.21 16.46
CA THR C 112 8.35 -47.84 17.60
C THR C 112 6.95 -48.26 17.16
N PRO C 113 6.65 -49.55 17.07
CA PRO C 113 5.30 -49.95 16.68
C PRO C 113 4.26 -49.54 17.71
N LEU C 114 3.06 -49.18 17.21
CA LEU C 114 1.94 -48.88 18.08
C LEU C 114 0.97 -50.06 18.12
N PRO C 115 0.24 -50.24 19.22
CA PRO C 115 -0.68 -51.38 19.32
C PRO C 115 -2.04 -51.10 18.68
N PHE C 116 -2.09 -50.13 17.77
CA PHE C 116 -3.32 -49.79 17.06
C PHE C 116 -2.95 -49.18 15.72
N LYS C 117 -3.96 -48.88 14.92
CA LYS C 117 -3.74 -48.43 13.55
C LYS C 117 -3.69 -46.90 13.46
N VAL C 118 -2.96 -46.43 12.45
CA VAL C 118 -2.81 -45.02 12.15
C VAL C 118 -3.39 -44.79 10.77
N GLY C 119 -3.98 -43.61 10.56
CA GLY C 119 -4.76 -43.39 9.36
C GLY C 119 -4.32 -42.28 8.44
N GLY C 120 -3.10 -42.39 7.90
CA GLY C 120 -2.59 -41.34 7.04
C GLY C 120 -3.44 -41.09 5.82
N ASN C 121 -4.22 -42.08 5.40
CA ASN C 121 -5.15 -41.93 4.27
C ASN C 121 -6.59 -42.11 4.71
N PRO C 123 -10.24 -40.38 6.67
CA PRO C 123 -10.91 -39.08 6.82
C PRO C 123 -10.29 -38.25 7.93
N GLY C 124 -10.26 -36.93 7.72
CA GLY C 124 -9.74 -36.02 8.71
C GLY C 124 -8.24 -35.91 8.77
N ARG C 125 -7.53 -36.32 7.72
CA ARG C 125 -6.07 -36.37 7.78
C ARG C 125 -5.43 -35.00 7.70
N SER C 126 -6.16 -33.97 7.28
CA SER C 126 -5.59 -32.62 7.28
C SER C 126 -5.84 -31.88 8.58
N ALA C 127 -6.68 -32.41 9.48
CA ALA C 127 -6.73 -31.90 10.83
C ALA C 127 -5.42 -32.21 11.54
N GLY C 128 -4.96 -31.27 12.36
CA GLY C 128 -3.71 -31.47 13.07
C GLY C 128 -3.13 -30.16 13.54
N GLU C 129 -1.88 -30.24 14.02
CA GLU C 129 -1.13 -31.50 14.05
C GLU C 129 -1.49 -32.35 15.27
N ARG C 130 -1.48 -33.66 15.09
CA ARG C 130 -1.84 -34.60 16.14
C ARG C 130 -0.63 -35.24 16.78
N LEU C 131 0.57 -34.84 16.38
CA LEU C 131 1.82 -35.22 17.04
C LEU C 131 2.60 -33.95 17.30
N VAL C 132 2.94 -33.70 18.57
CA VAL C 132 3.58 -32.45 18.97
C VAL C 132 4.66 -32.72 20.00
N ILE C 133 5.67 -31.86 20.01
CA ILE C 133 6.78 -31.92 20.96
C ILE C 133 6.63 -30.78 21.95
N ASP C 134 6.84 -31.07 23.23
CA ASP C 134 6.81 -30.03 24.25
C ASP C 134 7.88 -28.99 23.96
N PRO C 135 7.52 -27.73 23.69
CA PRO C 135 8.53 -26.73 23.30
C PRO C 135 9.47 -26.33 24.42
N ASN C 136 9.22 -26.76 25.66
CA ASN C 136 10.11 -26.47 26.78
C ASN C 136 10.83 -27.71 27.30
N LYS C 137 10.40 -28.91 26.89
CA LYS C 137 10.94 -30.18 27.39
C LYS C 137 10.81 -31.20 26.25
N ASN C 138 11.78 -31.17 25.34
CA ASN C 138 11.61 -31.85 24.06
C ASN C 138 11.72 -33.37 24.14
N ASN C 139 11.86 -33.94 25.33
CA ASN C 139 11.70 -35.39 25.49
C ASN C 139 10.24 -35.79 25.66
N ILE C 140 9.33 -34.82 25.75
CA ILE C 140 7.91 -35.09 25.94
C ILE C 140 7.19 -34.89 24.61
N LEU C 141 6.39 -35.88 24.23
CA LEU C 141 5.58 -35.79 23.01
C LEU C 141 4.18 -36.31 23.32
N TYR C 142 3.21 -35.77 22.59
CA TYR C 142 1.82 -36.22 22.68
C TYR C 142 1.32 -36.62 21.30
N PHE C 143 0.48 -37.64 21.27
CA PHE C 143 -0.11 -38.15 20.03
C PHE C 143 -1.59 -38.38 20.25
N GLY C 144 -2.42 -37.76 19.41
CA GLY C 144 -3.85 -37.95 19.46
C GLY C 144 -4.28 -38.92 18.38
N ALA C 145 -4.82 -40.06 18.81
CA ALA C 145 -5.02 -41.21 17.94
C ALA C 145 -6.46 -41.29 17.43
N ARG C 146 -6.68 -42.25 16.53
CA ARG C 146 -7.96 -42.48 15.89
C ARG C 146 -8.69 -43.65 16.55
N SER C 147 -9.94 -43.86 16.10
CA SER C 147 -10.72 -45.07 16.36
C SER C 147 -11.04 -45.29 17.83
N GLY C 148 -10.97 -44.26 18.65
CA GLY C 148 -11.22 -44.40 20.07
C GLY C 148 -10.01 -44.76 20.90
N ASN C 149 -8.81 -44.74 20.32
CA ASN C 149 -7.59 -45.04 21.07
C ASN C 149 -7.10 -43.84 21.89
N GLY C 150 -7.67 -42.66 21.68
CA GLY C 150 -7.49 -41.57 22.63
C GLY C 150 -6.15 -40.87 22.52
N LEU C 151 -5.67 -40.43 23.67
CA LEU C 151 -4.46 -39.61 23.77
C LEU C 151 -3.31 -40.45 24.31
N TRP C 152 -2.16 -40.35 23.65
CA TRP C 152 -0.96 -41.07 24.04
C TRP C 152 0.18 -40.09 24.24
N LYS C 153 1.16 -40.48 25.05
CA LYS C 153 2.27 -39.60 25.35
C LYS C 153 3.57 -40.38 25.47
N SER C 154 4.67 -39.70 25.20
CA SER C 154 6.01 -40.23 25.38
C SER C 154 6.80 -39.23 26.21
N ILE C 155 7.56 -39.74 27.17
CA ILE C 155 8.48 -38.91 27.95
C ILE C 155 9.93 -39.31 27.72
N ASP C 156 10.19 -40.21 26.77
CA ASP C 156 11.54 -40.64 26.42
C ASP C 156 11.84 -40.38 24.96
N SER C 157 11.43 -39.21 24.47
CA SER C 157 11.76 -38.74 23.12
C SER C 157 11.24 -39.69 22.05
N GLY C 158 9.99 -40.15 22.21
CA GLY C 158 9.33 -40.95 21.20
C GLY C 158 9.69 -42.42 21.20
N VAL C 159 10.56 -42.88 22.10
CA VAL C 159 10.99 -44.27 22.08
C VAL C 159 9.87 -45.18 22.57
N THR C 160 9.17 -44.79 23.64
CA THR C 160 8.06 -45.56 24.17
C THR C 160 6.85 -44.66 24.35
N TRP C 161 5.66 -45.27 24.34
CA TRP C 161 4.42 -44.52 24.34
C TRP C 161 3.43 -45.16 25.31
N SER C 162 2.74 -44.31 26.08
CA SER C 162 1.76 -44.75 27.05
C SER C 162 0.45 -44.02 26.81
N LYS C 163 -0.65 -44.71 27.12
CA LYS C 163 -1.97 -44.11 26.98
C LYS C 163 -2.24 -43.15 28.13
N VAL C 164 -2.75 -41.96 27.80
CA VAL C 164 -3.16 -40.98 28.80
C VAL C 164 -4.60 -41.33 29.14
N THR C 165 -4.78 -42.16 30.17
CA THR C 165 -6.09 -42.71 30.48
C THR C 165 -7.01 -41.69 31.15
N SER C 166 -6.47 -40.59 31.65
CA SER C 166 -7.30 -39.54 32.22
C SER C 166 -7.92 -38.63 31.18
N PHE C 167 -7.61 -38.82 29.89
CA PHE C 167 -8.25 -38.01 28.87
C PHE C 167 -9.68 -38.48 28.69
N PRO C 168 -10.67 -37.58 28.73
CA PRO C 168 -12.08 -38.00 28.90
C PRO C 168 -12.90 -38.15 27.63
N ASN C 169 -12.35 -37.90 26.44
CA ASN C 169 -13.16 -37.93 25.22
C ASN C 169 -12.31 -38.48 24.08
N VAL C 170 -12.56 -39.74 23.70
CA VAL C 170 -11.86 -40.34 22.57
C VAL C 170 -12.50 -40.02 21.24
N GLY C 171 -13.59 -39.27 21.22
CA GLY C 171 -14.27 -38.85 20.02
C GLY C 171 -15.62 -39.55 19.86
N THR C 172 -16.52 -38.89 19.14
CA THR C 172 -17.84 -39.47 18.83
C THR C 172 -18.19 -39.46 17.35
N TYR C 173 -17.58 -38.59 16.54
CA TYR C 173 -17.97 -38.47 15.14
C TYR C 173 -17.40 -39.60 14.31
N ILE C 174 -18.25 -40.15 13.43
CA ILE C 174 -17.86 -41.16 12.45
C ILE C 174 -18.32 -40.67 11.08
N GLN C 175 -17.41 -40.58 10.12
CA GLN C 175 -17.76 -40.02 8.82
C GLN C 175 -18.73 -40.93 8.07
N ASN C 176 -18.38 -42.20 7.91
CA ASN C 176 -19.17 -43.14 7.09
C ASN C 176 -19.48 -44.39 7.91
N PRO C 177 -20.41 -44.30 8.86
CA PRO C 177 -20.70 -45.46 9.71
C PRO C 177 -21.22 -46.69 8.97
N THR C 178 -21.76 -46.52 7.76
CA THR C 178 -22.35 -47.63 7.03
C THR C 178 -21.47 -48.15 5.90
N LEU C 179 -20.25 -47.66 5.76
CA LEU C 179 -19.34 -48.13 4.73
C LEU C 179 -18.17 -48.89 5.34
N ASP C 180 -17.39 -49.51 4.46
CA ASP C 180 -16.18 -50.22 4.86
C ASP C 180 -15.01 -49.30 5.15
N TYR C 181 -15.12 -48.03 4.77
CA TYR C 181 -14.04 -47.07 4.86
C TYR C 181 -14.51 -45.88 5.69
N GLY C 182 -13.83 -45.62 6.80
CA GLY C 182 -14.23 -44.54 7.67
C GLY C 182 -15.42 -44.85 8.55
N ASN C 183 -15.62 -46.12 8.90
CA ASN C 183 -16.68 -46.50 9.82
C ASN C 183 -16.24 -46.42 11.28
N ASP C 184 -15.01 -46.01 11.55
CA ASP C 184 -14.51 -45.87 12.90
C ASP C 184 -14.55 -44.41 13.33
N LEU C 185 -14.32 -44.19 14.62
CA LEU C 185 -14.23 -42.83 15.14
C LEU C 185 -13.02 -42.13 14.53
N VAL C 186 -13.20 -40.87 14.15
CA VAL C 186 -12.06 -40.08 13.68
C VAL C 186 -11.06 -39.90 14.82
N GLY C 187 -11.55 -39.67 16.02
CA GLY C 187 -10.70 -39.56 17.19
C GLY C 187 -10.33 -38.14 17.54
N LEU C 188 -9.08 -37.93 17.92
CA LEU C 188 -8.58 -36.61 18.31
C LEU C 188 -8.09 -35.87 17.06
N SER C 189 -8.10 -34.54 17.15
CA SER C 189 -7.98 -33.70 15.96
C SER C 189 -6.73 -32.83 15.92
N TRP C 190 -6.23 -32.35 17.07
CA TRP C 190 -5.02 -31.53 17.11
C TRP C 190 -4.62 -31.35 18.56
N ILE C 191 -3.33 -31.02 18.77
CA ILE C 191 -2.79 -30.76 20.10
C ILE C 191 -1.95 -29.50 20.03
N THR C 192 -2.09 -28.64 21.04
CA THR C 192 -1.40 -27.36 21.08
C THR C 192 -0.90 -27.07 22.47
N PHE C 193 0.43 -26.94 22.62
CA PHE C 193 1.02 -26.48 23.87
C PHE C 193 0.88 -24.97 24.01
N ASP C 194 0.79 -24.52 25.25
CA ASP C 194 0.91 -23.10 25.58
C ASP C 194 2.33 -22.91 26.12
N LYS C 195 3.24 -22.52 25.23
CA LYS C 195 4.66 -22.46 25.59
C LYS C 195 4.91 -21.55 26.79
N SER C 196 4.05 -20.55 27.00
CA SER C 196 4.23 -19.64 28.12
C SER C 196 4.01 -20.29 29.48
N THR C 197 3.43 -21.50 29.51
CA THR C 197 3.20 -22.19 30.77
C THR C 197 4.31 -23.17 31.11
N GLY C 198 5.48 -23.00 30.51
CA GLY C 198 6.67 -23.74 30.89
C GLY C 198 7.88 -22.88 30.64
N THR C 199 9.02 -23.37 31.10
CA THR C 199 10.31 -22.77 30.81
C THR C 199 11.26 -23.86 30.33
N LEU C 200 12.31 -23.44 29.63
CA LEU C 200 13.28 -24.38 29.08
C LEU C 200 13.79 -25.32 30.17
N GLY C 201 13.61 -26.61 29.95
CA GLY C 201 13.98 -27.62 30.94
C GLY C 201 12.87 -28.03 31.88
N ASN C 202 11.68 -27.41 31.78
CA ASN C 202 10.55 -27.74 32.64
C ASN C 202 9.32 -27.95 31.78
N ALA C 203 8.59 -29.03 32.05
CA ALA C 203 7.47 -29.42 31.21
C ALA C 203 6.42 -28.32 31.12
N THR C 204 5.91 -28.11 29.91
CA THR C 204 4.83 -27.16 29.69
C THR C 204 3.56 -27.64 30.38
N GLN C 205 2.92 -26.76 31.16
CA GLN C 205 1.84 -27.19 32.04
C GLN C 205 0.47 -27.11 31.39
N THR C 206 0.26 -26.25 30.40
CA THR C 206 -1.04 -26.10 29.76
C THR C 206 -1.00 -26.70 28.36
N ILE C 207 -1.91 -27.63 28.10
CA ILE C 207 -2.03 -28.30 26.80
C ILE C 207 -3.48 -28.24 26.36
N TYR C 208 -3.70 -27.91 25.10
CA TYR C 208 -5.02 -27.88 24.49
C TYR C 208 -5.17 -29.05 23.52
N VAL C 209 -6.35 -29.68 23.52
CA VAL C 209 -6.62 -30.81 22.64
C VAL C 209 -7.97 -30.62 21.97
N GLY C 210 -8.00 -30.77 20.66
CA GLY C 210 -9.25 -30.80 19.90
C GLY C 210 -9.67 -32.23 19.63
N VAL C 211 -10.99 -32.46 19.66
CA VAL C 211 -11.57 -33.79 19.55
C VAL C 211 -12.70 -33.74 18.54
N ALA C 212 -12.78 -34.76 17.68
CA ALA C 212 -13.87 -34.88 16.72
C ALA C 212 -15.14 -35.33 17.45
N ASP C 213 -15.78 -34.37 18.12
CA ASP C 213 -17.05 -34.60 18.81
C ASP C 213 -17.82 -33.29 18.74
N THR C 214 -18.93 -33.28 18.00
CA THR C 214 -19.69 -32.04 17.80
C THR C 214 -20.26 -31.50 19.09
N ALA C 215 -20.47 -32.35 20.10
CA ALA C 215 -21.06 -31.89 21.36
C ALA C 215 -20.03 -31.33 22.32
N SER C 216 -18.76 -31.74 22.20
CA SER C 216 -17.73 -31.32 23.15
C SER C 216 -16.38 -31.62 22.50
N SER C 217 -15.74 -30.58 21.95
CA SER C 217 -14.61 -30.78 21.05
C SER C 217 -13.28 -30.22 21.53
N VAL C 218 -13.26 -29.27 22.46
CA VAL C 218 -12.02 -28.62 22.86
C VAL C 218 -11.77 -28.87 24.34
N TYR C 219 -10.58 -29.37 24.66
CA TYR C 219 -10.21 -29.74 26.01
C TYR C 219 -8.88 -29.08 26.38
N ARG C 220 -8.65 -28.98 27.68
CA ARG C 220 -7.42 -28.38 28.18
C ARG C 220 -6.99 -29.06 29.47
N SER C 221 -5.68 -29.26 29.61
CA SER C 221 -5.06 -29.55 30.88
C SER C 221 -4.21 -28.35 31.29
N THR C 222 -4.25 -28.01 32.58
CA THR C 222 -3.40 -26.95 33.11
C THR C 222 -2.40 -27.46 34.12
N ASP C 223 -2.30 -28.79 34.30
CA ASP C 223 -1.33 -29.39 35.21
C ASP C 223 -0.45 -30.41 34.49
N GLY C 224 -0.13 -30.14 33.23
CA GLY C 224 0.80 -30.98 32.50
C GLY C 224 0.25 -32.31 32.01
N GLY C 225 -1.05 -32.40 31.78
CA GLY C 225 -1.65 -33.60 31.24
C GLY C 225 -2.25 -34.55 32.25
N VAL C 226 -2.28 -34.19 33.53
CA VAL C 226 -2.85 -35.08 34.54
C VAL C 226 -4.36 -34.95 34.59
N THR C 227 -4.87 -33.71 34.56
CA THR C 227 -6.30 -33.44 34.65
C THR C 227 -6.76 -32.74 33.39
N TRP C 228 -7.89 -33.18 32.84
CA TRP C 228 -8.43 -32.62 31.61
C TRP C 228 -9.87 -32.17 31.83
N THR C 229 -10.22 -31.04 31.21
CA THR C 229 -11.58 -30.53 31.24
C THR C 229 -11.92 -29.92 29.90
N ALA C 230 -13.19 -30.04 29.50
CA ALA C 230 -13.67 -29.32 28.34
C ALA C 230 -13.79 -27.83 28.67
N LEU C 231 -13.38 -26.99 27.73
CA LEU C 231 -13.47 -25.56 27.94
C LEU C 231 -14.92 -25.13 28.08
N ALA C 232 -15.20 -24.35 29.12
CA ALA C 232 -16.56 -23.89 29.37
C ALA C 232 -17.02 -22.95 28.27
N GLY C 233 -18.29 -23.09 27.88
CA GLY C 233 -18.92 -22.17 26.95
C GLY C 233 -18.51 -22.34 25.49
N GLN C 234 -17.83 -23.42 25.14
CA GLN C 234 -17.38 -23.60 23.77
C GLN C 234 -18.56 -23.83 22.84
N PRO C 235 -18.42 -23.49 21.55
CA PRO C 235 -19.51 -23.75 20.60
C PRO C 235 -19.64 -25.23 20.30
N THR C 236 -20.86 -25.64 19.93
CA THR C 236 -21.17 -27.02 19.63
C THR C 236 -21.73 -27.13 18.21
N GLY C 237 -21.74 -28.36 17.71
CA GLY C 237 -22.35 -28.67 16.43
C GLY C 237 -21.40 -28.84 15.28
N PHE C 238 -20.11 -28.53 15.46
CA PHE C 238 -19.13 -28.59 14.39
C PHE C 238 -17.89 -29.34 14.87
N LEU C 239 -16.92 -29.48 13.98
CA LEU C 239 -15.71 -30.25 14.23
C LEU C 239 -14.49 -29.37 14.04
N PRO C 240 -13.65 -29.18 15.07
CA PRO C 240 -12.49 -28.27 14.96
C PRO C 240 -11.36 -28.91 14.19
N HIS C 241 -10.93 -28.24 13.12
CA HIS C 241 -9.87 -28.71 12.23
C HIS C 241 -8.48 -28.36 12.75
N HIS C 242 -8.30 -27.14 13.25
CA HIS C 242 -7.03 -26.69 13.80
C HIS C 242 -7.29 -25.82 15.02
N GLY C 243 -6.35 -25.85 15.96
CA GLY C 243 -6.36 -24.94 17.09
C GLY C 243 -4.99 -24.31 17.29
N GLU C 244 -4.88 -23.00 17.05
CA GLU C 244 -3.60 -22.31 17.06
C GLU C 244 -3.63 -21.21 18.10
N LEU C 245 -2.59 -21.17 18.94
CA LEU C 245 -2.52 -20.24 20.06
C LEU C 245 -1.60 -19.08 19.71
N SER C 246 -2.16 -17.87 19.68
CA SER C 246 -1.38 -16.68 19.42
C SER C 246 -0.67 -16.20 20.69
N SER C 247 0.41 -15.45 20.50
CA SER C 247 1.12 -14.87 21.62
C SER C 247 0.31 -13.83 22.37
N THR C 248 -0.82 -13.38 21.81
CA THR C 248 -1.74 -12.52 22.54
C THR C 248 -2.55 -13.28 23.58
N GLY C 249 -2.44 -14.59 23.63
CA GLY C 249 -3.24 -15.41 24.52
C GLY C 249 -4.56 -15.88 23.95
N ASP C 250 -4.78 -15.69 22.66
CA ASP C 250 -6.02 -16.07 22.01
C ASP C 250 -5.83 -17.36 21.22
N LEU C 251 -6.73 -18.31 21.44
CA LEU C 251 -6.74 -19.58 20.74
C LEU C 251 -7.72 -19.49 19.58
N TYR C 252 -7.21 -19.61 18.36
CA TYR C 252 -8.02 -19.54 17.16
C TYR C 252 -8.35 -20.95 16.67
N ILE C 253 -9.61 -21.17 16.30
CA ILE C 253 -10.09 -22.52 15.96
C ILE C 253 -10.99 -22.43 14.74
N THR C 254 -10.63 -23.17 13.68
CA THR C 254 -11.50 -23.34 12.53
C THR C 254 -12.38 -24.57 12.72
N TYR C 255 -13.65 -24.45 12.31
CA TYR C 255 -14.61 -25.53 12.47
C TYR C 255 -15.24 -25.86 11.12
N SER C 256 -15.47 -27.16 10.89
CA SER C 256 -16.26 -27.63 9.77
C SER C 256 -17.30 -28.61 10.29
N ASN C 257 -18.42 -28.72 9.57
CA ASN C 257 -19.39 -29.75 9.92
C ASN C 257 -18.99 -31.14 9.40
N GLY C 258 -17.78 -31.25 8.86
CA GLY C 258 -17.17 -32.53 8.57
C GLY C 258 -15.69 -32.48 8.92
N VAL C 259 -15.02 -33.62 8.77
CA VAL C 259 -13.60 -33.70 9.06
C VAL C 259 -12.73 -33.63 7.81
N GLY C 260 -13.34 -33.58 6.63
CA GLY C 260 -12.60 -33.47 5.40
C GLY C 260 -11.96 -34.78 4.99
N PRO C 261 -11.21 -34.76 3.88
CA PRO C 261 -10.85 -33.56 3.13
C PRO C 261 -11.89 -33.13 2.10
N TYR C 262 -12.88 -33.97 1.81
CA TYR C 262 -13.76 -33.75 0.68
C TYR C 262 -15.04 -33.00 1.02
N ASP C 263 -15.50 -33.06 2.26
CA ASP C 263 -16.81 -32.49 2.58
C ASP C 263 -16.65 -31.14 3.28
N GLY C 264 -17.67 -30.72 4.02
CA GLY C 264 -17.68 -29.41 4.64
C GLY C 264 -18.65 -28.47 3.96
N SER C 265 -19.89 -28.44 4.44
CA SER C 265 -20.94 -27.60 3.89
C SER C 265 -21.39 -26.51 4.86
N LYS C 266 -20.76 -26.42 6.02
CA LYS C 266 -21.06 -25.40 7.02
C LYS C 266 -19.81 -25.26 7.89
N GLY C 267 -19.56 -24.04 8.37
CA GLY C 267 -18.36 -23.82 9.13
C GLY C 267 -18.44 -22.57 9.98
N GLU C 268 -17.56 -22.51 10.98
CA GLU C 268 -17.42 -21.36 11.85
C GLU C 268 -15.94 -21.18 12.16
N VAL C 269 -15.58 -19.97 12.60
CA VAL C 269 -14.27 -19.69 13.16
C VAL C 269 -14.47 -18.99 14.49
N TRP C 270 -13.81 -19.48 15.53
CA TRP C 270 -13.94 -18.93 16.86
C TRP C 270 -12.57 -18.61 17.43
N LYS C 271 -12.55 -17.66 18.36
CA LYS C 271 -11.36 -17.39 19.15
C LYS C 271 -11.73 -17.46 20.62
N TYR C 272 -10.82 -18.05 21.40
CA TYR C 272 -11.00 -18.25 22.83
C TYR C 272 -9.87 -17.54 23.55
N ASN C 273 -10.20 -16.64 24.46
CA ASN C 273 -9.18 -15.95 25.24
C ASN C 273 -8.83 -16.82 26.45
N LYS C 274 -7.55 -17.18 26.57
CA LYS C 274 -7.13 -18.11 27.60
C LYS C 274 -7.25 -17.54 29.00
N THR C 275 -7.28 -16.21 29.15
CA THR C 275 -7.30 -15.59 30.47
C THR C 275 -8.72 -15.37 30.97
N SER C 276 -9.58 -14.79 30.14
CA SER C 276 -10.96 -14.54 30.53
C SER C 276 -11.88 -15.74 30.27
N GLY C 277 -11.49 -16.64 29.38
CA GLY C 277 -12.37 -17.72 28.99
C GLY C 277 -13.47 -17.32 28.04
N ALA C 278 -13.39 -16.12 27.46
CA ALA C 278 -14.43 -15.64 26.57
C ALA C 278 -14.31 -16.27 25.19
N TRP C 279 -15.46 -16.60 24.61
CA TRP C 279 -15.55 -17.13 23.26
C TRP C 279 -16.12 -16.06 22.35
N THR C 280 -15.46 -15.81 21.21
CA THR C 280 -15.93 -14.84 20.23
C THR C 280 -16.06 -15.52 18.87
N ASN C 281 -17.24 -15.44 18.28
CA ASN C 281 -17.46 -15.94 16.93
C ASN C 281 -16.86 -14.96 15.93
N ILE C 282 -15.86 -15.42 15.17
CA ILE C 282 -15.19 -14.56 14.21
C ILE C 282 -15.29 -15.15 12.82
N SER C 283 -16.37 -15.88 12.55
CA SER C 283 -16.54 -16.52 11.26
C SER C 283 -16.61 -15.46 10.15
N PRO C 284 -15.83 -15.61 9.08
CA PRO C 284 -15.92 -14.64 7.97
C PRO C 284 -17.29 -14.59 7.32
N THR C 285 -17.97 -15.74 7.21
CA THR C 285 -19.31 -15.80 6.67
C THR C 285 -20.21 -16.61 7.60
N THR C 286 -21.49 -16.23 7.65
CA THR C 286 -22.48 -16.92 8.45
C THR C 286 -23.76 -17.05 7.64
N GLY C 287 -24.68 -17.88 8.16
CA GLY C 287 -25.98 -18.01 7.54
C GLY C 287 -25.90 -18.55 6.12
N THR C 288 -26.80 -18.05 5.27
CA THR C 288 -26.80 -18.46 3.87
C THR C 288 -25.58 -17.96 3.10
N ASP C 289 -24.82 -17.03 3.68
CA ASP C 289 -23.56 -16.62 3.07
C ASP C 289 -22.46 -17.66 3.26
N ASN C 290 -22.68 -18.66 4.11
CA ASN C 290 -21.69 -19.70 4.40
C ASN C 290 -22.27 -21.05 4.03
N TRP C 291 -21.59 -21.76 3.13
CA TRP C 291 -22.00 -23.08 2.68
C TRP C 291 -20.83 -24.05 2.69
N TYR C 292 -19.87 -23.83 3.58
CA TYR C 292 -18.62 -24.58 3.55
C TYR C 292 -17.99 -24.51 4.92
N GLY C 293 -17.23 -25.55 5.26
CA GLY C 293 -16.44 -25.51 6.47
C GLY C 293 -15.21 -24.64 6.30
N PHE C 294 -14.57 -24.36 7.43
CA PHE C 294 -13.27 -23.71 7.45
C PHE C 294 -12.24 -24.73 7.89
N GLY C 295 -11.16 -24.84 7.13
CA GLY C 295 -10.13 -25.81 7.42
C GLY C 295 -8.81 -25.16 7.78
N GLY C 296 -8.02 -24.81 6.77
CA GLY C 296 -6.72 -24.21 6.96
C GLY C 296 -6.75 -23.03 7.90
N LEU C 297 -5.74 -22.95 8.77
CA LEU C 297 -5.64 -21.89 9.76
C LEU C 297 -4.18 -21.51 9.91
N ALA C 298 -3.85 -20.25 9.60
CA ALA C 298 -2.48 -19.78 9.63
C ALA C 298 -2.40 -18.54 10.51
N LEU C 299 -1.60 -18.62 11.56
CA LEU C 299 -1.24 -17.44 12.35
C LEU C 299 0.07 -16.87 11.83
N ASP C 300 0.18 -15.55 11.88
CA ASP C 300 1.41 -14.84 11.51
C ASP C 300 2.22 -14.62 12.79
N ALA C 301 3.31 -15.37 12.94
CA ALA C 301 4.10 -15.28 14.16
C ALA C 301 4.69 -13.89 14.36
N GLN C 302 5.07 -13.22 13.27
CA GLN C 302 5.67 -11.90 13.39
C GLN C 302 4.65 -10.80 13.67
N HIS C 303 3.37 -11.04 13.38
CA HIS C 303 2.32 -10.05 13.60
C HIS C 303 1.14 -10.76 14.26
N PRO C 304 1.13 -10.82 15.60
CA PRO C 304 0.26 -11.77 16.30
C PRO C 304 -1.23 -11.57 16.09
N ASN C 305 -1.67 -10.47 15.50
CA ASN C 305 -3.09 -10.26 15.24
C ASN C 305 -3.47 -10.54 13.81
N THR C 306 -2.55 -11.07 13.01
CA THR C 306 -2.83 -11.40 11.62
C THR C 306 -3.01 -12.90 11.49
N LEU C 307 -4.10 -13.31 10.84
CA LEU C 307 -4.36 -14.73 10.63
C LEU C 307 -5.13 -14.90 9.33
N VAL C 309 -7.66 -17.97 7.16
CA VAL C 309 -8.37 -19.24 7.15
C VAL C 309 -8.80 -19.51 5.71
N SER C 310 -8.97 -20.79 5.40
CA SER C 310 -9.38 -21.20 4.07
C SER C 310 -10.68 -21.98 4.14
N SER C 311 -11.45 -21.90 3.06
CA SER C 311 -12.69 -22.63 2.96
C SER C 311 -12.43 -24.11 2.69
N LEU C 312 -13.36 -24.95 3.13
CA LEU C 312 -13.20 -26.40 2.98
C LEU C 312 -14.59 -27.04 3.13
N ASN C 313 -15.30 -27.19 2.02
CA ASN C 313 -14.88 -26.72 0.69
C ASN C 313 -15.99 -25.86 0.09
N ALA C 314 -15.63 -24.72 -0.50
CA ALA C 314 -16.62 -23.85 -1.12
C ALA C 314 -16.94 -24.24 -2.56
N TRP C 315 -15.95 -24.78 -3.28
CA TRP C 315 -16.09 -25.33 -4.63
C TRP C 315 -16.37 -24.28 -5.70
N TRP C 316 -17.43 -23.49 -5.55
CA TRP C 316 -17.88 -22.64 -6.64
C TRP C 316 -17.85 -21.17 -6.25
N PRO C 317 -17.24 -20.29 -7.06
CA PRO C 317 -16.51 -20.68 -8.28
C PRO C 317 -15.09 -21.15 -7.96
N ASP C 318 -14.68 -20.92 -6.71
CA ASP C 318 -13.35 -21.27 -6.25
C ASP C 318 -13.37 -21.24 -4.73
N GLU C 319 -12.31 -21.77 -4.13
CA GLU C 319 -12.14 -21.63 -2.69
C GLU C 319 -11.83 -20.17 -2.35
N VAL C 320 -11.91 -19.85 -1.06
CA VAL C 320 -11.61 -18.52 -0.57
C VAL C 320 -10.58 -18.65 0.55
N ILE C 321 -9.57 -17.78 0.51
CA ILE C 321 -8.73 -17.52 1.67
C ILE C 321 -9.18 -16.19 2.26
N PHE C 322 -9.43 -16.18 3.56
CA PHE C 322 -9.80 -14.97 4.29
C PHE C 322 -8.62 -14.53 5.13
N ARG C 323 -8.32 -13.23 5.10
CA ARG C 323 -7.20 -12.67 5.84
C ARG C 323 -7.70 -11.57 6.76
N SER C 324 -7.31 -11.65 8.02
CA SER C 324 -7.61 -10.63 9.02
C SER C 324 -6.30 -10.13 9.63
N THR C 325 -6.20 -8.82 9.81
CA THR C 325 -5.04 -8.23 10.49
C THR C 325 -5.42 -7.62 11.83
N ASN C 326 -6.65 -7.83 12.30
CA ASN C 326 -7.11 -7.28 13.56
C ASN C 326 -7.72 -8.35 14.46
N GLY C 327 -7.09 -9.54 14.48
CA GLY C 327 -7.54 -10.60 15.36
C GLY C 327 -8.90 -11.18 15.03
N GLY C 328 -9.35 -11.06 13.78
CA GLY C 328 -10.62 -11.63 13.39
C GLY C 328 -11.81 -10.71 13.47
N ALA C 329 -11.60 -9.44 13.83
CA ALA C 329 -12.72 -8.50 13.86
C ALA C 329 -13.26 -8.25 12.46
N THR C 330 -12.38 -8.05 11.49
CA THR C 330 -12.75 -7.87 10.09
C THR C 330 -11.93 -8.81 9.23
N TRP C 331 -12.47 -9.22 8.09
CA TRP C 331 -11.76 -10.09 7.17
C TRP C 331 -11.71 -9.47 5.78
N SER C 332 -10.63 -9.76 5.06
CA SER C 332 -10.50 -9.44 3.65
C SER C 332 -10.43 -10.75 2.87
N ARG C 333 -11.19 -10.83 1.78
CA ARG C 333 -11.18 -12.01 0.93
C ARG C 333 -10.08 -11.91 -0.11
N ILE C 334 -9.55 -13.07 -0.51
CA ILE C 334 -8.53 -13.06 -1.56
C ILE C 334 -9.13 -12.80 -2.93
N TRP C 335 -10.44 -12.92 -3.07
CA TRP C 335 -11.14 -12.46 -4.26
C TRP C 335 -12.54 -12.01 -3.88
N ASP C 336 -13.11 -11.14 -4.72
CA ASP C 336 -14.44 -10.61 -4.49
C ASP C 336 -15.23 -10.63 -5.80
N TRP C 337 -16.54 -10.51 -5.67
CA TRP C 337 -17.39 -10.30 -6.84
C TRP C 337 -17.32 -8.84 -7.28
N GLY C 338 -17.27 -8.63 -8.59
CA GLY C 338 -17.36 -7.28 -9.13
C GLY C 338 -18.74 -7.07 -9.72
N ASN C 339 -18.80 -6.54 -10.94
CA ASN C 339 -20.05 -6.56 -11.69
C ASN C 339 -20.32 -8.00 -12.10
N TYR C 340 -21.16 -8.68 -11.32
CA TYR C 340 -21.37 -10.11 -11.52
C TYR C 340 -21.71 -10.40 -12.98
N PRO C 341 -21.15 -11.45 -13.58
CA PRO C 341 -20.32 -12.48 -12.95
C PRO C 341 -18.82 -12.19 -12.90
N GLU C 342 -18.41 -10.96 -13.16
CA GLU C 342 -17.00 -10.61 -13.06
C GLU C 342 -16.52 -10.67 -11.62
N ARG C 343 -15.24 -10.97 -11.45
CA ARG C 343 -14.62 -11.02 -10.14
C ARG C 343 -13.38 -10.13 -10.13
N THR C 344 -12.99 -9.71 -8.93
CA THR C 344 -11.72 -9.03 -8.71
C THR C 344 -10.85 -9.91 -7.83
N TYR C 345 -9.55 -9.86 -8.07
CA TYR C 345 -8.62 -10.80 -7.45
C TYR C 345 -7.52 -10.05 -6.72
N LYS C 346 -7.17 -10.55 -5.53
CA LYS C 346 -5.98 -10.11 -4.82
C LYS C 346 -4.81 -11.05 -5.04
N PHE C 347 -4.94 -12.01 -5.96
CA PHE C 347 -3.89 -12.98 -6.21
C PHE C 347 -3.73 -13.20 -7.71
N SER C 348 -2.57 -13.72 -8.07
CA SER C 348 -2.26 -14.14 -9.44
C SER C 348 -1.69 -15.55 -9.36
N ASP C 350 0.48 -18.68 -10.81
CA ASP C 350 1.64 -18.98 -11.65
C ASP C 350 1.85 -20.49 -11.59
N ILE C 351 1.57 -21.18 -12.69
CA ILE C 351 1.76 -22.61 -12.76
C ILE C 351 2.78 -22.94 -13.85
N THR C 352 3.71 -22.01 -14.09
CA THR C 352 4.74 -22.25 -15.10
C THR C 352 5.63 -23.44 -14.72
N ALA C 353 5.70 -23.79 -13.43
CA ALA C 353 6.45 -24.97 -13.03
C ALA C 353 5.70 -26.26 -13.31
N ALA C 354 4.40 -26.20 -13.63
CA ALA C 354 3.61 -27.38 -13.96
C ALA C 354 2.43 -26.94 -14.82
N PRO C 355 2.68 -26.62 -16.10
CA PRO C 355 1.64 -25.97 -16.91
C PRO C 355 0.38 -26.81 -17.10
N TRP C 356 0.45 -28.13 -16.94
CA TRP C 356 -0.73 -28.96 -17.11
C TRP C 356 -1.80 -28.70 -16.06
N LEU C 357 -1.50 -27.94 -15.02
CA LEU C 357 -2.47 -27.65 -13.97
C LEU C 357 -3.64 -26.81 -14.48
N ASP C 358 -3.58 -26.28 -15.71
CA ASP C 358 -4.74 -25.63 -16.29
C ASP C 358 -5.71 -26.62 -16.90
N HIS C 359 -5.39 -27.92 -16.87
CA HIS C 359 -6.24 -28.98 -17.40
C HIS C 359 -6.63 -28.73 -18.84
N GLY C 360 -5.80 -27.95 -19.55
CA GLY C 360 -6.05 -27.69 -20.96
C GLY C 360 -7.31 -26.91 -21.24
N THR C 361 -7.80 -26.14 -20.26
CA THR C 361 -9.01 -25.35 -20.44
C THR C 361 -8.71 -23.88 -20.21
N THR C 362 -9.46 -23.03 -20.91
CA THR C 362 -9.32 -21.58 -20.75
C THR C 362 -10.03 -21.13 -19.48
N SER C 363 -9.40 -20.21 -18.77
CA SER C 363 -9.96 -19.72 -17.51
C SER C 363 -11.06 -18.71 -17.77
N THR C 364 -12.12 -18.79 -16.96
CA THR C 364 -13.18 -17.79 -16.94
C THR C 364 -13.42 -17.38 -15.49
N SER C 365 -14.16 -16.28 -15.32
CA SER C 365 -14.50 -15.81 -13.99
C SER C 365 -15.22 -16.89 -13.19
N LEU C 366 -16.21 -17.53 -13.80
CA LEU C 366 -17.00 -18.54 -13.13
C LEU C 366 -16.38 -19.93 -13.17
N ASP C 367 -15.41 -20.17 -14.05
CA ASP C 367 -14.68 -21.43 -14.11
C ASP C 367 -13.19 -21.13 -14.19
N PRO C 368 -12.57 -20.79 -13.05
CA PRO C 368 -11.14 -20.47 -13.07
C PRO C 368 -10.30 -21.69 -13.39
N SER C 369 -9.22 -21.45 -14.14
CA SER C 369 -8.27 -22.50 -14.47
C SER C 369 -6.88 -21.89 -14.61
N PRO C 370 -5.95 -22.18 -13.68
CA PRO C 370 -6.14 -23.10 -12.55
C PRO C 370 -6.92 -22.47 -11.40
N LYS C 371 -7.59 -23.31 -10.62
CA LYS C 371 -8.24 -22.85 -9.41
C LYS C 371 -7.21 -22.45 -8.36
N LEU C 372 -7.62 -21.55 -7.46
CA LEU C 372 -6.82 -21.27 -6.27
C LEU C 372 -6.51 -22.56 -5.51
N GLY C 373 -7.46 -23.48 -5.46
CA GLY C 373 -7.21 -24.78 -4.88
C GLY C 373 -8.51 -25.49 -4.54
N TRP C 374 -8.34 -26.55 -3.76
CA TRP C 374 -9.41 -27.37 -3.21
C TRP C 374 -8.78 -28.31 -2.20
N GLY C 377 -6.98 -27.97 3.49
CA GLY C 377 -7.04 -28.19 4.92
C GLY C 377 -5.86 -27.62 5.70
N ASP C 378 -4.76 -27.30 5.02
CA ASP C 378 -3.56 -26.80 5.67
C ASP C 378 -3.13 -25.50 5.00
N LEU C 379 -3.02 -24.44 5.79
CA LEU C 379 -2.58 -23.13 5.34
C LEU C 379 -1.52 -22.64 6.32
N GLU C 380 -0.40 -22.15 5.79
CA GLU C 380 0.74 -21.78 6.62
C GLU C 380 1.26 -20.40 6.28
N ILE C 381 1.67 -19.66 7.30
CA ILE C 381 2.51 -18.49 7.16
C ILE C 381 3.85 -18.80 7.81
N ASP C 382 4.94 -18.56 7.08
CA ASP C 382 6.29 -18.75 7.58
C ASP C 382 6.47 -17.96 8.87
N PRO C 383 6.81 -18.63 9.99
CA PRO C 383 6.97 -17.90 11.26
C PRO C 383 8.16 -16.96 11.27
N PHE C 384 9.04 -17.01 10.29
CA PHE C 384 10.18 -16.10 10.19
C PHE C 384 10.10 -15.19 8.98
N ASN C 385 9.01 -15.24 8.21
CA ASN C 385 8.84 -14.36 7.06
C ASN C 385 7.34 -14.22 6.82
N SER C 386 6.77 -13.07 7.22
CA SER C 386 5.35 -12.82 7.05
C SER C 386 4.93 -12.79 5.59
N ASN C 387 5.88 -12.65 4.67
CA ASN C 387 5.58 -12.61 3.24
C ASN C 387 5.50 -13.98 2.60
N ARG C 388 5.89 -15.05 3.29
CA ARG C 388 5.86 -16.38 2.72
C ARG C 388 4.65 -17.15 3.23
N TYR C 391 0.41 -23.50 1.12
CA TYR C 391 -0.74 -24.33 1.41
C TYR C 391 -0.76 -25.52 0.47
N GLY C 392 -1.30 -26.62 0.96
CA GLY C 392 -1.48 -27.82 0.17
C GLY C 392 -2.90 -27.89 -0.37
N THR C 393 -3.03 -28.39 -1.59
CA THR C 393 -4.31 -28.71 -2.18
C THR C 393 -4.35 -30.21 -2.47
N GLY C 394 -5.45 -30.65 -3.09
CA GLY C 394 -5.51 -32.02 -3.52
C GLY C 394 -4.54 -32.38 -4.63
N ALA C 395 -3.81 -31.39 -5.16
CA ALA C 395 -2.95 -31.62 -6.32
C ALA C 395 -1.52 -31.14 -6.17
N THR C 396 -1.22 -30.19 -5.28
CA THR C 396 0.12 -29.63 -5.24
C THR C 396 0.31 -28.84 -3.95
N ILE C 397 1.49 -28.23 -3.84
CA ILE C 397 1.80 -27.23 -2.82
C ILE C 397 1.89 -25.88 -3.53
N TYR C 398 1.08 -24.93 -3.09
CA TYR C 398 1.13 -23.56 -3.58
C TYR C 398 1.75 -22.66 -2.52
N GLY C 399 2.31 -21.54 -2.97
CA GLY C 399 2.90 -20.62 -2.02
C GLY C 399 3.15 -19.26 -2.65
N SER C 400 3.53 -18.31 -1.80
CA SER C 400 3.85 -16.96 -2.23
C SER C 400 5.02 -16.43 -1.42
N ASN C 401 5.76 -15.50 -2.03
CA ASN C 401 6.84 -14.79 -1.34
C ASN C 401 6.54 -13.30 -1.16
N ASN C 402 5.34 -12.85 -1.50
CA ASN C 402 4.95 -11.46 -1.32
C ASN C 402 3.55 -11.37 -0.72
N LEU C 403 3.33 -12.13 0.36
CA LEU C 403 1.98 -12.25 0.92
C LEU C 403 1.45 -10.91 1.42
N THR C 404 2.31 -10.07 2.00
CA THR C 404 1.80 -8.82 2.56
C THR C 404 1.41 -7.81 1.48
N SER C 405 1.68 -8.10 0.21
CA SER C 405 1.09 -7.30 -0.87
C SER C 405 -0.42 -7.24 -0.74
N TRP C 406 -1.01 -8.29 -0.18
CA TRP C 406 -2.44 -8.29 0.14
C TRP C 406 -2.85 -7.05 0.93
N ASP C 407 -2.04 -6.66 1.90
CA ASP C 407 -2.41 -5.58 2.81
C ASP C 407 -2.22 -4.20 2.21
N THR C 408 -1.41 -4.06 1.15
CA THR C 408 -1.04 -2.76 0.61
C THR C 408 -1.63 -2.53 -0.78
N GLY C 409 -2.74 -3.18 -1.08
CA GLY C 409 -3.39 -2.99 -2.37
C GLY C 409 -2.69 -3.63 -3.54
N GLY C 410 -1.68 -4.47 -3.28
CA GLY C 410 -1.03 -5.23 -4.34
C GLY C 410 -1.71 -6.56 -4.56
N LYS C 411 -1.06 -7.41 -5.33
CA LYS C 411 -1.52 -8.74 -5.65
C LYS C 411 -0.57 -9.77 -5.14
N VAL C 412 -1.08 -10.81 -4.54
CA VAL C 412 -0.25 -11.88 -4.04
C VAL C 412 0.08 -12.83 -5.18
N ASN C 413 1.37 -12.99 -5.46
CA ASN C 413 1.80 -13.89 -6.53
C ASN C 413 1.91 -15.30 -5.96
N ILE C 414 0.98 -16.17 -6.33
CA ILE C 414 0.96 -17.56 -5.89
C ILE C 414 1.55 -18.43 -6.99
N SER C 415 2.45 -19.33 -6.61
CA SER C 415 3.12 -20.18 -7.59
C SER C 415 3.25 -21.59 -7.03
N VAL C 416 3.56 -22.53 -7.92
CA VAL C 416 3.79 -23.91 -7.52
C VAL C 416 5.07 -23.99 -6.72
N ALA C 418 6.11 -27.06 -5.24
CA ALA C 418 6.18 -28.50 -5.04
C ALA C 418 7.33 -29.14 -5.81
N LYS C 419 8.37 -28.38 -6.12
CA LYS C 419 9.52 -28.91 -6.83
C LYS C 419 10.15 -30.06 -6.04
N GLY C 420 10.36 -31.19 -6.72
CA GLY C 420 10.89 -32.37 -6.08
C GLY C 420 9.85 -33.29 -5.49
N VAL C 421 8.61 -32.84 -5.37
CA VAL C 421 7.53 -33.70 -4.87
C VAL C 421 6.97 -34.50 -6.03
N GLU C 422 6.82 -35.80 -5.82
CA GLU C 422 6.09 -36.67 -6.75
C GLU C 422 5.17 -37.55 -5.91
N GLU C 423 3.86 -37.44 -6.12
CA GLU C 423 2.89 -38.05 -5.24
C GLU C 423 1.78 -38.80 -5.97
N THR C 424 1.91 -39.03 -7.27
CA THR C 424 0.82 -39.65 -8.02
C THR C 424 0.82 -41.16 -7.81
N ALA C 425 -0.37 -41.74 -7.97
CA ALA C 425 -0.52 -43.19 -8.04
C ALA C 425 -0.51 -43.59 -9.52
N VAL C 426 0.35 -44.56 -9.85
CA VAL C 426 0.64 -44.91 -11.23
C VAL C 426 -0.13 -46.17 -11.59
N LEU C 427 -1.11 -46.04 -12.47
CA LEU C 427 -1.92 -47.19 -12.85
C LEU C 427 -1.43 -47.88 -14.12
N GLY C 428 -0.53 -47.25 -14.89
CA GLY C 428 -0.01 -47.88 -16.08
C GLY C 428 1.13 -47.08 -16.67
N LEU C 429 1.98 -47.78 -17.42
CA LEU C 429 3.14 -47.21 -18.08
C LEU C 429 3.35 -47.88 -19.43
N ILE C 430 3.68 -47.08 -20.44
CA ILE C 430 4.20 -47.60 -21.70
C ILE C 430 5.41 -46.78 -22.10
N SER C 431 6.42 -47.46 -22.65
CA SER C 431 7.61 -46.82 -23.21
C SER C 431 7.57 -46.98 -24.72
N PRO C 432 7.07 -45.99 -25.47
CA PRO C 432 6.88 -46.17 -26.91
C PRO C 432 8.18 -46.48 -27.62
N PRO C 433 8.17 -47.41 -28.58
CA PRO C 433 9.43 -47.80 -29.24
C PRO C 433 9.94 -46.78 -30.24
N THR C 434 9.12 -45.82 -30.67
CA THR C 434 9.54 -44.78 -31.59
C THR C 434 9.04 -43.43 -31.09
N GLY C 435 9.49 -42.37 -31.75
CA GLY C 435 9.07 -41.02 -31.41
C GLY C 435 9.92 -40.40 -30.32
N THR C 436 9.63 -39.13 -30.04
CA THR C 436 10.40 -38.35 -29.09
C THR C 436 10.08 -38.69 -27.64
N SER C 437 9.01 -39.44 -27.38
CA SER C 437 8.61 -39.77 -26.02
C SER C 437 9.03 -41.19 -25.69
N HIS C 438 9.77 -41.35 -24.58
CA HIS C 438 10.16 -42.66 -24.09
C HIS C 438 9.25 -43.16 -22.97
N LEU C 439 8.22 -42.39 -22.59
CA LEU C 439 7.38 -42.77 -21.47
C LEU C 439 6.06 -42.04 -21.54
N ILE C 440 4.97 -42.81 -21.45
CA ILE C 440 3.61 -42.27 -21.32
C ILE C 440 2.99 -42.93 -20.10
N THR C 441 2.33 -42.12 -19.26
CA THR C 441 1.86 -42.60 -17.97
C THR C 441 0.34 -42.55 -17.90
N ALA C 442 -0.21 -43.46 -17.10
CA ALA C 442 -1.62 -43.46 -16.71
C ALA C 442 -1.67 -43.27 -15.20
N LEU C 443 -2.25 -42.16 -14.76
CA LEU C 443 -2.19 -41.75 -13.36
C LEU C 443 -3.58 -41.53 -12.81
N GLY C 444 -3.69 -41.67 -11.49
CA GLY C 444 -4.90 -41.24 -10.81
C GLY C 444 -4.93 -39.73 -10.68
N ASP C 445 -6.16 -39.19 -10.62
CA ASP C 445 -6.42 -37.79 -10.34
C ASP C 445 -6.01 -36.84 -11.47
N VAL C 446 -4.83 -37.05 -12.06
CA VAL C 446 -4.30 -36.14 -13.06
C VAL C 446 -4.09 -36.82 -14.41
N SER C 447 -4.75 -37.96 -14.62
CA SER C 447 -4.85 -38.66 -15.91
C SER C 447 -3.56 -39.32 -16.35
N GLY C 448 -2.48 -38.56 -16.45
CA GLY C 448 -1.23 -39.05 -17.01
C GLY C 448 -0.71 -38.12 -18.08
N PHE C 449 0.54 -38.40 -18.48
CA PHE C 449 1.23 -37.49 -19.38
C PHE C 449 2.10 -38.24 -20.37
N ARG C 450 2.28 -37.63 -21.53
CA ARG C 450 3.32 -38.00 -22.48
C ARG C 450 4.57 -37.20 -22.12
N HIS C 451 5.63 -37.89 -21.75
CA HIS C 451 6.86 -37.25 -21.30
C HIS C 451 7.90 -37.27 -22.40
N GLU C 452 8.66 -36.19 -22.52
CA GLU C 452 9.81 -36.16 -23.41
C GLU C 452 11.08 -35.98 -22.59
N ASP C 453 11.31 -34.77 -22.10
CA ASP C 453 12.39 -34.52 -21.15
C ASP C 453 11.87 -34.93 -19.77
N LEU C 454 12.39 -36.03 -19.24
CA LEU C 454 11.93 -36.54 -17.95
C LEU C 454 12.26 -35.60 -16.80
N SER C 455 13.02 -34.55 -17.04
CA SER C 455 13.33 -33.54 -16.02
C SER C 455 12.42 -32.32 -16.14
N VAL C 456 11.57 -32.24 -17.16
CA VAL C 456 10.74 -31.08 -17.41
C VAL C 456 9.29 -31.47 -17.22
N ALA C 457 8.55 -30.64 -16.48
CA ALA C 457 7.15 -30.92 -16.24
C ALA C 457 6.39 -30.91 -17.58
N PRO C 458 5.43 -31.83 -17.76
CA PRO C 458 4.62 -31.79 -18.98
C PRO C 458 3.86 -30.48 -19.09
N THR C 459 3.72 -30.00 -20.32
CA THR C 459 3.01 -28.75 -20.57
C THR C 459 1.54 -28.97 -20.92
N LYS C 460 1.12 -30.22 -21.14
CA LYS C 460 -0.18 -30.52 -21.71
C LYS C 460 -0.92 -31.51 -20.82
N PHE C 461 -2.12 -31.15 -20.40
CA PHE C 461 -3.02 -32.09 -19.76
C PHE C 461 -3.77 -32.89 -20.82
N GLN C 462 -4.03 -34.15 -20.55
CA GLN C 462 -4.73 -35.00 -21.50
C GLN C 462 -6.20 -34.59 -21.58
N THR C 463 -6.65 -34.17 -22.76
CA THR C 463 -8.01 -33.73 -22.97
C THR C 463 -8.60 -34.40 -24.19
N SER C 464 -9.93 -34.28 -24.33
CA SER C 464 -10.75 -34.89 -25.37
C SER C 464 -10.29 -36.32 -25.65
N PRO C 465 -10.50 -37.26 -24.71
CA PRO C 465 -11.23 -37.12 -23.45
C PRO C 465 -10.41 -36.50 -22.32
N SER C 466 -11.10 -35.80 -21.43
CA SER C 466 -10.51 -35.27 -20.21
C SER C 466 -11.19 -35.93 -19.01
N TRP C 467 -10.41 -36.58 -18.16
CA TRP C 467 -10.95 -37.26 -16.99
C TRP C 467 -9.90 -37.25 -15.89
N ALA C 468 -10.31 -37.71 -14.71
CA ALA C 468 -9.43 -37.67 -13.55
C ALA C 468 -8.38 -38.78 -13.61
N THR C 469 -8.81 -40.02 -13.81
CA THR C 469 -7.94 -41.18 -13.63
C THR C 469 -7.94 -42.04 -14.88
N THR C 470 -6.74 -42.28 -15.44
CA THR C 470 -6.57 -43.25 -16.50
C THR C 470 -6.25 -44.60 -15.88
N SER C 472 -5.94 -47.64 -17.58
CA SER C 472 -5.02 -48.45 -18.36
C SER C 472 -4.84 -47.84 -19.75
N ILE C 473 -3.67 -48.10 -20.33
CA ILE C 473 -3.26 -47.55 -21.62
C ILE C 473 -2.47 -48.62 -22.37
N ASP C 474 -2.58 -48.62 -23.69
CA ASP C 474 -1.83 -49.56 -24.51
C ASP C 474 -1.67 -48.99 -25.90
N TYR C 475 -0.70 -49.52 -26.64
CA TYR C 475 -0.40 -49.08 -27.99
C TYR C 475 -0.30 -50.29 -28.92
N ALA C 476 -0.49 -50.04 -30.21
CA ALA C 476 -0.31 -51.06 -31.23
C ALA C 476 1.18 -51.26 -31.47
N GLU C 477 1.69 -52.45 -31.18
CA GLU C 477 3.14 -52.67 -31.25
C GLU C 477 3.69 -52.40 -32.64
N LEU C 478 2.96 -52.82 -33.68
CA LEU C 478 3.42 -52.64 -35.06
C LEU C 478 3.07 -51.27 -35.63
N SER C 479 2.24 -50.48 -34.93
CA SER C 479 1.95 -49.11 -35.30
C SER C 479 1.92 -48.27 -34.04
N PRO C 480 3.10 -47.99 -33.47
CA PRO C 480 3.15 -47.48 -32.09
C PRO C 480 2.61 -46.06 -31.94
N SER C 481 2.44 -45.30 -33.02
CA SER C 481 1.81 -44.00 -32.91
C SER C 481 0.34 -44.10 -32.52
N TYR C 482 -0.25 -45.28 -32.63
CA TYR C 482 -1.65 -45.50 -32.32
C TYR C 482 -1.77 -46.07 -30.91
N VAL C 484 -4.47 -46.13 -27.08
CA VAL C 484 -5.80 -46.00 -26.53
C VAL C 484 -5.70 -46.00 -25.01
N ARG C 485 -6.47 -45.11 -24.37
CA ARG C 485 -6.57 -45.07 -22.92
C ARG C 485 -8.04 -45.13 -22.51
N VAL C 486 -8.28 -45.68 -21.32
CA VAL C 486 -9.63 -45.75 -20.76
C VAL C 486 -9.61 -45.21 -19.34
N GLY C 487 -10.67 -44.51 -18.98
CA GLY C 487 -10.83 -43.98 -17.62
C GLY C 487 -12.28 -43.96 -17.25
N SER C 488 -12.72 -42.87 -16.63
CA SER C 488 -14.13 -42.71 -16.26
C SER C 488 -14.49 -41.24 -16.40
N ALA C 489 -15.26 -40.93 -17.45
CA ALA C 489 -15.67 -39.56 -17.69
C ALA C 489 -16.73 -39.11 -16.69
N ASP C 490 -16.65 -37.84 -16.30
CA ASP C 490 -17.67 -37.21 -15.46
C ASP C 490 -18.79 -36.74 -16.38
N LYS C 491 -19.76 -37.63 -16.62
CA LYS C 491 -20.83 -37.33 -17.56
C LYS C 491 -21.87 -36.36 -17.00
N GLU C 492 -21.87 -36.13 -15.69
CA GLU C 492 -22.75 -35.09 -15.17
C GLU C 492 -22.23 -33.71 -15.52
N LYS C 493 -20.91 -33.49 -15.39
CA LYS C 493 -20.34 -32.20 -15.77
C LYS C 493 -20.30 -32.04 -17.29
N THR C 494 -19.90 -33.09 -18.01
CA THR C 494 -19.83 -33.07 -19.47
C THR C 494 -20.54 -34.30 -20.00
N PRO C 495 -21.82 -34.19 -20.34
CA PRO C 495 -22.60 -35.38 -20.73
C PRO C 495 -22.09 -36.08 -21.97
N SER C 496 -21.44 -35.37 -22.87
CA SER C 496 -20.94 -35.94 -24.10
C SER C 496 -19.54 -36.53 -23.97
N LYS C 498 -16.55 -39.07 -23.15
CA LYS C 498 -16.44 -40.51 -23.26
C LYS C 498 -15.33 -41.01 -22.33
N SER C 499 -15.43 -42.30 -21.98
CA SER C 499 -14.49 -42.93 -21.07
C SER C 499 -13.37 -43.67 -21.77
N ILE C 500 -13.20 -43.47 -23.07
CA ILE C 500 -12.10 -44.04 -23.82
C ILE C 500 -11.51 -42.95 -24.71
N GLY C 501 -10.18 -42.91 -24.80
CA GLY C 501 -9.51 -41.94 -25.62
C GLY C 501 -8.51 -42.61 -26.55
N ILE C 502 -8.39 -42.05 -27.75
CA ILE C 502 -7.55 -42.62 -28.80
C ILE C 502 -6.64 -41.53 -29.33
N SER C 503 -5.43 -41.94 -29.72
CA SER C 503 -4.46 -41.05 -30.33
C SER C 503 -3.80 -41.75 -31.50
N ASN C 504 -3.62 -41.02 -32.60
CA ASN C 504 -2.92 -41.52 -33.77
C ASN C 504 -1.51 -40.96 -33.91
N ASP C 505 -1.13 -39.99 -33.09
CA ASP C 505 0.17 -39.34 -33.20
C ASP C 505 1.01 -39.54 -31.94
N GLY C 506 0.97 -40.75 -31.38
CA GLY C 506 1.84 -41.09 -30.27
C GLY C 506 1.51 -40.42 -28.95
N GLY C 507 0.24 -40.06 -28.73
CA GLY C 507 -0.17 -39.48 -27.47
C GLY C 507 -0.07 -37.98 -27.38
N VAL C 508 0.25 -37.29 -28.47
CA VAL C 508 0.31 -35.83 -28.45
C VAL C 508 -1.10 -35.25 -28.45
N ASN C 509 -1.97 -35.78 -29.31
CA ASN C 509 -3.35 -35.33 -29.42
C ASN C 509 -4.29 -36.52 -29.29
N TRP C 510 -5.40 -36.32 -28.60
CA TRP C 510 -6.38 -37.37 -28.38
C TRP C 510 -7.71 -37.01 -29.03
N TYR C 511 -8.56 -38.03 -29.17
CA TYR C 511 -9.92 -37.82 -29.67
C TYR C 511 -10.83 -38.89 -29.08
N PRO C 513 -14.13 -41.43 -29.50
CA PRO C 513 -15.07 -42.08 -30.44
C PRO C 513 -16.50 -41.68 -30.18
N ASN C 514 -17.42 -42.13 -31.02
CA ASN C 514 -18.82 -41.72 -30.92
C ASN C 514 -19.67 -42.65 -30.07
N SER C 515 -19.16 -43.83 -29.71
CA SER C 515 -19.94 -44.78 -28.92
C SER C 515 -19.05 -45.41 -27.86
N GLU C 516 -19.69 -46.08 -26.91
CA GLU C 516 -19.04 -46.85 -25.86
C GLU C 516 -19.79 -48.16 -25.69
N PRO C 517 -19.14 -49.17 -25.10
CA PRO C 517 -19.84 -50.44 -24.85
C PRO C 517 -21.12 -50.24 -24.07
N SER C 518 -22.14 -51.02 -24.42
CA SER C 518 -23.46 -50.93 -23.82
C SER C 518 -24.13 -52.29 -23.91
N ASN C 519 -24.85 -52.68 -22.86
CA ASN C 519 -25.51 -53.98 -22.81
C ASN C 519 -27.02 -53.86 -22.97
N GLY C 520 -27.50 -52.77 -23.56
CA GLY C 520 -28.92 -52.52 -23.72
C GLY C 520 -29.57 -51.84 -22.53
N THR C 521 -29.14 -52.20 -21.32
CA THR C 521 -29.69 -51.57 -20.12
C THR C 521 -28.97 -50.27 -19.80
N LYS C 522 -27.63 -50.28 -19.85
CA LYS C 522 -26.87 -49.10 -19.47
C LYS C 522 -25.56 -49.06 -20.25
N THR C 523 -25.01 -47.86 -20.35
CA THR C 523 -23.69 -47.64 -20.95
C THR C 523 -22.64 -47.74 -19.85
N THR C 524 -21.50 -48.34 -20.19
CA THR C 524 -20.43 -48.55 -19.22
C THR C 524 -19.98 -47.23 -18.62
N VAL C 525 -19.63 -47.26 -17.33
CA VAL C 525 -19.01 -46.10 -16.70
C VAL C 525 -17.53 -46.01 -17.03
N GLY C 526 -16.95 -47.04 -17.62
CA GLY C 526 -15.57 -47.02 -18.03
C GLY C 526 -14.64 -47.79 -17.12
N HIS C 527 -13.42 -47.29 -16.96
CA HIS C 527 -12.37 -47.93 -16.18
C HIS C 527 -12.11 -49.32 -16.77
N GLY C 528 -11.73 -50.29 -15.96
CA GLY C 528 -11.35 -51.59 -16.48
C GLY C 528 -9.98 -51.53 -17.14
N GLN C 529 -9.82 -52.34 -18.19
CA GLN C 529 -8.54 -52.46 -18.86
C GLN C 529 -8.76 -52.49 -20.38
N VAL C 530 -7.77 -51.97 -21.12
CA VAL C 530 -7.83 -51.89 -22.57
C VAL C 530 -6.59 -52.56 -23.15
N ALA C 531 -6.77 -53.16 -24.33
CA ALA C 531 -5.68 -53.75 -25.09
C ALA C 531 -5.87 -53.40 -26.57
N VAL C 532 -4.77 -53.13 -27.25
CA VAL C 532 -4.79 -52.71 -28.65
C VAL C 532 -4.14 -53.79 -29.50
N SER C 533 -4.83 -54.19 -30.57
CA SER C 533 -4.30 -55.21 -31.47
C SER C 533 -2.93 -54.80 -32.00
N ALA C 534 -2.15 -55.80 -32.41
CA ALA C 534 -0.77 -55.57 -32.82
C ALA C 534 -0.68 -54.54 -33.94
N SER C 535 -1.65 -54.55 -34.85
CA SER C 535 -1.66 -53.62 -35.97
C SER C 535 -2.46 -52.35 -35.69
N GLY C 536 -3.26 -52.35 -34.62
CA GLY C 536 -4.15 -51.23 -34.35
C GLY C 536 -5.47 -51.30 -35.08
N ASN C 537 -5.82 -52.45 -35.68
CA ASN C 537 -7.06 -52.60 -36.40
C ASN C 537 -8.22 -53.02 -35.51
N SER C 538 -8.00 -53.18 -34.21
CA SER C 538 -9.09 -53.48 -33.29
C SER C 538 -8.67 -53.07 -31.89
N ILE C 539 -9.68 -52.85 -31.04
CA ILE C 539 -9.50 -52.51 -29.63
C ILE C 539 -10.32 -53.49 -28.80
N LEU C 540 -9.73 -53.98 -27.72
CA LEU C 540 -10.45 -54.80 -26.74
C LEU C 540 -10.56 -54.03 -25.44
N TRP C 541 -11.77 -53.87 -24.93
CA TRP C 541 -12.04 -53.11 -23.71
C TRP C 541 -12.74 -54.02 -22.72
N SER C 542 -12.04 -54.35 -21.63
CA SER C 542 -12.64 -55.09 -20.52
C SER C 542 -13.16 -54.06 -19.53
N THR C 543 -14.44 -53.72 -19.63
CA THR C 543 -15.00 -52.67 -18.80
C THR C 543 -15.14 -53.14 -17.36
N SER C 544 -15.21 -52.17 -16.45
CA SER C 544 -15.32 -52.48 -15.03
C SER C 544 -16.71 -52.98 -14.64
N ASP C 545 -17.72 -52.76 -15.47
CA ASP C 545 -19.09 -53.04 -15.05
C ASP C 545 -19.85 -54.00 -15.95
N ILE C 546 -19.69 -53.93 -17.28
CA ILE C 546 -20.56 -54.69 -18.15
C ILE C 546 -19.80 -55.70 -19.03
N GLY C 547 -18.57 -56.01 -18.69
CA GLY C 547 -17.85 -57.07 -19.37
C GLY C 547 -16.95 -56.59 -20.49
N VAL C 548 -16.66 -57.53 -21.40
CA VAL C 548 -15.63 -57.36 -22.42
C VAL C 548 -16.29 -57.03 -23.75
N TYR C 549 -15.80 -55.98 -24.40
CA TYR C 549 -16.29 -55.55 -25.69
C TYR C 549 -15.11 -55.27 -26.63
N TYR C 550 -15.34 -55.42 -27.92
CA TYR C 550 -14.33 -55.13 -28.91
C TYR C 550 -14.86 -54.13 -29.92
N SER C 551 -13.96 -53.33 -30.49
CA SER C 551 -14.33 -52.36 -31.50
C SER C 551 -13.40 -52.47 -32.71
N LYS C 552 -13.97 -52.39 -33.91
CA LYS C 552 -13.19 -52.42 -35.14
C LYS C 552 -13.26 -51.07 -35.89
N THR C 553 -13.67 -50.03 -35.17
CA THR C 553 -13.90 -48.72 -35.77
C THR C 553 -13.38 -47.64 -34.84
N SER C 554 -12.31 -47.95 -34.11
CA SER C 554 -11.74 -47.03 -33.12
C SER C 554 -12.80 -46.56 -32.15
N GLY C 555 -13.63 -47.50 -31.68
CA GLY C 555 -14.63 -47.19 -30.69
C GLY C 555 -15.91 -46.58 -31.19
N ASN C 556 -16.08 -46.42 -32.50
CA ASN C 556 -17.34 -45.90 -33.03
C ASN C 556 -18.40 -46.98 -33.18
N SER C 557 -18.10 -48.21 -32.77
CA SER C 557 -19.06 -49.30 -32.70
C SER C 557 -18.48 -50.37 -31.79
N TRP C 558 -19.31 -50.94 -30.93
CA TRP C 558 -18.86 -51.91 -29.93
C TRP C 558 -19.73 -53.15 -29.97
N THR C 559 -19.09 -54.31 -29.82
CA THR C 559 -19.77 -55.60 -29.81
C THR C 559 -19.28 -56.42 -28.64
N ALA C 560 -20.20 -57.10 -27.96
CA ALA C 560 -19.86 -57.90 -26.80
C ALA C 560 -18.98 -59.07 -27.19
N SER C 561 -17.87 -59.25 -26.46
CA SER C 561 -17.06 -60.44 -26.62
C SER C 561 -17.76 -61.65 -26.01
N ALA C 562 -17.41 -62.83 -26.51
CA ALA C 562 -18.01 -64.07 -26.05
C ALA C 562 -16.93 -64.96 -25.43
N GLY C 563 -17.31 -65.64 -24.34
CA GLY C 563 -16.45 -66.63 -23.72
C GLY C 563 -15.48 -66.11 -22.69
N LEU C 564 -15.31 -64.79 -22.57
CA LEU C 564 -14.40 -64.22 -21.59
C LEU C 564 -15.21 -63.60 -20.46
N PRO C 565 -15.05 -64.04 -19.21
CA PRO C 565 -15.87 -63.53 -18.12
C PRO C 565 -15.62 -62.05 -17.86
N ALA C 566 -16.68 -61.38 -17.38
CA ALA C 566 -16.58 -59.97 -17.05
C ALA C 566 -15.58 -59.75 -15.92
N GLY C 567 -14.80 -58.67 -16.03
CA GLY C 567 -13.75 -58.38 -15.07
C GLY C 567 -12.41 -59.00 -15.40
N ALA C 568 -12.29 -59.68 -16.52
CA ALA C 568 -11.05 -60.35 -16.87
C ALA C 568 -9.96 -59.35 -17.20
N LYS C 569 -8.73 -59.70 -16.86
CA LYS C 569 -7.58 -59.00 -17.38
C LYS C 569 -7.35 -59.43 -18.82
N ILE C 570 -6.92 -58.47 -19.65
CA ILE C 570 -6.75 -58.72 -21.07
C ILE C 570 -5.38 -58.22 -21.52
N ALA C 571 -4.89 -58.81 -22.60
CA ALA C 571 -3.61 -58.43 -23.18
C ALA C 571 -3.60 -58.84 -24.65
N SER C 572 -3.05 -57.97 -25.49
CA SER C 572 -2.99 -58.25 -26.92
C SER C 572 -1.65 -58.87 -27.27
N ASP C 573 -1.68 -59.80 -28.23
CA ASP C 573 -0.44 -60.29 -28.82
C ASP C 573 0.21 -59.16 -29.60
N ARG C 574 1.53 -59.09 -29.55
CA ARG C 574 2.25 -57.96 -30.13
C ARG C 574 2.65 -58.17 -31.60
N VAL C 575 2.33 -59.31 -32.19
CA VAL C 575 2.63 -59.50 -33.61
C VAL C 575 1.41 -59.98 -34.38
N ASN C 576 0.55 -60.79 -33.73
CA ASN C 576 -0.62 -61.34 -34.40
C ASN C 576 -1.84 -60.52 -34.02
N PRO C 577 -2.35 -59.65 -34.90
CA PRO C 577 -3.46 -58.76 -34.51
C PRO C 577 -4.77 -59.50 -34.24
N ASN C 578 -4.90 -60.76 -34.63
CA ASN C 578 -6.10 -61.52 -34.34
C ASN C 578 -6.09 -62.14 -32.95
N LYS C 579 -4.98 -62.02 -32.21
CA LYS C 579 -4.76 -62.77 -30.98
C LYS C 579 -4.83 -61.84 -29.78
N TYR C 580 -5.79 -62.09 -28.89
CA TYR C 580 -5.88 -61.47 -27.58
C TYR C 580 -5.84 -62.55 -26.51
N TYR C 581 -5.41 -62.18 -25.32
CA TYR C 581 -5.36 -63.09 -24.19
C TYR C 581 -6.19 -62.55 -23.04
N GLY C 582 -6.72 -63.46 -22.23
CA GLY C 582 -7.54 -63.08 -21.10
C GLY C 582 -7.23 -63.93 -19.89
N PHE C 583 -7.51 -63.37 -18.72
CA PHE C 583 -7.31 -64.07 -17.46
C PHE C 583 -8.37 -63.63 -16.46
N TYR C 584 -9.00 -64.59 -15.79
CA TYR C 584 -9.96 -64.28 -14.74
C TYR C 584 -9.99 -65.42 -13.74
N ALA C 585 -9.68 -65.11 -12.49
CA ALA C 585 -9.87 -66.03 -11.36
C ALA C 585 -9.16 -67.36 -11.57
N GLY C 586 -7.91 -67.30 -12.05
CA GLY C 586 -7.10 -68.49 -12.20
C GLY C 586 -7.19 -69.16 -13.55
N THR C 587 -8.11 -68.75 -14.41
CA THR C 587 -8.28 -69.36 -15.73
C THR C 587 -7.70 -68.45 -16.81
N PHE C 588 -6.95 -69.04 -17.73
CA PHE C 588 -6.38 -68.33 -18.87
C PHE C 588 -7.24 -68.54 -20.10
N TYR C 589 -7.32 -67.49 -20.93
CA TYR C 589 -8.14 -67.50 -22.13
C TYR C 589 -7.35 -66.97 -23.31
N VAL C 590 -7.69 -67.45 -24.51
CA VAL C 590 -7.09 -67.00 -25.75
C VAL C 590 -8.19 -66.73 -26.76
N SER C 591 -8.02 -65.65 -27.52
CA SER C 591 -8.87 -65.35 -28.67
C SER C 591 -8.00 -65.34 -29.92
N VAL C 592 -8.54 -65.86 -31.01
CA VAL C 592 -7.85 -65.89 -32.29
C VAL C 592 -8.66 -65.24 -33.40
N ASP C 593 -9.75 -64.57 -33.05
CA ASP C 593 -10.61 -63.89 -34.01
C ASP C 593 -10.75 -62.40 -33.66
N GLY C 594 -9.69 -61.81 -33.15
CA GLY C 594 -9.71 -60.39 -32.85
C GLY C 594 -10.48 -60.01 -31.61
N GLY C 595 -10.63 -60.93 -30.67
CA GLY C 595 -11.36 -60.65 -29.44
C GLY C 595 -12.84 -60.87 -29.51
N ALA C 596 -13.36 -61.41 -30.61
CA ALA C 596 -14.79 -61.66 -30.73
C ALA C 596 -15.22 -62.83 -29.85
N THR C 597 -14.45 -63.92 -29.86
CA THR C 597 -14.73 -65.08 -29.04
C THR C 597 -13.44 -65.51 -28.34
N PHE C 598 -13.59 -65.93 -27.09
CA PHE C 598 -12.48 -66.39 -26.26
C PHE C 598 -12.71 -67.85 -25.86
N THR C 599 -11.61 -68.58 -25.69
CA THR C 599 -11.68 -69.96 -25.22
C THR C 599 -10.60 -70.18 -24.17
N ALA C 600 -10.99 -70.84 -23.08
CA ALA C 600 -10.05 -71.14 -22.01
C ALA C 600 -8.99 -72.11 -22.49
N THR C 601 -7.77 -71.93 -21.99
CA THR C 601 -6.68 -72.88 -22.21
C THR C 601 -6.51 -73.75 -20.98
N GLY C 602 -5.62 -74.73 -21.10
CA GLY C 602 -5.36 -75.66 -20.03
C GLY C 602 -4.31 -75.22 -19.03
N ALA C 603 -3.87 -73.96 -19.09
CA ALA C 603 -2.87 -73.47 -18.15
C ALA C 603 -3.39 -73.57 -16.73
N SER C 604 -2.65 -74.27 -15.88
CA SER C 604 -3.06 -74.54 -14.51
C SER C 604 -2.05 -73.94 -13.54
N GLY C 605 -2.41 -73.93 -12.26
CA GLY C 605 -1.57 -73.40 -11.22
C GLY C 605 -1.60 -71.90 -11.06
N PHE C 606 -2.42 -71.20 -11.85
CA PHE C 606 -2.54 -69.76 -11.70
C PHE C 606 -3.33 -69.43 -10.44
N PRO C 607 -2.98 -68.36 -9.73
CA PRO C 607 -3.75 -67.98 -8.55
C PRO C 607 -5.12 -67.43 -8.94
N THR C 608 -6.10 -67.73 -8.09
CA THR C 608 -7.44 -67.20 -8.29
C THR C 608 -7.64 -65.85 -7.61
N ASN C 609 -6.93 -65.63 -6.49
CA ASN C 609 -7.08 -64.41 -5.68
C ASN C 609 -8.51 -64.24 -5.17
N ASN C 610 -9.24 -65.35 -5.04
CA ASN C 610 -10.53 -65.34 -4.33
C ASN C 610 -10.35 -65.47 -2.82
N VAL C 611 -9.27 -64.90 -2.31
CA VAL C 611 -8.89 -65.04 -0.91
C VAL C 611 -9.68 -64.06 -0.06
N ALA C 612 -9.98 -64.47 1.17
CA ALA C 612 -10.83 -63.70 2.07
C ALA C 612 -10.16 -62.42 2.54
N GLY C 613 -9.10 -62.53 3.33
CA GLY C 613 -8.57 -61.38 4.05
C GLY C 613 -7.38 -60.67 3.45
N LEU C 614 -7.20 -60.74 2.14
CA LEU C 614 -6.09 -60.03 1.51
C LEU C 614 -6.42 -58.55 1.34
N GLN C 615 -5.45 -57.71 1.65
CA GLN C 615 -5.64 -56.27 1.60
C GLN C 615 -5.63 -55.79 0.14
N PRO C 616 -6.24 -54.62 -0.13
CA PRO C 616 -6.41 -54.19 -1.53
C PRO C 616 -5.12 -54.07 -2.32
N ASN C 617 -4.01 -53.72 -1.68
CA ASN C 617 -2.74 -53.50 -2.36
C ASN C 617 -1.74 -54.63 -2.10
N GLU C 618 -2.23 -55.85 -1.86
CA GLU C 618 -1.37 -56.96 -1.52
C GLU C 618 -1.13 -57.93 -2.67
N ALA C 619 -2.14 -58.22 -3.47
CA ALA C 619 -2.03 -59.16 -4.58
C ALA C 619 -2.25 -58.44 -5.90
N GLN C 620 -1.65 -58.98 -6.96
CA GLN C 620 -1.63 -58.32 -8.26
C GLN C 620 -1.63 -59.37 -9.35
N ILE C 621 -1.99 -58.95 -10.57
CA ILE C 621 -1.85 -59.74 -11.78
C ILE C 621 -1.17 -58.88 -12.84
N SER C 622 -0.07 -59.38 -13.40
CA SER C 622 0.68 -58.68 -14.44
C SER C 622 0.88 -59.64 -15.61
N LYS C 624 1.60 -59.81 -19.87
CA LYS C 624 2.02 -59.06 -21.05
C LYS C 624 2.63 -60.00 -22.08
N ALA C 625 2.23 -59.82 -23.34
CA ALA C 625 2.88 -60.51 -24.44
C ALA C 625 4.16 -59.77 -24.85
N VAL C 626 5.14 -60.52 -25.34
CA VAL C 626 6.46 -59.98 -25.62
C VAL C 626 6.47 -59.34 -27.02
N PRO C 627 7.00 -58.13 -27.15
CA PRO C 627 7.10 -57.53 -28.49
C PRO C 627 7.98 -58.36 -29.41
N GLY C 628 7.47 -58.60 -30.62
CA GLY C 628 8.23 -59.28 -31.65
C GLY C 628 8.13 -60.79 -31.68
N ILE C 629 7.43 -61.41 -30.73
CA ILE C 629 7.32 -62.86 -30.64
C ILE C 629 5.86 -63.22 -30.41
N GLU C 630 5.25 -63.92 -31.37
CA GLU C 630 3.88 -64.38 -31.21
C GLU C 630 3.77 -65.43 -30.13
N GLY C 631 2.74 -65.31 -29.30
CA GLY C 631 2.46 -66.32 -28.30
C GLY C 631 3.46 -66.40 -27.18
N ASP C 632 4.35 -65.42 -27.06
CA ASP C 632 5.28 -65.34 -25.93
C ASP C 632 4.64 -64.43 -24.88
N ILE C 633 4.26 -65.01 -23.75
CA ILE C 633 3.56 -64.30 -22.69
C ILE C 633 4.28 -64.54 -21.36
N TRP C 634 4.46 -63.47 -20.60
CA TRP C 634 4.93 -63.57 -19.22
C TRP C 634 3.82 -63.17 -18.27
N PHE C 635 3.85 -63.74 -17.07
CA PHE C 635 2.75 -63.64 -16.13
C PHE C 635 3.32 -63.57 -14.72
N ALA C 636 2.99 -62.51 -13.99
CA ALA C 636 3.46 -62.32 -12.63
C ALA C 636 2.29 -61.98 -11.71
N GLY C 637 2.34 -62.47 -10.49
CA GLY C 637 1.33 -62.14 -9.50
C GLY C 637 1.11 -63.30 -8.55
N GLY C 638 0.10 -63.13 -7.69
CA GLY C 638 -0.35 -64.18 -6.80
C GLY C 638 -0.35 -63.73 -5.36
N ASN C 639 -0.41 -64.72 -4.47
CA ASN C 639 -0.47 -64.49 -3.03
C ASN C 639 0.00 -65.75 -2.32
N THR C 640 0.51 -65.57 -1.10
CA THR C 640 1.01 -66.70 -0.33
C THR C 640 -0.09 -67.57 0.26
N VAL C 641 -1.31 -67.03 0.42
CA VAL C 641 -2.39 -67.81 0.99
C VAL C 641 -2.75 -68.98 0.09
N GLU C 642 -2.74 -68.75 -1.23
CA GLU C 642 -2.94 -69.83 -2.18
C GLU C 642 -1.68 -70.62 -2.48
N ASN C 643 -0.52 -70.14 -2.01
CA ASN C 643 0.78 -70.70 -2.40
C ASN C 643 0.90 -70.76 -3.93
N LYS C 644 0.38 -69.74 -4.59
CA LYS C 644 0.46 -69.58 -6.04
C LYS C 644 0.94 -68.15 -6.28
N TYR C 645 2.25 -68.00 -6.50
CA TYR C 645 2.90 -66.69 -6.42
C TYR C 645 4.23 -66.78 -7.14
N GLY C 646 4.46 -65.90 -8.09
CA GLY C 646 5.75 -65.85 -8.75
C GLY C 646 5.63 -65.33 -10.18
N LEU C 647 6.41 -65.95 -11.07
CA LEU C 647 6.54 -65.52 -12.45
C LEU C 647 6.39 -66.73 -13.37
N TRP C 648 5.49 -66.64 -14.34
CA TRP C 648 5.24 -67.70 -15.30
C TRP C 648 5.68 -67.26 -16.69
N HIS C 649 5.87 -68.25 -17.56
CA HIS C 649 6.28 -67.97 -18.94
C HIS C 649 5.69 -69.00 -19.89
N SER C 650 5.04 -68.52 -20.94
CA SER C 650 4.49 -69.35 -22.00
C SER C 650 5.05 -68.90 -23.34
N THR C 651 5.29 -69.88 -24.23
CA THR C 651 5.67 -69.60 -25.61
C THR C 651 4.71 -70.25 -26.60
N ASN C 652 3.53 -70.68 -26.14
CA ASN C 652 2.55 -71.36 -26.98
C ASN C 652 1.18 -70.69 -26.89
N SER C 653 1.18 -69.35 -26.84
CA SER C 653 -0.05 -68.56 -26.82
C SER C 653 -0.94 -68.93 -25.63
N GLY C 654 -0.33 -69.24 -24.49
CA GLY C 654 -1.08 -69.48 -23.27
C GLY C 654 -1.58 -70.89 -23.06
N ALA C 655 -1.32 -71.81 -23.99
CA ALA C 655 -1.75 -73.18 -23.80
C ALA C 655 -1.16 -73.78 -22.52
N SER C 656 0.12 -73.52 -22.27
CA SER C 656 0.78 -73.97 -21.06
C SER C 656 1.83 -72.94 -20.65
N PHE C 657 2.09 -72.87 -19.35
CA PHE C 657 3.06 -71.94 -18.80
C PHE C 657 4.09 -72.71 -17.98
N THR C 658 5.28 -72.11 -17.85
CA THR C 658 6.32 -72.61 -16.95
C THR C 658 6.52 -71.59 -15.83
N LYS C 659 6.42 -72.04 -14.59
CA LYS C 659 6.66 -71.20 -13.43
C LYS C 659 8.14 -71.25 -13.10
N LEU C 660 8.78 -70.08 -13.07
CA LEU C 660 10.22 -70.01 -12.81
C LEU C 660 10.50 -70.38 -11.35
N THR C 661 11.39 -71.34 -11.16
CA THR C 661 11.67 -71.87 -9.83
C THR C 661 12.61 -71.01 -9.01
N ASN C 662 13.24 -70.00 -9.62
CA ASN C 662 14.16 -69.12 -8.91
C ASN C 662 13.51 -67.81 -8.48
N VAL C 663 12.18 -67.73 -8.53
CA VAL C 663 11.44 -66.51 -8.20
C VAL C 663 10.41 -66.90 -7.14
N GLU C 664 10.67 -66.54 -5.88
CA GLU C 664 9.77 -66.93 -4.81
C GLU C 664 8.45 -66.17 -4.89
N GLU C 665 8.52 -64.87 -5.12
CA GLU C 665 7.33 -64.04 -5.33
C GLU C 665 7.63 -63.08 -6.48
N ALA C 666 6.57 -62.71 -7.19
CA ALA C 666 6.69 -61.71 -8.26
C ALA C 666 5.34 -61.07 -8.46
N ASP C 667 5.33 -59.77 -8.70
CA ASP C 667 4.09 -59.00 -8.79
C ASP C 667 3.95 -58.19 -10.08
N LEU C 668 5.04 -57.88 -10.78
CA LEU C 668 4.97 -57.17 -12.04
C LEU C 668 6.04 -57.72 -12.98
N ILE C 669 5.78 -57.60 -14.28
CA ILE C 669 6.74 -58.00 -15.30
C ILE C 669 6.78 -56.93 -16.38
N GLY C 670 7.98 -56.66 -16.89
CA GLY C 670 8.16 -55.68 -17.95
C GLY C 670 9.36 -56.05 -18.79
N TYR C 671 9.46 -55.41 -19.96
CA TYR C 671 10.50 -55.73 -20.92
C TYR C 671 11.23 -54.45 -21.35
N GLY C 672 12.55 -54.57 -21.51
CA GLY C 672 13.36 -53.50 -22.05
C GLY C 672 14.26 -54.02 -23.15
N LYS C 673 15.05 -53.09 -23.70
CA LYS C 673 15.96 -53.44 -24.78
C LYS C 673 16.91 -54.56 -24.34
N ALA C 674 17.27 -55.41 -25.29
CA ALA C 674 18.14 -56.54 -24.99
C ALA C 674 19.54 -56.07 -24.62
N ALA C 675 20.17 -56.83 -23.71
CA ALA C 675 21.54 -56.54 -23.33
C ALA C 675 22.48 -56.74 -24.52
N PRO C 676 23.62 -56.08 -24.53
CA PRO C 676 24.60 -56.32 -25.60
C PRO C 676 25.05 -57.77 -25.62
N GLY C 677 25.00 -58.37 -26.81
CA GLY C 677 25.32 -59.77 -26.97
C GLY C 677 24.15 -60.72 -26.78
N GLN C 678 22.96 -60.20 -26.50
CA GLN C 678 21.77 -61.01 -26.32
C GLN C 678 20.74 -60.63 -27.37
N THR C 679 19.81 -61.55 -27.64
CA THR C 679 18.69 -61.29 -28.53
C THR C 679 17.38 -61.13 -27.80
N TYR C 680 17.12 -61.93 -26.77
CA TYR C 680 15.91 -61.77 -25.98
C TYR C 680 15.96 -60.49 -25.17
N SER C 682 15.51 -57.69 -22.24
CA SER C 682 15.74 -57.76 -20.81
C SER C 682 14.42 -57.73 -20.04
N LEU C 683 14.36 -58.49 -18.96
CA LEU C 683 13.18 -58.60 -18.14
C LEU C 683 13.33 -57.76 -16.87
N TYR C 684 12.28 -57.02 -16.53
CA TYR C 684 12.25 -56.22 -15.32
C TYR C 684 11.04 -56.64 -14.49
N THR C 685 11.25 -56.81 -13.18
CA THR C 685 10.22 -57.42 -12.35
C THR C 685 10.27 -56.84 -10.94
N VAL C 686 9.09 -56.73 -10.34
CA VAL C 686 8.93 -56.48 -8.92
C VAL C 686 8.70 -57.82 -8.26
N ALA C 687 9.63 -58.23 -7.41
CA ALA C 687 9.66 -59.63 -7.00
C ALA C 687 10.43 -59.78 -5.69
N LYS C 688 10.40 -61.00 -5.17
CA LYS C 688 11.24 -61.42 -4.05
C LYS C 688 12.13 -62.54 -4.57
N ILE C 689 13.41 -62.24 -4.77
CA ILE C 689 14.36 -63.17 -5.36
C ILE C 689 15.48 -63.42 -4.34
N ASP C 690 15.78 -64.70 -4.12
CA ASP C 690 16.87 -65.10 -3.22
C ASP C 690 16.72 -64.44 -1.84
N GLY C 691 15.48 -64.39 -1.36
CA GLY C 691 15.18 -63.84 -0.05
C GLY C 691 15.18 -62.32 0.02
N VAL C 692 15.34 -61.62 -1.10
CA VAL C 692 15.43 -60.17 -1.13
C VAL C 692 14.25 -59.62 -1.91
N ARG C 693 13.56 -58.64 -1.32
CA ARG C 693 12.50 -57.92 -2.00
C ARG C 693 13.08 -56.68 -2.69
N GLY C 694 12.65 -56.46 -3.93
CA GLY C 694 13.11 -55.28 -4.65
C GLY C 694 12.72 -55.32 -6.11
N VAL C 695 13.49 -54.61 -6.92
CA VAL C 695 13.33 -54.57 -8.37
C VAL C 695 14.51 -55.30 -8.99
N PHE C 696 14.23 -56.18 -9.94
CA PHE C 696 15.25 -57.05 -10.51
C PHE C 696 15.21 -56.99 -12.03
N ARG C 697 16.40 -57.11 -12.63
CA ARG C 697 16.55 -57.22 -14.07
C ARG C 697 17.15 -58.58 -14.42
N SER C 698 16.68 -59.17 -15.51
CA SER C 698 17.24 -60.41 -16.03
C SER C 698 17.60 -60.19 -17.50
N ASP C 699 18.85 -60.50 -17.85
CA ASP C 699 19.32 -60.38 -19.22
C ASP C 699 19.41 -61.73 -19.92
N ASP C 700 18.93 -62.80 -19.29
CA ASP C 700 19.05 -64.15 -19.84
C ASP C 700 17.76 -64.93 -19.65
N VAL C 701 16.63 -64.32 -20.06
CA VAL C 701 15.32 -64.96 -20.08
C VAL C 701 14.96 -65.53 -18.72
N GLY C 702 15.31 -64.81 -17.66
CA GLY C 702 14.93 -65.22 -16.32
C GLY C 702 15.80 -66.24 -15.66
N ALA C 703 16.94 -66.61 -16.28
CA ALA C 703 17.83 -67.59 -15.65
C ALA C 703 18.47 -67.03 -14.40
N THR C 704 18.97 -65.79 -14.46
CA THR C 704 19.59 -65.14 -13.32
C THR C 704 19.02 -63.73 -13.19
N TRP C 705 18.94 -63.26 -11.95
CA TRP C 705 18.35 -61.96 -11.65
C TRP C 705 19.31 -61.11 -10.83
N VAL C 706 19.29 -59.81 -11.06
CA VAL C 706 20.14 -58.85 -10.37
C VAL C 706 19.27 -57.71 -9.85
N ARG C 707 19.45 -57.37 -8.57
CA ARG C 707 18.68 -56.28 -7.98
C ARG C 707 19.22 -54.95 -8.48
N ILE C 708 18.34 -54.13 -9.06
CA ILE C 708 18.74 -52.84 -9.62
C ILE C 708 18.25 -51.67 -8.80
N ASN C 709 17.51 -51.90 -7.72
CA ASN C 709 17.24 -50.89 -6.71
C ASN C 709 18.00 -51.24 -5.43
N ASP C 710 17.82 -50.43 -4.39
CA ASP C 710 18.53 -50.64 -3.14
C ASP C 710 17.61 -50.24 -1.98
N ASP C 711 18.10 -50.46 -0.76
CA ASP C 711 17.31 -50.21 0.43
C ASP C 711 16.99 -48.74 0.64
N ALA C 712 17.65 -47.83 -0.07
CA ALA C 712 17.34 -46.41 0.00
C ALA C 712 16.37 -45.97 -1.08
N HIS C 713 15.99 -46.87 -2.00
CA HIS C 713 15.09 -46.54 -3.10
C HIS C 713 14.13 -47.71 -3.28
N GLN C 714 13.14 -47.80 -2.39
CA GLN C 714 12.16 -48.88 -2.37
C GLN C 714 10.75 -48.44 -2.72
N TYR C 715 10.28 -47.32 -2.16
CA TYR C 715 9.04 -46.65 -2.60
C TYR C 715 7.79 -47.45 -2.25
N ALA C 716 7.84 -48.13 -1.12
CA ALA C 716 6.68 -48.74 -0.46
C ALA C 716 6.15 -49.88 -1.34
N LYS C 717 4.83 -50.03 -1.52
CA LYS C 717 4.24 -51.17 -2.23
C LYS C 717 4.25 -50.89 -3.73
N ILE C 718 5.31 -51.34 -4.39
CA ILE C 718 5.53 -51.05 -5.81
C ILE C 718 4.95 -52.16 -6.67
N ASN C 719 3.65 -52.42 -6.53
CA ASN C 719 2.95 -53.40 -7.35
C ASN C 719 2.06 -52.75 -8.39
N ALA C 721 3.09 -50.70 -11.61
CA ALA C 721 3.44 -50.77 -13.01
C ALA C 721 4.95 -50.81 -13.15
N ILE C 722 5.42 -51.49 -14.20
CA ILE C 722 6.84 -51.49 -14.54
C ILE C 722 6.97 -51.76 -16.04
N THR C 723 7.95 -51.11 -16.66
CA THR C 723 8.35 -51.43 -18.02
C THR C 723 9.80 -50.99 -18.21
N GLY C 724 10.50 -51.70 -19.09
CA GLY C 724 11.79 -51.26 -19.57
C GLY C 724 11.62 -50.35 -20.77
N ASP C 725 12.77 -50.03 -21.39
CA ASP C 725 12.80 -49.15 -22.55
C ASP C 725 13.30 -49.95 -23.74
N PRO C 726 12.51 -50.12 -24.80
CA PRO C 726 12.98 -50.90 -25.96
C PRO C 726 14.13 -50.25 -26.72
N ARG C 727 14.44 -48.98 -26.43
CA ARG C 727 15.52 -48.28 -27.11
C ARG C 727 16.74 -48.05 -26.25
N ILE C 728 16.65 -48.25 -24.94
CA ILE C 728 17.73 -47.94 -24.00
C ILE C 728 17.92 -49.16 -23.11
N TYR C 729 18.97 -49.93 -23.35
CA TYR C 729 19.26 -51.06 -22.47
C TYR C 729 19.56 -50.56 -21.06
N GLY C 730 19.08 -51.31 -20.06
CA GLY C 730 19.32 -50.99 -18.67
C GLY C 730 18.30 -50.04 -18.06
N ARG C 731 17.58 -49.28 -18.88
CA ARG C 731 16.62 -48.32 -18.38
C ARG C 731 15.37 -49.03 -17.86
N VAL C 732 14.88 -48.58 -16.71
CA VAL C 732 13.65 -49.10 -16.11
C VAL C 732 12.77 -47.92 -15.70
N TYR C 733 11.48 -48.06 -15.94
CA TYR C 733 10.47 -47.11 -15.47
C TYR C 733 9.60 -47.83 -14.45
N LEU C 734 9.53 -47.29 -13.23
CA LEU C 734 8.84 -47.94 -12.12
C LEU C 734 7.73 -47.05 -11.61
N GLY C 735 6.51 -47.57 -11.59
CA GLY C 735 5.40 -46.87 -10.98
C GLY C 735 5.30 -47.12 -9.49
N THR C 736 4.67 -46.18 -8.79
CA THR C 736 4.46 -46.31 -7.35
C THR C 736 3.03 -45.92 -7.03
N ASN C 737 2.65 -46.16 -5.77
CA ASN C 737 1.36 -45.75 -5.24
C ASN C 737 1.57 -44.66 -4.21
N GLY C 738 1.98 -43.47 -4.70
CA GLY C 738 2.17 -42.34 -3.82
C GLY C 738 3.47 -41.59 -4.04
N ARG C 739 4.38 -42.13 -4.83
CA ARG C 739 5.66 -41.48 -5.12
C ARG C 739 5.88 -41.24 -6.61
N GLY C 740 4.80 -41.23 -7.39
CA GLY C 740 4.92 -40.96 -8.81
C GLY C 740 5.69 -42.06 -9.54
N THR C 741 6.38 -41.65 -10.60
CA THR C 741 7.13 -42.56 -11.46
C THR C 741 8.62 -42.29 -11.32
N LEU C 742 9.41 -43.36 -11.23
CA LEU C 742 10.86 -43.27 -11.21
C LEU C 742 11.41 -43.82 -12.51
N TYR C 743 12.56 -43.31 -12.93
CA TYR C 743 13.36 -43.95 -13.96
C TYR C 743 14.78 -44.10 -13.44
N ALA C 744 15.41 -45.20 -13.84
CA ALA C 744 16.73 -45.55 -13.33
C ALA C 744 17.56 -46.20 -14.42
N ASP C 745 18.84 -45.83 -14.45
CA ASP C 745 19.84 -46.37 -15.34
C ASP C 745 20.99 -46.95 -14.54
N PRO C 746 21.71 -47.93 -15.08
CA PRO C 746 22.93 -48.39 -14.42
C PRO C 746 23.90 -47.26 -14.16
N VAL C 747 24.58 -47.32 -13.03
CA VAL C 747 25.62 -46.35 -12.70
C VAL C 747 26.76 -46.47 -13.71
N GLY D 1 -25.72 39.62 48.41
CA GLY D 1 -25.14 39.06 47.20
C GLY D 1 -26.03 39.15 45.98
N SER D 3 -26.00 38.43 41.48
CA SER D 3 -25.31 37.83 40.34
C SER D 3 -26.13 38.03 39.09
N GLU D 4 -25.44 37.97 37.95
CA GLU D 4 -26.04 38.18 36.64
C GLU D 4 -25.53 37.08 35.71
N PRO D 5 -26.42 36.33 35.06
CA PRO D 5 -25.97 35.24 34.19
C PRO D 5 -25.19 35.77 32.99
N TYR D 6 -24.00 35.23 32.79
CA TYR D 6 -23.10 35.61 31.71
C TYR D 6 -22.82 34.40 30.84
N THR D 7 -22.39 34.68 29.61
CA THR D 7 -21.92 33.65 28.69
C THR D 7 -20.40 33.75 28.59
N TRP D 8 -19.71 32.71 29.03
CA TRP D 8 -18.25 32.72 29.10
C TRP D 8 -17.67 31.91 27.95
N LYS D 9 -16.76 32.52 27.19
CA LYS D 9 -16.16 31.87 26.04
C LYS D 9 -14.67 32.13 26.01
N SER D 10 -13.95 31.21 25.38
CA SER D 10 -12.51 31.32 25.23
C SER D 10 -12.16 32.24 24.07
N VAL D 11 -11.14 33.08 24.27
CA VAL D 11 -10.48 33.71 23.14
C VAL D 11 -9.65 32.65 22.44
N VAL D 12 -9.95 32.42 21.17
CA VAL D 12 -9.45 31.23 20.47
C VAL D 12 -8.02 31.48 20.00
N THR D 13 -7.12 30.56 20.36
CA THR D 13 -5.78 30.52 19.79
C THR D 13 -5.58 29.35 18.83
N GLY D 14 -6.48 28.38 18.83
CA GLY D 14 -6.38 27.25 17.91
C GLY D 14 -5.46 26.14 18.38
N ALA D 15 -4.32 26.51 18.96
CA ALA D 15 -3.30 25.53 19.34
C ALA D 15 -3.26 25.23 20.83
N GLY D 16 -3.84 26.08 21.68
CA GLY D 16 -3.71 25.89 23.11
C GLY D 16 -2.60 26.74 23.69
N GLY D 17 -1.37 26.53 23.20
CA GLY D 17 -0.25 27.38 23.56
C GLY D 17 0.55 26.94 24.76
N GLY D 18 0.23 25.78 25.36
CA GLY D 18 0.92 25.30 26.53
C GLY D 18 1.37 23.86 26.38
N PHE D 19 1.96 23.35 27.46
CA PHE D 19 2.52 22.00 27.50
C PHE D 19 1.42 20.99 27.84
N VAL D 20 1.31 19.94 27.03
CA VAL D 20 0.39 18.85 27.34
C VAL D 20 1.22 17.62 27.69
N PRO D 21 1.50 17.38 28.97
CA PRO D 21 2.35 16.24 29.33
C PRO D 21 1.67 14.89 29.21
N GLY D 22 0.34 14.84 29.20
CA GLY D 22 -0.34 13.56 29.18
C GLY D 22 -1.59 13.50 28.33
N ILE D 23 -1.69 12.45 27.52
CA ILE D 23 -2.89 12.14 26.75
C ILE D 23 -3.24 10.69 27.04
N ILE D 24 -4.47 10.44 27.46
CA ILE D 24 -4.86 9.15 28.02
C ILE D 24 -6.09 8.64 27.29
N PHE D 25 -5.92 7.55 26.55
CA PHE D 25 -7.02 6.87 25.88
C PHE D 25 -7.66 5.84 26.80
N ASN D 26 -8.98 5.76 26.77
CA ASN D 26 -9.66 4.66 27.43
C ASN D 26 -9.41 3.37 26.65
N GLN D 27 -9.11 2.30 27.36
CA GLN D 27 -8.79 1.03 26.72
C GLN D 27 -10.02 0.22 26.34
N THR D 28 -11.21 0.75 26.56
CA THR D 28 -12.43 -0.02 26.34
C THR D 28 -13.44 0.69 25.45
N GLU D 29 -13.65 2.00 25.65
CA GLU D 29 -14.62 2.72 24.85
C GLU D 29 -13.91 3.51 23.76
N PRO D 30 -14.18 3.22 22.48
CA PRO D 30 -13.55 3.99 21.41
C PRO D 30 -13.91 5.47 21.49
N ASN D 31 -12.91 6.30 21.19
CA ASN D 31 -13.02 7.77 21.10
C ASN D 31 -13.21 8.44 22.45
N LEU D 32 -12.99 7.73 23.56
CA LEU D 32 -12.96 8.34 24.89
C LEU D 32 -11.51 8.68 25.21
N ILE D 33 -11.18 9.97 25.19
CA ILE D 33 -9.82 10.45 25.37
C ILE D 33 -9.81 11.58 26.38
N TYR D 34 -8.76 11.65 27.20
CA TYR D 34 -8.54 12.77 28.08
C TYR D 34 -7.15 13.35 27.84
N ALA D 35 -6.99 14.63 28.16
CA ALA D 35 -5.71 15.31 28.12
C ALA D 35 -5.52 16.04 29.45
N ARG D 36 -4.29 16.01 29.96
CA ARG D 36 -3.96 16.68 31.21
C ARG D 36 -2.84 17.69 30.97
N THR D 37 -2.90 18.81 31.68
CA THR D 37 -1.93 19.89 31.57
C THR D 37 -1.27 20.13 32.92
N ASP D 38 -0.19 20.91 32.90
CA ASP D 38 0.56 21.16 34.12
C ASP D 38 0.00 22.31 34.96
N ILE D 39 -0.66 23.28 34.34
CA ILE D 39 -1.21 24.42 35.06
C ILE D 39 -2.65 24.73 34.67
N GLY D 40 -3.24 24.00 33.73
CA GLY D 40 -4.54 24.39 33.23
C GLY D 40 -5.61 23.31 33.26
N GLY D 41 -5.55 22.43 34.24
CA GLY D 41 -6.59 21.42 34.38
C GLY D 41 -6.49 20.35 33.30
N ALA D 42 -7.64 19.73 33.01
CA ALA D 42 -7.71 18.61 32.09
C ALA D 42 -8.87 18.81 31.11
N TYR D 43 -8.89 17.97 30.08
CA TYR D 43 -9.88 18.06 29.02
C TYR D 43 -10.39 16.66 28.67
N ARG D 44 -11.62 16.60 28.18
CA ARG D 44 -12.17 15.39 27.58
C ARG D 44 -12.46 15.65 26.10
N TRP D 45 -12.10 14.68 25.27
CA TRP D 45 -12.28 14.80 23.83
C TRP D 45 -13.75 14.60 23.46
N ASN D 46 -14.22 15.36 22.48
CA ASN D 46 -15.56 15.21 21.93
C ASN D 46 -15.45 14.80 20.47
N GLN D 47 -15.72 13.53 20.20
CA GLN D 47 -15.50 12.97 18.86
C GLN D 47 -16.43 13.59 17.82
N ALA D 48 -17.61 14.05 18.24
CA ALA D 48 -18.57 14.60 17.28
C ALA D 48 -18.15 15.94 16.72
N THR D 49 -17.30 16.69 17.43
CA THR D 49 -16.86 18.00 16.97
C THR D 49 -15.34 18.11 16.84
N SER D 50 -14.62 17.01 17.06
CA SER D 50 -13.15 17.00 16.97
C SER D 50 -12.55 18.11 17.84
N SER D 51 -13.02 18.20 19.08
CA SER D 51 -12.61 19.28 19.97
C SER D 51 -12.54 18.76 21.39
N TRP D 52 -11.81 19.50 22.23
CA TRP D 52 -11.64 19.16 23.63
C TRP D 52 -12.58 20.00 24.48
N VAL D 53 -13.10 19.38 25.54
CA VAL D 53 -13.97 20.05 26.50
C VAL D 53 -13.24 20.08 27.84
N SER D 54 -13.13 21.27 28.43
CA SER D 54 -12.52 21.40 29.74
C SER D 54 -13.40 20.73 30.79
N ILE D 55 -12.76 19.98 31.68
CA ILE D 55 -13.45 19.38 32.82
C ILE D 55 -12.94 19.96 34.13
N SER D 56 -12.35 21.16 34.08
CA SER D 56 -11.68 21.74 35.23
C SER D 56 -12.09 23.17 35.54
N ASP D 57 -13.06 23.73 34.81
CA ASP D 57 -13.35 25.15 34.97
C ASP D 57 -14.06 25.48 36.28
N SER D 58 -14.54 24.48 37.03
CA SER D 58 -15.09 24.74 38.35
CA SER D 58 -15.09 24.74 38.35
C SER D 58 -14.01 24.89 39.41
N VAL D 59 -12.75 24.59 39.09
CA VAL D 59 -11.66 24.82 40.02
C VAL D 59 -11.56 26.31 40.30
N GLY D 60 -11.58 26.68 41.57
CA GLY D 60 -11.69 28.08 41.94
C GLY D 60 -10.48 28.70 42.61
N TRP D 61 -10.73 29.75 43.38
CA TRP D 61 -9.65 30.57 43.94
C TRP D 61 -8.89 29.82 45.02
N VAL D 62 -9.61 29.20 45.96
CA VAL D 62 -8.96 28.58 47.11
C VAL D 62 -8.32 27.25 46.72
N ASP D 63 -9.01 26.47 45.89
CA ASP D 63 -8.51 25.17 45.46
C ASP D 63 -7.81 25.26 44.11
N TRP D 64 -7.09 26.35 43.85
CA TRP D 64 -6.48 26.59 42.55
C TRP D 64 -5.51 25.49 42.14
N ASN D 65 -4.84 24.85 43.11
CA ASN D 65 -3.79 23.91 42.73
C ASN D 65 -4.33 22.66 42.07
N LYS D 66 -5.65 22.50 42.00
CA LYS D 66 -6.24 21.37 41.30
C LYS D 66 -6.02 21.42 39.79
N ASN D 67 -5.64 22.58 39.25
CA ASN D 67 -5.40 22.67 37.80
C ASN D 67 -4.02 22.17 37.41
N GLY D 68 -3.18 21.81 38.37
CA GLY D 68 -2.00 21.02 38.08
C GLY D 68 -2.36 19.55 38.09
N VAL D 69 -2.47 18.95 36.91
CA VAL D 69 -2.94 17.57 36.78
C VAL D 69 -1.71 16.70 36.55
N ASP D 70 -1.19 16.14 37.64
CA ASP D 70 0.02 15.33 37.59
C ASP D 70 -0.24 13.94 37.02
N ALA D 71 -1.47 13.47 37.06
CA ALA D 71 -1.81 12.13 36.58
C ALA D 71 -3.32 12.04 36.39
N LEU D 72 -3.72 11.14 35.49
CA LEU D 72 -5.14 10.94 35.19
C LEU D 72 -5.36 9.49 34.79
N ALA D 73 -6.46 8.91 35.27
CA ALA D 73 -6.81 7.53 34.97
C ALA D 73 -8.27 7.45 34.56
N THR D 74 -8.55 6.71 33.49
CA THR D 74 -9.90 6.53 32.98
C THR D 74 -10.28 5.05 33.07
N ASP D 75 -11.45 4.78 33.62
CA ASP D 75 -11.84 3.44 34.04
C ASP D 75 -12.16 2.55 32.85
N PRO D 76 -11.47 1.41 32.66
CA PRO D 76 -11.79 0.53 31.53
C PRO D 76 -12.98 -0.39 31.76
N ILE D 77 -13.43 -0.53 33.00
CA ILE D 77 -14.61 -1.34 33.29
C ILE D 77 -15.89 -0.50 33.27
N ASP D 78 -15.84 0.69 33.86
CA ASP D 78 -16.94 1.66 33.79
C ASP D 78 -16.39 2.95 33.21
N PRO D 79 -16.47 3.14 31.89
CA PRO D 79 -15.85 4.33 31.27
C PRO D 79 -16.45 5.66 31.70
N ASN D 80 -17.53 5.67 32.49
CA ASN D 80 -18.03 6.93 33.02
C ASN D 80 -17.11 7.50 34.09
N LYS D 81 -16.24 6.68 34.66
CA LYS D 81 -15.44 7.08 35.81
C LYS D 81 -14.05 7.52 35.37
N VAL D 82 -13.56 8.59 36.00
CA VAL D 82 -12.24 9.15 35.70
C VAL D 82 -11.69 9.76 37.00
N TYR D 83 -10.37 9.65 37.17
CA TYR D 83 -9.69 10.10 38.37
C TYR D 83 -8.49 10.96 37.99
N ALA D 85 -4.89 12.87 39.92
CA ALA D 85 -4.03 13.34 41.01
C ALA D 85 -3.65 14.78 40.71
N THR D 86 -4.11 15.71 41.54
CA THR D 86 -3.92 17.13 41.29
C THR D 86 -3.21 17.79 42.45
N GLY D 87 -2.64 18.96 42.16
CA GLY D 87 -1.66 19.62 42.99
C GLY D 87 -0.56 20.10 42.08
N THR D 88 -0.05 21.31 42.29
CA THR D 88 0.80 21.95 41.29
C THR D 88 2.29 21.86 41.63
N TYR D 89 2.67 22.20 42.86
CA TYR D 89 4.08 22.20 43.23
C TYR D 89 4.28 21.39 44.51
N THR D 90 5.48 20.81 44.63
CA THR D 90 5.86 20.08 45.82
C THR D 90 6.84 20.85 46.70
N ASN D 91 7.19 22.07 46.31
CA ASN D 91 8.02 22.90 47.17
C ASN D 91 7.11 23.81 48.00
N HIS D 92 7.63 24.94 48.48
CA HIS D 92 6.88 25.85 49.32
C HIS D 92 5.86 26.69 48.56
N TRP D 93 5.81 26.58 47.23
CA TRP D 93 4.87 27.34 46.42
C TRP D 93 3.44 26.82 46.50
N ASP D 94 3.20 25.70 47.16
CA ASP D 94 1.90 25.05 47.11
C ASP D 94 1.65 24.31 48.41
N ASN D 95 0.40 23.90 48.60
CA ASN D 95 -0.02 23.07 49.72
C ASN D 95 -0.25 21.65 49.22
N ASN D 96 -0.83 20.82 50.09
CA ASN D 96 -1.00 19.41 49.78
C ASN D 96 -1.94 19.22 48.59
N GLY D 97 -1.80 18.06 47.94
CA GLY D 97 -2.60 17.72 46.79
C GLY D 97 -3.83 16.91 47.16
N GLN D 98 -4.40 16.25 46.16
CA GLN D 98 -5.64 15.51 46.34
C GLN D 98 -5.83 14.57 45.16
N ILE D 99 -6.60 13.51 45.41
CA ILE D 99 -7.13 12.66 44.36
C ILE D 99 -8.57 13.08 44.10
N ARG D 101 -12.21 12.42 41.92
CA ARG D 101 -12.94 11.30 41.32
C ARG D 101 -14.26 11.80 40.73
N SER D 102 -14.63 11.24 39.59
CA SER D 102 -15.85 11.63 38.89
C SER D 102 -16.61 10.41 38.42
N ASN D 103 -17.94 10.47 38.56
CA ASN D 103 -18.86 9.44 38.07
C ASN D 103 -19.36 9.75 36.67
N ASP D 104 -19.06 10.92 36.12
CA ASP D 104 -19.70 11.41 34.90
C ASP D 104 -18.66 12.05 33.98
N ARG D 105 -17.51 11.41 33.82
CA ARG D 105 -16.50 11.79 32.82
C ARG D 105 -15.99 13.21 33.03
N GLY D 106 -16.00 13.68 34.27
CA GLY D 106 -15.43 14.97 34.59
C GLY D 106 -16.41 16.12 34.67
N ASN D 107 -17.72 15.87 34.55
CA ASN D 107 -18.69 16.95 34.68
C ASN D 107 -18.76 17.44 36.12
N THR D 108 -18.71 16.52 37.09
CA THR D 108 -18.68 16.86 38.49
C THR D 108 -17.58 16.05 39.17
N TRP D 109 -17.03 16.58 40.26
CA TRP D 109 -15.92 15.95 40.95
C TRP D 109 -16.17 15.88 42.44
N GLN D 110 -15.62 14.84 43.06
CA GLN D 110 -15.42 14.79 44.50
C GLN D 110 -13.92 14.70 44.77
N THR D 111 -13.51 15.15 45.95
CA THR D 111 -12.10 15.33 46.27
C THR D 111 -11.74 14.59 47.54
N THR D 112 -10.62 13.87 47.51
CA THR D 112 -10.02 13.29 48.72
C THR D 112 -8.65 13.94 48.93
N PRO D 113 -8.49 14.77 49.95
CA PRO D 113 -7.17 15.37 50.21
C PRO D 113 -6.12 14.32 50.50
N LEU D 114 -4.88 14.61 50.08
CA LEU D 114 -3.73 13.78 50.35
C LEU D 114 -2.84 14.44 51.40
N PRO D 115 -2.15 13.65 52.24
CA PRO D 115 -1.32 14.26 53.29
C PRO D 115 0.04 14.70 52.78
N PHE D 116 0.15 14.93 51.49
CA PHE D 116 1.41 15.36 50.88
C PHE D 116 1.10 16.10 49.58
N LYS D 117 2.15 16.66 49.00
CA LYS D 117 1.99 17.55 47.84
C LYS D 117 2.10 16.77 46.53
N VAL D 118 1.33 17.21 45.55
CA VAL D 118 1.31 16.65 44.21
C VAL D 118 1.95 17.67 43.27
N GLY D 119 2.59 17.19 42.21
CA GLY D 119 3.43 18.06 41.42
C GLY D 119 3.11 18.21 39.95
N GLY D 120 1.92 18.75 39.65
CA GLY D 120 1.49 18.87 38.26
C GLY D 120 2.42 19.72 37.42
N ASN D 121 3.12 20.68 38.02
CA ASN D 121 4.04 21.56 37.31
C ASN D 121 5.48 21.36 37.79
N PRO D 123 9.21 18.94 37.73
CA PRO D 123 9.96 18.12 36.77
C PRO D 123 9.42 16.69 36.71
N GLY D 124 9.56 16.08 35.54
CA GLY D 124 9.10 14.72 35.35
C GLY D 124 7.62 14.55 35.16
N ARG D 125 6.88 15.64 34.93
CA ARG D 125 5.42 15.56 34.87
C ARG D 125 4.93 14.83 33.62
N SER D 126 5.77 14.64 32.61
CA SER D 126 5.35 13.89 31.43
C SER D 126 5.63 12.40 31.54
N ALA D 127 6.35 11.97 32.57
CA ALA D 127 6.46 10.55 32.86
C ALA D 127 5.13 10.06 33.45
N GLY D 128 4.76 8.83 33.10
CA GLY D 128 3.54 8.27 33.64
C GLY D 128 3.02 7.13 32.80
N GLU D 129 1.76 6.77 33.04
CA GLU D 129 0.92 7.43 34.04
C GLU D 129 1.20 6.90 35.45
N ARG D 130 1.09 7.78 36.44
CA ARG D 130 1.36 7.44 37.82
C ARG D 130 0.10 7.20 38.65
N LEU D 131 -1.07 7.32 38.03
CA LEU D 131 -2.35 6.96 38.64
C LEU D 131 -3.04 5.98 37.71
N VAL D 132 -3.36 4.79 38.22
CA VAL D 132 -3.94 3.73 37.38
C VAL D 132 -5.07 3.03 38.12
N ILE D 133 -5.97 2.46 37.34
CA ILE D 133 -7.10 1.67 37.83
C ILE D 133 -6.86 0.22 37.47
N ASP D 134 -7.09 -0.68 38.41
CA ASP D 134 -6.97 -2.11 38.13
C ASP D 134 -7.94 -2.50 37.02
N PRO D 135 -7.45 -2.95 35.86
CA PRO D 135 -8.36 -3.23 34.74
C PRO D 135 -9.28 -4.43 34.96
N ASN D 136 -9.06 -5.22 36.02
CA ASN D 136 -9.92 -6.34 36.34
C ASN D 136 -10.78 -6.10 37.57
N LYS D 137 -10.50 -5.04 38.33
CA LYS D 137 -11.21 -4.77 39.58
C LYS D 137 -11.10 -3.26 39.81
N ASN D 138 -12.05 -2.52 39.24
CA ASN D 138 -11.88 -1.07 39.10
C ASN D 138 -12.10 -0.29 40.38
N ASN D 139 -12.38 -0.95 41.51
CA ASN D 139 -12.37 -0.27 42.80
C ASN D 139 -10.96 -0.09 43.35
N ILE D 140 -9.97 -0.72 42.72
CA ILE D 140 -8.58 -0.64 43.15
C ILE D 140 -7.84 0.37 42.29
N LEU D 141 -7.14 1.30 42.94
CA LEU D 141 -6.30 2.26 42.25
C LEU D 141 -4.94 2.34 42.94
N TYR D 142 -3.90 2.63 42.16
CA TYR D 142 -2.56 2.84 42.65
C TYR D 142 -2.07 4.22 42.22
N PHE D 143 -1.32 4.88 43.11
CA PHE D 143 -0.75 6.19 42.83
C PHE D 143 0.72 6.21 43.21
N GLY D 144 1.58 6.58 42.26
CA GLY D 144 3.00 6.71 42.51
C GLY D 144 3.39 8.15 42.78
N ALA D 145 3.82 8.43 43.99
CA ALA D 145 3.93 9.80 44.50
C ALA D 145 5.36 10.33 44.40
N ARG D 146 5.49 11.64 44.63
CA ARG D 146 6.74 12.34 44.56
C ARG D 146 7.36 12.51 45.95
N SER D 147 8.58 13.05 45.96
CA SER D 147 9.24 13.56 47.16
C SER D 147 9.51 12.49 48.21
N GLY D 148 9.54 11.23 47.80
CA GLY D 148 9.76 10.14 48.74
C GLY D 148 8.50 9.62 49.39
N ASN D 149 7.33 10.08 48.99
CA ASN D 149 6.07 9.58 49.54
C ASN D 149 5.71 8.20 49.02
N GLY D 150 6.37 7.73 47.96
CA GLY D 150 6.27 6.33 47.59
C GLY D 150 4.97 5.97 46.90
N LEU D 151 4.54 4.73 47.13
CA LEU D 151 3.40 4.14 46.44
C LEU D 151 2.18 4.12 47.36
N TRP D 152 1.03 4.53 46.82
CA TRP D 152 -0.21 4.59 47.58
C TRP D 152 -1.30 3.81 46.86
N LYS D 153 -2.29 3.38 47.63
CA LYS D 153 -3.31 2.43 47.16
C LYS D 153 -4.67 2.84 47.68
N SER D 154 -5.69 2.64 46.85
CA SER D 154 -7.08 2.71 47.27
C SER D 154 -7.79 1.43 46.84
N ILE D 155 -8.65 0.92 47.70
CA ILE D 155 -9.50 -0.22 47.34
C ILE D 155 -10.98 0.13 47.39
N ASP D 156 -11.31 1.41 47.53
CA ASP D 156 -12.70 1.87 47.56
C ASP D 156 -12.92 2.98 46.53
N SER D 157 -12.39 2.76 45.32
CA SER D 157 -12.61 3.64 44.17
C SER D 157 -12.15 5.08 44.47
N GLY D 158 -10.99 5.21 45.09
CA GLY D 158 -10.36 6.50 45.29
C GLY D 158 -10.87 7.31 46.46
N VAL D 159 -11.76 6.77 47.28
CA VAL D 159 -12.30 7.55 48.40
C VAL D 159 -11.29 7.68 49.52
N THR D 160 -10.61 6.58 49.87
CA THR D 160 -9.58 6.60 50.89
C THR D 160 -8.31 6.00 50.32
N TRP D 161 -7.17 6.50 50.81
CA TRP D 161 -5.86 6.09 50.30
C TRP D 161 -4.94 5.75 51.46
N SER D 162 -4.08 4.76 51.24
CA SER D 162 -3.09 4.38 52.24
C SER D 162 -1.79 4.02 51.56
N LYS D 163 -0.69 4.21 52.29
CA LYS D 163 0.64 3.97 51.76
C LYS D 163 0.91 2.47 51.68
N VAL D 164 1.47 2.03 50.54
CA VAL D 164 1.91 0.65 50.40
C VAL D 164 3.31 0.55 50.97
N THR D 165 3.40 0.20 52.26
CA THR D 165 4.68 0.23 52.96
C THR D 165 5.64 -0.86 52.48
N SER D 166 5.14 -1.87 51.77
CA SER D 166 6.02 -2.91 51.25
C SER D 166 6.81 -2.47 50.02
N PHE D 167 6.46 -1.33 49.40
CA PHE D 167 7.20 -0.90 48.24
C PHE D 167 8.58 -0.39 48.66
N PRO D 168 9.66 -0.87 48.05
CA PRO D 168 11.00 -0.72 48.61
C PRO D 168 11.84 0.45 48.09
N ASN D 169 11.33 1.28 47.18
CA ASN D 169 12.15 2.30 46.55
C ASN D 169 11.27 3.51 46.27
N VAL D 170 11.42 4.56 47.08
CA VAL D 170 10.64 5.78 46.89
C VAL D 170 11.32 6.74 45.92
N GLY D 171 12.46 6.38 45.37
CA GLY D 171 13.18 7.20 44.42
C GLY D 171 14.49 7.71 45.01
N THR D 172 15.44 8.01 44.12
CA THR D 172 16.69 8.65 44.51
C THR D 172 17.04 9.88 43.68
N TYR D 173 16.52 10.02 42.47
CA TYR D 173 16.93 11.10 41.59
C TYR D 173 16.30 12.42 42.01
N ILE D 174 17.12 13.47 42.04
CA ILE D 174 16.68 14.84 42.28
C ILE D 174 17.19 15.69 41.12
N GLN D 175 16.30 16.46 40.50
CA GLN D 175 16.71 17.19 39.30
C GLN D 175 17.59 18.39 39.65
N ASN D 176 17.17 19.20 40.63
CA ASN D 176 17.88 20.42 40.99
C ASN D 176 18.07 20.48 42.51
N PRO D 177 18.99 19.68 43.05
CA PRO D 177 19.23 19.71 44.51
C PRO D 177 19.71 21.07 45.00
N THR D 178 20.23 21.92 44.13
CA THR D 178 20.74 23.23 44.52
C THR D 178 19.63 24.28 44.57
N LEU D 179 18.58 24.11 43.78
CA LEU D 179 17.62 25.17 43.52
C LEU D 179 16.43 25.11 44.47
N ASP D 180 15.60 26.16 44.40
CA ASP D 180 14.35 26.24 45.15
C ASP D 180 13.25 25.41 44.51
N TYR D 181 13.41 25.02 43.26
CA TYR D 181 12.40 24.31 42.49
C TYR D 181 12.98 22.98 42.02
N GLY D 182 12.41 21.88 42.48
CA GLY D 182 12.89 20.58 42.11
C GLY D 182 14.04 20.06 42.94
N ASN D 183 14.19 20.52 44.18
CA ASN D 183 15.20 19.98 45.07
C ASN D 183 14.72 18.73 45.81
N ASP D 184 13.49 18.29 45.56
CA ASP D 184 12.95 17.09 46.17
C ASP D 184 13.09 15.90 45.23
N LEU D 185 12.83 14.71 45.77
CA LEU D 185 12.86 13.50 44.96
C LEU D 185 11.75 13.54 43.93
N VAL D 186 12.08 13.16 42.69
CA VAL D 186 11.06 13.02 41.67
C VAL D 186 10.07 11.93 42.07
N GLY D 187 10.57 10.84 42.64
CA GLY D 187 9.72 9.78 43.14
C GLY D 187 9.45 8.68 42.13
N LEU D 188 8.23 8.17 42.12
CA LEU D 188 7.87 7.10 41.20
C LEU D 188 7.47 7.69 39.86
N SER D 189 7.60 6.86 38.81
CA SER D 189 7.53 7.36 37.44
C SER D 189 6.33 6.84 36.65
N TRP D 190 5.93 5.58 36.84
CA TRP D 190 4.77 5.04 36.16
C TRP D 190 4.38 3.73 36.82
N ILE D 191 3.13 3.32 36.58
CA ILE D 191 2.59 2.06 37.08
C ILE D 191 1.84 1.37 35.95
N THR D 192 2.07 0.08 35.77
CA THR D 192 1.47 -0.68 34.68
C THR D 192 1.00 -2.04 35.17
N PHE D 193 -0.30 -2.31 35.02
CA PHE D 193 -0.85 -3.62 35.31
C PHE D 193 -0.58 -4.59 34.17
N ASP D 194 -0.53 -5.88 34.49
CA ASP D 194 -0.59 -6.95 33.50
C ASP D 194 -2.00 -7.52 33.57
N LYS D 195 -2.87 -7.06 32.67
CA LYS D 195 -4.28 -7.43 32.72
C LYS D 195 -4.49 -8.93 32.68
N SER D 196 -3.56 -9.67 32.07
CA SER D 196 -3.72 -11.12 31.95
C SER D 196 -3.50 -11.85 33.27
N THR D 197 -3.07 -11.16 34.32
CA THR D 197 -2.88 -11.78 35.64
C THR D 197 -4.06 -11.51 36.57
N GLY D 198 -5.21 -11.16 36.02
CA GLY D 198 -6.44 -11.07 36.79
C GLY D 198 -7.61 -11.42 35.89
N THR D 199 -8.77 -11.53 36.51
CA THR D 199 -10.02 -11.71 35.78
C THR D 199 -11.05 -10.73 36.36
N LEU D 200 -12.11 -10.50 35.59
CA LEU D 200 -13.13 -9.54 36.00
C LEU D 200 -13.67 -9.89 37.38
N GLY D 201 -13.56 -8.95 38.31
CA GLY D 201 -13.94 -9.17 39.69
C GLY D 201 -12.84 -9.71 40.57
N ASN D 202 -11.61 -9.80 40.07
CA ASN D 202 -10.50 -10.36 40.84
C ASN D 202 -9.26 -9.52 40.58
N ALA D 203 -8.64 -9.04 41.66
CA ALA D 203 -7.56 -8.08 41.55
C ALA D 203 -6.42 -8.59 40.66
N THR D 204 -5.89 -7.70 39.82
CA THR D 204 -4.76 -8.03 38.98
C THR D 204 -3.53 -8.28 39.85
N GLN D 205 -2.86 -9.41 39.60
CA GLN D 205 -1.81 -9.86 40.51
C GLN D 205 -0.42 -9.35 40.14
N THR D 206 -0.15 -9.08 38.88
CA THR D 206 1.15 -8.58 38.46
C THR D 206 1.05 -7.08 38.17
N ILE D 207 1.91 -6.30 38.82
CA ILE D 207 1.95 -4.85 38.66
C ILE D 207 3.41 -4.46 38.47
N TYR D 208 3.66 -3.60 37.48
CA TYR D 208 4.99 -3.05 37.25
C TYR D 208 5.01 -1.59 37.70
N VAL D 209 6.13 -1.17 38.28
CA VAL D 209 6.31 0.20 38.75
C VAL D 209 7.67 0.71 38.30
N GLY D 210 7.69 1.87 37.67
CA GLY D 210 8.92 2.56 37.34
C GLY D 210 9.24 3.60 38.40
N VAL D 211 10.53 3.74 38.72
CA VAL D 211 10.99 4.61 39.79
C VAL D 211 12.14 5.46 39.28
N ALA D 212 12.14 6.74 39.64
CA ALA D 212 13.20 7.67 39.24
C ALA D 212 14.43 7.41 40.11
N ASP D 213 15.16 6.35 39.74
CA ASP D 213 16.38 5.96 40.43
C ASP D 213 17.25 5.25 39.40
N THR D 214 18.38 5.88 39.02
CA THR D 214 19.20 5.34 37.93
C THR D 214 19.83 3.99 38.29
N ALA D 215 19.99 3.68 39.57
CA ALA D 215 20.61 2.42 39.97
C ALA D 215 19.62 1.26 39.98
N SER D 216 18.32 1.54 40.10
CA SER D 216 17.31 0.50 40.24
C SER D 216 15.93 1.10 40.01
N SER D 217 15.40 0.98 38.80
CA SER D 217 14.27 1.80 38.38
C SER D 217 12.99 1.05 38.08
N VAL D 218 13.05 -0.27 37.85
CA VAL D 218 11.87 -1.03 37.45
C VAL D 218 11.61 -2.12 38.48
N TYR D 219 10.41 -2.12 39.04
CA TYR D 219 10.01 -3.06 40.08
C TYR D 219 8.76 -3.81 39.65
N ARG D 220 8.56 -4.98 40.26
CA ARG D 220 7.42 -5.82 39.93
C ARG D 220 6.89 -6.49 41.19
N SER D 221 5.57 -6.56 41.27
CA SER D 221 4.87 -7.44 42.20
C SER D 221 4.11 -8.49 41.39
N THR D 222 4.07 -9.71 41.89
CA THR D 222 3.26 -10.76 41.26
C THR D 222 2.19 -11.30 42.19
N ASP D 223 2.00 -10.69 43.36
CA ASP D 223 0.99 -11.12 44.32
C ASP D 223 0.03 -9.97 44.66
N GLY D 224 -0.31 -9.15 43.67
CA GLY D 224 -1.25 -8.09 43.89
C GLY D 224 -0.75 -6.93 44.72
N GLY D 225 0.56 -6.73 44.80
CA GLY D 225 1.11 -5.64 45.55
C GLY D 225 1.55 -5.96 46.96
N VAL D 226 1.46 -7.23 47.38
CA VAL D 226 1.87 -7.58 48.73
C VAL D 226 3.39 -7.47 48.88
N THR D 227 4.13 -8.07 47.96
CA THR D 227 5.59 -8.00 47.96
C THR D 227 6.09 -7.42 46.63
N TRP D 228 7.31 -6.90 46.65
CA TRP D 228 7.88 -6.22 45.50
C TRP D 228 9.33 -6.62 45.31
N THR D 229 9.77 -6.62 44.05
CA THR D 229 11.11 -7.05 43.70
C THR D 229 11.59 -6.28 42.48
N ALA D 230 12.82 -5.78 42.53
CA ALA D 230 13.41 -5.16 41.35
C ALA D 230 13.57 -6.18 40.24
N LEU D 231 13.20 -5.79 39.02
CA LEU D 231 13.26 -6.69 37.88
C LEU D 231 14.70 -7.08 37.59
N ALA D 232 14.99 -8.38 37.72
CA ALA D 232 16.34 -8.87 37.49
C ALA D 232 16.79 -8.58 36.06
N GLY D 233 18.04 -8.14 35.93
CA GLY D 233 18.66 -7.93 34.63
C GLY D 233 18.41 -6.58 34.00
N GLN D 234 17.71 -5.67 34.68
CA GLN D 234 17.34 -4.40 34.09
C GLN D 234 18.58 -3.52 33.87
N PRO D 235 18.52 -2.62 32.88
CA PRO D 235 19.65 -1.71 32.67
C PRO D 235 19.69 -0.63 33.75
N THR D 236 20.87 -0.04 33.90
CA THR D 236 21.09 1.01 34.89
C THR D 236 21.65 2.26 34.22
N GLY D 237 21.61 3.36 34.97
CA GLY D 237 22.18 4.62 34.53
C GLY D 237 21.18 5.64 34.03
N PHE D 238 19.94 5.23 33.75
CA PHE D 238 18.96 6.11 33.12
C PHE D 238 17.67 6.09 33.92
N LEU D 239 16.71 6.92 33.47
CA LEU D 239 15.44 7.13 34.16
C LEU D 239 14.30 6.75 33.24
N PRO D 240 13.48 5.76 33.58
CA PRO D 240 12.43 5.28 32.67
C PRO D 240 11.25 6.23 32.63
N HIS D 241 10.92 6.70 31.42
CA HIS D 241 9.85 7.68 31.24
C HIS D 241 8.49 7.03 31.17
N HIS D 242 8.37 5.95 30.39
CA HIS D 242 7.14 5.18 30.28
C HIS D 242 7.49 3.70 30.28
N GLY D 243 6.58 2.90 30.83
CA GLY D 243 6.69 1.46 30.73
C GLY D 243 5.35 0.88 30.32
N GLU D 244 5.26 0.37 29.09
CA GLU D 244 3.98 -0.06 28.55
C GLU D 244 4.07 -1.51 28.10
N LEU D 245 3.08 -2.29 28.49
CA LEU D 245 3.05 -3.73 28.26
C LEU D 245 2.17 -4.03 27.07
N SER D 246 2.72 -4.71 26.07
CA SER D 246 1.95 -5.10 24.91
C SER D 246 1.11 -6.34 25.24
N SER D 247 0.10 -6.58 24.39
CA SER D 247 -0.77 -7.73 24.58
C SER D 247 -0.03 -9.05 24.44
N THR D 248 1.23 -9.03 24.01
CA THR D 248 2.06 -10.23 23.89
C THR D 248 3.05 -10.39 25.03
N GLY D 249 2.94 -9.57 26.08
CA GLY D 249 3.79 -9.73 27.23
C GLY D 249 5.15 -9.09 27.14
N ASP D 250 5.38 -8.21 26.17
CA ASP D 250 6.62 -7.45 26.09
C ASP D 250 6.43 -6.12 26.79
N LEU D 251 7.31 -5.82 27.75
CA LEU D 251 7.30 -4.54 28.44
C LEU D 251 8.32 -3.62 27.77
N TYR D 252 7.83 -2.57 27.13
CA TYR D 252 8.67 -1.58 26.47
C TYR D 252 8.87 -0.39 27.38
N ILE D 253 10.11 0.11 27.43
CA ILE D 253 10.48 1.16 28.38
C ILE D 253 11.37 2.17 27.67
N THR D 254 10.96 3.44 27.69
CA THR D 254 11.82 4.52 27.22
C THR D 254 12.62 5.10 28.39
N TYR D 255 13.89 5.38 28.14
CA TYR D 255 14.80 5.89 29.17
C TYR D 255 15.40 7.22 28.72
N SER D 256 15.67 8.08 29.70
CA SER D 256 16.37 9.33 29.49
C SER D 256 17.30 9.56 30.67
N ASN D 257 18.37 10.32 30.45
CA ASN D 257 19.23 10.65 31.58
C ASN D 257 18.72 11.84 32.38
N GLY D 258 17.50 12.30 32.07
CA GLY D 258 16.77 13.23 32.90
C GLY D 258 15.31 12.81 32.96
N VAL D 259 14.53 13.54 33.78
CA VAL D 259 13.11 13.26 33.89
C VAL D 259 12.27 14.20 33.03
N GLY D 260 12.89 15.17 32.37
CA GLY D 260 12.17 16.08 31.52
C GLY D 260 11.44 17.15 32.31
N PRO D 261 10.67 17.99 31.62
CA PRO D 261 10.40 17.92 30.18
C PRO D 261 11.45 18.61 29.30
N TYR D 262 12.36 19.35 29.90
CA TYR D 262 13.27 20.21 29.15
C TYR D 262 14.62 19.57 28.83
N ASP D 263 15.07 18.61 29.63
CA ASP D 263 16.43 18.09 29.49
C ASP D 263 16.41 16.74 28.76
N GLY D 264 17.48 15.97 28.90
CA GLY D 264 17.60 14.71 28.20
C GLY D 264 18.64 14.75 27.10
N SER D 265 19.88 14.37 27.42
CA SER D 265 20.98 14.40 26.47
C SER D 265 21.52 13.01 26.15
N LYS D 266 20.89 11.96 26.69
CA LYS D 266 21.24 10.57 26.41
C LYS D 266 20.00 9.73 26.70
N GLY D 267 19.82 8.66 25.94
CA GLY D 267 18.63 7.84 26.13
C GLY D 267 18.81 6.45 25.60
N GLU D 268 17.93 5.56 26.07
CA GLU D 268 17.86 4.19 25.60
C GLU D 268 16.40 3.77 25.52
N VAL D 269 16.15 2.69 24.77
CA VAL D 269 14.86 2.01 24.76
C VAL D 269 15.12 0.52 24.94
N TRP D 270 14.42 -0.10 25.89
CA TRP D 270 14.59 -1.50 26.19
C TRP D 270 13.25 -2.21 26.13
N LYS D 271 13.30 -3.52 25.90
CA LYS D 271 12.11 -4.35 26.03
C LYS D 271 12.44 -5.52 26.96
N TYR D 272 11.46 -5.90 27.76
CA TYR D 272 11.57 -6.99 28.71
C TYR D 272 10.44 -7.97 28.41
N ASN D 273 10.79 -9.23 28.17
CA ASN D 273 9.79 -10.26 27.92
C ASN D 273 9.42 -10.91 29.24
N LYS D 274 8.14 -10.84 29.61
CA LYS D 274 7.68 -11.35 30.89
C LYS D 274 7.81 -12.87 31.00
N THR D 275 7.86 -13.58 29.88
CA THR D 275 7.91 -15.04 29.92
C THR D 275 9.34 -15.56 30.07
N SER D 276 10.26 -15.06 29.25
CA SER D 276 11.66 -15.47 29.34
C SER D 276 12.46 -14.64 30.34
N GLY D 277 11.95 -13.47 30.73
CA GLY D 277 12.74 -12.57 31.56
C GLY D 277 13.90 -11.93 30.84
N ALA D 278 13.94 -12.00 29.51
CA ALA D 278 15.07 -11.50 28.73
C ALA D 278 14.90 -10.02 28.44
N TRP D 279 15.98 -9.26 28.63
CA TRP D 279 16.03 -7.85 28.28
C TRP D 279 16.69 -7.68 26.93
N THR D 280 16.18 -6.75 26.13
CA THR D 280 16.76 -6.46 24.83
C THR D 280 16.85 -4.95 24.63
N ASN D 281 18.05 -4.48 24.31
CA ASN D 281 18.27 -3.07 23.99
C ASN D 281 17.77 -2.83 22.57
N ILE D 282 16.71 -2.02 22.43
CA ILE D 282 16.13 -1.72 21.13
C ILE D 282 16.22 -0.22 20.87
N SER D 283 17.24 0.42 21.42
CA SER D 283 17.39 1.87 21.26
C SER D 283 17.51 2.21 19.78
N PRO D 284 16.72 3.14 19.27
CA PRO D 284 16.86 3.52 17.84
C PRO D 284 18.23 4.05 17.50
N THR D 285 18.85 4.81 18.41
CA THR D 285 20.18 5.36 18.20
C THR D 285 21.03 5.11 19.44
N THR D 286 22.33 4.93 19.22
CA THR D 286 23.28 4.65 20.29
C THR D 286 24.54 5.46 20.06
N GLY D 287 25.40 5.47 21.07
CA GLY D 287 26.69 6.14 20.94
C GLY D 287 26.56 7.59 20.56
N THR D 288 27.45 8.05 19.68
CA THR D 288 27.44 9.44 19.24
C THR D 288 26.25 9.76 18.34
N ASP D 289 25.51 8.75 17.88
CA ASP D 289 24.26 8.97 17.15
C ASP D 289 23.12 9.37 18.08
N ASN D 290 23.30 9.21 19.38
CA ASN D 290 22.27 9.55 20.37
C ASN D 290 22.79 10.68 21.24
N TRP D 291 22.03 11.77 21.29
CA TRP D 291 22.34 12.91 22.15
C TRP D 291 21.09 13.42 22.84
N TYR D 292 20.13 12.52 23.07
CA TYR D 292 18.82 12.89 23.57
C TYR D 292 18.23 11.70 24.30
N GLY D 293 17.41 11.97 25.30
CA GLY D 293 16.63 10.92 25.90
C GLY D 293 15.50 10.48 25.01
N PHE D 294 14.87 9.39 25.40
CA PHE D 294 13.63 8.93 24.77
C PHE D 294 12.49 9.10 25.77
N GLY D 295 11.43 9.76 25.33
CA GLY D 295 10.31 10.02 26.20
C GLY D 295 9.06 9.31 25.74
N GLY D 296 8.33 9.95 24.83
CA GLY D 296 7.09 9.40 24.30
C GLY D 296 7.20 7.94 23.90
N LEU D 297 6.20 7.14 24.27
CA LEU D 297 6.16 5.73 23.94
C LEU D 297 4.72 5.36 23.62
N ALA D 298 4.48 4.93 22.39
CA ALA D 298 3.14 4.55 21.94
C ALA D 298 3.19 3.13 21.40
N LEU D 299 2.43 2.24 22.02
CA LEU D 299 2.21 0.92 21.46
C LEU D 299 0.91 0.91 20.65
N ASP D 300 0.91 0.09 19.61
CA ASP D 300 -0.28 -0.09 18.78
C ASP D 300 -1.06 -1.28 19.33
N ALA D 301 -2.20 -0.99 19.98
CA ALA D 301 -2.97 -2.06 20.62
C ALA D 301 -3.43 -3.10 19.61
N GLN D 302 -3.82 -2.66 18.41
CA GLN D 302 -4.31 -3.59 17.39
C GLN D 302 -3.21 -4.42 16.76
N HIS D 303 -1.96 -3.95 16.83
CA HIS D 303 -0.83 -4.61 16.17
C HIS D 303 0.32 -4.63 17.16
N PRO D 304 0.40 -5.67 18.01
CA PRO D 304 1.26 -5.60 19.20
C PRO D 304 2.75 -5.50 18.91
N ASN D 305 3.22 -5.72 17.70
CA ASN D 305 4.63 -5.55 17.39
C ASN D 305 4.94 -4.18 16.79
N THR D 306 3.96 -3.28 16.75
CA THR D 306 4.15 -1.93 16.27
C THR D 306 4.23 -0.98 17.45
N LEU D 307 5.26 -0.13 17.47
CA LEU D 307 5.40 0.87 18.52
C LEU D 307 6.16 2.07 17.98
N VAL D 309 8.46 5.73 19.40
CA VAL D 309 9.06 6.51 20.47
C VAL D 309 9.47 7.86 19.90
N SER D 310 9.64 8.83 20.79
CA SER D 310 10.01 10.19 20.42
C SER D 310 11.23 10.64 21.22
N SER D 311 12.05 11.48 20.58
CA SER D 311 13.21 12.04 21.24
C SER D 311 12.78 13.05 22.30
N LEU D 312 13.65 13.23 23.30
CA LEU D 312 13.37 14.14 24.40
C LEU D 312 14.69 14.46 25.11
N ASN D 313 15.38 15.50 24.63
CA ASN D 313 15.01 16.30 23.47
C ASN D 313 16.18 16.34 22.49
N ALA D 314 15.92 16.12 21.20
CA ALA D 314 16.99 16.22 20.21
C ALA D 314 17.29 17.67 19.84
N TRP D 315 16.26 18.51 19.81
CA TRP D 315 16.35 19.96 19.57
C TRP D 315 16.70 20.31 18.12
N TRP D 316 17.79 19.77 17.58
CA TRP D 316 18.26 20.23 16.28
C TRP D 316 18.41 19.06 15.30
N PRO D 317 17.92 19.19 14.06
CA PRO D 317 17.18 20.37 13.59
C PRO D 317 15.74 20.35 14.07
N ASP D 318 15.33 19.20 14.59
CA ASP D 318 13.97 18.94 15.02
C ASP D 318 13.99 17.64 15.84
N GLU D 319 12.89 17.37 16.52
CA GLU D 319 12.77 16.09 17.19
C GLU D 319 12.58 14.98 16.15
N VAL D 320 12.61 13.73 16.62
CA VAL D 320 12.42 12.57 15.77
C VAL D 320 11.39 11.66 16.42
N ILE D 321 10.48 11.14 15.59
CA ILE D 321 9.64 10.01 15.97
C ILE D 321 10.16 8.79 15.24
N PHE D 322 10.44 7.72 15.99
CA PHE D 322 10.86 6.45 15.42
C PHE D 322 9.69 5.48 15.47
N ARG D 323 9.48 4.73 14.39
CA ARG D 323 8.41 3.76 14.30
C ARG D 323 9.00 2.39 13.98
N SER D 324 8.57 1.38 14.73
CA SER D 324 8.96 0.00 14.48
C SER D 324 7.70 -0.85 14.36
N THR D 325 7.71 -1.75 13.37
CA THR D 325 6.65 -2.74 13.22
C THR D 325 7.12 -4.15 13.53
N ASN D 326 8.30 -4.30 14.11
CA ASN D 326 8.84 -5.61 14.45
C ASN D 326 9.36 -5.62 15.89
N GLY D 327 8.58 -5.04 16.82
CA GLY D 327 8.95 -5.07 18.22
C GLY D 327 10.26 -4.42 18.54
N GLY D 328 10.70 -3.46 17.72
CA GLY D 328 11.91 -2.73 17.99
C GLY D 328 13.18 -3.32 17.39
N ALA D 329 13.07 -4.33 16.53
CA ALA D 329 14.26 -4.89 15.91
C ALA D 329 14.90 -3.88 14.97
N THR D 330 14.09 -3.15 14.20
CA THR D 330 14.56 -2.05 13.37
C THR D 330 13.58 -0.89 13.52
N TRP D 331 14.06 0.31 13.18
CA TRP D 331 13.27 1.52 13.32
C TRP D 331 13.28 2.31 12.02
N SER D 332 12.16 2.98 11.75
CA SER D 332 12.06 3.95 10.66
C SER D 332 11.92 5.34 11.26
N ARG D 333 12.75 6.26 10.79
CA ARG D 333 12.65 7.65 11.23
C ARG D 333 11.55 8.37 10.46
N ILE D 334 10.91 9.34 11.14
CA ILE D 334 9.89 10.14 10.46
C ILE D 334 10.51 11.18 9.53
N TRP D 335 11.81 11.46 9.67
CA TRP D 335 12.53 12.25 8.69
C TRP D 335 13.98 11.79 8.64
N ASP D 336 14.63 12.06 7.51
CA ASP D 336 16.00 11.61 7.28
C ASP D 336 16.79 12.71 6.61
N TRP D 337 18.12 12.61 6.74
CA TRP D 337 19.01 13.49 6.01
C TRP D 337 19.11 13.04 4.57
N GLY D 338 19.13 14.01 3.66
CA GLY D 338 19.50 13.74 2.28
C GLY D 338 20.94 14.14 2.07
N ASN D 339 21.21 14.92 1.02
CA ASN D 339 22.50 15.58 0.89
C ASN D 339 22.47 16.80 1.81
N TYR D 340 23.24 16.73 2.90
CA TYR D 340 23.25 17.78 3.89
C TYR D 340 23.46 19.14 3.21
N PRO D 341 22.68 20.17 3.59
CA PRO D 341 21.70 20.18 4.68
C PRO D 341 20.27 19.77 4.29
N GLU D 342 20.02 19.22 3.14
CA GLU D 342 18.68 18.83 2.84
C GLU D 342 18.22 17.65 3.67
N ARG D 343 16.93 17.57 3.87
CA ARG D 343 16.27 16.50 4.58
C ARG D 343 15.10 15.95 3.77
N THR D 344 14.72 14.72 4.05
CA THR D 344 13.52 14.12 3.51
C THR D 344 12.54 13.88 4.65
N TYR D 345 11.24 13.87 4.31
CA TYR D 345 10.21 13.85 5.34
C TYR D 345 9.18 12.76 5.05
N LYS D 346 8.81 12.03 6.10
CA LYS D 346 7.68 11.10 6.06
C LYS D 346 6.43 11.72 6.66
N PHE D 347 6.40 13.04 6.80
CA PHE D 347 5.26 13.70 7.42
C PHE D 347 5.05 15.06 6.79
N SER D 348 3.84 15.58 6.96
CA SER D 348 3.46 16.91 6.50
C SER D 348 2.82 17.63 7.68
N ASP D 350 0.40 20.52 9.18
CA ASP D 350 -0.77 21.33 8.86
C ASP D 350 -1.10 22.15 10.10
N ILE D 351 -0.86 23.46 10.04
CA ILE D 351 -1.19 24.33 11.16
C ILE D 351 -2.21 25.38 10.73
N THR D 352 -3.11 25.00 9.80
CA THR D 352 -4.15 25.93 9.38
C THR D 352 -5.10 26.28 10.52
N ALA D 353 -5.16 25.45 11.57
CA ALA D 353 -5.98 25.75 12.73
C ALA D 353 -5.33 26.75 13.68
N ALA D 354 -4.02 27.00 13.52
CA ALA D 354 -3.30 27.97 14.32
C ALA D 354 -2.10 28.46 13.53
N PRO D 355 -2.31 29.28 12.51
CA PRO D 355 -1.22 29.61 11.57
C PRO D 355 -0.05 30.32 12.22
N TRP D 356 -0.24 30.94 13.39
CA TRP D 356 0.86 31.61 14.08
C TRP D 356 1.93 30.64 14.56
N LEU D 357 1.69 29.34 14.50
CA LEU D 357 2.69 28.36 14.93
C LEU D 357 3.92 28.36 14.03
N ASP D 358 3.90 29.07 12.91
CA ASP D 358 5.13 29.25 12.14
C ASP D 358 6.01 30.35 12.71
N HIS D 359 5.54 31.04 13.75
CA HIS D 359 6.30 32.09 14.44
C HIS D 359 6.74 33.18 13.47
N GLY D 360 5.99 33.35 12.38
CA GLY D 360 6.28 34.38 11.39
C GLY D 360 7.56 34.18 10.63
N THR D 361 8.12 32.98 10.60
CA THR D 361 9.38 32.73 9.95
C THR D 361 9.22 31.68 8.85
N THR D 362 10.00 31.85 7.79
CA THR D 362 10.00 30.91 6.68
C THR D 362 10.74 29.64 7.08
N SER D 363 10.16 28.49 6.75
CA SER D 363 10.78 27.21 7.11
C SER D 363 12.01 26.95 6.26
N THR D 364 13.03 26.37 6.89
CA THR D 364 14.17 25.78 6.20
C THR D 364 14.41 24.38 6.75
N SER D 365 15.27 23.63 6.07
CA SER D 365 15.55 22.27 6.51
C SER D 365 16.26 22.27 7.86
N LEU D 366 17.15 23.24 8.09
CA LEU D 366 17.88 23.33 9.34
C LEU D 366 17.12 24.05 10.44
N ASP D 367 16.15 24.90 10.08
CA ASP D 367 15.29 25.58 11.03
C ASP D 367 13.85 25.41 10.56
N PRO D 368 13.26 24.24 10.79
CA PRO D 368 11.89 24.00 10.32
C PRO D 368 10.89 24.92 11.03
N SER D 369 9.88 25.33 10.30
CA SER D 369 8.83 26.19 10.83
C SER D 369 7.51 25.82 10.18
N PRO D 370 6.58 25.17 10.91
CA PRO D 370 6.73 24.81 12.31
C PRO D 370 7.53 23.52 12.53
N LYS D 371 8.12 23.38 13.72
CA LYS D 371 8.80 22.15 14.07
C LYS D 371 7.81 21.02 14.27
N LEU D 372 8.29 19.78 14.08
CA LEU D 372 7.50 18.61 14.43
C LEU D 372 7.06 18.68 15.89
N GLY D 373 7.91 19.22 16.75
CA GLY D 373 7.54 19.44 18.14
C GLY D 373 8.77 19.60 19.01
N TRP D 374 8.50 19.63 20.32
CA TRP D 374 9.51 19.64 21.37
C TRP D 374 8.80 19.32 22.68
N GLY D 377 7.01 14.32 25.50
CA GLY D 377 7.04 13.26 26.50
C GLY D 377 5.91 12.25 26.38
N ASP D 378 4.82 12.62 25.71
CA ASP D 378 3.67 11.74 25.57
C ASP D 378 3.35 11.57 24.09
N LEU D 379 3.42 10.33 23.62
CA LEU D 379 3.10 9.95 22.25
C LEU D 379 2.09 8.81 22.31
N GLU D 380 1.01 8.91 21.54
CA GLU D 380 -0.10 7.97 21.64
C GLU D 380 -0.49 7.44 20.27
N ILE D 381 -0.93 6.17 20.26
CA ILE D 381 -1.67 5.59 19.15
C ILE D 381 -3.03 5.17 19.68
N ASP D 382 -4.09 5.59 18.99
CA ASP D 382 -5.45 5.24 19.34
C ASP D 382 -5.58 3.72 19.46
N PRO D 383 -5.96 3.19 20.64
CA PRO D 383 -6.09 1.73 20.78
C PRO D 383 -7.17 1.11 19.91
N PHE D 384 -8.04 1.92 19.32
CA PHE D 384 -9.10 1.41 18.45
C PHE D 384 -8.95 1.88 17.00
N ASN D 385 -7.86 2.59 16.69
CA ASN D 385 -7.59 3.00 15.31
C ASN D 385 -6.09 3.21 15.16
N SER D 386 -5.42 2.26 14.50
CA SER D 386 -3.99 2.35 14.29
C SER D 386 -3.59 3.53 13.41
N ASN D 387 -4.55 4.14 12.72
CA ASN D 387 -4.25 5.30 11.88
C ASN D 387 -4.30 6.61 12.65
N ARG D 388 -4.74 6.62 13.90
CA ARG D 388 -4.83 7.85 14.67
C ARG D 388 -3.69 7.92 15.68
N TYR D 391 0.03 13.45 19.99
CA TYR D 391 1.14 13.70 20.89
C TYR D 391 1.10 15.15 21.35
N GLY D 392 1.66 15.39 22.53
CA GLY D 392 1.74 16.72 23.09
C GLY D 392 3.13 17.31 22.92
N THR D 393 3.17 18.61 22.66
CA THR D 393 4.40 19.38 22.65
C THR D 393 4.32 20.43 23.73
N GLY D 394 5.36 21.27 23.81
CA GLY D 394 5.31 22.40 24.70
C GLY D 394 4.33 23.48 24.30
N ALA D 395 3.64 23.33 23.17
CA ALA D 395 2.76 24.37 22.67
C ALA D 395 1.37 23.90 22.24
N THR D 396 1.17 22.61 21.94
CA THR D 396 -0.12 22.19 21.40
C THR D 396 -0.24 20.67 21.48
N ILE D 397 -1.34 20.16 20.93
CA ILE D 397 -1.55 18.74 20.67
C ILE D 397 -1.57 18.55 19.16
N TYR D 398 -0.65 17.75 18.65
CA TYR D 398 -0.63 17.37 17.24
C TYR D 398 -1.19 15.96 17.10
N GLY D 399 -1.63 15.65 15.89
CA GLY D 399 -2.15 14.31 15.62
C GLY D 399 -2.31 14.06 14.15
N SER D 400 -2.63 12.81 13.83
CA SER D 400 -2.85 12.39 12.46
C SER D 400 -3.95 11.35 12.42
N ASN D 401 -4.61 11.24 11.27
CA ASN D 401 -5.60 10.20 11.04
C ASN D 401 -5.20 9.26 9.90
N ASN D 402 -3.97 9.34 9.41
CA ASN D 402 -3.47 8.44 8.38
C ASN D 402 -2.08 7.93 8.77
N LEU D 403 -1.95 7.49 10.03
CA LEU D 403 -0.64 7.13 10.56
C LEU D 403 0.00 5.98 9.78
N THR D 404 -0.80 4.98 9.36
CA THR D 404 -0.18 3.85 8.68
C THR D 404 0.28 4.18 7.26
N SER D 405 0.03 5.38 6.75
CA SER D 405 0.67 5.81 5.51
C SER D 405 2.19 5.73 5.64
N TRP D 406 2.70 5.90 6.86
CA TRP D 406 4.11 5.70 7.15
C TRP D 406 4.60 4.34 6.64
N ASP D 407 3.81 3.29 6.86
CA ASP D 407 4.24 1.93 6.54
C ASP D 407 4.18 1.62 5.05
N THR D 408 3.41 2.37 4.27
CA THR D 408 3.21 2.08 2.85
C THR D 408 3.93 3.08 1.94
N GLY D 409 4.97 3.74 2.44
CA GLY D 409 5.69 4.69 1.63
C GLY D 409 5.01 6.01 1.41
N GLY D 410 4.07 6.38 2.28
CA GLY D 410 3.38 7.65 2.19
C GLY D 410 3.88 8.65 3.21
N LYS D 411 3.16 9.76 3.31
CA LYS D 411 3.44 10.81 4.27
C LYS D 411 2.34 10.87 5.31
N VAL D 412 2.73 10.95 6.58
CA VAL D 412 1.78 11.10 7.67
C VAL D 412 1.35 12.56 7.74
N ASN D 413 0.04 12.81 7.60
CA ASN D 413 -0.49 14.17 7.64
C ASN D 413 -0.76 14.54 9.10
N ILE D 414 0.09 15.40 9.64
CA ILE D 414 -0.03 15.85 11.04
C ILE D 414 -0.64 17.23 11.06
N SER D 415 -1.63 17.43 11.93
CA SER D 415 -2.33 18.70 12.03
C SER D 415 -2.56 19.03 13.49
N VAL D 416 -2.91 20.29 13.75
CA VAL D 416 -3.25 20.72 15.09
C VAL D 416 -4.54 20.02 15.52
N ALA D 418 -5.92 20.51 18.82
CA ALA D 418 -6.07 21.12 20.13
C ALA D 418 -7.26 22.09 20.15
N LYS D 419 -8.25 21.85 19.29
CA LYS D 419 -9.44 22.71 19.29
C LYS D 419 -10.14 22.60 20.65
N GLY D 420 -10.45 23.76 21.22
CA GLY D 420 -11.03 23.83 22.54
C GLY D 420 -10.04 24.00 23.66
N VAL D 421 -8.76 23.72 23.41
CA VAL D 421 -7.73 23.87 24.43
C VAL D 421 -7.23 25.30 24.45
N GLU D 422 -7.17 25.88 25.65
CA GLU D 422 -6.54 27.19 25.86
C GLU D 422 -5.72 27.06 27.14
N GLU D 423 -4.40 27.17 27.01
CA GLU D 423 -3.52 26.82 28.12
C GLU D 423 -2.50 27.91 28.44
N THR D 424 -2.57 29.07 27.81
CA THR D 424 -1.56 30.08 28.01
C THR D 424 -1.71 30.74 29.38
N ALA D 425 -0.59 31.28 29.87
CA ALA D 425 -0.60 32.16 31.03
C ALA D 425 -0.64 33.60 30.53
N VAL D 426 -1.57 34.38 31.07
CA VAL D 426 -1.83 35.73 30.59
C VAL D 426 -1.15 36.72 31.52
N LEU D 427 -0.23 37.50 30.97
CA LEU D 427 0.49 38.48 31.77
C LEU D 427 -0.04 39.90 31.58
N GLY D 428 -0.78 40.16 30.51
CA GLY D 428 -1.37 41.47 30.31
C GLY D 428 -2.45 41.42 29.26
N LEU D 429 -3.42 42.32 29.39
CA LEU D 429 -4.48 42.50 28.42
C LEU D 429 -4.76 43.99 28.25
N ILE D 430 -4.97 44.41 27.01
CA ILE D 430 -5.48 45.75 26.72
C ILE D 430 -6.60 45.61 25.70
N SER D 431 -7.66 46.40 25.90
CA SER D 431 -8.75 46.49 24.94
C SER D 431 -8.66 47.84 24.24
N PRO D 432 -8.08 47.91 23.04
CA PRO D 432 -7.93 49.20 22.37
C PRO D 432 -9.28 49.86 22.14
N PRO D 433 -9.38 51.16 22.39
CA PRO D 433 -10.66 51.86 22.24
C PRO D 433 -11.06 52.15 20.80
N THR D 434 -10.20 51.85 19.84
CA THR D 434 -10.47 52.17 18.45
C THR D 434 -9.82 51.11 17.57
N GLY D 435 -10.26 51.04 16.32
CA GLY D 435 -9.71 50.09 15.38
C GLY D 435 -10.40 48.74 15.42
N THR D 436 -9.87 47.84 14.60
CA THR D 436 -10.52 46.54 14.39
C THR D 436 -10.29 45.56 15.53
N SER D 437 -9.31 45.81 16.40
CA SER D 437 -9.00 44.89 17.49
C SER D 437 -9.59 45.39 18.80
N HIS D 438 -10.37 44.53 19.45
CA HIS D 438 -10.87 44.79 20.79
C HIS D 438 -10.00 44.16 21.87
N LEU D 439 -8.97 43.41 21.51
CA LEU D 439 -8.18 42.70 22.50
C LEU D 439 -6.79 42.40 21.96
N ILE D 440 -5.78 42.81 22.71
CA ILE D 440 -4.39 42.45 22.47
C ILE D 440 -3.86 41.84 23.76
N THR D 441 -3.23 40.68 23.65
CA THR D 441 -2.82 39.91 24.81
C THR D 441 -1.30 39.92 24.97
N ALA D 442 -0.86 39.77 26.21
CA ALA D 442 0.53 39.51 26.54
C ALA D 442 0.59 38.14 27.20
N LEU D 443 1.26 37.20 26.55
CA LEU D 443 1.20 35.80 26.94
C LEU D 443 2.59 35.25 27.17
N GLY D 444 2.67 34.23 28.03
CA GLY D 444 3.90 33.47 28.14
C GLY D 444 4.05 32.52 26.97
N ASP D 445 5.33 32.27 26.62
CA ASP D 445 5.71 31.26 25.63
C ASP D 445 5.38 31.62 24.19
N VAL D 446 4.18 32.16 23.95
CA VAL D 446 3.75 32.47 22.59
C VAL D 446 3.51 33.96 22.40
N SER D 447 4.02 34.79 23.33
CA SER D 447 4.13 36.24 23.20
C SER D 447 2.79 36.97 23.35
N GLY D 448 1.76 36.51 22.67
CA GLY D 448 0.49 37.22 22.63
C GLY D 448 0.09 37.59 21.22
N PHE D 449 -1.14 38.07 21.10
CA PHE D 449 -1.74 38.28 19.79
C PHE D 449 -2.62 39.52 19.77
N ARG D 450 -2.70 40.13 18.59
CA ARG D 450 -3.70 41.15 18.29
C ARG D 450 -4.92 40.45 17.73
N HIS D 451 -5.97 40.32 18.54
CA HIS D 451 -7.15 39.60 18.16
C HIS D 451 -8.13 40.52 17.44
N GLU D 452 -8.84 39.97 16.46
CA GLU D 452 -9.95 40.68 15.83
C GLU D 452 -11.21 39.87 16.04
N ASP D 453 -11.37 38.79 15.29
CA ASP D 453 -12.42 37.82 15.56
C ASP D 453 -11.96 36.91 16.69
N LEU D 454 -12.59 37.04 17.86
CA LEU D 454 -12.18 36.28 19.03
C LEU D 454 -12.48 34.80 18.92
N SER D 455 -13.14 34.35 17.86
CA SER D 455 -13.43 32.94 17.65
C SER D 455 -12.54 32.32 16.58
N VAL D 456 -11.64 33.09 15.99
CA VAL D 456 -10.74 32.62 14.93
C VAL D 456 -9.31 32.74 15.43
N ALA D 457 -8.53 31.68 15.21
CA ALA D 457 -7.14 31.70 15.65
C ALA D 457 -6.39 32.83 14.96
N PRO D 458 -5.47 33.50 15.65
CA PRO D 458 -4.66 34.54 15.00
C PRO D 458 -3.81 33.95 13.90
N THR D 459 -3.62 34.72 12.84
CA THR D 459 -2.78 34.30 11.71
C THR D 459 -1.32 34.70 11.88
N LYS D 460 -1.03 35.68 12.72
CA LYS D 460 0.29 36.30 12.78
C LYS D 460 0.88 36.17 14.18
N PHE D 461 2.09 35.63 14.25
CA PHE D 461 2.90 35.70 15.45
C PHE D 461 3.54 37.09 15.55
N GLN D 462 3.75 37.55 16.78
CA GLN D 462 4.32 38.87 17.00
C GLN D 462 5.83 38.83 16.73
N THR D 463 6.28 39.65 15.77
CA THR D 463 7.67 39.64 15.35
C THR D 463 8.21 41.07 15.36
N SER D 464 9.55 41.17 15.21
CA SER D 464 10.35 42.39 15.24
C SER D 464 9.81 43.36 16.29
N PRO D 465 9.97 43.08 17.59
CA PRO D 465 10.72 41.96 18.15
C PRO D 465 9.95 40.65 18.20
N SER D 466 10.68 39.54 18.17
CA SER D 466 10.12 38.21 18.35
C SER D 466 10.73 37.61 19.60
N TRP D 467 9.88 37.26 20.57
CA TRP D 467 10.34 36.63 21.79
C TRP D 467 9.30 35.64 22.27
N ALA D 468 9.65 34.90 23.32
CA ALA D 468 8.74 33.90 23.87
C ALA D 468 7.63 34.54 24.69
N THR D 469 7.99 35.42 25.61
CA THR D 469 7.06 35.89 26.64
C THR D 469 6.98 37.40 26.63
N THR D 470 5.77 37.94 26.43
CA THR D 470 5.51 39.35 26.68
C THR D 470 5.06 39.51 28.12
N SER D 472 4.52 42.57 29.68
CA SER D 472 3.69 43.75 29.91
C SER D 472 3.49 44.51 28.61
N ILE D 473 2.32 45.12 28.48
CA ILE D 473 1.97 45.90 27.29
C ILE D 473 1.06 47.06 27.72
N ASP D 474 1.26 48.22 27.10
CA ASP D 474 0.46 49.40 27.38
C ASP D 474 0.36 50.23 26.11
N TYR D 475 -0.66 51.08 26.06
CA TYR D 475 -0.89 51.95 24.92
C TYR D 475 -1.13 53.38 25.42
N ALA D 476 -0.86 54.35 24.54
CA ALA D 476 -1.12 55.75 24.84
C ALA D 476 -2.62 55.99 24.72
N GLU D 477 -3.27 56.31 25.84
CA GLU D 477 -4.72 56.40 25.86
C GLU D 477 -5.23 57.45 24.89
N LEU D 478 -4.52 58.57 24.76
CA LEU D 478 -4.96 59.65 23.89
C LEU D 478 -4.56 59.45 22.44
N SER D 479 -3.56 58.60 22.18
CA SER D 479 -3.15 58.24 20.82
C SER D 479 -3.05 56.73 20.75
N PRO D 480 -4.20 56.04 20.71
CA PRO D 480 -4.19 54.58 20.92
C PRO D 480 -3.44 53.78 19.86
N SER D 481 -3.11 54.39 18.71
CA SER D 481 -2.30 53.68 17.72
C SER D 481 -0.92 53.34 18.27
N TYR D 482 -0.45 54.11 19.25
CA TYR D 482 0.89 53.94 19.79
C TYR D 482 0.83 53.03 21.00
N VAL D 484 3.33 49.83 23.35
CA VAL D 484 4.65 49.28 23.65
C VAL D 484 4.49 47.96 24.40
N ARG D 485 5.32 46.98 24.08
CA ARG D 485 5.37 45.73 24.81
C ARG D 485 6.81 45.44 25.20
N VAL D 486 6.98 44.77 26.34
CA VAL D 486 8.29 44.41 26.86
C VAL D 486 8.32 42.93 27.16
N GLY D 487 9.44 42.28 26.84
CA GLY D 487 9.64 40.87 27.13
C GLY D 487 11.09 40.61 27.40
N SER D 488 11.59 39.45 26.95
CA SER D 488 12.99 39.11 27.09
C SER D 488 13.47 38.47 25.80
N ALA D 489 14.33 39.17 25.07
CA ALA D 489 14.84 38.65 23.80
C ALA D 489 15.88 37.57 24.05
N ASP D 490 15.92 36.60 23.15
CA ASP D 490 16.95 35.56 23.16
C ASP D 490 18.13 36.11 22.38
N LYS D 491 19.08 36.73 23.09
CA LYS D 491 20.19 37.40 22.44
C LYS D 491 21.30 36.44 22.04
N GLU D 492 21.33 35.23 22.56
CA GLU D 492 22.27 34.24 22.03
C GLU D 492 21.83 33.77 20.65
N LYS D 493 20.53 33.60 20.45
CA LYS D 493 20.03 33.23 19.12
C LYS D 493 20.07 34.40 18.16
N THR D 494 19.70 35.60 18.63
CA THR D 494 19.68 36.79 17.79
C THR D 494 20.26 37.95 18.58
N PRO D 495 21.57 38.18 18.49
CA PRO D 495 22.21 39.22 19.32
C PRO D 495 21.67 40.63 19.07
N SER D 496 21.03 40.88 17.93
CA SER D 496 20.51 42.21 17.64
C SER D 496 19.08 42.41 18.15
N LYS D 498 15.88 43.06 20.54
CA LYS D 498 15.64 43.89 21.71
C LYS D 498 14.50 43.32 22.52
N SER D 499 14.49 43.62 23.81
CA SER D 499 13.45 43.16 24.72
C SER D 499 12.28 44.14 24.81
N ILE D 500 12.20 45.10 23.90
CA ILE D 500 11.10 46.06 23.86
C ILE D 500 10.62 46.20 22.43
N GLY D 501 9.32 46.23 22.24
CA GLY D 501 8.73 46.42 20.93
C GLY D 501 7.75 47.57 20.93
N ILE D 502 7.72 48.30 19.81
CA ILE D 502 6.92 49.50 19.69
C ILE D 502 6.09 49.43 18.42
N SER D 503 4.86 49.90 18.50
CA SER D 503 3.96 50.02 17.36
C SER D 503 3.31 51.39 17.40
N ASN D 504 3.18 52.04 16.25
CA ASN D 504 2.38 53.25 16.13
C ASN D 504 1.21 53.04 15.18
N ASP D 505 0.69 51.80 15.12
CA ASP D 505 -0.45 51.48 14.28
C ASP D 505 -1.46 50.57 14.99
N GLY D 506 -1.47 50.54 16.34
CA GLY D 506 -2.35 49.60 17.04
C GLY D 506 -1.92 48.15 16.99
N GLY D 507 -0.61 47.90 16.89
CA GLY D 507 -0.08 46.56 17.04
C GLY D 507 -0.19 45.68 15.81
N VAL D 508 -0.48 46.23 14.64
CA VAL D 508 -0.41 45.44 13.41
C VAL D 508 1.04 45.18 13.03
N ASN D 509 1.89 46.19 13.20
CA ASN D 509 3.32 46.08 12.91
C ASN D 509 4.10 46.59 14.12
N TRP D 510 5.14 45.84 14.49
CA TRP D 510 6.03 46.22 15.57
C TRP D 510 7.42 46.52 15.03
N TYR D 511 8.18 47.30 15.79
CA TYR D 511 9.57 47.57 15.47
C TYR D 511 10.35 47.77 16.76
N PRO D 513 13.39 49.65 18.95
CA PRO D 513 14.21 50.86 19.04
C PRO D 513 15.68 50.49 19.13
N ASN D 514 16.53 51.51 19.27
CA ASN D 514 17.97 51.32 19.13
C ASN D 514 18.68 51.03 20.44
N SER D 515 18.01 51.12 21.58
CA SER D 515 18.71 50.86 22.84
C SER D 515 17.74 50.36 23.90
N GLU D 516 18.29 49.97 25.03
CA GLU D 516 17.57 49.44 26.17
C GLU D 516 18.21 49.98 27.44
N PRO D 517 17.48 49.96 28.55
CA PRO D 517 18.07 50.40 29.83
C PRO D 517 19.39 49.70 30.12
N SER D 518 20.32 50.45 30.70
CA SER D 518 21.64 49.94 31.04
C SER D 518 22.20 50.78 32.18
N ASN D 519 22.83 50.12 33.16
CA ASN D 519 23.45 50.80 34.28
C ASN D 519 24.96 50.94 34.11
N GLY D 520 25.45 50.91 32.88
CA GLY D 520 26.88 51.03 32.63
C GLY D 520 27.63 49.72 32.75
N THR D 521 27.14 48.82 33.61
CA THR D 521 27.72 47.50 33.79
C THR D 521 27.05 46.44 32.93
N LYS D 522 25.73 46.46 32.84
CA LYS D 522 25.00 45.47 32.05
C LYS D 522 23.76 46.11 31.43
N THR D 523 23.29 45.49 30.36
CA THR D 523 22.02 45.85 29.76
C THR D 523 20.92 44.98 30.35
N THR D 524 19.74 45.54 30.53
CA THR D 524 18.64 44.79 31.11
C THR D 524 18.29 43.60 30.22
N VAL D 525 17.99 42.46 30.87
CA VAL D 525 17.44 41.32 30.15
C VAL D 525 15.98 41.51 29.81
N GLY D 526 15.35 42.54 30.38
CA GLY D 526 13.99 42.89 30.01
C GLY D 526 12.94 42.47 31.04
N HIS D 527 11.80 42.02 30.55
CA HIS D 527 10.63 41.67 31.37
C HIS D 527 10.26 42.88 32.22
N GLY D 528 9.70 42.66 33.40
CA GLY D 528 9.24 43.78 34.20
C GLY D 528 7.92 44.34 33.68
N GLN D 529 7.72 45.63 33.90
CA GLN D 529 6.46 46.29 33.59
C GLN D 529 6.72 47.55 32.77
N VAL D 530 5.81 47.84 31.84
CA VAL D 530 5.91 49.01 30.98
C VAL D 530 4.66 49.85 31.13
N ALA D 531 4.84 51.17 31.06
CA ALA D 531 3.75 52.12 31.10
C ALA D 531 4.03 53.21 30.07
N VAL D 532 2.99 53.59 29.32
CA VAL D 532 3.13 54.50 28.19
C VAL D 532 2.41 55.81 28.50
N SER D 533 3.09 56.92 28.28
CA SER D 533 2.50 58.25 28.47
C SER D 533 1.17 58.36 27.74
N ALA D 534 0.29 59.20 28.29
CA ALA D 534 -1.08 59.31 27.77
C ALA D 534 -1.10 59.63 26.28
N SER D 535 -0.15 60.43 25.81
CA SER D 535 -0.08 60.82 24.40
C SER D 535 1.15 60.26 23.70
N GLY D 536 1.81 59.27 24.31
CA GLY D 536 2.98 58.66 23.71
C GLY D 536 4.26 59.45 23.84
N ASN D 537 4.30 60.47 24.70
CA ASN D 537 5.48 61.32 24.81
C ASN D 537 6.66 60.61 25.45
N SER D 538 6.44 59.51 26.15
CA SER D 538 7.54 58.85 26.84
C SER D 538 7.13 57.42 27.17
N ILE D 539 8.13 56.62 27.53
CA ILE D 539 7.94 55.25 27.98
C ILE D 539 8.60 55.08 29.34
N LEU D 540 7.89 54.45 30.27
CA LEU D 540 8.44 54.08 31.56
C LEU D 540 8.56 52.57 31.60
N TRP D 541 9.76 52.07 31.95
CA TRP D 541 10.05 50.65 31.94
C TRP D 541 10.65 50.27 33.29
N SER D 542 9.84 49.60 34.12
CA SER D 542 10.32 49.03 35.38
C SER D 542 10.90 47.67 35.06
N THR D 543 12.22 47.63 34.84
CA THR D 543 12.87 46.40 34.41
C THR D 543 12.89 45.37 35.53
N SER D 544 13.04 44.10 35.13
CA SER D 544 13.10 43.02 36.10
C SER D 544 14.41 43.00 36.87
N ASP D 545 15.44 43.69 36.39
CA ASP D 545 16.77 43.46 36.95
C ASP D 545 17.50 44.72 37.39
N ILE D 546 17.37 45.83 36.66
CA ILE D 546 18.20 47.00 36.94
C ILE D 546 17.38 48.24 37.28
N GLY D 547 16.12 48.06 37.66
CA GLY D 547 15.34 49.18 38.15
C GLY D 547 14.53 49.88 37.08
N VAL D 548 14.11 51.10 37.40
CA VAL D 548 13.17 51.87 36.60
C VAL D 548 13.92 52.81 35.68
N TYR D 549 13.59 52.75 34.40
CA TYR D 549 14.18 53.63 33.39
C TYR D 549 13.07 54.26 32.55
N TYR D 550 13.32 55.47 32.07
CA TYR D 550 12.37 56.18 31.23
C TYR D 550 13.03 56.57 29.91
N SER D 551 12.20 56.75 28.88
CA SER D 551 12.67 57.16 27.57
C SER D 551 11.76 58.25 27.03
N LYS D 552 12.36 59.34 26.55
CA LYS D 552 11.63 60.39 25.86
C LYS D 552 11.93 60.38 24.36
N THR D 553 12.59 59.33 23.86
CA THR D 553 12.94 59.19 22.45
C THR D 553 12.34 57.91 21.87
N SER D 554 11.17 57.51 22.36
CA SER D 554 10.49 56.30 21.90
C SER D 554 11.42 55.09 21.96
N GLY D 555 12.12 54.95 23.09
CA GLY D 555 12.97 53.79 23.33
C GLY D 555 14.37 53.86 22.75
N ASN D 556 14.77 54.98 22.17
CA ASN D 556 16.09 55.09 21.56
C ASN D 556 17.14 55.65 22.50
N SER D 557 16.76 55.95 23.75
CA SER D 557 17.69 56.30 24.80
C SER D 557 16.96 56.11 26.13
N TRP D 558 17.71 55.71 27.16
CA TRP D 558 17.11 55.40 28.44
C TRP D 558 17.93 56.03 29.57
N THR D 559 17.22 56.53 30.58
CA THR D 559 17.85 57.16 31.74
C THR D 559 17.19 56.61 33.00
N ALA D 560 18.01 56.37 34.02
CA ALA D 560 17.49 55.82 35.27
C ALA D 560 16.59 56.83 35.97
N SER D 561 15.39 56.40 36.32
CA SER D 561 14.48 57.24 37.09
C SER D 561 14.99 57.38 38.51
N ALA D 562 14.70 58.54 39.12
CA ALA D 562 15.12 58.83 40.48
C ALA D 562 13.93 58.76 41.42
N GLY D 563 14.19 58.29 42.65
CA GLY D 563 13.19 58.26 43.69
C GLY D 563 12.24 57.09 43.66
N LEU D 564 12.38 56.18 42.69
CA LEU D 564 11.49 55.03 42.59
C LEU D 564 12.29 53.74 42.71
N PRO D 565 12.11 52.96 43.78
CA PRO D 565 12.96 51.78 44.00
C PRO D 565 12.79 50.74 42.89
N ALA D 566 13.85 49.96 42.69
CA ALA D 566 13.83 48.89 41.70
C ALA D 566 12.78 47.86 42.04
N GLY D 567 12.11 47.34 41.01
CA GLY D 567 11.05 46.38 41.16
C GLY D 567 9.67 46.98 41.35
N ALA D 568 9.56 48.31 41.40
CA ALA D 568 8.29 48.95 41.69
C ALA D 568 7.28 48.69 40.57
N LYS D 569 6.01 48.60 40.95
CA LYS D 569 4.93 48.64 39.97
C LYS D 569 4.75 50.06 39.48
N ILE D 570 4.38 50.21 38.21
CA ILE D 570 4.27 51.51 37.58
C ILE D 570 2.98 51.59 36.78
N ALA D 571 2.49 52.81 36.60
CA ALA D 571 1.31 53.06 35.79
C ALA D 571 1.36 54.49 35.29
N SER D 572 0.75 54.71 34.12
CA SER D 572 0.72 56.03 33.51
C SER D 572 -0.66 56.65 33.69
N ASP D 573 -0.68 57.95 33.95
CA ASP D 573 -1.94 58.68 33.92
C ASP D 573 -2.46 58.71 32.48
N ARG D 574 -3.78 58.60 32.34
CA ARG D 574 -4.38 58.46 31.01
C ARG D 574 -4.74 59.80 30.38
N VAL D 575 -4.55 60.92 31.09
CA VAL D 575 -4.81 62.24 30.56
C VAL D 575 -3.54 63.10 30.55
N ASN D 576 -2.84 63.15 31.68
CA ASN D 576 -1.62 63.95 31.79
C ASN D 576 -0.45 63.18 31.18
N PRO D 577 0.06 63.61 30.03
CA PRO D 577 1.12 62.84 29.34
C PRO D 577 2.46 62.85 30.04
N ASN D 578 2.61 63.59 31.14
CA ASN D 578 3.87 63.66 31.87
C ASN D 578 3.77 63.08 33.27
N LYS D 579 2.65 62.45 33.61
CA LYS D 579 2.39 61.99 34.97
C LYS D 579 2.39 60.46 35.00
N TYR D 580 3.21 59.91 35.89
CA TYR D 580 3.27 58.47 36.11
C TYR D 580 3.06 58.18 37.60
N TYR D 581 2.70 56.93 37.89
CA TYR D 581 2.49 56.47 39.25
C TYR D 581 3.36 55.25 39.51
N GLY D 582 3.86 55.14 40.74
CA GLY D 582 4.63 53.99 41.13
C GLY D 582 4.18 53.50 42.50
N PHE D 583 4.50 52.24 42.78
CA PHE D 583 4.18 51.64 44.07
C PHE D 583 5.21 50.59 44.40
N TYR D 584 5.72 50.59 45.63
CA TYR D 584 6.68 49.58 46.05
C TYR D 584 6.60 49.39 47.56
N ALA D 585 6.29 48.15 47.97
CA ALA D 585 6.38 47.73 49.37
C ALA D 585 5.61 48.67 50.30
N GLY D 586 4.41 49.07 49.86
CA GLY D 586 3.52 49.85 50.69
C GLY D 586 3.51 51.34 50.43
N THR D 587 4.46 51.86 49.64
CA THR D 587 4.58 53.28 49.38
C THR D 587 4.14 53.61 47.96
N PHE D 588 3.24 54.58 47.83
CA PHE D 588 2.81 55.09 46.54
C PHE D 588 3.66 56.30 46.15
N TYR D 589 4.07 56.36 44.89
CA TYR D 589 4.87 57.45 44.37
C TYR D 589 4.17 58.12 43.20
N VAL D 590 4.65 59.31 42.85
CA VAL D 590 4.14 60.07 41.71
C VAL D 590 5.31 60.73 41.00
N SER D 591 5.19 60.81 39.68
CA SER D 591 6.13 61.55 38.84
C SER D 591 5.34 62.52 37.97
N VAL D 592 5.84 63.75 37.88
CA VAL D 592 5.20 64.79 37.06
C VAL D 592 6.11 65.27 35.94
N ASP D 593 7.28 64.66 35.78
CA ASP D 593 8.23 65.05 34.74
C ASP D 593 8.50 63.89 33.79
N GLY D 594 7.48 63.12 33.48
CA GLY D 594 7.61 62.03 32.53
C GLY D 594 8.50 60.89 32.98
N GLY D 595 8.51 60.59 34.28
CA GLY D 595 9.27 59.48 34.82
C GLY D 595 10.70 59.77 35.18
N ALA D 596 11.13 61.03 35.10
CA ALA D 596 12.51 61.35 35.47
C ALA D 596 12.73 61.24 36.97
N THR D 597 11.82 61.79 37.77
CA THR D 597 11.92 61.74 39.22
C THR D 597 10.57 61.39 39.82
N PHE D 598 10.61 60.69 40.95
CA PHE D 598 9.42 60.25 41.66
C PHE D 598 9.43 60.76 43.10
N THR D 599 8.24 61.07 43.60
CA THR D 599 8.04 61.56 44.96
C THR D 599 7.04 60.66 45.66
N ALA D 600 7.38 60.24 46.88
CA ALA D 600 6.44 59.46 47.68
C ALA D 600 5.27 60.32 48.12
N THR D 601 4.07 59.78 48.02
CA THR D 601 2.87 60.43 48.52
C THR D 601 2.55 59.90 49.92
N GLY D 602 1.62 60.58 50.58
CA GLY D 602 1.21 60.20 51.90
C GLY D 602 0.20 59.08 51.99
N ALA D 603 -0.09 58.40 50.88
CA ALA D 603 -1.06 57.32 50.87
C ALA D 603 -0.67 56.24 51.87
N SER D 604 -1.56 55.96 52.82
CA SER D 604 -1.27 55.06 53.92
C SER D 604 -2.22 53.87 53.89
N GLY D 605 -1.83 52.81 54.60
CA GLY D 605 -2.64 51.62 54.70
C GLY D 605 -2.45 50.61 53.58
N PHE D 606 -1.62 50.92 52.59
CA PHE D 606 -1.40 49.98 51.50
C PHE D 606 -0.61 48.77 51.97
N PRO D 607 -0.86 47.61 51.38
CA PRO D 607 -0.07 46.43 51.76
C PRO D 607 1.36 46.54 51.24
N THR D 608 2.28 45.95 52.02
CA THR D 608 3.64 45.80 51.51
C THR D 608 3.78 44.56 50.66
N ASN D 609 2.95 43.54 50.90
CA ASN D 609 3.07 42.20 50.34
C ASN D 609 4.42 41.58 50.65
N ASN D 610 5.20 42.18 51.56
CA ASN D 610 6.48 41.64 51.99
C ASN D 610 6.24 40.65 53.14
N VAL D 611 5.71 39.49 52.76
CA VAL D 611 5.31 38.45 53.71
C VAL D 611 5.99 37.16 53.31
N ALA D 612 6.64 36.50 54.28
CA ALA D 612 7.50 35.36 53.98
C ALA D 612 6.71 34.17 53.45
N GLY D 613 5.66 33.76 54.16
CA GLY D 613 4.91 32.58 53.79
C GLY D 613 4.03 32.72 52.57
N LEU D 614 4.03 33.88 51.92
CA LEU D 614 3.18 34.12 50.76
C LEU D 614 3.68 33.33 49.56
N GLN D 615 2.77 32.63 48.88
CA GLN D 615 3.12 31.85 47.72
C GLN D 615 3.23 32.74 46.49
N PRO D 616 3.92 32.28 45.44
CA PRO D 616 4.17 33.17 44.28
C PRO D 616 2.90 33.69 43.61
N ASN D 617 1.80 32.94 43.63
CA ASN D 617 0.57 33.37 42.99
C ASN D 617 -0.51 33.77 43.99
N GLU D 618 -0.13 34.07 45.23
CA GLU D 618 -1.09 34.33 46.30
C GLU D 618 -1.44 35.80 46.46
N ALA D 619 -0.48 36.70 46.29
CA ALA D 619 -0.73 38.14 46.42
C ALA D 619 -0.49 38.83 45.09
N GLN D 620 -1.09 40.01 44.95
CA GLN D 620 -1.06 40.75 43.70
C GLN D 620 -1.17 42.25 44.00
N ILE D 621 -0.74 43.05 43.04
CA ILE D 621 -0.96 44.50 43.04
C ILE D 621 -1.48 44.88 41.66
N SER D 622 -2.64 45.51 41.62
CA SER D 622 -3.25 45.98 40.37
C SER D 622 -3.57 47.45 40.51
N LYS D 624 -4.26 51.07 38.18
CA LYS D 624 -4.55 51.65 36.88
C LYS D 624 -5.19 53.03 37.05
N ALA D 625 -4.75 53.98 36.22
CA ALA D 625 -5.42 55.25 36.11
C ALA D 625 -6.63 55.11 35.18
N VAL D 626 -7.63 55.96 35.40
CA VAL D 626 -8.90 55.85 34.68
C VAL D 626 -8.83 56.65 33.39
N PRO D 627 -9.18 56.06 32.25
CA PRO D 627 -9.23 56.83 31.00
C PRO D 627 -10.18 58.02 31.12
N GLY D 628 -9.68 59.20 30.75
CA GLY D 628 -10.50 60.40 30.67
C GLY D 628 -10.54 61.24 31.92
N ILE D 629 -9.95 60.78 33.03
CA ILE D 629 -9.94 61.54 34.29
C ILE D 629 -8.52 61.53 34.83
N GLU D 630 -7.83 62.66 34.73
CA GLU D 630 -6.49 62.77 35.29
C GLU D 630 -6.51 62.57 36.80
N GLY D 631 -5.53 61.83 37.30
CA GLY D 631 -5.41 61.64 38.74
C GLY D 631 -6.42 60.69 39.36
N ASP D 632 -7.23 60.01 38.56
CA ASP D 632 -8.20 59.03 39.06
C ASP D 632 -7.56 57.65 38.97
N ILE D 633 -7.32 57.03 40.12
CA ILE D 633 -6.59 55.77 40.20
C ILE D 633 -7.38 54.79 41.05
N TRP D 634 -7.50 53.55 40.58
CA TRP D 634 -8.00 52.44 41.38
C TRP D 634 -6.86 51.47 41.65
N PHE D 635 -6.87 50.89 42.84
CA PHE D 635 -5.76 50.10 43.37
C PHE D 635 -6.34 48.88 44.05
N ALA D 636 -5.93 47.69 43.61
CA ALA D 636 -6.41 46.44 44.18
C ALA D 636 -5.22 45.54 44.54
N GLY D 637 -5.40 44.75 45.58
CA GLY D 637 -4.38 43.81 45.99
C GLY D 637 -4.21 43.71 47.49
N GLY D 638 -3.25 42.92 47.93
CA GLY D 638 -2.92 42.78 49.33
C GLY D 638 -2.99 41.34 49.78
N ASN D 639 -3.02 41.16 51.10
CA ASN D 639 -3.02 39.83 51.68
C ASN D 639 -3.63 39.91 53.08
N THR D 640 -4.04 38.75 53.58
CA THR D 640 -4.68 38.68 54.89
C THR D 640 -3.68 38.69 56.04
N VAL D 641 -2.41 38.37 55.78
CA VAL D 641 -1.41 38.38 56.85
C VAL D 641 -1.23 39.79 57.39
N GLU D 642 -1.09 40.77 56.50
CA GLU D 642 -1.01 42.17 56.90
C GLU D 642 -2.38 42.75 57.25
N ASN D 643 -3.46 42.04 56.93
CA ASN D 643 -4.82 42.58 57.07
C ASN D 643 -4.98 43.86 56.26
N LYS D 644 -4.31 43.92 55.12
CA LYS D 644 -4.40 45.03 54.17
C LYS D 644 -4.73 44.43 52.81
N TYR D 645 -6.02 44.41 52.47
CA TYR D 645 -6.51 43.63 51.35
C TYR D 645 -7.82 44.25 50.89
N GLY D 646 -7.90 44.63 49.62
CA GLY D 646 -9.17 45.15 49.12
C GLY D 646 -8.97 46.03 47.90
N LEU D 647 -9.80 47.05 47.81
CA LEU D 647 -9.86 47.95 46.65
C LEU D 647 -9.84 49.38 47.14
N TRP D 648 -8.87 50.17 46.66
CA TRP D 648 -8.72 51.56 47.02
C TRP D 648 -9.01 52.45 45.81
N HIS D 649 -9.40 53.69 46.08
CA HIS D 649 -9.70 54.65 45.03
C HIS D 649 -9.14 56.01 45.38
N SER D 650 -8.38 56.60 44.45
CA SER D 650 -7.85 57.95 44.58
C SER D 650 -8.35 58.82 43.45
N THR D 651 -8.70 60.06 43.77
CA THR D 651 -9.06 61.06 42.77
C THR D 651 -8.14 62.27 42.80
N ASN D 652 -7.01 62.19 43.50
CA ASN D 652 -6.08 63.31 43.65
C ASN D 652 -4.65 62.87 43.34
N SER D 653 -4.49 62.11 42.24
CA SER D 653 -3.18 61.69 41.76
C SER D 653 -2.42 60.87 42.79
N GLY D 654 -3.14 60.14 43.64
CA GLY D 654 -2.52 59.26 44.59
C GLY D 654 -2.09 59.90 45.91
N ALA D 655 -2.42 61.18 46.12
CA ALA D 655 -2.12 61.80 47.41
C ALA D 655 -2.83 61.07 48.54
N SER D 656 -4.07 60.64 48.31
CA SER D 656 -4.85 59.94 49.32
C SER D 656 -5.82 59.00 48.63
N PHE D 657 -6.05 57.84 49.26
CA PHE D 657 -6.96 56.83 48.74
C PHE D 657 -8.08 56.57 49.75
N THR D 658 -9.23 56.14 49.23
CA THR D 658 -10.33 55.66 50.05
C THR D 658 -10.45 54.16 49.83
N LYS D 659 -10.33 53.39 50.91
CA LYS D 659 -10.52 51.94 50.83
C LYS D 659 -12.02 51.64 50.83
N LEU D 660 -12.48 50.91 49.82
CA LEU D 660 -13.90 50.58 49.72
C LEU D 660 -14.27 49.59 50.82
N THR D 661 -15.20 49.99 51.68
CA THR D 661 -15.56 49.17 52.84
C THR D 661 -16.36 47.93 52.48
N ASN D 662 -16.93 47.88 51.28
CA ASN D 662 -17.78 46.76 50.87
C ASN D 662 -17.04 45.73 50.04
N VAL D 663 -15.70 45.79 50.00
CA VAL D 663 -14.88 44.82 49.28
C VAL D 663 -13.90 44.23 50.28
N GLU D 664 -14.12 42.95 50.64
CA GLU D 664 -13.30 42.31 51.66
C GLU D 664 -11.91 41.99 51.13
N GLU D 665 -11.81 41.45 49.93
CA GLU D 665 -10.55 41.20 49.26
C GLU D 665 -10.70 41.60 47.80
N ALA D 666 -9.60 42.05 47.20
CA ALA D 666 -9.57 42.36 45.78
C ALA D 666 -8.16 42.17 45.27
N ASP D 667 -8.05 41.73 44.02
CA ASP D 667 -6.75 41.39 43.44
C ASP D 667 -6.51 41.98 42.06
N LEU D 668 -7.56 42.35 41.32
CA LEU D 668 -7.42 43.00 40.03
C LEU D 668 -8.51 44.03 39.87
N ILE D 669 -8.23 45.07 39.07
CA ILE D 669 -9.22 46.08 38.72
C ILE D 669 -9.10 46.38 37.24
N GLY D 670 -10.24 46.64 36.60
CA GLY D 670 -10.25 46.96 35.19
C GLY D 670 -11.48 47.79 34.86
N TYR D 671 -11.44 48.44 33.70
CA TYR D 671 -12.46 49.41 33.31
C TYR D 671 -13.11 49.02 31.99
N GLY D 672 -14.42 49.25 31.89
CA GLY D 672 -15.15 49.02 30.67
C GLY D 672 -16.16 50.13 30.43
N LYS D 673 -16.80 50.06 29.26
CA LYS D 673 -17.76 51.07 28.85
C LYS D 673 -18.84 51.27 29.91
N ALA D 674 -19.21 52.53 30.12
CA ALA D 674 -20.20 52.87 31.15
C ALA D 674 -21.57 52.28 30.79
N ALA D 675 -22.31 51.92 31.83
CA ALA D 675 -23.66 51.43 31.65
C ALA D 675 -24.54 52.53 31.07
N PRO D 676 -25.62 52.18 30.37
CA PRO D 676 -26.52 53.20 29.84
C PRO D 676 -27.11 54.06 30.95
N GLY D 677 -27.11 55.37 30.73
CA GLY D 677 -27.51 56.32 31.74
C GLY D 677 -26.45 56.64 32.77
N GLN D 678 -25.24 56.08 32.63
CA GLN D 678 -24.17 56.29 33.58
C GLN D 678 -23.05 57.13 32.96
N THR D 679 -22.35 57.85 33.81
CA THR D 679 -21.21 58.68 33.40
C THR D 679 -19.89 57.94 33.58
N TYR D 680 -19.70 57.35 34.75
CA TYR D 680 -18.45 56.69 35.10
C TYR D 680 -18.38 55.31 34.46
N SER D 682 -17.59 51.33 33.87
CA SER D 682 -17.87 50.18 34.72
C SER D 682 -16.57 49.60 35.26
N LEU D 683 -16.64 49.13 36.50
CA LEU D 683 -15.49 48.51 37.14
C LEU D 683 -15.60 46.98 37.04
N TYR D 684 -14.48 46.33 36.77
CA TYR D 684 -14.40 44.89 36.72
C TYR D 684 -13.29 44.45 37.65
N THR D 685 -13.61 43.51 38.55
CA THR D 685 -12.69 43.17 39.62
C THR D 685 -12.74 41.68 39.92
N VAL D 686 -11.58 41.14 40.27
CA VAL D 686 -11.46 39.82 40.85
C VAL D 686 -11.35 40.00 42.35
N ALA D 687 -12.31 39.47 43.10
CA ALA D 687 -12.47 39.90 44.48
C ALA D 687 -13.28 38.87 45.25
N LYS D 688 -13.33 39.07 46.57
CA LYS D 688 -14.26 38.41 47.47
C LYS D 688 -15.21 39.48 47.98
N ILE D 689 -16.46 39.42 47.56
CA ILE D 689 -17.44 40.45 47.87
C ILE D 689 -18.69 39.79 48.44
N ASP D 690 -19.16 40.28 49.58
CA ASP D 690 -20.32 39.71 50.28
C ASP D 690 -20.13 38.22 50.55
N GLY D 691 -18.88 37.81 50.81
CA GLY D 691 -18.56 36.43 51.13
C GLY D 691 -18.32 35.52 49.94
N VAL D 692 -18.41 36.04 48.71
CA VAL D 692 -18.31 35.22 47.50
C VAL D 692 -17.05 35.61 46.75
N ARG D 693 -16.25 34.61 46.37
CA ARG D 693 -15.09 34.81 45.53
C ARG D 693 -15.49 34.66 44.06
N GLY D 694 -15.11 35.63 43.24
CA GLY D 694 -15.42 35.54 41.82
C GLY D 694 -15.05 36.80 41.08
N VAL D 695 -15.73 37.03 39.97
CA VAL D 695 -15.54 38.19 39.10
C VAL D 695 -16.77 39.07 39.22
N PHE D 696 -16.55 40.37 39.47
CA PHE D 696 -17.64 41.28 39.78
C PHE D 696 -17.60 42.51 38.87
N ARG D 697 -18.78 43.05 38.59
CA ARG D 697 -18.94 44.29 37.85
C ARG D 697 -19.72 45.29 38.69
N SER D 698 -19.29 46.55 38.66
CA SER D 698 -19.99 47.64 39.33
C SER D 698 -20.30 48.73 38.32
N ASP D 699 -21.56 49.11 38.23
CA ASP D 699 -22.00 50.18 37.34
C ASP D 699 -22.20 51.50 38.06
N ASP D 700 -21.75 51.62 39.32
CA ASP D 700 -22.00 52.81 40.12
C ASP D 700 -20.78 53.13 41.00
N VAL D 701 -19.59 53.10 40.39
CA VAL D 701 -18.35 53.53 41.02
C VAL D 701 -18.09 52.75 42.31
N GLY D 702 -18.40 51.45 42.30
CA GLY D 702 -18.09 50.59 43.42
C GLY D 702 -19.09 50.57 44.54
N ALA D 703 -20.23 51.25 44.39
CA ALA D 703 -21.23 51.24 45.45
C ALA D 703 -21.90 49.88 45.58
N THR D 704 -22.17 49.22 44.45
CA THR D 704 -22.75 47.88 44.45
C THR D 704 -22.01 47.03 43.43
N TRP D 705 -21.91 45.74 43.71
CA TRP D 705 -21.18 44.80 42.86
C TRP D 705 -22.08 43.63 42.49
N VAL D 706 -21.90 43.13 41.27
CA VAL D 706 -22.66 42.01 40.75
C VAL D 706 -21.67 40.95 40.26
N ARG D 707 -21.84 39.72 40.73
CA ARG D 707 -20.99 38.63 40.26
C ARG D 707 -21.38 38.27 38.82
N ILE D 708 -20.39 38.26 37.93
CA ILE D 708 -20.63 37.98 36.52
C ILE D 708 -20.01 36.66 36.07
N ASN D 709 -19.35 35.93 36.95
CA ASN D 709 -19.02 34.55 36.69
C ASN D 709 -19.87 33.67 37.61
N ASP D 710 -19.59 32.37 37.60
CA ASP D 710 -20.35 31.43 38.42
C ASP D 710 -19.43 30.28 38.81
N ASP D 711 -19.96 29.35 39.61
CA ASP D 711 -19.16 28.27 40.16
C ASP D 711 -18.65 27.29 39.10
N ALA D 712 -19.20 27.32 37.89
CA ALA D 712 -18.72 26.47 36.80
C ALA D 712 -17.72 27.18 35.91
N HIS D 713 -17.40 28.45 36.19
CA HIS D 713 -16.48 29.25 35.38
C HIS D 713 -15.64 30.09 36.34
N GLN D 714 -14.63 29.46 36.94
CA GLN D 714 -13.78 30.10 37.94
C GLN D 714 -12.33 30.23 37.51
N TYR D 715 -11.78 29.20 36.85
CA TYR D 715 -10.47 29.26 36.21
C TYR D 715 -9.32 29.45 37.19
N ALA D 716 -9.44 28.87 38.38
CA ALA D 716 -8.33 28.70 39.34
C ALA D 716 -7.88 30.08 39.83
N LYS D 717 -6.57 30.37 39.85
CA LYS D 717 -6.05 31.59 40.47
C LYS D 717 -6.03 32.70 39.44
N ILE D 718 -7.17 33.40 39.32
CA ILE D 718 -7.36 34.43 38.30
C ILE D 718 -6.91 35.78 38.82
N ASN D 719 -5.64 35.89 39.19
CA ASN D 719 -5.05 37.17 39.60
C ASN D 719 -4.05 37.68 38.57
N ALA D 721 -4.83 39.17 35.00
CA ALA D 721 -5.18 40.36 34.25
C ALA D 721 -6.69 40.41 34.07
N ILE D 722 -7.22 41.63 34.04
CA ILE D 722 -8.63 41.86 33.76
C ILE D 722 -8.78 43.25 33.15
N THR D 723 -9.75 43.37 32.23
CA THR D 723 -10.11 44.67 31.69
C THR D 723 -11.49 44.54 31.06
N GLY D 724 -12.23 45.64 31.11
CA GLY D 724 -13.44 45.76 30.32
C GLY D 724 -13.11 46.23 28.92
N ASP D 725 -14.17 46.51 28.16
CA ASP D 725 -14.06 46.94 26.79
C ASP D 725 -14.60 48.35 26.68
N PRO D 726 -13.80 49.35 26.28
CA PRO D 726 -14.30 50.74 26.26
C PRO D 726 -15.40 50.97 25.23
N ARG D 727 -15.66 50.01 24.33
CA ARG D 727 -16.69 50.18 23.31
C ARG D 727 -17.90 49.27 23.50
N ILE D 728 -17.87 48.35 24.46
CA ILE D 728 -18.94 47.37 24.66
C ILE D 728 -19.25 47.30 26.14
N TYR D 729 -20.40 47.85 26.54
CA TYR D 729 -20.81 47.73 27.94
C TYR D 729 -21.06 46.28 28.30
N GLY D 730 -20.58 45.87 29.48
CA GLY D 730 -20.80 44.53 29.99
C GLY D 730 -19.73 43.53 29.63
N ARG D 731 -18.98 43.78 28.56
CA ARG D 731 -17.93 42.86 28.14
C ARG D 731 -16.78 42.89 29.12
N VAL D 732 -16.28 41.70 29.48
CA VAL D 732 -15.11 41.56 30.33
C VAL D 732 -14.12 40.63 29.64
N TYR D 733 -12.83 40.95 29.78
CA TYR D 733 -11.75 40.09 29.32
C TYR D 733 -10.98 39.63 30.55
N LEU D 734 -10.87 38.32 30.74
CA LEU D 734 -10.30 37.75 31.96
C LEU D 734 -9.09 36.90 31.59
N GLY D 735 -7.92 37.30 32.08
CA GLY D 735 -6.75 36.46 31.98
C GLY D 735 -6.73 35.37 33.04
N THR D 736 -6.02 34.30 32.75
CA THR D 736 -5.82 33.19 33.67
C THR D 736 -4.36 32.78 33.68
N ASN D 737 -4.05 31.80 34.49
CA ASN D 737 -2.71 31.19 34.55
C ASN D 737 -2.85 29.72 34.16
N GLY D 738 -3.14 29.47 32.88
CA GLY D 738 -3.23 28.11 32.40
C GLY D 738 -4.49 27.80 31.63
N ARG D 739 -5.43 28.74 31.57
CA ARG D 739 -6.67 28.55 30.79
C ARG D 739 -6.83 29.62 29.72
N GLY D 740 -5.75 30.29 29.34
CA GLY D 740 -5.85 31.30 28.30
C GLY D 740 -6.66 32.51 28.76
N THR D 741 -7.22 33.19 27.76
CA THR D 741 -8.04 34.38 28.00
C THR D 741 -9.50 34.06 27.73
N LEU D 742 -10.37 34.52 28.63
CA LEU D 742 -11.81 34.40 28.47
C LEU D 742 -12.39 35.78 28.14
N TYR D 743 -13.52 35.77 27.45
CA TYR D 743 -14.37 36.96 27.35
C TYR D 743 -15.80 36.54 27.61
N ALA D 744 -16.57 37.47 28.18
CA ALA D 744 -17.91 37.15 28.62
C ALA D 744 -18.81 38.36 28.46
N ASP D 745 -20.09 38.09 28.20
CA ASP D 745 -21.13 39.09 28.07
C ASP D 745 -22.35 38.57 28.82
N PRO D 746 -23.27 39.46 29.20
CA PRO D 746 -24.59 38.99 29.67
C PRO D 746 -25.20 38.06 28.63
N VAL D 747 -25.94 37.06 29.12
CA VAL D 747 -26.47 36.01 28.25
C VAL D 747 -27.30 36.60 27.11
#